data_6UV5
#
_entry.id   6UV5
#
loop_
_entity.id
_entity.type
_entity.pdbx_description
1 polymer 'ATP citrate lyase'
2 non-polymer 'ACETYL COENZYME *A'
3 non-polymer 'OXALOACETATE ION'
4 water water
#
_entity_poly.entity_id   1
_entity_poly.type   'polypeptide(L)'
_entity_poly.pdbx_seq_one_letter_code
;MSAKAISEQTGKELLYKFICTTSAIQNRFKYARVTPDTDWARLLQDHPWLLSQNLVVKPDQLIKRRGKLGLVGVNLTLDG
VKSWLKPRLGQEATVGKATGFLKNFLIEPFVPHSQAEEFYVCIYATREGDYVLFHHEGGVDVGDVDAKAQKLLVGVDEKL
NPEDIKKHLLVHAPEDKKEILASFISGLFNFYEDLYFTYLEINPLVVTKDGVYVLDLAAKVDATADYICKVKWGDIEFPP
PFGREAYPEEAYIADLDAKSGASLKLTLLNPKGRIWTMVAGGGASVVYSDTICDLGGVNELANYGEYSGAPSEQQTYDYA
KTILSLMTREKHPDGKILIIGGSIANFTNVAATFKGIVRAIRDYQGPLKEHEVTIFVRRGGPNYQEGLRVMGEVGKTTGI
PIHVFGTETHMTAIVGMALGHRPIPNQPPTAAHTANFLLNASGSTSTPAPSRTASFSESRADEVAPAKKAKPAMPQDSVP
SPRSLQGKSTTLFSRHTKAIVWGMQTRAVQGMLDFDYVCSRDEPSVAAMVYPFTGDHKQKFYWGHKEILIPVFKNMADAM
RKHPEVDVLINFASLRSAYDSTMETMNYAQIRTIAIIAEGIPEALTRKLIKKADQKGVTIIGPATVGGIKPGCFKIGNTG
GMLDNILASKLYRPGSVAYVSRSGGMSNELNNIISRTTDGVYEGVAIGGDRYPGSTFMDHVLRYQDTPGVKMIVVLGEIG
GTEEYKICRGIKEGRLTKPIVCWCIGTCATMFSSEVQFGHAGACANQASETAVAKNQALKEAGVFVPRSFDELGEIIQSV
YEDLVANGVIVPAQEVPPPTVPMDYSWARELGLIRKPASFMTSICDERGQELIYAGMPITEVFKEEMGIGGVLGLLWFQK
RLPKYSCQFIEMCLMVTADHGPAVSGAHNTIICARAGKDLVSSLTSGLLTIGDRFGGALDAAAKMFSKAFDSGIIPMEFV
NKMKKEGKLIMGIGHRVKSINNPDMRVQILKDYVRQHFPATPLLDYALEVEKITTSKKPNLILNVDGLIGVAFVDMLRNC
GSFTREEADEYIDIGALNGIFVLGRSMGFIGHYLDQKRLKQGLYRHPWDDISYVLPEHMS
;
_entity_poly.pdbx_strand_id   A,B,C,D
#
loop_
_chem_comp.id
_chem_comp.type
_chem_comp.name
_chem_comp.formula
ACO non-polymer 'ACETYL COENZYME *A' 'C23 H38 N7 O17 P3 S'
OAA non-polymer 'OXALOACETATE ION' 'C4 H3 O5 -1'
#
# COMPACT_ATOMS: atom_id res chain seq x y z
N SER A 2 -12.67 -44.43 34.42
CA SER A 2 -13.49 -45.45 35.06
C SER A 2 -13.54 -45.24 36.57
N ALA A 3 -14.46 -45.92 37.23
CA ALA A 3 -14.50 -45.90 38.69
C ALA A 3 -13.33 -46.71 39.22
N LYS A 4 -12.30 -46.04 39.70
CA LYS A 4 -11.07 -46.70 40.11
C LYS A 4 -10.97 -46.73 41.62
N ALA A 5 -10.50 -47.85 42.16
CA ALA A 5 -10.30 -47.96 43.59
C ALA A 5 -9.08 -47.14 44.03
N ILE A 6 -9.17 -46.56 45.22
CA ILE A 6 -8.08 -45.78 45.78
C ILE A 6 -7.55 -46.50 47.02
N SER A 7 -6.35 -46.10 47.42
CA SER A 7 -5.79 -46.57 48.69
C SER A 7 -6.59 -45.99 49.85
N GLU A 8 -6.64 -46.76 50.95
CA GLU A 8 -7.46 -46.38 52.10
C GLU A 8 -6.95 -45.14 52.82
N GLN A 9 -5.65 -44.85 52.73
CA GLN A 9 -5.13 -43.66 53.40
C GLN A 9 -5.59 -42.38 52.71
N THR A 10 -5.76 -42.42 51.38
CA THR A 10 -6.18 -41.21 50.67
C THR A 10 -7.66 -40.92 50.89
N GLY A 11 -8.49 -41.95 50.81
CA GLY A 11 -9.89 -41.81 51.17
C GLY A 11 -10.08 -41.44 52.62
N LYS A 12 -9.20 -41.94 53.49
CA LYS A 12 -9.25 -41.58 54.90
C LYS A 12 -8.87 -40.11 55.11
N GLU A 13 -7.88 -39.63 54.35
CA GLU A 13 -7.50 -38.22 54.42
C GLU A 13 -8.62 -37.31 53.95
N LEU A 14 -9.27 -37.68 52.84
CA LEU A 14 -10.37 -36.87 52.33
C LEU A 14 -11.60 -36.94 53.23
N LEU A 15 -11.82 -38.10 53.86
CA LEU A 15 -12.89 -38.22 54.85
C LEU A 15 -12.61 -37.37 56.07
N TYR A 16 -11.34 -37.27 56.47
CA TYR A 16 -10.97 -36.38 57.56
C TYR A 16 -11.14 -34.92 57.16
N LYS A 17 -10.86 -34.60 55.91
CA LYS A 17 -10.70 -33.21 55.52
C LYS A 17 -11.98 -32.54 55.06
N PHE A 18 -12.93 -33.27 54.46
CA PHE A 18 -14.06 -32.58 53.83
C PHE A 18 -15.43 -33.06 54.28
N ILE A 19 -15.54 -33.89 55.31
CA ILE A 19 -16.86 -34.22 55.84
C ILE A 19 -17.35 -33.06 56.68
N CYS A 20 -18.67 -32.88 56.72
CA CYS A 20 -19.29 -31.80 57.49
CA CYS A 20 -19.29 -31.80 57.49
C CYS A 20 -20.56 -32.35 58.13
N THR A 21 -20.53 -32.54 59.45
CA THR A 21 -21.69 -33.03 60.17
C THR A 21 -21.68 -32.47 61.59
N THR A 22 -22.72 -32.82 62.35
CA THR A 22 -22.84 -32.37 63.73
C THR A 22 -21.96 -33.20 64.67
N SER A 23 -21.76 -34.48 64.36
CA SER A 23 -20.93 -35.33 65.19
C SER A 23 -19.47 -34.97 65.05
N ALA A 24 -18.73 -35.07 66.15
CA ALA A 24 -17.31 -34.78 66.16
C ALA A 24 -16.54 -36.05 65.80
N ILE A 25 -15.81 -35.99 64.69
CA ILE A 25 -14.94 -37.09 64.28
C ILE A 25 -13.59 -36.88 64.95
N GLN A 26 -13.15 -37.86 65.72
CA GLN A 26 -11.91 -37.77 66.48
C GLN A 26 -10.79 -38.49 65.76
N ASN A 27 -9.56 -38.25 66.24
CA ASN A 27 -8.31 -38.75 65.67
C ASN A 27 -8.19 -38.39 64.19
N ARG A 28 -8.55 -37.16 63.86
CA ARG A 28 -8.34 -36.64 62.51
C ARG A 28 -6.86 -36.43 62.28
N PHE A 29 -6.45 -36.63 61.02
CA PHE A 29 -5.06 -36.48 60.56
C PHE A 29 -4.10 -37.38 61.31
N LYS A 30 -4.57 -38.55 61.72
CA LYS A 30 -3.82 -39.48 62.58
C LYS A 30 -3.59 -40.78 61.81
N TYR A 31 -2.39 -40.96 61.28
CA TYR A 31 -2.01 -42.20 60.61
C TYR A 31 -0.49 -42.31 60.57
N ALA A 32 -0.01 -43.41 60.01
CA ALA A 32 1.40 -43.60 59.73
C ALA A 32 1.54 -44.57 58.56
N ARG A 33 2.42 -44.24 57.62
CA ARG A 33 2.59 -45.04 56.41
C ARG A 33 4.02 -45.54 56.34
N VAL A 34 4.20 -46.86 56.40
CA VAL A 34 5.51 -47.47 56.38
C VAL A 34 5.73 -48.21 55.08
N THR A 35 6.92 -48.05 54.52
CA THR A 35 7.40 -48.67 53.29
C THR A 35 8.82 -49.13 53.56
N PRO A 36 9.33 -50.10 52.78
CA PRO A 36 10.75 -50.45 52.88
C PRO A 36 11.69 -49.37 52.38
N ASP A 37 11.20 -48.38 51.63
CA ASP A 37 12.02 -47.38 50.99
C ASP A 37 12.28 -46.16 51.88
N THR A 38 11.84 -46.19 53.13
CA THR A 38 12.07 -45.09 54.06
C THR A 38 12.74 -45.63 55.31
N ASP A 39 13.29 -44.70 56.09
CA ASP A 39 13.92 -45.02 57.37
C ASP A 39 12.89 -44.86 58.48
N TRP A 40 13.36 -44.86 59.73
CA TRP A 40 12.48 -44.72 60.88
C TRP A 40 12.65 -43.40 61.63
N ALA A 41 13.81 -42.73 61.49
CA ALA A 41 14.04 -41.49 62.21
C ALA A 41 13.30 -40.32 61.60
N ARG A 42 13.16 -40.30 60.26
CA ARG A 42 12.36 -39.27 59.61
C ARG A 42 10.90 -39.42 59.96
N LEU A 43 10.41 -40.67 59.93
CA LEU A 43 9.02 -40.97 60.29
C LEU A 43 8.71 -40.61 61.73
N LEU A 44 9.71 -40.63 62.61
CA LEU A 44 9.49 -40.16 63.97
C LEU A 44 9.71 -38.65 64.11
N GLN A 45 10.42 -38.00 63.18
CA GLN A 45 10.62 -36.56 63.40
C GLN A 45 9.49 -35.73 62.82
N ASP A 46 8.85 -36.16 61.72
CA ASP A 46 7.67 -35.39 61.31
C ASP A 46 6.38 -35.91 61.95
N HIS A 47 6.38 -37.16 62.42
CA HIS A 47 5.28 -37.70 63.23
C HIS A 47 5.87 -38.04 64.59
N PRO A 48 5.84 -37.09 65.54
CA PRO A 48 6.36 -37.40 66.88
C PRO A 48 5.36 -38.10 67.79
N TRP A 49 4.06 -38.05 67.46
CA TRP A 49 3.03 -38.56 68.34
C TRP A 49 2.86 -40.08 68.26
N LEU A 50 3.73 -40.79 67.54
CA LEU A 50 3.55 -42.22 67.33
C LEU A 50 3.76 -43.02 68.60
N LEU A 51 4.61 -42.52 69.51
CA LEU A 51 4.87 -43.16 70.79
C LEU A 51 3.87 -42.77 71.88
N SER A 52 2.70 -42.28 71.51
CA SER A 52 1.71 -41.87 72.50
C SER A 52 0.72 -42.98 72.82
N GLN A 53 0.10 -43.57 71.80
CA GLN A 53 -0.92 -44.59 71.99
C GLN A 53 -0.38 -45.94 71.53
N ASN A 54 -1.19 -46.97 71.78
CA ASN A 54 -1.01 -48.25 71.10
C ASN A 54 -1.54 -48.14 69.67
N LEU A 55 -1.13 -49.08 68.83
CA LEU A 55 -1.29 -48.97 67.39
C LEU A 55 -2.03 -50.18 66.81
N VAL A 56 -2.35 -50.08 65.52
CA VAL A 56 -2.84 -51.21 64.74
C VAL A 56 -2.28 -51.09 63.34
N VAL A 57 -1.85 -52.22 62.76
CA VAL A 57 -1.21 -52.25 61.45
C VAL A 57 -2.04 -53.12 60.51
N LYS A 58 -2.04 -52.76 59.22
CA LYS A 58 -2.75 -53.55 58.22
C LYS A 58 -2.11 -53.32 56.85
N PRO A 59 -2.20 -54.32 55.94
CA PRO A 59 -1.71 -54.11 54.57
C PRO A 59 -2.61 -53.19 53.75
N ASP A 60 -2.12 -52.01 53.42
CA ASP A 60 -2.86 -51.09 52.56
C ASP A 60 -2.31 -51.16 51.13
N GLN A 61 -2.64 -52.25 50.45
CA GLN A 61 -2.26 -52.44 49.06
C GLN A 61 -3.38 -53.10 48.27
N LEU A 62 -4.62 -52.65 48.53
CA LEU A 62 -5.85 -53.06 47.84
C LEU A 62 -6.05 -54.57 47.94
N ILE A 63 -6.26 -55.02 49.18
CA ILE A 63 -6.47 -56.42 49.49
C ILE A 63 -7.85 -56.56 50.13
N LYS A 64 -8.71 -57.34 49.52
CA LYS A 64 -10.11 -57.43 49.93
C LYS A 64 -10.31 -58.58 50.92
N ARG A 65 -11.13 -58.33 51.93
CA ARG A 65 -11.60 -59.30 52.92
C ARG A 65 -10.44 -59.89 53.72
N ARG A 66 -9.73 -59.02 54.44
CA ARG A 66 -8.54 -59.41 55.19
C ARG A 66 -8.86 -60.22 56.44
N GLY A 67 -10.12 -60.27 56.87
CA GLY A 67 -10.46 -61.08 58.03
C GLY A 67 -10.30 -62.57 57.78
N LYS A 68 -10.64 -63.02 56.58
CA LYS A 68 -10.51 -64.42 56.24
C LYS A 68 -9.10 -64.80 55.77
N LEU A 69 -8.26 -63.81 55.44
CA LEU A 69 -6.83 -64.09 55.26
C LEU A 69 -6.05 -63.91 56.55
N GLY A 70 -6.49 -63.02 57.42
CA GLY A 70 -5.86 -62.85 58.72
C GLY A 70 -4.48 -62.20 58.66
N LEU A 71 -4.40 -61.02 58.05
CA LEU A 71 -3.15 -60.28 57.96
C LEU A 71 -3.20 -58.98 58.74
N VAL A 72 -4.13 -58.85 59.69
CA VAL A 72 -4.32 -57.64 60.47
C VAL A 72 -3.92 -57.92 61.91
N GLY A 73 -3.06 -57.08 62.45
CA GLY A 73 -2.65 -57.21 63.84
C GLY A 73 -3.29 -56.18 64.75
N VAL A 74 -4.25 -56.61 65.56
CA VAL A 74 -4.95 -55.73 66.46
C VAL A 74 -4.36 -55.85 67.87
N ASN A 75 -4.63 -54.83 68.69
CA ASN A 75 -4.19 -54.74 70.09
C ASN A 75 -2.67 -54.83 70.22
N LEU A 76 -1.97 -54.00 69.45
CA LEU A 76 -0.52 -54.02 69.43
C LEU A 76 0.05 -52.66 69.83
N THR A 77 1.31 -52.68 70.23
CA THR A 77 2.07 -51.53 70.67
C THR A 77 3.16 -51.32 69.59
N LEU A 78 3.99 -50.28 69.73
CA LEU A 78 5.00 -49.94 68.73
C LEU A 78 6.02 -51.05 68.54
N ASP A 79 6.52 -51.62 69.64
CA ASP A 79 7.40 -52.77 69.54
C ASP A 79 6.66 -54.00 69.01
N GLY A 80 5.36 -54.08 69.28
CA GLY A 80 4.55 -55.16 68.71
C GLY A 80 4.44 -55.07 67.20
N VAL A 81 4.10 -53.89 66.67
CA VAL A 81 3.98 -53.77 65.22
C VAL A 81 5.36 -53.75 64.56
N LYS A 82 6.41 -53.35 65.28
CA LYS A 82 7.74 -53.38 64.71
C LYS A 82 8.26 -54.82 64.60
N SER A 83 7.99 -55.66 65.61
CA SER A 83 8.30 -57.08 65.48
C SER A 83 7.36 -57.78 64.52
N TRP A 84 6.15 -57.24 64.32
CA TRP A 84 5.25 -57.73 63.29
C TRP A 84 5.80 -57.42 61.90
N LEU A 85 6.44 -56.26 61.73
CA LEU A 85 6.78 -55.72 60.43
C LEU A 85 7.97 -56.41 59.78
N LYS A 86 8.84 -57.07 60.56
CA LYS A 86 10.09 -57.58 59.99
C LYS A 86 9.90 -58.74 59.01
N PRO A 87 9.17 -59.86 59.33
CA PRO A 87 9.11 -60.94 58.34
C PRO A 87 8.01 -60.78 57.31
N ARG A 88 7.43 -59.59 57.20
CA ARG A 88 6.30 -59.40 56.29
C ARG A 88 6.49 -58.27 55.30
N LEU A 89 7.11 -57.15 55.71
CA LEU A 89 7.25 -55.97 54.87
C LEU A 89 8.51 -56.11 54.01
N GLY A 90 8.33 -56.11 52.70
CA GLY A 90 9.43 -56.21 51.76
C GLY A 90 9.56 -57.56 51.09
N GLN A 91 8.76 -58.54 51.48
CA GLN A 91 8.88 -59.90 50.98
C GLN A 91 7.63 -60.29 50.19
N GLU A 92 7.68 -61.50 49.63
CA GLU A 92 6.65 -61.99 48.74
C GLU A 92 5.59 -62.76 49.51
N ALA A 93 4.31 -62.38 49.32
CA ALA A 93 3.21 -63.10 49.92
C ALA A 93 2.05 -63.12 48.93
N THR A 94 1.02 -63.90 49.25
CA THR A 94 -0.10 -64.09 48.33
C THR A 94 -1.41 -63.64 48.96
N VAL A 95 -2.34 -63.23 48.08
CA VAL A 95 -3.72 -62.92 48.44
C VAL A 95 -4.60 -63.55 47.37
N GLY A 96 -5.45 -64.48 47.78
CA GLY A 96 -6.30 -65.21 46.84
C GLY A 96 -5.47 -66.06 45.89
N LYS A 97 -5.39 -65.60 44.65
CA LYS A 97 -4.54 -66.24 43.64
C LYS A 97 -3.36 -65.37 43.24
N ALA A 98 -3.29 -64.14 43.71
CA ALA A 98 -2.29 -63.17 43.27
C ALA A 98 -1.13 -63.15 44.25
N THR A 99 0.06 -63.48 43.78
CA THR A 99 1.25 -63.54 44.61
C THR A 99 2.18 -62.40 44.22
N GLY A 100 2.54 -61.57 45.20
CA GLY A 100 3.29 -60.36 44.91
C GLY A 100 4.01 -59.82 46.13
N PHE A 101 4.72 -58.73 45.92
CA PHE A 101 5.48 -58.07 46.97
C PHE A 101 4.55 -57.30 47.91
N LEU A 102 5.00 -57.12 49.14
CA LEU A 102 4.31 -56.28 50.12
C LEU A 102 5.24 -55.12 50.45
N LYS A 103 4.94 -53.96 49.88
CA LYS A 103 5.81 -52.79 49.96
C LYS A 103 5.14 -51.58 50.62
N ASN A 104 3.96 -51.75 51.22
CA ASN A 104 3.26 -50.61 51.80
C ASN A 104 2.31 -51.09 52.89
N PHE A 105 2.46 -50.55 54.09
CA PHE A 105 1.63 -50.94 55.22
C PHE A 105 1.22 -49.69 55.98
N LEU A 106 0.03 -49.75 56.59
CA LEU A 106 -0.58 -48.59 57.25
C LEU A 106 -0.81 -48.89 58.72
N ILE A 107 -0.34 -47.98 59.57
CA ILE A 107 -0.63 -47.99 61.00
C ILE A 107 -1.65 -46.91 61.29
N GLU A 108 -2.70 -47.29 61.99
CA GLU A 108 -3.72 -46.43 62.53
C GLU A 108 -3.56 -46.39 64.05
N PRO A 109 -3.87 -45.25 64.69
CA PRO A 109 -4.01 -45.24 66.15
C PRO A 109 -5.10 -46.19 66.60
N PHE A 110 -4.75 -47.06 67.55
CA PHE A 110 -5.61 -48.17 67.93
C PHE A 110 -6.79 -47.67 68.75
N VAL A 111 -7.96 -48.27 68.51
CA VAL A 111 -9.14 -48.07 69.32
C VAL A 111 -9.51 -49.41 69.94
N PRO A 112 -9.70 -49.49 71.26
CA PRO A 112 -10.20 -50.75 71.85
C PRO A 112 -11.61 -51.03 71.39
N HIS A 113 -11.84 -52.25 70.93
CA HIS A 113 -13.00 -52.56 70.10
C HIS A 113 -13.78 -53.74 70.66
N SER A 114 -15.09 -53.55 70.80
CA SER A 114 -16.02 -54.62 71.09
C SER A 114 -17.01 -54.71 69.94
N GLN A 115 -17.70 -55.84 69.85
CA GLN A 115 -18.61 -56.09 68.73
C GLN A 115 -19.85 -55.20 68.80
N ALA A 116 -20.24 -54.76 69.99
CA ALA A 116 -21.39 -53.88 70.14
C ALA A 116 -21.10 -52.45 69.72
N GLU A 117 -19.82 -52.08 69.60
CA GLU A 117 -19.45 -50.75 69.15
C GLU A 117 -19.43 -50.62 67.63
N GLU A 118 -19.33 -51.73 66.90
CA GLU A 118 -19.07 -51.67 65.48
C GLU A 118 -20.34 -51.36 64.70
N PHE A 119 -20.16 -50.67 63.58
CA PHE A 119 -21.21 -50.43 62.62
C PHE A 119 -20.64 -50.64 61.23
N TYR A 120 -21.51 -50.97 60.28
CA TYR A 120 -21.10 -51.25 58.91
C TYR A 120 -21.89 -50.37 57.97
N VAL A 121 -21.20 -49.56 57.17
CA VAL A 121 -21.89 -48.65 56.28
C VAL A 121 -21.35 -48.83 54.87
N CYS A 122 -22.20 -48.55 53.89
CA CYS A 122 -21.86 -48.59 52.47
C CYS A 122 -22.72 -47.57 51.75
N ILE A 123 -22.13 -46.87 50.80
CA ILE A 123 -22.86 -45.98 49.90
C ILE A 123 -22.34 -46.27 48.50
N TYR A 124 -23.20 -46.76 47.62
CA TYR A 124 -22.75 -47.13 46.29
C TYR A 124 -23.72 -46.63 45.24
N ALA A 125 -23.17 -46.27 44.09
CA ALA A 125 -23.97 -45.76 42.99
C ALA A 125 -24.56 -46.89 42.17
N THR A 126 -25.81 -46.70 41.76
CA THR A 126 -26.46 -47.51 40.75
C THR A 126 -27.05 -46.57 39.71
N ARG A 127 -27.73 -47.15 38.71
CA ARG A 127 -28.20 -46.34 37.59
C ARG A 127 -29.38 -45.45 37.98
N GLU A 128 -30.25 -45.93 38.86
CA GLU A 128 -31.44 -45.19 39.24
C GLU A 128 -31.25 -44.33 40.49
N GLY A 129 -30.06 -44.32 41.08
CA GLY A 129 -29.81 -43.44 42.20
C GLY A 129 -28.60 -43.89 42.98
N ASP A 130 -28.56 -43.48 44.25
CA ASP A 130 -27.52 -43.87 45.19
C ASP A 130 -28.15 -44.72 46.29
N TYR A 131 -27.56 -45.87 46.56
CA TYR A 131 -27.99 -46.73 47.65
C TYR A 131 -27.11 -46.49 48.86
N VAL A 132 -27.74 -46.37 50.03
CA VAL A 132 -27.05 -46.35 51.31
C VAL A 132 -27.46 -47.60 52.07
N LEU A 133 -26.49 -48.48 52.31
CA LEU A 133 -26.72 -49.81 52.86
C LEU A 133 -26.01 -49.87 54.22
N PHE A 134 -26.77 -50.11 55.28
CA PHE A 134 -26.22 -50.02 56.63
C PHE A 134 -26.65 -51.21 57.47
N HIS A 135 -25.67 -51.85 58.11
CA HIS A 135 -25.91 -52.91 59.07
C HIS A 135 -25.37 -52.47 60.42
N HIS A 136 -26.12 -52.82 61.48
CA HIS A 136 -25.85 -52.29 62.81
C HIS A 136 -24.73 -53.03 63.53
N GLU A 137 -24.47 -54.28 63.19
CA GLU A 137 -23.35 -55.03 63.72
C GLU A 137 -22.48 -55.52 62.57
N GLY A 138 -21.19 -55.22 62.65
CA GLY A 138 -20.25 -55.48 61.58
C GLY A 138 -19.46 -56.76 61.82
N GLY A 139 -18.20 -56.74 61.41
CA GLY A 139 -17.37 -57.92 61.44
C GLY A 139 -17.44 -58.69 60.14
N VAL A 140 -17.04 -59.97 60.22
CA VAL A 140 -17.17 -60.85 59.06
C VAL A 140 -18.57 -61.44 58.95
N ASP A 141 -19.44 -61.19 59.92
CA ASP A 141 -20.75 -61.81 60.00
C ASP A 141 -21.85 -60.79 59.72
N VAL A 142 -21.65 -59.96 58.70
CA VAL A 142 -22.65 -58.96 58.32
C VAL A 142 -23.92 -59.62 57.73
N GLY A 143 -23.82 -60.86 57.26
CA GLY A 143 -24.99 -61.65 56.92
C GLY A 143 -25.66 -61.29 55.62
N ASP A 144 -26.99 -61.37 55.60
CA ASP A 144 -27.79 -61.12 54.40
C ASP A 144 -28.17 -59.65 54.40
N VAL A 145 -27.42 -58.85 53.64
CA VAL A 145 -27.58 -57.40 53.71
C VAL A 145 -28.77 -56.89 52.90
N ASP A 146 -29.28 -57.68 51.97
CA ASP A 146 -30.38 -57.23 51.12
C ASP A 146 -31.71 -57.15 51.87
N ALA A 147 -31.86 -57.86 52.98
CA ALA A 147 -33.11 -57.89 53.73
C ALA A 147 -32.98 -57.38 55.15
N LYS A 148 -31.79 -57.42 55.75
CA LYS A 148 -31.60 -56.98 57.13
C LYS A 148 -30.90 -55.65 57.22
N ALA A 149 -29.78 -55.48 56.51
CA ALA A 149 -29.15 -54.17 56.43
C ALA A 149 -30.04 -53.23 55.63
N GLN A 150 -30.34 -52.07 56.21
CA GLN A 150 -31.30 -51.15 55.61
C GLN A 150 -30.70 -50.46 54.39
N LYS A 151 -31.43 -50.48 53.29
CA LYS A 151 -31.05 -49.81 52.06
C LYS A 151 -31.97 -48.62 51.83
N LEU A 152 -31.37 -47.46 51.57
CA LEU A 152 -32.11 -46.26 51.24
C LEU A 152 -31.69 -45.80 49.85
N LEU A 153 -32.65 -45.75 48.93
CA LEU A 153 -32.45 -45.21 47.59
C LEU A 153 -32.70 -43.72 47.63
N VAL A 154 -31.70 -42.93 47.28
CA VAL A 154 -31.88 -41.50 47.06
C VAL A 154 -31.64 -41.24 45.57
N GLY A 155 -32.63 -40.61 44.94
CA GLY A 155 -32.59 -40.42 43.51
C GLY A 155 -31.56 -39.38 43.10
N VAL A 156 -31.34 -39.30 41.80
CA VAL A 156 -30.30 -38.40 41.28
C VAL A 156 -30.78 -36.97 41.35
N ASP A 157 -29.90 -36.09 41.82
CA ASP A 157 -30.19 -34.70 42.18
C ASP A 157 -31.36 -34.63 43.16
N GLU A 158 -31.20 -35.34 44.28
CA GLU A 158 -32.16 -35.30 45.36
C GLU A 158 -31.39 -35.19 46.68
N LYS A 159 -31.81 -34.26 47.52
CA LYS A 159 -31.18 -34.09 48.83
C LYS A 159 -31.61 -35.20 49.78
N LEU A 160 -30.78 -35.47 50.77
CA LEU A 160 -31.07 -36.47 51.78
C LEU A 160 -31.50 -35.76 53.07
N ASN A 161 -32.77 -35.90 53.43
CA ASN A 161 -33.42 -35.36 54.62
C ASN A 161 -33.23 -36.32 55.79
N PRO A 162 -32.92 -35.80 56.98
CA PRO A 162 -32.65 -36.69 58.13
C PRO A 162 -33.87 -37.44 58.64
N GLU A 163 -35.08 -36.97 58.31
CA GLU A 163 -36.29 -37.67 58.71
C GLU A 163 -36.38 -39.04 58.07
N ASP A 164 -36.09 -39.13 56.77
CA ASP A 164 -36.14 -40.42 56.09
C ASP A 164 -35.01 -41.33 56.54
N ILE A 165 -33.87 -40.76 56.93
CA ILE A 165 -32.77 -41.53 57.50
C ILE A 165 -33.19 -42.18 58.81
N LYS A 166 -33.63 -41.35 59.77
CA LYS A 166 -33.97 -41.87 61.08
C LYS A 166 -35.24 -42.71 61.05
N LYS A 167 -36.10 -42.51 60.05
CA LYS A 167 -37.35 -43.24 59.97
C LYS A 167 -37.19 -44.58 59.25
N HIS A 168 -36.28 -44.67 58.29
CA HIS A 168 -36.13 -45.89 57.50
C HIS A 168 -34.86 -46.66 57.78
N LEU A 169 -33.72 -45.97 57.75
CA LEU A 169 -32.40 -46.62 57.85
C LEU A 169 -31.81 -46.99 59.20
N LEU A 170 -32.57 -46.89 60.28
CA LEU A 170 -32.02 -47.23 61.59
C LEU A 170 -32.98 -47.97 62.51
N VAL A 171 -33.60 -49.05 62.05
CA VAL A 171 -34.50 -49.81 62.91
C VAL A 171 -33.72 -50.58 63.97
N HIS A 172 -32.69 -51.32 63.56
CA HIS A 172 -31.97 -52.21 64.46
C HIS A 172 -30.78 -51.54 65.14
N ALA A 173 -30.68 -50.22 65.07
CA ALA A 173 -29.62 -49.52 65.77
C ALA A 173 -30.05 -49.17 67.19
N PRO A 174 -29.09 -49.00 68.11
CA PRO A 174 -29.42 -48.43 69.41
C PRO A 174 -29.87 -46.98 69.28
N GLU A 175 -30.88 -46.62 70.09
CA GLU A 175 -31.50 -45.31 69.94
C GLU A 175 -30.58 -44.20 70.42
N ASP A 176 -29.72 -44.48 71.42
CA ASP A 176 -28.83 -43.48 71.99
C ASP A 176 -27.78 -43.00 70.99
N LYS A 177 -27.45 -43.82 69.98
CA LYS A 177 -26.57 -43.41 68.91
C LYS A 177 -27.32 -42.81 67.73
N LYS A 178 -28.66 -42.93 67.71
CA LYS A 178 -29.48 -42.59 66.55
C LYS A 178 -29.47 -41.12 66.18
N GLU A 179 -28.92 -40.25 67.02
CA GLU A 179 -28.65 -38.88 66.63
C GLU A 179 -27.18 -38.63 66.32
N ILE A 180 -26.27 -39.26 67.08
CA ILE A 180 -24.84 -38.99 66.88
C ILE A 180 -24.24 -39.79 65.75
N LEU A 181 -24.95 -40.80 65.25
CA LEU A 181 -24.49 -41.55 64.09
C LEU A 181 -25.21 -41.07 62.83
N ALA A 182 -26.53 -40.98 62.89
CA ALA A 182 -27.36 -40.85 61.68
C ALA A 182 -27.16 -39.52 60.99
N SER A 183 -27.03 -38.43 61.76
CA SER A 183 -26.70 -37.15 61.15
C SER A 183 -25.32 -37.18 60.52
N PHE A 184 -24.39 -37.91 61.16
CA PHE A 184 -23.10 -38.23 60.54
C PHE A 184 -23.29 -38.94 59.22
N ILE A 185 -24.26 -39.87 59.17
CA ILE A 185 -24.67 -40.55 57.94
C ILE A 185 -24.96 -39.54 56.84
N SER A 186 -25.77 -38.51 57.19
CA SER A 186 -26.15 -37.50 56.21
C SER A 186 -24.93 -36.71 55.75
N GLY A 187 -24.01 -36.42 56.70
CA GLY A 187 -22.79 -35.73 56.34
C GLY A 187 -21.93 -36.57 55.41
N LEU A 188 -21.89 -37.88 55.68
CA LEU A 188 -21.13 -38.79 54.81
C LEU A 188 -21.73 -38.85 53.42
N PHE A 189 -23.05 -38.69 53.32
CA PHE A 189 -23.68 -38.69 52.01
C PHE A 189 -23.24 -37.48 51.20
N ASN A 190 -23.05 -36.33 51.86
CA ASN A 190 -22.49 -35.20 51.15
C ASN A 190 -21.05 -35.45 50.76
N PHE A 191 -20.31 -36.18 51.61
CA PHE A 191 -18.97 -36.61 51.22
C PHE A 191 -19.02 -37.59 50.06
N TYR A 192 -20.12 -38.32 49.93
CA TYR A 192 -20.28 -39.14 48.74
C TYR A 192 -20.63 -38.28 47.53
N GLU A 193 -21.39 -37.20 47.72
CA GLU A 193 -21.98 -36.52 46.58
C GLU A 193 -21.13 -35.36 46.09
N ASP A 194 -20.37 -34.73 46.98
CA ASP A 194 -19.54 -33.59 46.60
C ASP A 194 -18.14 -33.99 46.18
N LEU A 195 -17.77 -35.26 46.30
CA LEU A 195 -16.43 -35.68 45.93
C LEU A 195 -16.43 -36.75 44.85
N TYR A 196 -17.61 -37.09 44.32
CA TYR A 196 -17.79 -37.97 43.16
C TYR A 196 -17.23 -39.38 43.42
N PHE A 197 -17.68 -39.98 44.51
CA PHE A 197 -17.36 -41.37 44.74
C PHE A 197 -18.32 -42.27 43.97
N THR A 198 -17.87 -43.49 43.74
CA THR A 198 -18.72 -44.54 43.21
C THR A 198 -19.11 -45.56 44.26
N TYR A 199 -18.17 -45.89 45.14
CA TYR A 199 -18.39 -46.97 46.10
C TYR A 199 -17.60 -46.67 47.36
N LEU A 200 -18.29 -46.53 48.50
CA LEU A 200 -17.67 -46.15 49.76
C LEU A 200 -18.19 -47.08 50.85
N GLU A 201 -17.37 -48.03 51.28
CA GLU A 201 -17.78 -49.07 52.22
C GLU A 201 -16.85 -49.05 53.42
N ILE A 202 -17.38 -48.68 54.58
CA ILE A 202 -16.63 -48.68 55.82
C ILE A 202 -17.07 -49.87 56.65
N ASN A 203 -16.12 -50.76 56.93
CA ASN A 203 -16.39 -52.07 57.53
C ASN A 203 -15.18 -52.39 58.39
N PRO A 204 -15.25 -52.15 59.70
CA PRO A 204 -16.35 -51.58 60.48
C PRO A 204 -16.15 -50.13 60.90
N LEU A 205 -17.19 -49.53 61.45
CA LEU A 205 -17.16 -48.16 61.96
C LEU A 205 -17.35 -48.19 63.46
N VAL A 206 -16.35 -47.71 64.21
CA VAL A 206 -16.36 -47.79 65.67
C VAL A 206 -17.05 -46.54 66.19
N VAL A 207 -18.28 -46.68 66.65
CA VAL A 207 -19.02 -45.56 67.22
C VAL A 207 -18.98 -45.72 68.73
N THR A 208 -18.15 -44.90 69.38
CA THR A 208 -18.06 -44.87 70.83
C THR A 208 -19.08 -43.81 71.30
N LYS A 209 -19.24 -43.65 72.62
CA LYS A 209 -20.17 -42.65 73.15
C LYS A 209 -19.73 -41.23 72.82
N ASP A 210 -18.42 -40.98 72.73
CA ASP A 210 -17.93 -39.63 72.49
C ASP A 210 -18.04 -39.23 71.02
N GLY A 211 -17.92 -40.18 70.11
CA GLY A 211 -17.97 -39.85 68.70
C GLY A 211 -17.75 -41.06 67.83
N VAL A 212 -17.43 -40.80 66.56
CA VAL A 212 -17.38 -41.82 65.52
C VAL A 212 -15.95 -41.94 65.03
N TYR A 213 -15.48 -43.18 64.85
CA TYR A 213 -14.11 -43.48 64.47
C TYR A 213 -14.13 -44.42 63.29
N VAL A 214 -13.18 -44.23 62.39
CA VAL A 214 -13.00 -45.13 61.25
C VAL A 214 -11.94 -46.17 61.61
N LEU A 215 -12.18 -47.40 61.17
CA LEU A 215 -11.23 -48.48 61.36
C LEU A 215 -10.74 -49.01 60.02
N ASP A 216 -11.65 -49.24 59.09
CA ASP A 216 -11.31 -49.75 57.78
C ASP A 216 -12.30 -49.19 56.77
N LEU A 217 -11.81 -48.86 55.58
CA LEU A 217 -12.66 -48.35 54.53
C LEU A 217 -12.24 -48.93 53.20
N ALA A 218 -13.12 -48.76 52.21
CA ALA A 218 -12.86 -49.13 50.84
C ALA A 218 -13.56 -48.10 49.96
N ALA A 219 -12.88 -47.66 48.92
CA ALA A 219 -13.43 -46.59 48.11
C ALA A 219 -13.00 -46.74 46.66
N LYS A 220 -13.98 -46.72 45.78
CA LYS A 220 -13.77 -46.51 44.36
C LYS A 220 -14.35 -45.14 44.03
N VAL A 221 -13.51 -44.29 43.44
CA VAL A 221 -13.86 -42.92 43.10
C VAL A 221 -13.93 -42.80 41.59
N ASP A 222 -14.81 -41.91 41.13
CA ASP A 222 -15.05 -41.68 39.71
C ASP A 222 -13.88 -40.91 39.13
N ALA A 223 -12.93 -41.62 38.51
CA ALA A 223 -11.73 -40.98 38.00
C ALA A 223 -11.95 -40.15 36.75
N THR A 224 -13.16 -40.12 36.21
CA THR A 224 -13.49 -39.25 35.09
C THR A 224 -14.02 -37.89 35.52
N ALA A 225 -14.31 -37.71 36.80
CA ALA A 225 -14.82 -36.43 37.32
C ALA A 225 -13.71 -35.56 37.88
N ASP A 226 -12.46 -35.83 37.51
CA ASP A 226 -11.33 -35.15 38.11
CA ASP A 226 -11.31 -35.16 38.08
C ASP A 226 -11.30 -33.66 37.76
N TYR A 227 -11.85 -33.28 36.60
CA TYR A 227 -11.92 -31.88 36.23
C TYR A 227 -12.86 -31.08 37.11
N ILE A 228 -13.69 -31.73 37.92
CA ILE A 228 -14.45 -31.02 38.92
C ILE A 228 -13.72 -31.00 40.26
N CYS A 229 -12.89 -32.00 40.56
CA CYS A 229 -12.40 -32.17 41.92
C CYS A 229 -10.89 -32.29 42.00
N LYS A 230 -10.16 -31.75 41.02
CA LYS A 230 -8.70 -31.86 41.06
C LYS A 230 -8.09 -31.01 42.17
N VAL A 231 -8.76 -29.93 42.56
CA VAL A 231 -8.34 -29.18 43.74
C VAL A 231 -8.94 -29.75 45.01
N LYS A 232 -9.90 -30.67 44.92
CA LYS A 232 -10.48 -31.28 46.10
C LYS A 232 -9.76 -32.55 46.49
N TRP A 233 -9.43 -33.38 45.51
CA TRP A 233 -8.65 -34.59 45.76
C TRP A 233 -7.19 -34.30 45.98
N GLY A 234 -6.72 -33.10 45.62
CA GLY A 234 -5.31 -32.79 45.79
C GLY A 234 -4.48 -33.52 44.76
N ASP A 235 -3.40 -34.16 45.24
CA ASP A 235 -2.61 -35.04 44.39
C ASP A 235 -3.14 -36.45 44.58
N ILE A 236 -4.22 -36.75 43.86
CA ILE A 236 -4.83 -38.07 43.96
C ILE A 236 -3.95 -39.10 43.27
N GLU A 237 -4.13 -40.36 43.68
CA GLU A 237 -3.31 -41.45 43.19
C GLU A 237 -4.19 -42.68 43.10
N PHE A 238 -3.94 -43.51 42.09
CA PHE A 238 -4.71 -44.73 41.90
C PHE A 238 -3.78 -45.93 41.96
N PRO A 239 -3.87 -46.77 42.99
CA PRO A 239 -2.94 -47.87 43.13
C PRO A 239 -3.29 -49.02 42.21
N PRO A 240 -2.30 -49.76 41.72
CA PRO A 240 -2.61 -50.99 41.00
C PRO A 240 -3.10 -52.05 41.96
N PRO A 241 -3.85 -53.04 41.47
CA PRO A 241 -4.27 -54.14 42.35
C PRO A 241 -3.08 -54.98 42.78
N PHE A 242 -3.24 -55.64 43.93
CA PHE A 242 -2.17 -56.49 44.44
C PHE A 242 -2.03 -57.71 43.56
N GLY A 243 -0.86 -57.86 42.95
CA GLY A 243 -0.61 -58.96 42.05
C GLY A 243 0.86 -59.07 41.70
N ARG A 244 1.15 -59.57 40.50
CA ARG A 244 2.53 -59.81 40.10
C ARG A 244 3.24 -58.49 39.81
N GLU A 245 4.54 -58.60 39.59
CA GLU A 245 5.36 -57.42 39.36
C GLU A 245 5.27 -56.97 37.90
N ALA A 246 5.36 -55.65 37.71
CA ALA A 246 5.32 -55.08 36.37
C ALA A 246 6.68 -55.26 35.70
N TYR A 247 6.68 -55.90 34.53
CA TYR A 247 7.90 -56.08 33.75
C TYR A 247 8.42 -54.72 33.25
N PRO A 248 9.71 -54.64 32.88
CA PRO A 248 10.21 -53.39 32.27
C PRO A 248 9.52 -53.05 30.95
N GLU A 249 9.21 -54.06 30.16
CA GLU A 249 8.53 -53.83 28.89
C GLU A 249 7.08 -53.40 29.09
N GLU A 250 6.47 -53.84 30.20
CA GLU A 250 5.11 -53.43 30.52
C GLU A 250 5.03 -51.94 30.85
N ALA A 251 5.93 -51.47 31.73
CA ALA A 251 6.00 -50.04 32.00
C ALA A 251 6.51 -49.24 30.81
N TYR A 252 7.28 -49.88 29.92
CA TYR A 252 7.70 -49.26 28.67
C TYR A 252 6.50 -49.01 27.75
N ILE A 253 5.60 -49.98 27.65
CA ILE A 253 4.37 -49.78 26.91
C ILE A 253 3.48 -48.77 27.63
N ALA A 254 3.55 -48.72 28.96
CA ALA A 254 2.73 -47.78 29.73
C ALA A 254 3.13 -46.34 29.48
N ASP A 255 4.42 -46.02 29.52
CA ASP A 255 4.78 -44.63 29.24
C ASP A 255 4.96 -44.36 27.76
N LEU A 256 4.90 -45.39 26.92
CA LEU A 256 4.63 -45.17 25.50
C LEU A 256 3.18 -44.74 25.29
N ASP A 257 2.28 -45.27 26.11
CA ASP A 257 0.86 -44.93 26.06
C ASP A 257 0.57 -43.58 26.69
N ALA A 258 1.35 -43.17 27.68
CA ALA A 258 1.04 -41.95 28.43
C ALA A 258 1.30 -40.68 27.62
N LYS A 259 2.14 -40.74 26.59
CA LYS A 259 2.61 -39.53 25.93
C LYS A 259 1.74 -39.10 24.75
N SER A 260 0.96 -40.00 24.16
CA SER A 260 0.17 -39.70 22.98
C SER A 260 -1.30 -40.00 23.21
N GLY A 261 -2.13 -39.53 22.28
CA GLY A 261 -3.56 -39.72 22.26
C GLY A 261 -4.04 -41.08 21.79
N ALA A 262 -3.16 -42.05 21.71
CA ALA A 262 -3.50 -43.42 21.35
C ALA A 262 -3.80 -44.25 22.60
N SER A 263 -4.39 -45.42 22.38
CA SER A 263 -4.71 -46.36 23.45
C SER A 263 -3.83 -47.58 23.27
N LEU A 264 -2.79 -47.71 24.11
CA LEU A 264 -1.88 -48.85 24.08
C LEU A 264 -2.03 -49.62 25.38
N LYS A 265 -2.48 -50.86 25.28
CA LYS A 265 -2.60 -51.75 26.42
C LYS A 265 -1.73 -52.97 26.18
N LEU A 266 -1.08 -53.45 27.22
CA LEU A 266 -0.33 -54.70 27.12
C LEU A 266 -0.26 -55.32 28.50
N THR A 267 -0.69 -56.57 28.62
CA THR A 267 -0.61 -57.32 29.89
C THR A 267 -0.25 -58.75 29.55
N LEU A 268 0.85 -59.23 30.11
CA LEU A 268 1.37 -60.56 29.80
C LEU A 268 0.69 -61.60 30.69
N LEU A 269 0.25 -62.69 30.08
CA LEU A 269 -0.39 -63.78 30.80
C LEU A 269 0.45 -65.05 30.85
N ASN A 270 1.35 -65.24 29.89
CA ASN A 270 2.28 -66.35 29.87
C ASN A 270 3.48 -65.99 29.01
N PRO A 271 4.56 -65.47 29.59
CA PRO A 271 5.68 -64.97 28.78
C PRO A 271 6.48 -66.04 28.06
N LYS A 272 6.14 -67.32 28.22
CA LYS A 272 6.77 -68.40 27.48
C LYS A 272 5.71 -69.20 26.71
N GLY A 273 4.79 -68.50 26.04
CA GLY A 273 3.75 -69.13 25.28
C GLY A 273 4.02 -69.13 23.78
N ARG A 274 3.16 -69.86 23.05
CA ARG A 274 3.31 -69.99 21.62
C ARG A 274 2.41 -69.04 20.83
N ILE A 275 1.35 -68.51 21.42
CA ILE A 275 0.41 -67.64 20.74
C ILE A 275 0.68 -66.21 21.16
N TRP A 276 1.05 -65.37 20.21
CA TRP A 276 1.23 -63.95 20.45
C TRP A 276 0.19 -63.16 19.69
N THR A 277 -0.20 -62.03 20.26
CA THR A 277 -1.31 -61.25 19.72
C THR A 277 -0.98 -59.78 19.79
N MET A 278 -1.10 -59.09 18.66
CA MET A 278 -1.05 -57.63 18.59
C MET A 278 -2.16 -57.20 17.66
N VAL A 279 -3.24 -56.64 18.22
CA VAL A 279 -4.50 -56.51 17.52
C VAL A 279 -5.10 -55.13 17.79
N ALA A 280 -5.71 -54.54 16.77
CA ALA A 280 -6.32 -53.22 16.90
C ALA A 280 -7.79 -53.35 17.28
N GLY A 281 -8.18 -52.63 18.31
CA GLY A 281 -9.55 -52.59 18.76
C GLY A 281 -9.73 -53.28 20.10
N GLY A 282 -10.61 -52.73 20.92
CA GLY A 282 -10.83 -53.28 22.24
C GLY A 282 -11.65 -54.54 22.20
N GLY A 283 -12.80 -54.46 21.54
CA GLY A 283 -13.63 -55.63 21.34
C GLY A 283 -12.96 -56.69 20.50
N ALA A 284 -12.13 -56.27 19.54
CA ALA A 284 -11.38 -57.23 18.74
C ALA A 284 -10.32 -57.96 19.57
N SER A 285 -9.69 -57.24 20.52
CA SER A 285 -8.72 -57.89 21.39
C SER A 285 -9.39 -58.87 22.34
N VAL A 286 -10.53 -58.48 22.90
CA VAL A 286 -11.29 -59.36 23.79
C VAL A 286 -11.79 -60.58 23.04
N VAL A 287 -12.24 -60.40 21.80
CA VAL A 287 -12.79 -61.52 21.05
C VAL A 287 -11.69 -62.47 20.56
N TYR A 288 -10.54 -61.93 20.15
CA TYR A 288 -9.42 -62.79 19.77
C TYR A 288 -8.89 -63.58 20.97
N SER A 289 -8.81 -62.94 22.14
CA SER A 289 -8.47 -63.66 23.36
C SER A 289 -9.51 -64.71 23.72
N ASP A 290 -10.78 -64.41 23.45
CA ASP A 290 -11.86 -65.34 23.76
C ASP A 290 -11.80 -66.58 22.89
N THR A 291 -11.46 -66.41 21.61
CA THR A 291 -11.39 -67.55 20.71
C THR A 291 -10.11 -68.35 20.94
N ILE A 292 -9.01 -67.69 21.29
CA ILE A 292 -7.78 -68.41 21.65
C ILE A 292 -7.98 -69.23 22.92
N CYS A 293 -8.70 -68.68 23.90
CA CYS A 293 -9.03 -69.47 25.09
C CYS A 293 -10.06 -70.54 24.78
N ASP A 294 -10.93 -70.32 23.79
CA ASP A 294 -11.92 -71.34 23.45
C ASP A 294 -11.28 -72.53 22.73
N LEU A 295 -10.22 -72.29 21.97
CA LEU A 295 -9.55 -73.34 21.22
C LEU A 295 -8.49 -74.08 22.04
N GLY A 296 -8.54 -73.98 23.36
CA GLY A 296 -7.62 -74.70 24.22
C GLY A 296 -6.25 -74.07 24.37
N GLY A 297 -6.02 -72.88 23.82
CA GLY A 297 -4.76 -72.20 23.98
C GLY A 297 -4.73 -71.22 25.13
N VAL A 298 -5.29 -71.63 26.28
CA VAL A 298 -5.41 -70.72 27.42
C VAL A 298 -4.05 -70.52 28.09
N ASN A 299 -3.28 -71.60 28.22
CA ASN A 299 -1.94 -71.50 28.81
C ASN A 299 -0.92 -70.88 27.87
N GLU A 300 -1.28 -70.70 26.59
CA GLU A 300 -0.33 -70.30 25.56
C GLU A 300 -0.57 -68.88 25.06
N LEU A 301 -1.70 -68.27 25.41
CA LEU A 301 -1.98 -66.88 25.07
C LEU A 301 -1.02 -66.01 25.87
N ALA A 302 0.01 -65.49 25.19
CA ALA A 302 1.14 -64.89 25.90
C ALA A 302 0.78 -63.54 26.52
N ASN A 303 -0.07 -62.76 25.88
CA ASN A 303 -0.46 -61.45 26.37
C ASN A 303 -1.77 -61.02 25.73
N TYR A 304 -2.52 -60.17 26.45
CA TYR A 304 -3.64 -59.46 25.86
C TYR A 304 -3.33 -57.98 25.86
N GLY A 305 -3.56 -57.35 24.73
CA GLY A 305 -3.30 -55.93 24.61
C GLY A 305 -3.90 -55.41 23.32
N GLU A 306 -3.60 -54.14 23.05
CA GLU A 306 -4.11 -53.48 21.86
C GLU A 306 -3.27 -52.25 21.57
N TYR A 307 -3.34 -51.84 20.30
CA TYR A 307 -2.96 -50.49 19.88
C TYR A 307 -4.16 -49.91 19.15
N SER A 308 -4.64 -48.76 19.62
CA SER A 308 -5.88 -48.20 19.12
C SER A 308 -5.75 -46.69 19.10
N GLY A 309 -6.77 -46.04 18.52
CA GLY A 309 -6.78 -44.59 18.47
C GLY A 309 -5.78 -44.00 17.49
N ALA A 310 -5.48 -44.72 16.39
CA ALA A 310 -4.60 -44.33 15.29
C ALA A 310 -3.22 -43.90 15.77
N PRO A 311 -2.37 -44.83 16.20
CA PRO A 311 -1.06 -44.43 16.73
C PRO A 311 -0.12 -43.98 15.63
N SER A 312 0.86 -43.18 16.04
CA SER A 312 1.90 -42.76 15.12
C SER A 312 2.80 -43.94 14.77
N GLU A 313 3.52 -43.80 13.65
CA GLU A 313 4.32 -44.92 13.18
C GLU A 313 5.58 -45.15 13.99
N GLN A 314 6.08 -44.10 14.67
CA GLN A 314 7.11 -44.34 15.67
C GLN A 314 6.56 -45.15 16.83
N GLN A 315 5.33 -44.85 17.25
CA GLN A 315 4.69 -45.60 18.33
C GLN A 315 4.39 -47.02 17.91
N THR A 316 3.95 -47.22 16.66
CA THR A 316 3.70 -48.57 16.18
C THR A 316 4.99 -49.36 16.01
N TYR A 317 6.07 -48.68 15.58
CA TYR A 317 7.38 -49.32 15.49
C TYR A 317 7.86 -49.78 16.86
N ASP A 318 7.74 -48.92 17.87
CA ASP A 318 8.17 -49.30 19.21
C ASP A 318 7.31 -50.40 19.80
N TYR A 319 5.99 -50.35 19.57
CA TYR A 319 5.09 -51.37 20.11
C TYR A 319 5.37 -52.72 19.47
N ALA A 320 5.53 -52.77 18.15
CA ALA A 320 5.83 -54.02 17.48
C ALA A 320 7.24 -54.51 17.81
N LYS A 321 8.19 -53.60 18.06
CA LYS A 321 9.54 -54.02 18.39
C LYS A 321 9.62 -54.62 19.79
N THR A 322 8.96 -53.99 20.77
CA THR A 322 8.95 -54.59 22.10
C THR A 322 8.02 -55.80 22.19
N ILE A 323 7.09 -55.97 21.25
CA ILE A 323 6.33 -57.21 21.27
C ILE A 323 7.02 -58.33 20.49
N LEU A 324 7.95 -58.01 19.59
CA LEU A 324 8.74 -59.08 18.99
C LEU A 324 9.95 -59.45 19.83
N SER A 325 10.45 -58.51 20.66
CA SER A 325 11.57 -58.84 21.54
C SER A 325 11.14 -59.81 22.63
N LEU A 326 9.86 -59.83 22.98
CA LEU A 326 9.33 -60.76 23.97
C LEU A 326 9.16 -62.17 23.43
N MET A 327 9.35 -62.37 22.14
CA MET A 327 9.24 -63.70 21.53
C MET A 327 10.49 -64.06 20.75
N THR A 328 11.60 -63.38 21.01
CA THR A 328 12.89 -63.76 20.46
C THR A 328 13.86 -64.21 21.56
N ARG A 329 13.34 -64.54 22.73
CA ARG A 329 14.17 -64.91 23.86
C ARG A 329 14.37 -66.42 23.96
N GLU A 330 13.28 -67.17 24.10
CA GLU A 330 13.34 -68.62 24.17
C GLU A 330 12.41 -69.24 23.13
N LYS A 331 12.82 -70.38 22.59
CA LYS A 331 12.16 -70.99 21.45
C LYS A 331 11.04 -71.92 21.89
N HIS A 332 10.05 -72.08 21.01
CA HIS A 332 8.98 -73.03 21.16
C HIS A 332 9.18 -74.20 20.20
N PRO A 333 8.95 -75.43 20.64
CA PRO A 333 9.23 -76.59 19.77
C PRO A 333 8.25 -76.78 18.62
N ASP A 334 7.07 -76.15 18.66
CA ASP A 334 6.06 -76.33 17.63
C ASP A 334 5.87 -75.09 16.76
N GLY A 335 6.79 -74.14 16.81
CA GLY A 335 6.66 -72.92 16.05
C GLY A 335 5.77 -71.89 16.71
N LYS A 336 6.18 -70.64 16.68
CA LYS A 336 5.45 -69.55 17.32
C LYS A 336 4.60 -68.82 16.30
N ILE A 337 3.44 -68.36 16.73
CA ILE A 337 2.51 -67.66 15.86
C ILE A 337 2.33 -66.24 16.37
N LEU A 338 2.10 -65.33 15.44
CA LEU A 338 1.78 -63.94 15.74
C LEU A 338 0.50 -63.57 15.02
N ILE A 339 -0.39 -62.84 15.70
CA ILE A 339 -1.71 -62.54 15.20
C ILE A 339 -1.81 -61.01 15.08
N ILE A 340 -1.60 -60.49 13.87
CA ILE A 340 -1.89 -59.09 13.60
C ILE A 340 -3.33 -59.06 13.09
N GLY A 341 -4.26 -59.10 14.03
CA GLY A 341 -5.67 -59.08 13.71
C GLY A 341 -6.18 -57.67 13.65
N GLY A 342 -7.47 -57.55 13.84
CA GLY A 342 -8.07 -56.24 14.01
C GLY A 342 -9.48 -56.19 13.44
N SER A 343 -10.28 -55.30 14.00
CA SER A 343 -11.54 -54.93 13.39
C SER A 343 -11.27 -54.08 12.15
N ILE A 344 -12.29 -53.94 11.32
CA ILE A 344 -12.12 -53.14 10.10
C ILE A 344 -12.13 -51.67 10.48
N ALA A 345 -11.16 -50.93 9.97
CA ALA A 345 -10.85 -49.60 10.48
C ALA A 345 -11.84 -48.57 9.96
N ASN A 346 -12.13 -47.57 10.79
CA ASN A 346 -13.04 -46.51 10.39
C ASN A 346 -12.36 -45.58 9.38
N PHE A 347 -11.27 -44.94 9.78
CA PHE A 347 -10.64 -43.91 8.99
C PHE A 347 -9.14 -44.06 8.85
N THR A 348 -8.49 -44.81 9.74
CA THR A 348 -7.05 -44.98 9.68
C THR A 348 -6.66 -45.73 8.42
N ASN A 349 -5.78 -45.13 7.62
CA ASN A 349 -5.24 -45.81 6.46
C ASN A 349 -4.44 -47.02 6.92
N VAL A 350 -4.89 -48.21 6.51
CA VAL A 350 -4.33 -49.47 6.96
C VAL A 350 -2.90 -49.63 6.46
N ALA A 351 -2.62 -49.05 5.29
CA ALA A 351 -1.29 -49.15 4.70
C ALA A 351 -0.23 -48.44 5.53
N ALA A 352 -0.58 -47.34 6.20
CA ALA A 352 0.42 -46.59 6.96
C ALA A 352 0.84 -47.33 8.23
N THR A 353 -0.14 -47.87 8.96
CA THR A 353 0.14 -48.71 10.12
C THR A 353 0.92 -49.95 9.70
N PHE A 354 0.61 -50.50 8.53
CA PHE A 354 1.40 -51.63 8.06
C PHE A 354 2.78 -51.22 7.60
N LYS A 355 2.99 -49.97 7.18
CA LYS A 355 4.35 -49.49 6.90
C LYS A 355 5.19 -49.45 8.17
N GLY A 356 4.59 -48.96 9.26
CA GLY A 356 5.27 -49.03 10.55
C GLY A 356 5.58 -50.45 10.98
N ILE A 357 4.63 -51.36 10.74
CA ILE A 357 4.80 -52.76 11.13
C ILE A 357 5.89 -53.44 10.28
N VAL A 358 5.94 -53.14 8.97
CA VAL A 358 6.95 -53.79 8.14
C VAL A 358 8.32 -53.20 8.40
N ARG A 359 8.40 -51.94 8.85
CA ARG A 359 9.69 -51.42 9.31
C ARG A 359 10.17 -52.16 10.54
N ALA A 360 9.29 -52.32 11.53
CA ALA A 360 9.65 -53.00 12.77
C ALA A 360 9.97 -54.48 12.56
N ILE A 361 9.33 -55.11 11.58
CA ILE A 361 9.63 -56.51 11.29
C ILE A 361 10.90 -56.63 10.44
N ARG A 362 11.13 -55.68 9.53
CA ARG A 362 12.27 -55.77 8.62
C ARG A 362 13.58 -55.55 9.34
N ASP A 363 13.64 -54.61 10.30
CA ASP A 363 14.93 -54.36 10.92
C ASP A 363 15.34 -55.48 11.87
N TYR A 364 14.38 -56.25 12.40
CA TYR A 364 14.68 -57.36 13.30
C TYR A 364 14.13 -58.68 12.78
N GLN A 365 14.33 -58.98 11.50
CA GLN A 365 13.82 -60.21 10.92
C GLN A 365 14.59 -61.45 11.36
N GLY A 366 15.83 -61.27 11.82
CA GLY A 366 16.76 -62.35 12.07
C GLY A 366 16.34 -63.36 13.12
N PRO A 367 16.24 -62.92 14.39
CA PRO A 367 15.81 -63.86 15.45
C PRO A 367 14.36 -64.32 15.33
N LEU A 368 13.49 -63.57 14.64
CA LEU A 368 12.17 -64.11 14.29
C LEU A 368 12.29 -65.27 13.32
N LYS A 369 13.19 -65.18 12.34
CA LYS A 369 13.43 -66.33 11.46
C LYS A 369 14.13 -67.45 12.22
N GLU A 370 14.91 -67.11 13.24
CA GLU A 370 15.62 -68.12 14.02
C GLU A 370 14.64 -68.90 14.89
N HIS A 371 13.61 -68.25 15.42
CA HIS A 371 12.64 -68.91 16.29
C HIS A 371 11.50 -69.55 15.52
N GLU A 372 11.49 -69.46 14.18
CA GLU A 372 10.53 -70.09 13.28
C GLU A 372 9.10 -69.62 13.61
N VAL A 373 8.87 -68.34 13.27
CA VAL A 373 7.60 -67.69 13.57
C VAL A 373 6.77 -67.55 12.28
N THR A 374 5.46 -67.66 12.44
CA THR A 374 4.50 -67.43 11.36
C THR A 374 3.58 -66.29 11.77
N ILE A 375 3.39 -65.33 10.87
CA ILE A 375 2.61 -64.13 11.15
C ILE A 375 1.34 -64.17 10.31
N PHE A 376 0.19 -64.06 10.98
CA PHE A 376 -1.12 -64.10 10.34
C PHE A 376 -1.76 -62.73 10.53
N VAL A 377 -2.11 -62.08 9.42
CA VAL A 377 -2.63 -60.72 9.45
C VAL A 377 -4.04 -60.73 8.87
N ARG A 378 -4.96 -60.03 9.54
CA ARG A 378 -6.31 -59.82 9.02
C ARG A 378 -6.79 -58.46 9.47
N ARG A 379 -6.96 -57.53 8.53
CA ARG A 379 -7.47 -56.20 8.84
C ARG A 379 -8.51 -55.81 7.82
N GLY A 380 -8.95 -54.55 7.90
CA GLY A 380 -9.87 -54.00 6.94
C GLY A 380 -10.00 -52.52 7.13
N GLY A 381 -10.51 -51.86 6.11
CA GLY A 381 -10.79 -50.45 6.20
C GLY A 381 -10.27 -49.66 5.02
N PRO A 382 -9.85 -48.42 5.28
CA PRO A 382 -9.38 -47.55 4.20
C PRO A 382 -8.05 -47.97 3.62
N ASN A 383 -8.09 -48.45 2.37
CA ASN A 383 -6.93 -48.91 1.60
C ASN A 383 -6.18 -50.02 2.33
N TYR A 384 -6.89 -51.11 2.56
CA TYR A 384 -6.29 -52.25 3.26
C TYR A 384 -5.60 -53.22 2.32
N GLN A 385 -6.02 -53.25 1.05
CA GLN A 385 -5.46 -54.21 0.10
C GLN A 385 -3.98 -53.97 -0.15
N GLU A 386 -3.57 -52.70 -0.26
CA GLU A 386 -2.17 -52.40 -0.47
C GLU A 386 -1.34 -52.66 0.78
N GLY A 387 -1.96 -52.55 1.96
CA GLY A 387 -1.28 -52.96 3.17
C GLY A 387 -1.07 -54.46 3.23
N LEU A 388 -2.05 -55.23 2.77
CA LEU A 388 -1.87 -56.68 2.65
C LEU A 388 -0.79 -57.02 1.61
N ARG A 389 -0.72 -56.24 0.54
CA ARG A 389 0.31 -56.46 -0.48
C ARG A 389 1.70 -56.18 0.07
N VAL A 390 1.87 -55.09 0.84
CA VAL A 390 3.21 -54.78 1.34
C VAL A 390 3.60 -55.75 2.47
N MET A 391 2.61 -56.27 3.21
CA MET A 391 2.89 -57.36 4.14
C MET A 391 3.35 -58.61 3.41
N GLY A 392 2.70 -58.92 2.28
CA GLY A 392 3.14 -60.06 1.47
C GLY A 392 4.52 -59.87 0.88
N GLU A 393 4.85 -58.64 0.47
CA GLU A 393 6.17 -58.39 -0.09
C GLU A 393 7.26 -58.43 0.97
N VAL A 394 6.96 -58.05 2.22
CA VAL A 394 7.99 -58.20 3.23
C VAL A 394 8.04 -59.64 3.73
N GLY A 395 6.97 -60.42 3.55
CA GLY A 395 7.05 -61.84 3.84
C GLY A 395 7.86 -62.58 2.81
N LYS A 396 7.81 -62.15 1.55
CA LYS A 396 8.59 -62.78 0.50
C LYS A 396 10.00 -62.24 0.39
N THR A 397 10.26 -61.02 0.87
CA THR A 397 11.60 -60.45 0.77
C THR A 397 12.51 -60.99 1.87
N THR A 398 12.04 -60.95 3.13
CA THR A 398 12.84 -61.48 4.22
C THR A 398 12.82 -62.99 4.29
N GLY A 399 11.69 -63.62 3.96
CA GLY A 399 11.56 -65.05 4.03
C GLY A 399 10.76 -65.58 5.21
N ILE A 400 10.15 -64.70 5.99
CA ILE A 400 9.27 -65.14 7.08
C ILE A 400 7.90 -65.46 6.49
N PRO A 401 7.31 -66.62 6.81
CA PRO A 401 5.99 -66.96 6.27
C PRO A 401 4.88 -66.11 6.88
N ILE A 402 4.27 -65.26 6.06
CA ILE A 402 3.22 -64.33 6.49
C ILE A 402 1.99 -64.57 5.64
N HIS A 403 0.85 -64.76 6.29
CA HIS A 403 -0.41 -65.04 5.61
C HIS A 403 -1.37 -63.88 5.85
N VAL A 404 -1.67 -63.14 4.79
CA VAL A 404 -2.49 -61.94 4.90
C VAL A 404 -3.91 -62.26 4.44
N PHE A 405 -4.87 -61.57 5.05
CA PHE A 405 -6.28 -61.83 4.81
C PHE A 405 -7.05 -60.52 4.92
N GLY A 406 -8.14 -60.43 4.17
CA GLY A 406 -8.92 -59.21 4.14
C GLY A 406 -10.26 -59.33 4.85
N THR A 407 -11.23 -58.53 4.44
CA THR A 407 -12.54 -58.55 5.08
C THR A 407 -13.40 -59.72 4.61
N GLU A 408 -13.01 -60.40 3.54
CA GLU A 408 -13.77 -61.55 3.06
C GLU A 408 -13.68 -62.74 4.01
N THR A 409 -12.64 -62.81 4.82
CA THR A 409 -12.54 -63.84 5.83
C THR A 409 -13.39 -63.47 7.03
N HIS A 410 -13.68 -64.47 7.85
CA HIS A 410 -14.16 -64.18 9.19
C HIS A 410 -13.02 -63.55 9.99
N MET A 411 -13.39 -62.79 11.02
CA MET A 411 -12.39 -62.01 11.75
C MET A 411 -11.46 -62.91 12.54
N THR A 412 -12.02 -63.80 13.34
CA THR A 412 -11.23 -64.65 14.21
C THR A 412 -10.93 -66.01 13.60
N ALA A 413 -11.16 -66.17 12.30
CA ALA A 413 -10.89 -67.45 11.64
C ALA A 413 -9.40 -67.73 11.52
N ILE A 414 -8.57 -66.68 11.53
CA ILE A 414 -7.16 -66.84 11.22
C ILE A 414 -6.41 -67.60 12.30
N VAL A 415 -6.90 -67.57 13.55
CA VAL A 415 -6.24 -68.36 14.58
C VAL A 415 -6.54 -69.84 14.39
N GLY A 416 -7.68 -70.17 13.75
CA GLY A 416 -7.90 -71.53 13.31
C GLY A 416 -6.94 -71.94 12.23
N MET A 417 -6.49 -70.98 11.42
CA MET A 417 -5.40 -71.26 10.51
C MET A 417 -4.05 -71.20 11.20
N ALA A 418 -3.97 -70.52 12.34
CA ALA A 418 -2.67 -70.38 13.01
C ALA A 418 -2.40 -71.55 13.95
N LEU A 419 -3.43 -72.08 14.59
CA LEU A 419 -3.28 -73.20 15.51
C LEU A 419 -3.41 -74.55 14.82
N GLY A 420 -3.49 -74.58 13.49
CA GLY A 420 -3.58 -75.84 12.77
C GLY A 420 -4.94 -76.49 12.83
N HIS A 421 -6.02 -75.71 12.84
CA HIS A 421 -7.36 -76.25 12.93
C HIS A 421 -8.12 -76.20 11.62
N ARG A 422 -7.63 -75.45 10.64
CA ARG A 422 -8.25 -75.39 9.31
C ARG A 422 -7.18 -74.99 8.31
N PRO A 423 -7.31 -75.43 7.05
CA PRO A 423 -6.27 -75.11 6.07
C PRO A 423 -6.30 -73.65 5.63
N ILE A 424 -5.13 -73.15 5.25
CA ILE A 424 -4.97 -71.79 4.74
C ILE A 424 -5.29 -71.81 3.25
N PRO A 425 -6.32 -71.09 2.78
CA PRO A 425 -6.67 -71.06 1.36
C PRO A 425 -5.63 -70.33 0.50
N GLY A 487 -45.20 -40.66 24.91
CA GLY A 487 -44.30 -41.79 25.13
C GLY A 487 -43.05 -41.70 24.28
N LYS A 488 -42.11 -42.61 24.53
CA LYS A 488 -40.88 -42.63 23.76
C LYS A 488 -41.13 -43.11 22.33
N SER A 489 -40.32 -42.61 21.42
CA SER A 489 -40.49 -42.90 20.01
C SER A 489 -40.03 -44.31 19.68
N THR A 490 -40.60 -44.86 18.60
CA THR A 490 -40.17 -46.14 18.07
C THR A 490 -39.56 -46.04 16.68
N THR A 491 -39.86 -44.99 15.92
CA THR A 491 -39.17 -44.71 14.68
C THR A 491 -38.19 -43.59 15.00
N LEU A 492 -36.92 -43.94 15.16
CA LEU A 492 -35.94 -42.94 15.54
C LEU A 492 -35.45 -42.16 14.32
N PHE A 493 -35.09 -42.86 13.26
CA PHE A 493 -34.56 -42.24 12.06
C PHE A 493 -35.43 -42.60 10.86
N SER A 494 -35.50 -41.68 9.91
CA SER A 494 -36.27 -41.88 8.69
C SER A 494 -35.49 -41.29 7.53
N ARG A 495 -36.13 -41.26 6.36
CA ARG A 495 -35.57 -40.51 5.24
C ARG A 495 -35.84 -39.03 5.37
N HIS A 496 -36.80 -38.66 6.20
CA HIS A 496 -37.12 -37.27 6.51
C HIS A 496 -36.39 -36.79 7.74
N THR A 497 -35.47 -37.59 8.27
CA THR A 497 -34.73 -37.21 9.46
C THR A 497 -33.71 -36.15 9.13
N LYS A 498 -33.74 -35.04 9.86
CA LYS A 498 -32.73 -34.01 9.75
C LYS A 498 -32.15 -33.72 11.12
N ALA A 499 -30.84 -33.56 11.17
CA ALA A 499 -30.09 -33.48 12.41
C ALA A 499 -29.26 -32.20 12.48
N ILE A 500 -29.00 -31.76 13.70
CA ILE A 500 -28.13 -30.63 13.98
C ILE A 500 -26.89 -31.19 14.64
N VAL A 501 -25.73 -30.94 14.06
CA VAL A 501 -24.48 -31.38 14.64
C VAL A 501 -23.98 -30.29 15.57
N TRP A 502 -23.64 -30.65 16.79
CA TRP A 502 -23.11 -29.69 17.75
C TRP A 502 -21.59 -29.81 17.76
N GLY A 503 -20.92 -28.92 17.06
CA GLY A 503 -19.47 -28.88 17.05
C GLY A 503 -18.98 -28.81 15.62
N MET A 504 -17.85 -28.13 15.44
CA MET A 504 -17.24 -28.04 14.11
C MET A 504 -16.53 -29.35 13.86
N GLN A 505 -17.28 -30.30 13.30
CA GLN A 505 -16.84 -31.67 13.08
C GLN A 505 -17.05 -32.01 11.61
N THR A 506 -16.47 -31.16 10.76
CA THR A 506 -16.71 -31.18 9.31
C THR A 506 -16.42 -32.52 8.65
N ARG A 507 -15.51 -33.33 9.22
CA ARG A 507 -15.25 -34.64 8.64
C ARG A 507 -16.43 -35.57 8.85
N ALA A 508 -17.03 -35.55 10.04
CA ALA A 508 -18.19 -36.40 10.31
C ALA A 508 -19.41 -35.92 9.56
N VAL A 509 -19.57 -34.62 9.36
CA VAL A 509 -20.69 -34.11 8.60
C VAL A 509 -20.53 -34.44 7.12
N GLN A 510 -19.30 -34.40 6.61
CA GLN A 510 -19.08 -34.81 5.23
C GLN A 510 -19.29 -36.31 5.05
N GLY A 511 -18.94 -37.10 6.06
CA GLY A 511 -19.23 -38.53 6.01
C GLY A 511 -20.72 -38.80 6.01
N MET A 512 -21.48 -38.04 6.81
CA MET A 512 -22.93 -38.18 6.82
C MET A 512 -23.54 -37.78 5.48
N LEU A 513 -23.01 -36.73 4.85
CA LEU A 513 -23.59 -36.34 3.55
C LEU A 513 -23.20 -37.30 2.44
N ASP A 514 -22.01 -37.90 2.51
CA ASP A 514 -21.65 -38.95 1.57
C ASP A 514 -22.55 -40.16 1.72
N PHE A 515 -22.88 -40.52 2.96
CA PHE A 515 -23.82 -41.61 3.18
C PHE A 515 -25.21 -41.27 2.67
N ASP A 516 -25.65 -40.03 2.86
CA ASP A 516 -26.97 -39.64 2.38
C ASP A 516 -27.06 -39.63 0.87
N TYR A 517 -25.98 -39.28 0.18
CA TYR A 517 -26.00 -39.34 -1.28
C TYR A 517 -25.97 -40.78 -1.74
N VAL A 518 -25.10 -41.60 -1.14
CA VAL A 518 -24.90 -42.95 -1.65
C VAL A 518 -26.07 -43.87 -1.29
N CYS A 519 -26.90 -43.51 -0.32
CA CYS A 519 -28.08 -44.29 0.02
C CYS A 519 -29.35 -43.73 -0.63
N SER A 520 -29.18 -42.87 -1.64
CA SER A 520 -30.25 -42.40 -2.52
C SER A 520 -31.34 -41.65 -1.76
N ARG A 521 -30.92 -40.73 -0.90
CA ARG A 521 -31.85 -39.81 -0.27
C ARG A 521 -32.17 -38.66 -1.23
N ASP A 522 -32.99 -37.74 -0.75
CA ASP A 522 -33.33 -36.55 -1.52
C ASP A 522 -32.88 -35.26 -0.87
N GLU A 523 -32.83 -35.21 0.46
CA GLU A 523 -32.39 -34.07 1.23
C GLU A 523 -31.20 -34.45 2.09
N PRO A 524 -30.31 -33.52 2.38
CA PRO A 524 -29.23 -33.80 3.33
C PRO A 524 -29.78 -33.95 4.74
N SER A 525 -29.15 -34.81 5.53
CA SER A 525 -29.62 -35.04 6.89
C SER A 525 -28.92 -34.18 7.90
N VAL A 526 -28.15 -33.18 7.48
CA VAL A 526 -27.58 -32.20 8.38
C VAL A 526 -28.16 -30.85 7.98
N ALA A 527 -29.04 -30.32 8.81
CA ALA A 527 -29.65 -29.05 8.49
C ALA A 527 -28.80 -27.88 8.93
N ALA A 528 -28.11 -28.02 10.05
CA ALA A 528 -27.28 -26.95 10.56
C ALA A 528 -26.20 -27.54 11.43
N MET A 529 -25.13 -26.79 11.59
CA MET A 529 -24.13 -27.08 12.60
C MET A 529 -24.14 -25.96 13.62
N VAL A 530 -23.67 -26.25 14.83
CA VAL A 530 -23.69 -25.28 15.91
C VAL A 530 -22.29 -25.22 16.49
N TYR A 531 -21.69 -24.05 16.47
CA TYR A 531 -20.37 -23.88 17.03
C TYR A 531 -20.36 -22.56 17.80
N PRO A 532 -20.27 -22.60 19.13
CA PRO A 532 -20.41 -21.36 19.91
C PRO A 532 -19.20 -20.45 19.88
N PHE A 533 -18.07 -20.89 19.34
CA PHE A 533 -16.84 -20.13 19.44
C PHE A 533 -16.54 -19.31 18.20
N THR A 534 -17.48 -19.20 17.26
CA THR A 534 -17.29 -18.39 16.08
C THR A 534 -18.65 -17.88 15.61
N GLY A 535 -18.62 -16.97 14.66
CA GLY A 535 -19.82 -16.32 14.20
C GLY A 535 -20.73 -17.22 13.39
N ASP A 536 -21.83 -16.63 12.96
CA ASP A 536 -22.84 -17.31 12.17
C ASP A 536 -22.46 -17.18 10.70
N HIS A 537 -22.20 -18.29 10.05
CA HIS A 537 -21.77 -18.27 8.66
C HIS A 537 -22.29 -19.53 7.98
N LYS A 538 -21.72 -19.88 6.83
CA LYS A 538 -22.11 -21.09 6.13
C LYS A 538 -20.87 -21.88 5.77
N GLN A 539 -20.98 -23.20 5.85
CA GLN A 539 -19.89 -24.12 5.58
C GLN A 539 -20.20 -24.85 4.28
N LYS A 540 -19.21 -24.93 3.40
CA LYS A 540 -19.40 -25.49 2.07
C LYS A 540 -19.12 -26.97 2.11
N PHE A 541 -20.12 -27.78 1.80
CA PHE A 541 -20.04 -29.23 1.87
C PHE A 541 -20.34 -29.82 0.50
N TYR A 542 -20.02 -31.11 0.37
CA TYR A 542 -20.22 -31.82 -0.88
C TYR A 542 -21.45 -32.70 -0.81
N TRP A 543 -22.33 -32.54 -1.79
CA TRP A 543 -23.50 -33.37 -1.98
C TRP A 543 -23.27 -34.06 -3.32
N GLY A 544 -22.60 -35.21 -3.29
CA GLY A 544 -22.23 -35.90 -4.50
C GLY A 544 -21.15 -35.17 -5.26
N HIS A 545 -21.53 -34.58 -6.39
CA HIS A 545 -20.67 -33.65 -7.12
C HIS A 545 -20.95 -32.20 -6.76
N LYS A 546 -22.17 -31.89 -6.33
CA LYS A 546 -22.56 -30.52 -6.07
C LYS A 546 -21.90 -30.02 -4.80
N GLU A 547 -21.77 -28.70 -4.69
CA GLU A 547 -21.36 -28.08 -3.44
C GLU A 547 -22.53 -27.30 -2.86
N ILE A 548 -23.01 -27.74 -1.71
CA ILE A 548 -24.10 -27.07 -1.02
C ILE A 548 -23.52 -26.33 0.18
N LEU A 549 -24.38 -25.53 0.81
CA LEU A 549 -23.98 -24.70 1.94
C LEU A 549 -24.84 -25.08 3.13
N ILE A 550 -24.21 -25.42 4.24
CA ILE A 550 -24.88 -25.80 5.48
C ILE A 550 -24.60 -24.71 6.49
N PRO A 551 -25.63 -24.13 7.13
CA PRO A 551 -25.39 -23.00 8.02
C PRO A 551 -24.74 -23.43 9.33
N VAL A 552 -23.74 -22.68 9.75
CA VAL A 552 -23.09 -22.85 11.04
C VAL A 552 -23.57 -21.70 11.91
N PHE A 553 -24.36 -22.03 12.92
CA PHE A 553 -24.91 -21.05 13.86
C PHE A 553 -24.01 -20.94 15.09
N LYS A 554 -24.27 -19.91 15.88
CA LYS A 554 -23.53 -19.73 17.12
C LYS A 554 -24.30 -20.21 18.33
N ASN A 555 -25.58 -19.93 18.39
CA ASN A 555 -26.44 -20.41 19.46
C ASN A 555 -27.24 -21.60 18.96
N MET A 556 -27.71 -22.41 19.91
CA MET A 556 -28.65 -23.45 19.54
C MET A 556 -30.03 -22.88 19.25
N ALA A 557 -30.32 -21.69 19.78
CA ALA A 557 -31.66 -21.13 19.70
C ALA A 557 -32.03 -20.76 18.28
N ASP A 558 -31.18 -19.97 17.61
CA ASP A 558 -31.48 -19.62 16.22
C ASP A 558 -31.25 -20.78 15.27
N ALA A 559 -30.55 -21.82 15.68
CA ALA A 559 -30.55 -23.05 14.92
C ALA A 559 -31.92 -23.71 14.97
N MET A 560 -32.58 -23.65 16.13
CA MET A 560 -33.93 -24.20 16.21
C MET A 560 -34.97 -23.30 15.55
N ARG A 561 -34.74 -21.98 15.51
CA ARG A 561 -35.68 -21.08 14.86
C ARG A 561 -35.70 -21.30 13.36
N LYS A 562 -34.53 -21.31 12.73
CA LYS A 562 -34.46 -21.37 11.28
C LYS A 562 -34.82 -22.74 10.74
N HIS A 563 -34.73 -23.79 11.57
CA HIS A 563 -35.04 -25.16 11.15
C HIS A 563 -35.95 -25.80 12.18
N PRO A 564 -37.26 -25.80 11.95
CA PRO A 564 -38.17 -26.54 12.83
C PRO A 564 -38.29 -28.02 12.49
N GLU A 565 -37.81 -28.42 11.32
CA GLU A 565 -37.91 -29.80 10.87
C GLU A 565 -36.85 -30.70 11.51
N VAL A 566 -35.85 -30.10 12.15
CA VAL A 566 -34.80 -30.85 12.85
C VAL A 566 -35.40 -31.65 13.99
N ASP A 567 -35.06 -32.93 14.07
CA ASP A 567 -35.47 -33.70 15.24
C ASP A 567 -34.35 -34.40 15.97
N VAL A 568 -33.14 -34.42 15.43
CA VAL A 568 -32.00 -35.10 16.04
C VAL A 568 -30.94 -34.06 16.34
N LEU A 569 -30.23 -34.25 17.45
CA LEU A 569 -28.99 -33.52 17.69
C LEU A 569 -27.89 -34.52 17.94
N ILE A 570 -26.75 -34.31 17.31
CA ILE A 570 -25.59 -35.18 17.46
C ILE A 570 -24.55 -34.36 18.21
N ASN A 571 -24.41 -34.62 19.49
CA ASN A 571 -23.62 -33.79 20.37
C ASN A 571 -22.17 -34.24 20.30
N PHE A 572 -21.36 -33.53 19.52
CA PHE A 572 -19.94 -33.79 19.43
C PHE A 572 -19.13 -33.00 20.43
N ALA A 573 -19.73 -32.55 21.52
CA ALA A 573 -19.03 -31.78 22.52
C ALA A 573 -18.05 -32.65 23.27
N SER A 574 -17.15 -32.02 24.02
CA SER A 574 -16.19 -32.78 24.79
C SER A 574 -16.84 -33.28 26.07
N LEU A 575 -16.06 -34.00 26.89
CA LEU A 575 -16.60 -34.56 28.12
C LEU A 575 -16.93 -33.51 29.15
N ARG A 576 -16.30 -32.35 29.10
CA ARG A 576 -16.55 -31.30 30.07
C ARG A 576 -17.51 -30.24 29.57
N SER A 577 -18.11 -30.44 28.39
CA SER A 577 -19.13 -29.53 27.92
C SER A 577 -20.28 -30.27 27.25
N ALA A 578 -20.37 -31.58 27.42
CA ALA A 578 -21.50 -32.30 26.85
C ALA A 578 -22.72 -32.21 27.74
N TYR A 579 -22.51 -32.05 29.05
CA TYR A 579 -23.61 -32.06 29.99
C TYR A 579 -24.51 -30.84 29.81
N ASP A 580 -23.93 -29.65 29.82
CA ASP A 580 -24.75 -28.45 29.73
C ASP A 580 -25.34 -28.26 28.34
N SER A 581 -24.64 -28.67 27.29
CA SER A 581 -25.19 -28.57 25.94
C SER A 581 -26.31 -29.57 25.71
N THR A 582 -26.18 -30.77 26.29
CA THR A 582 -27.25 -31.74 26.21
C THR A 582 -28.46 -31.30 27.02
N MET A 583 -28.25 -30.69 28.19
CA MET A 583 -29.37 -30.23 29.00
C MET A 583 -30.05 -29.04 28.34
N GLU A 584 -29.28 -28.17 27.68
CA GLU A 584 -29.87 -27.06 26.93
C GLU A 584 -30.68 -27.57 25.75
N THR A 585 -30.21 -28.64 25.11
CA THR A 585 -30.91 -29.18 23.95
C THR A 585 -32.28 -29.73 24.31
N MET A 586 -32.41 -30.33 25.50
CA MET A 586 -33.68 -30.91 25.92
C MET A 586 -34.73 -29.87 26.27
N ASN A 587 -34.38 -28.58 26.35
CA ASN A 587 -35.38 -27.53 26.49
C ASN A 587 -36.22 -27.37 25.23
N TYR A 588 -35.69 -27.77 24.07
CA TYR A 588 -36.42 -27.70 22.82
C TYR A 588 -37.14 -29.02 22.63
N ALA A 589 -38.46 -28.96 22.48
CA ALA A 589 -39.26 -30.18 22.43
C ALA A 589 -39.18 -30.87 21.08
N GLN A 590 -38.69 -30.19 20.05
CA GLN A 590 -38.59 -30.83 18.74
C GLN A 590 -37.45 -31.82 18.66
N ILE A 591 -36.44 -31.70 19.53
CA ILE A 591 -35.33 -32.63 19.54
C ILE A 591 -35.81 -33.93 20.19
N ARG A 592 -36.05 -34.95 19.37
CA ARG A 592 -36.58 -36.20 19.89
C ARG A 592 -35.50 -37.18 20.28
N THR A 593 -34.27 -37.00 19.81
CA THR A 593 -33.19 -37.89 20.15
C THR A 593 -31.87 -37.13 20.15
N ILE A 594 -30.97 -37.52 21.05
CA ILE A 594 -29.68 -36.90 21.24
C ILE A 594 -28.64 -37.99 21.24
N ALA A 595 -27.62 -37.85 20.41
CA ALA A 595 -26.54 -38.82 20.32
C ALA A 595 -25.29 -38.19 20.88
N ILE A 596 -24.89 -38.60 22.09
CA ILE A 596 -23.74 -38.04 22.76
C ILE A 596 -22.52 -38.87 22.40
N ILE A 597 -21.55 -38.25 21.75
CA ILE A 597 -20.37 -38.96 21.25
C ILE A 597 -19.23 -38.99 22.26
N ALA A 598 -19.20 -38.06 23.22
CA ALA A 598 -18.06 -37.86 24.08
C ALA A 598 -17.79 -39.05 25.00
N GLU A 599 -16.51 -39.28 25.26
CA GLU A 599 -16.05 -40.44 26.01
C GLU A 599 -15.50 -39.96 27.34
N GLY A 600 -16.18 -40.27 28.43
CA GLY A 600 -15.70 -39.96 29.74
C GLY A 600 -16.51 -38.97 30.53
N ILE A 601 -17.79 -38.81 30.23
CA ILE A 601 -18.67 -37.98 31.07
C ILE A 601 -18.79 -38.64 32.43
N PRO A 602 -18.66 -37.88 33.53
CA PRO A 602 -18.82 -38.47 34.86
C PRO A 602 -20.23 -39.01 35.06
N GLU A 603 -20.32 -40.13 35.80
CA GLU A 603 -21.52 -40.94 35.78
C GLU A 603 -22.68 -40.28 36.50
N ALA A 604 -22.41 -39.38 37.46
CA ALA A 604 -23.48 -38.66 38.11
C ALA A 604 -24.17 -37.69 37.14
N LEU A 605 -23.38 -37.01 36.33
CA LEU A 605 -23.94 -36.11 35.32
C LEU A 605 -24.65 -36.89 34.24
N THR A 606 -24.14 -38.09 33.91
CA THR A 606 -24.82 -38.96 32.97
C THR A 606 -26.15 -39.43 33.52
N ARG A 607 -26.22 -39.69 34.83
CA ARG A 607 -27.47 -40.12 35.44
C ARG A 607 -28.48 -38.98 35.46
N LYS A 608 -28.02 -37.74 35.66
CA LYS A 608 -28.92 -36.61 35.56
C LYS A 608 -29.43 -36.44 34.12
N LEU A 609 -28.58 -36.70 33.13
CA LEU A 609 -29.00 -36.66 31.74
C LEU A 609 -30.03 -37.73 31.45
N ILE A 610 -29.82 -38.93 31.98
CA ILE A 610 -30.78 -40.04 31.82
C ILE A 610 -32.13 -39.68 32.42
N LYS A 611 -32.11 -39.07 33.60
CA LYS A 611 -33.36 -38.73 34.28
C LYS A 611 -34.12 -37.63 33.56
N LYS A 612 -33.42 -36.59 33.10
CA LYS A 612 -34.12 -35.54 32.37
C LYS A 612 -34.57 -36.01 31.00
N ALA A 613 -33.86 -36.95 30.37
CA ALA A 613 -34.29 -37.48 29.10
C ALA A 613 -35.54 -38.35 29.26
N ASP A 614 -35.59 -39.17 30.31
CA ASP A 614 -36.78 -39.96 30.56
C ASP A 614 -37.95 -39.09 31.00
N GLN A 615 -37.68 -37.92 31.59
CA GLN A 615 -38.74 -36.97 31.86
C GLN A 615 -39.28 -36.38 30.56
N LYS A 616 -38.41 -35.83 29.71
CA LYS A 616 -38.88 -35.11 28.53
C LYS A 616 -39.28 -36.03 27.38
N GLY A 617 -38.92 -37.30 27.42
CA GLY A 617 -39.22 -38.19 26.31
C GLY A 617 -38.21 -38.16 25.20
N VAL A 618 -36.94 -37.91 25.50
CA VAL A 618 -35.87 -37.84 24.52
C VAL A 618 -35.10 -39.15 24.56
N THR A 619 -34.86 -39.74 23.40
CA THR A 619 -34.19 -41.03 23.31
C THR A 619 -32.70 -40.79 23.15
N ILE A 620 -31.99 -40.78 24.28
CA ILE A 620 -30.58 -40.48 24.26
C ILE A 620 -29.67 -41.61 23.84
N ILE A 621 -29.07 -41.46 22.66
CA ILE A 621 -28.11 -42.46 22.20
C ILE A 621 -26.96 -42.23 23.15
N GLY A 622 -26.82 -43.13 24.13
CA GLY A 622 -25.82 -43.00 25.17
C GLY A 622 -24.38 -42.73 24.80
N PRO A 623 -23.67 -42.06 25.72
CA PRO A 623 -22.25 -41.67 25.77
C PRO A 623 -21.20 -42.72 25.33
N ALA A 624 -19.98 -42.24 25.03
CA ALA A 624 -18.91 -43.11 24.55
C ALA A 624 -19.35 -44.00 23.40
N THR A 625 -20.26 -43.53 22.58
CA THR A 625 -20.65 -44.27 21.39
C THR A 625 -19.80 -43.83 20.20
N VAL A 626 -20.02 -44.52 19.08
CA VAL A 626 -19.55 -44.06 17.78
C VAL A 626 -20.79 -43.52 17.08
N GLY A 627 -21.91 -44.16 17.34
CA GLY A 627 -23.19 -43.78 16.80
C GLY A 627 -23.94 -45.00 16.33
N GLY A 628 -25.08 -44.77 15.71
CA GLY A 628 -25.87 -45.87 15.22
C GLY A 628 -26.36 -45.68 13.80
N ILE A 629 -26.08 -46.64 12.93
CA ILE A 629 -26.34 -46.50 11.51
C ILE A 629 -27.65 -47.21 11.14
N LYS A 630 -28.54 -46.48 10.50
CA LYS A 630 -29.72 -47.07 9.89
C LYS A 630 -29.54 -47.00 8.39
N PRO A 631 -29.26 -48.11 7.72
CA PRO A 631 -28.98 -48.06 6.28
C PRO A 631 -30.18 -47.61 5.46
N GLY A 632 -29.93 -46.70 4.53
CA GLY A 632 -30.95 -46.15 3.70
C GLY A 632 -31.58 -44.87 4.22
N CYS A 633 -31.45 -44.59 5.51
CA CYS A 633 -32.13 -43.45 6.11
C CYS A 633 -31.18 -42.45 6.74
N PHE A 634 -30.31 -42.89 7.64
CA PHE A 634 -29.58 -41.95 8.50
C PHE A 634 -28.40 -42.64 9.14
N LYS A 635 -27.33 -41.88 9.36
CA LYS A 635 -26.08 -42.38 9.92
C LYS A 635 -25.52 -41.33 10.85
N ILE A 636 -25.18 -41.73 12.07
CA ILE A 636 -24.84 -40.79 13.13
C ILE A 636 -23.32 -40.64 13.15
N GLY A 637 -22.82 -39.60 12.49
CA GLY A 637 -21.41 -39.28 12.56
C GLY A 637 -20.51 -40.27 11.84
N ASN A 638 -19.70 -41.00 12.61
CA ASN A 638 -18.67 -41.85 12.05
C ASN A 638 -19.01 -43.33 12.15
N THR A 639 -20.27 -43.69 12.37
CA THR A 639 -20.62 -45.09 12.43
C THR A 639 -20.58 -45.68 11.02
N GLY A 640 -19.95 -46.85 10.90
CA GLY A 640 -19.73 -47.41 9.58
C GLY A 640 -18.35 -47.12 9.05
N GLY A 641 -17.84 -45.92 9.31
CA GLY A 641 -16.51 -45.57 8.86
C GLY A 641 -16.50 -44.73 7.60
N MET A 642 -15.50 -44.94 6.74
CA MET A 642 -15.45 -44.24 5.46
C MET A 642 -16.50 -44.79 4.52
N LEU A 643 -16.60 -44.14 3.36
CA LEU A 643 -17.56 -44.54 2.33
C LEU A 643 -17.10 -45.84 1.66
N ASP A 644 -15.87 -46.23 1.93
CA ASP A 644 -15.31 -47.46 1.37
C ASP A 644 -15.74 -48.65 2.22
N ASN A 645 -16.13 -48.35 3.47
CA ASN A 645 -16.58 -49.38 4.39
C ASN A 645 -18.10 -49.52 4.25
N ILE A 646 -18.75 -48.42 3.87
CA ILE A 646 -20.20 -48.44 3.69
C ILE A 646 -20.55 -49.20 2.42
N LEU A 647 -19.76 -49.05 1.37
CA LEU A 647 -20.02 -49.79 0.14
C LEU A 647 -19.54 -51.23 0.23
N ALA A 648 -18.52 -51.50 1.04
CA ALA A 648 -18.04 -52.88 1.19
C ALA A 648 -19.01 -53.69 2.02
N SER A 649 -19.57 -53.09 3.07
CA SER A 649 -20.52 -53.77 3.92
C SER A 649 -21.95 -53.58 3.46
N LYS A 650 -22.14 -52.99 2.26
CA LYS A 650 -23.44 -52.86 1.59
C LYS A 650 -24.48 -52.18 2.47
N LEU A 651 -24.06 -51.15 3.19
CA LEU A 651 -24.91 -50.44 4.13
C LEU A 651 -25.68 -49.31 3.49
N TYR A 652 -25.86 -49.34 2.18
CA TYR A 652 -26.62 -48.30 1.48
C TYR A 652 -28.04 -48.71 1.17
N ARG A 653 -28.42 -49.96 1.46
CA ARG A 653 -29.79 -50.39 1.27
C ARG A 653 -30.20 -51.21 2.48
N PRO A 654 -31.46 -51.12 2.91
CA PRO A 654 -31.84 -51.75 4.17
C PRO A 654 -32.07 -53.24 4.02
N GLY A 655 -31.54 -53.99 4.98
CA GLY A 655 -31.74 -55.42 5.06
C GLY A 655 -32.91 -55.76 5.96
N SER A 656 -32.73 -56.81 6.77
CA SER A 656 -33.77 -57.23 7.69
C SER A 656 -33.23 -57.60 9.06
N VAL A 657 -31.98 -57.30 9.36
CA VAL A 657 -31.32 -57.75 10.58
C VAL A 657 -30.95 -56.53 11.40
N ALA A 658 -31.49 -56.42 12.61
CA ALA A 658 -31.01 -55.38 13.50
C ALA A 658 -29.89 -55.92 14.35
N TYR A 659 -29.10 -55.02 14.91
CA TYR A 659 -28.13 -55.44 15.92
C TYR A 659 -27.92 -54.32 16.91
N VAL A 660 -27.69 -54.70 18.16
CA VAL A 660 -27.32 -53.78 19.22
C VAL A 660 -26.02 -54.27 19.82
N SER A 661 -25.04 -53.37 19.96
CA SER A 661 -23.77 -53.70 20.56
C SER A 661 -23.47 -52.70 21.66
N ARG A 662 -22.30 -52.82 22.26
CA ARG A 662 -21.83 -51.85 23.24
C ARG A 662 -20.59 -51.09 22.78
N SER A 663 -19.56 -51.80 22.36
CA SER A 663 -18.36 -51.14 21.88
C SER A 663 -18.60 -50.57 20.48
N GLY A 664 -17.70 -49.68 20.07
CA GLY A 664 -17.80 -49.10 18.74
C GLY A 664 -16.97 -49.85 17.71
N GLY A 665 -15.90 -50.51 18.18
CA GLY A 665 -15.07 -51.27 17.27
C GLY A 665 -15.73 -52.54 16.77
N MET A 666 -16.66 -53.09 17.55
CA MET A 666 -17.34 -54.31 17.16
C MET A 666 -18.54 -54.08 16.26
N SER A 667 -19.05 -52.84 16.19
CA SER A 667 -20.19 -52.57 15.32
C SER A 667 -19.79 -52.66 13.86
N ASN A 668 -18.55 -52.32 13.52
CA ASN A 668 -18.07 -52.47 12.15
C ASN A 668 -17.91 -53.94 11.77
N GLU A 669 -17.39 -54.74 12.69
CA GLU A 669 -17.28 -56.18 12.44
C GLU A 669 -18.65 -56.83 12.33
N LEU A 670 -19.61 -56.37 13.12
CA LEU A 670 -20.98 -56.88 13.00
C LEU A 670 -21.62 -56.45 11.69
N ASN A 671 -21.32 -55.24 11.21
CA ASN A 671 -21.76 -54.81 9.89
C ASN A 671 -21.21 -55.75 8.82
N ASN A 672 -19.92 -56.08 8.93
CA ASN A 672 -19.28 -56.99 7.97
C ASN A 672 -19.91 -58.37 8.00
N ILE A 673 -20.15 -58.90 9.20
CA ILE A 673 -20.68 -60.26 9.36
C ILE A 673 -22.10 -60.35 8.83
N ILE A 674 -22.96 -59.39 9.22
CA ILE A 674 -24.34 -59.39 8.79
C ILE A 674 -24.45 -59.10 7.30
N SER A 675 -23.49 -58.38 6.71
CA SER A 675 -23.55 -58.20 5.27
C SER A 675 -23.15 -59.47 4.53
N ARG A 676 -22.12 -60.16 5.00
CA ARG A 676 -21.64 -61.30 4.23
C ARG A 676 -22.48 -62.55 4.42
N THR A 677 -23.08 -62.76 5.59
CA THR A 677 -23.83 -63.98 5.80
C THR A 677 -25.31 -63.86 5.45
N THR A 678 -25.96 -62.78 5.87
CA THR A 678 -27.39 -62.60 5.65
C THR A 678 -27.65 -61.38 4.77
N ASP A 679 -28.92 -60.98 4.71
CA ASP A 679 -29.39 -59.97 3.77
C ASP A 679 -28.77 -58.60 4.02
N GLY A 680 -28.48 -58.26 5.27
CA GLY A 680 -27.85 -57.00 5.59
C GLY A 680 -28.52 -56.34 6.78
N VAL A 681 -27.86 -55.29 7.27
CA VAL A 681 -28.31 -54.57 8.45
C VAL A 681 -29.52 -53.72 8.07
N TYR A 682 -30.56 -53.77 8.89
CA TYR A 682 -31.66 -52.83 8.79
C TYR A 682 -31.40 -51.60 9.61
N GLU A 683 -30.85 -51.78 10.81
CA GLU A 683 -30.55 -50.72 11.74
C GLU A 683 -29.61 -51.25 12.81
N GLY A 684 -28.54 -50.53 13.11
CA GLY A 684 -27.64 -50.91 14.16
C GLY A 684 -27.40 -49.74 15.08
N VAL A 685 -27.20 -50.06 16.36
CA VAL A 685 -26.97 -49.05 17.39
C VAL A 685 -25.88 -49.55 18.30
N ALA A 686 -24.81 -48.77 18.47
CA ALA A 686 -23.81 -49.01 19.50
C ALA A 686 -24.13 -48.09 20.67
N ILE A 687 -24.58 -48.67 21.79
CA ILE A 687 -25.07 -47.88 22.91
C ILE A 687 -23.97 -47.29 23.77
N GLY A 688 -22.72 -47.57 23.48
CA GLY A 688 -21.66 -46.92 24.22
C GLY A 688 -21.02 -47.86 25.22
N GLY A 689 -19.74 -47.62 25.48
CA GLY A 689 -18.99 -48.46 26.39
C GLY A 689 -18.91 -47.89 27.79
N ASP A 690 -19.81 -46.97 28.10
CA ASP A 690 -19.83 -46.33 29.41
C ASP A 690 -20.57 -47.20 30.41
N ARG A 691 -20.57 -46.77 31.67
CA ARG A 691 -21.08 -47.61 32.74
C ARG A 691 -22.59 -47.56 32.84
N TYR A 692 -23.19 -46.38 32.64
CA TYR A 692 -24.65 -46.23 32.60
C TYR A 692 -24.99 -45.63 31.24
N PRO A 693 -25.29 -46.46 30.24
CA PRO A 693 -25.66 -45.93 28.93
C PRO A 693 -27.00 -45.23 28.96
N GLY A 694 -27.16 -44.26 28.06
CA GLY A 694 -28.41 -43.52 27.97
C GLY A 694 -29.58 -44.36 27.48
N SER A 695 -29.30 -45.46 26.80
CA SER A 695 -30.34 -46.41 26.45
C SER A 695 -29.72 -47.81 26.44
N THR A 696 -30.27 -48.70 27.25
CA THR A 696 -29.69 -50.03 27.43
C THR A 696 -30.09 -50.94 26.26
N PHE A 697 -29.82 -52.24 26.41
CA PHE A 697 -30.15 -53.20 25.36
C PHE A 697 -31.65 -53.35 25.18
N MET A 698 -32.38 -53.40 26.30
CA MET A 698 -33.82 -53.64 26.22
C MET A 698 -34.54 -52.44 25.63
N ASP A 699 -34.00 -51.24 25.85
CA ASP A 699 -34.56 -50.01 25.29
C ASP A 699 -34.52 -49.99 23.77
N HIS A 700 -33.65 -50.79 23.15
CA HIS A 700 -33.58 -50.90 21.71
C HIS A 700 -34.17 -52.18 21.16
N VAL A 701 -34.08 -53.31 21.87
CA VAL A 701 -34.71 -54.51 21.34
C VAL A 701 -36.22 -54.47 21.51
N LEU A 702 -36.75 -53.68 22.44
CA LEU A 702 -38.19 -53.43 22.41
C LEU A 702 -38.56 -52.53 21.25
N ARG A 703 -37.67 -51.62 20.86
CA ARG A 703 -37.94 -50.75 19.73
C ARG A 703 -37.90 -51.53 18.43
N TYR A 704 -37.01 -52.51 18.33
CA TYR A 704 -36.97 -53.36 17.14
C TYR A 704 -38.13 -54.36 17.12
N GLN A 705 -38.53 -54.86 18.29
CA GLN A 705 -39.71 -55.71 18.38
C GLN A 705 -40.97 -54.95 17.95
N ASP A 706 -41.04 -53.67 18.28
CA ASP A 706 -42.14 -52.85 17.79
C ASP A 706 -41.98 -52.46 16.33
N THR A 707 -40.78 -52.58 15.77
CA THR A 707 -40.52 -52.17 14.39
C THR A 707 -40.96 -53.28 13.43
N PRO A 708 -41.80 -52.98 12.44
CA PRO A 708 -42.28 -54.04 11.53
C PRO A 708 -41.23 -54.53 10.55
N GLY A 709 -40.13 -53.80 10.38
CA GLY A 709 -39.17 -54.12 9.34
C GLY A 709 -38.24 -55.27 9.65
N VAL A 710 -37.74 -55.33 10.88
CA VAL A 710 -36.72 -56.31 11.20
C VAL A 710 -37.34 -57.69 11.39
N LYS A 711 -36.55 -58.71 11.12
CA LYS A 711 -36.95 -60.09 11.27
C LYS A 711 -36.04 -60.87 12.19
N MET A 712 -34.86 -60.33 12.54
CA MET A 712 -34.01 -60.95 13.55
C MET A 712 -33.15 -59.88 14.18
N ILE A 713 -32.80 -60.09 15.45
CA ILE A 713 -32.15 -59.10 16.28
C ILE A 713 -30.89 -59.72 16.84
N VAL A 714 -29.74 -59.24 16.42
CA VAL A 714 -28.45 -59.70 16.93
C VAL A 714 -28.02 -58.78 18.06
N VAL A 715 -27.58 -59.35 19.16
CA VAL A 715 -27.15 -58.60 20.32
C VAL A 715 -25.73 -59.04 20.68
N LEU A 716 -24.81 -58.10 20.73
CA LEU A 716 -23.46 -58.37 21.17
C LEU A 716 -23.27 -57.68 22.52
N GLY A 717 -23.35 -58.46 23.59
CA GLY A 717 -23.21 -57.93 24.93
C GLY A 717 -21.82 -58.07 25.49
N GLU A 718 -21.64 -57.48 26.66
CA GLU A 718 -20.33 -57.33 27.28
C GLU A 718 -20.46 -57.78 28.74
N ILE A 719 -19.33 -58.25 29.30
CA ILE A 719 -19.32 -58.86 30.63
C ILE A 719 -19.65 -57.84 31.71
N GLY A 720 -20.59 -58.19 32.58
CA GLY A 720 -20.95 -57.31 33.68
C GLY A 720 -22.25 -56.57 33.44
N GLY A 721 -23.10 -56.52 34.46
CA GLY A 721 -24.38 -55.85 34.33
C GLY A 721 -25.48 -56.79 33.88
N THR A 722 -26.54 -56.90 34.68
CA THR A 722 -27.64 -57.82 34.40
C THR A 722 -28.61 -57.23 33.36
N GLU A 723 -28.09 -57.10 32.15
CA GLU A 723 -28.82 -56.46 31.06
C GLU A 723 -29.51 -57.45 30.14
N GLU A 724 -28.83 -58.54 29.75
CA GLU A 724 -29.43 -59.55 28.89
C GLU A 724 -30.38 -60.46 29.64
N TYR A 725 -30.29 -60.48 30.97
CA TYR A 725 -31.30 -61.16 31.78
C TYR A 725 -32.66 -60.49 31.62
N LYS A 726 -32.68 -59.19 31.35
CA LYS A 726 -33.94 -58.53 31.00
C LYS A 726 -34.45 -59.00 29.65
N ILE A 727 -33.56 -59.37 28.73
CA ILE A 727 -34.02 -59.94 27.47
C ILE A 727 -34.60 -61.33 27.69
N CYS A 728 -34.00 -62.09 28.62
CA CYS A 728 -34.58 -63.39 29.00
C CYS A 728 -35.97 -63.21 29.62
N ARG A 729 -36.12 -62.23 30.50
CA ARG A 729 -37.40 -61.96 31.12
C ARG A 729 -38.40 -61.31 30.16
N GLY A 730 -37.92 -60.77 29.04
CA GLY A 730 -38.84 -60.28 28.02
C GLY A 730 -39.30 -61.36 27.07
N ILE A 731 -38.45 -62.34 26.80
CA ILE A 731 -38.86 -63.43 25.93
C ILE A 731 -39.59 -64.53 26.67
N LYS A 732 -39.49 -64.58 28.01
CA LYS A 732 -40.27 -65.56 28.76
C LYS A 732 -41.75 -65.22 28.73
N GLU A 733 -42.10 -63.96 28.98
CA GLU A 733 -43.49 -63.51 28.87
C GLU A 733 -43.95 -63.28 27.45
N GLY A 734 -43.11 -63.55 26.45
CA GLY A 734 -43.55 -63.45 25.07
C GLY A 734 -43.65 -62.04 24.55
N ARG A 735 -42.92 -61.09 25.11
CA ARG A 735 -42.91 -59.74 24.57
C ARG A 735 -42.08 -59.67 23.31
N LEU A 736 -40.91 -60.31 23.30
CA LEU A 736 -40.05 -60.37 22.13
C LEU A 736 -40.29 -61.69 21.42
N THR A 737 -40.91 -61.63 20.25
CA THR A 737 -41.16 -62.83 19.45
C THR A 737 -40.24 -62.96 18.25
N LYS A 738 -39.52 -61.91 17.90
CA LYS A 738 -38.58 -62.00 16.79
C LYS A 738 -37.32 -62.75 17.25
N PRO A 739 -36.68 -63.49 16.34
CA PRO A 739 -35.50 -64.30 16.71
C PRO A 739 -34.33 -63.46 17.19
N ILE A 740 -33.96 -63.67 18.45
CA ILE A 740 -32.80 -63.03 19.05
C ILE A 740 -31.59 -63.93 18.86
N VAL A 741 -30.52 -63.38 18.33
CA VAL A 741 -29.23 -64.06 18.23
C VAL A 741 -28.27 -63.27 19.09
N CYS A 742 -27.99 -63.74 20.30
CA CYS A 742 -27.14 -62.98 21.18
C CYS A 742 -25.83 -63.70 21.40
N TRP A 743 -24.84 -62.93 21.85
CA TRP A 743 -23.59 -63.47 22.36
C TRP A 743 -22.97 -62.40 23.25
N CYS A 744 -22.40 -62.82 24.37
CA CYS A 744 -21.75 -61.90 25.29
C CYS A 744 -20.26 -62.21 25.29
N ILE A 745 -19.46 -61.24 24.86
CA ILE A 745 -18.02 -61.42 24.74
C ILE A 745 -17.37 -61.31 26.11
N GLY A 746 -16.11 -61.68 26.20
CA GLY A 746 -15.39 -61.54 27.47
C GLY A 746 -15.51 -62.72 28.40
N THR A 747 -15.09 -63.91 27.94
CA THR A 747 -15.04 -65.08 28.81
C THR A 747 -14.03 -64.88 29.94
N CYS A 748 -12.78 -64.59 29.56
CA CYS A 748 -11.71 -64.07 30.44
C CYS A 748 -11.41 -64.99 31.64
N ALA A 749 -11.58 -66.29 31.47
CA ALA A 749 -11.34 -67.27 32.54
C ALA A 749 -9.83 -67.50 32.68
N THR A 750 -9.18 -66.53 33.31
CA THR A 750 -7.74 -66.59 33.53
C THR A 750 -7.39 -66.19 34.97
N GLN A 767 -18.50 -60.66 42.02
CA GLN A 767 -19.78 -61.30 41.76
C GLN A 767 -19.74 -62.12 40.49
N ALA A 768 -20.09 -63.40 40.59
CA ALA A 768 -20.05 -64.32 39.46
C ALA A 768 -21.37 -64.40 38.71
N SER A 769 -22.37 -63.60 39.12
CA SER A 769 -23.63 -63.55 38.40
C SER A 769 -23.56 -62.73 37.12
N GLU A 770 -22.44 -62.05 36.87
CA GLU A 770 -22.33 -61.11 35.77
C GLU A 770 -21.19 -61.45 34.83
N THR A 771 -20.74 -62.70 34.83
CA THR A 771 -19.75 -63.12 33.85
C THR A 771 -20.43 -63.43 32.52
N ALA A 772 -19.60 -63.73 31.51
CA ALA A 772 -20.12 -63.95 30.17
C ALA A 772 -20.84 -65.27 30.04
N VAL A 773 -20.31 -66.33 30.65
CA VAL A 773 -20.90 -67.65 30.48
C VAL A 773 -22.21 -67.76 31.28
N ALA A 774 -22.36 -66.98 32.34
CA ALA A 774 -23.63 -66.94 33.05
C ALA A 774 -24.74 -66.37 32.16
N LYS A 775 -24.44 -65.27 31.47
CA LYS A 775 -25.39 -64.71 30.51
C LYS A 775 -25.61 -65.63 29.33
N ASN A 776 -24.57 -66.34 28.91
CA ASN A 776 -24.67 -67.21 27.73
C ASN A 776 -25.54 -68.42 28.01
N GLN A 777 -25.33 -69.10 29.14
CA GLN A 777 -26.23 -70.18 29.50
C GLN A 777 -27.60 -69.69 29.94
N ALA A 778 -27.73 -68.45 30.43
CA ALA A 778 -29.06 -67.93 30.73
C ALA A 778 -29.85 -67.68 29.46
N LEU A 779 -29.18 -67.25 28.40
CA LEU A 779 -29.86 -67.07 27.12
C LEU A 779 -30.08 -68.40 26.41
N LYS A 780 -29.14 -69.34 26.56
CA LYS A 780 -29.26 -70.63 25.90
C LYS A 780 -30.31 -71.50 26.56
N GLU A 781 -30.54 -71.31 27.85
CA GLU A 781 -31.66 -72.00 28.50
C GLU A 781 -32.98 -71.28 28.27
N ALA A 782 -32.96 -70.10 27.65
CA ALA A 782 -34.16 -69.34 27.37
C ALA A 782 -34.59 -69.40 25.92
N GLY A 783 -33.80 -70.02 25.05
CA GLY A 783 -34.18 -70.16 23.65
C GLY A 783 -33.61 -69.10 22.73
N VAL A 784 -32.57 -68.38 23.15
CA VAL A 784 -31.88 -67.41 22.30
C VAL A 784 -30.68 -68.11 21.67
N PHE A 785 -30.57 -68.04 20.35
CA PHE A 785 -29.56 -68.76 19.60
C PHE A 785 -28.19 -68.18 19.92
N VAL A 786 -27.43 -68.88 20.76
CA VAL A 786 -26.10 -68.48 21.20
C VAL A 786 -25.10 -69.42 20.55
N PRO A 787 -24.06 -68.91 19.89
CA PRO A 787 -23.07 -69.81 19.28
C PRO A 787 -22.12 -70.36 20.33
N ARG A 788 -21.29 -71.30 19.89
CA ARG A 788 -20.29 -71.87 20.80
C ARG A 788 -19.19 -70.86 21.10
N SER A 789 -18.69 -70.20 20.07
CA SER A 789 -17.68 -69.17 20.21
C SER A 789 -17.98 -68.09 19.18
N PHE A 790 -17.02 -67.20 18.95
CA PHE A 790 -17.23 -66.14 17.98
C PHE A 790 -17.16 -66.64 16.54
N ASP A 791 -16.49 -67.77 16.29
CA ASP A 791 -16.30 -68.22 14.92
C ASP A 791 -17.61 -68.72 14.32
N GLU A 792 -18.49 -69.27 15.13
CA GLU A 792 -19.79 -69.74 14.66
C GLU A 792 -20.87 -68.68 14.75
N LEU A 793 -20.51 -67.43 15.02
CA LEU A 793 -21.53 -66.39 15.17
C LEU A 793 -22.18 -66.06 13.83
N GLY A 794 -21.35 -65.79 12.81
CA GLY A 794 -21.88 -65.61 11.47
C GLY A 794 -22.53 -66.85 10.92
N GLU A 795 -22.05 -68.02 11.31
CA GLU A 795 -22.65 -69.27 10.86
C GLU A 795 -24.05 -69.46 11.43
N ILE A 796 -24.25 -69.16 12.71
CA ILE A 796 -25.60 -69.32 13.23
C ILE A 796 -26.51 -68.17 12.83
N ILE A 797 -25.96 -66.97 12.55
CA ILE A 797 -26.77 -65.92 11.94
C ILE A 797 -27.23 -66.36 10.55
N GLN A 798 -26.34 -67.02 9.80
CA GLN A 798 -26.69 -67.54 8.49
C GLN A 798 -27.72 -68.64 8.58
N SER A 799 -27.60 -69.53 9.59
CA SER A 799 -28.57 -70.63 9.72
C SER A 799 -29.94 -70.11 10.13
N VAL A 800 -29.96 -69.13 11.04
CA VAL A 800 -31.23 -68.49 11.42
C VAL A 800 -31.83 -67.77 10.22
N TYR A 801 -30.99 -67.14 9.39
CA TYR A 801 -31.50 -66.46 8.21
C TYR A 801 -32.06 -67.44 7.19
N GLU A 802 -31.42 -68.60 7.04
CA GLU A 802 -31.92 -69.60 6.10
C GLU A 802 -33.20 -70.25 6.60
N ASP A 803 -33.34 -70.43 7.92
CA ASP A 803 -34.61 -70.91 8.45
C ASP A 803 -35.67 -69.83 8.46
N LEU A 804 -35.29 -68.56 8.34
CA LEU A 804 -36.26 -67.47 8.27
C LEU A 804 -36.70 -67.17 6.85
N VAL A 805 -35.89 -67.45 5.83
CA VAL A 805 -36.36 -67.31 4.46
C VAL A 805 -37.10 -68.55 3.97
N ALA A 806 -36.92 -69.69 4.64
CA ALA A 806 -37.66 -70.89 4.28
C ALA A 806 -39.15 -70.72 4.55
N ASN A 807 -39.50 -69.94 5.57
CA ASN A 807 -40.89 -69.57 5.81
C ASN A 807 -41.31 -68.35 4.99
N GLY A 808 -40.38 -67.75 4.26
CA GLY A 808 -40.73 -66.71 3.31
C GLY A 808 -41.08 -65.36 3.90
N VAL A 809 -40.78 -65.13 5.18
CA VAL A 809 -41.06 -63.82 5.76
C VAL A 809 -40.04 -62.78 5.28
N ILE A 810 -38.86 -63.22 4.85
CA ILE A 810 -37.85 -62.34 4.28
C ILE A 810 -37.73 -62.66 2.80
N VAL A 811 -38.13 -61.72 1.96
CA VAL A 811 -37.90 -61.80 0.52
C VAL A 811 -36.74 -60.86 0.19
N PRO A 812 -35.57 -61.38 -0.19
CA PRO A 812 -34.46 -60.49 -0.54
C PRO A 812 -34.75 -59.74 -1.83
N ALA A 813 -34.63 -58.42 -1.78
CA ALA A 813 -35.01 -57.57 -2.89
C ALA A 813 -33.93 -57.58 -3.98
N GLN A 814 -34.24 -56.91 -5.09
CA GLN A 814 -33.33 -56.82 -6.21
C GLN A 814 -32.27 -55.76 -5.89
N GLU A 815 -31.01 -56.16 -5.88
CA GLU A 815 -29.93 -55.24 -5.58
C GLU A 815 -29.74 -54.25 -6.72
N VAL A 816 -29.84 -52.97 -6.41
CA VAL A 816 -29.63 -51.88 -7.36
C VAL A 816 -28.28 -51.26 -6.98
N PRO A 817 -27.46 -50.84 -7.94
CA PRO A 817 -26.20 -50.19 -7.58
C PRO A 817 -26.44 -48.80 -7.03
N PRO A 818 -25.63 -48.37 -6.06
CA PRO A 818 -25.80 -47.04 -5.49
C PRO A 818 -25.25 -45.97 -6.43
N PRO A 819 -25.64 -44.72 -6.24
CA PRO A 819 -24.95 -43.64 -6.95
C PRO A 819 -23.52 -43.54 -6.48
N THR A 820 -22.64 -43.21 -7.41
CA THR A 820 -21.23 -43.13 -7.07
C THR A 820 -20.85 -41.70 -6.72
N VAL A 821 -19.96 -41.56 -5.76
CA VAL A 821 -19.32 -40.28 -5.49
C VAL A 821 -17.93 -40.33 -6.10
N PRO A 822 -17.36 -39.21 -6.50
CA PRO A 822 -15.91 -39.16 -6.70
C PRO A 822 -15.24 -39.27 -5.35
N MET A 823 -13.96 -39.66 -5.36
CA MET A 823 -13.41 -40.07 -4.07
C MET A 823 -13.03 -38.89 -3.18
N ASP A 824 -11.95 -38.18 -3.49
CA ASP A 824 -11.39 -37.04 -2.78
C ASP A 824 -10.13 -36.64 -3.51
N TYR A 825 -9.67 -35.43 -3.28
CA TYR A 825 -8.33 -35.11 -3.73
C TYR A 825 -7.31 -35.38 -2.65
N SER A 826 -7.68 -35.14 -1.39
CA SER A 826 -6.76 -35.40 -0.29
C SER A 826 -6.52 -36.88 -0.07
N TRP A 827 -7.46 -37.73 -0.47
CA TRP A 827 -7.30 -39.18 -0.31
C TRP A 827 -6.67 -39.83 -1.53
N ALA A 828 -7.00 -39.33 -2.73
CA ALA A 828 -6.37 -39.86 -3.94
C ALA A 828 -4.91 -39.45 -4.05
N ARG A 829 -4.51 -38.39 -3.37
CA ARG A 829 -3.10 -38.04 -3.32
C ARG A 829 -2.38 -38.67 -2.14
N GLU A 830 -3.11 -39.05 -1.08
CA GLU A 830 -2.48 -39.69 0.06
C GLU A 830 -2.00 -41.09 -0.29
N LEU A 831 -2.84 -41.87 -0.98
CA LEU A 831 -2.41 -43.14 -1.51
C LEU A 831 -1.81 -43.01 -2.90
N GLY A 832 -1.56 -41.78 -3.34
CA GLY A 832 -0.64 -41.48 -4.41
C GLY A 832 -0.95 -41.98 -5.81
N LEU A 833 -2.21 -41.82 -6.23
CA LEU A 833 -2.61 -42.24 -7.56
C LEU A 833 -3.06 -41.04 -8.39
N ILE A 834 -2.37 -39.92 -8.20
CA ILE A 834 -2.71 -38.69 -8.92
C ILE A 834 -1.56 -37.68 -8.94
N ARG A 835 -1.50 -36.90 -10.01
CA ARG A 835 -0.48 -35.88 -10.19
C ARG A 835 -1.11 -34.50 -10.18
N LYS A 836 -0.48 -33.60 -9.46
CA LYS A 836 -0.92 -32.22 -9.39
C LYS A 836 0.30 -31.33 -9.45
N PRO A 837 0.46 -30.53 -10.50
CA PRO A 837 1.65 -29.67 -10.59
C PRO A 837 1.54 -28.50 -9.62
N ALA A 838 2.59 -28.31 -8.84
CA ALA A 838 2.60 -27.26 -7.84
C ALA A 838 3.21 -26.00 -8.41
N SER A 839 2.69 -24.87 -7.97
CA SER A 839 3.31 -23.58 -8.20
C SER A 839 4.09 -23.18 -6.96
N PHE A 840 4.59 -21.95 -6.91
CA PHE A 840 5.12 -21.30 -5.70
C PHE A 840 6.36 -21.99 -5.15
N MET A 841 7.43 -21.99 -5.94
CA MET A 841 8.54 -22.93 -5.74
C MET A 841 9.35 -22.74 -4.46
N THR A 842 9.39 -21.55 -3.85
CA THR A 842 9.91 -21.25 -2.49
C THR A 842 11.22 -21.89 -1.96
N SER A 843 12.37 -21.57 -2.52
CA SER A 843 13.60 -22.12 -1.94
C SER A 843 14.03 -21.48 -0.63
N ILE A 844 13.15 -21.45 0.37
CA ILE A 844 13.32 -20.73 1.63
C ILE A 844 12.25 -21.22 2.61
N CYS A 845 12.61 -21.41 3.89
CA CYS A 845 11.67 -21.52 5.01
C CYS A 845 10.67 -22.68 4.87
N ASP A 846 11.17 -23.90 5.05
CA ASP A 846 10.30 -25.06 5.17
C ASP A 846 9.52 -24.95 6.47
N GLU A 847 8.25 -24.59 6.38
CA GLU A 847 7.47 -24.29 7.58
C GLU A 847 6.90 -25.51 8.25
N ARG A 848 6.81 -26.65 7.58
CA ARG A 848 6.07 -27.78 8.12
C ARG A 848 7.04 -28.90 8.44
N GLY A 849 6.66 -29.72 9.40
CA GLY A 849 7.58 -30.65 10.02
C GLY A 849 7.80 -30.33 11.48
N GLN A 850 8.94 -30.76 11.98
CA GLN A 850 9.20 -30.65 13.41
C GLN A 850 9.78 -29.30 13.82
N GLU A 851 10.41 -28.58 12.90
CA GLU A 851 11.04 -27.31 13.24
C GLU A 851 10.87 -26.34 12.09
N LEU A 852 10.97 -25.05 12.40
CA LEU A 852 11.11 -24.07 11.34
C LEU A 852 12.49 -24.20 10.74
N ILE A 853 12.60 -25.00 9.68
CA ILE A 853 13.82 -24.97 8.90
C ILE A 853 13.84 -23.66 8.13
N TYR A 854 14.90 -22.89 8.28
CA TYR A 854 15.21 -21.73 7.46
C TYR A 854 15.80 -22.21 6.14
N ALA A 855 16.71 -21.45 5.53
CA ALA A 855 17.39 -21.84 4.28
C ALA A 855 17.75 -23.33 4.20
N GLY A 856 18.60 -23.80 5.10
CA GLY A 856 18.71 -25.23 5.28
C GLY A 856 18.92 -25.53 6.74
N MET A 857 18.97 -24.47 7.52
CA MET A 857 19.41 -24.52 8.89
C MET A 857 18.20 -24.41 9.80
N PRO A 858 17.96 -25.36 10.71
CA PRO A 858 16.77 -25.29 11.56
C PRO A 858 16.88 -24.15 12.57
N ILE A 859 15.76 -23.87 13.23
CA ILE A 859 15.69 -22.68 14.06
C ILE A 859 16.52 -22.84 15.34
N THR A 860 16.66 -24.07 15.84
CA THR A 860 17.51 -24.29 17.00
C THR A 860 18.97 -24.20 16.64
N GLU A 861 19.34 -24.57 15.40
CA GLU A 861 20.70 -24.34 14.95
C GLU A 861 20.95 -22.86 14.68
N VAL A 862 19.90 -22.10 14.38
CA VAL A 862 20.06 -20.65 14.24
C VAL A 862 20.38 -20.03 15.59
N PHE A 863 19.62 -20.39 16.62
CA PHE A 863 19.89 -19.81 17.92
C PHE A 863 21.04 -20.46 18.66
N LYS A 864 21.56 -21.59 18.17
CA LYS A 864 22.71 -22.22 18.79
C LYS A 864 24.04 -21.66 18.29
N GLU A 865 24.09 -21.23 17.03
CA GLU A 865 25.29 -20.62 16.48
C GLU A 865 25.40 -19.14 16.78
N GLU A 866 24.40 -18.57 17.48
CA GLU A 866 24.38 -17.18 17.95
C GLU A 866 24.49 -16.18 16.80
N MET A 867 23.94 -16.54 15.64
CA MET A 867 23.85 -15.57 14.55
C MET A 867 22.70 -14.64 14.82
N GLY A 868 22.93 -13.34 14.66
CA GLY A 868 21.94 -12.35 14.99
C GLY A 868 20.88 -12.21 13.92
N ILE A 869 20.41 -11.00 13.65
CA ILE A 869 19.52 -10.87 12.50
C ILE A 869 20.31 -10.82 11.20
N GLY A 870 21.63 -10.60 11.25
CA GLY A 870 22.42 -10.69 10.04
C GLY A 870 22.52 -12.10 9.55
N GLY A 871 22.57 -13.07 10.46
CA GLY A 871 22.59 -14.45 10.06
C GLY A 871 21.29 -14.91 9.45
N VAL A 872 20.16 -14.46 10.00
CA VAL A 872 18.89 -14.85 9.40
C VAL A 872 18.58 -14.02 8.16
N LEU A 873 19.18 -12.85 7.98
CA LEU A 873 19.10 -12.20 6.68
C LEU A 873 19.92 -12.93 5.64
N GLY A 874 21.08 -13.45 6.03
CA GLY A 874 21.84 -14.29 5.12
C GLY A 874 21.14 -15.59 4.78
N LEU A 875 20.37 -16.12 5.73
CA LEU A 875 19.67 -17.37 5.47
C LEU A 875 18.40 -17.14 4.66
N LEU A 876 17.61 -16.14 5.00
CA LEU A 876 16.38 -15.95 4.27
C LEU A 876 16.63 -15.33 2.91
N TRP A 877 17.46 -14.29 2.85
CA TRP A 877 17.56 -13.55 1.61
C TRP A 877 18.49 -14.23 0.62
N PHE A 878 19.62 -14.74 1.09
CA PHE A 878 20.66 -15.28 0.23
C PHE A 878 20.78 -16.79 0.28
N GLN A 879 20.15 -17.45 1.26
CA GLN A 879 20.22 -18.89 1.51
C GLN A 879 21.65 -19.39 1.74
N LYS A 880 22.46 -18.56 2.38
CA LYS A 880 23.85 -18.90 2.65
C LYS A 880 24.21 -18.50 4.06
N ARG A 881 24.87 -19.38 4.79
CA ARG A 881 25.38 -19.02 6.09
C ARG A 881 26.58 -18.12 5.90
N LEU A 882 26.37 -16.83 6.03
CA LEU A 882 27.43 -15.86 5.85
C LEU A 882 28.44 -15.93 7.01
N PRO A 883 29.70 -15.58 6.77
CA PRO A 883 30.66 -15.55 7.87
C PRO A 883 30.34 -14.44 8.85
N LYS A 884 30.87 -14.59 10.06
CA LYS A 884 30.44 -13.77 11.19
C LYS A 884 30.89 -12.33 11.10
N TYR A 885 31.79 -11.97 10.18
CA TYR A 885 32.07 -10.56 9.97
C TYR A 885 31.08 -9.89 9.03
N SER A 886 30.32 -10.68 8.28
CA SER A 886 29.35 -10.15 7.34
C SER A 886 27.97 -10.00 7.92
N CYS A 887 27.58 -10.88 8.86
CA CYS A 887 26.32 -10.70 9.56
C CYS A 887 26.36 -9.45 10.42
N GLN A 888 27.50 -9.16 11.04
CA GLN A 888 27.63 -7.95 11.83
C GLN A 888 27.66 -6.72 10.95
N PHE A 889 28.15 -6.84 9.72
CA PHE A 889 28.08 -5.69 8.82
C PHE A 889 26.67 -5.48 8.29
N ILE A 890 25.90 -6.55 8.13
CA ILE A 890 24.49 -6.40 7.77
C ILE A 890 23.72 -5.71 8.89
N GLU A 891 24.01 -6.06 10.14
CA GLU A 891 23.37 -5.36 11.25
C GLU A 891 23.85 -3.92 11.38
N MET A 892 25.11 -3.64 11.04
CA MET A 892 25.59 -2.26 11.03
C MET A 892 24.88 -1.44 9.97
N CYS A 893 24.72 -1.97 8.77
CA CYS A 893 24.07 -1.22 7.72
C CYS A 893 22.55 -1.22 7.84
N LEU A 894 21.98 -2.02 8.74
CA LEU A 894 20.60 -1.82 9.15
C LEU A 894 20.46 -0.89 10.33
N MET A 895 21.55 -0.62 11.04
CA MET A 895 21.51 0.39 12.10
C MET A 895 21.78 1.80 11.60
N VAL A 896 22.53 1.97 10.50
CA VAL A 896 22.72 3.32 10.01
C VAL A 896 21.59 3.75 9.09
N THR A 897 20.97 2.81 8.36
CA THR A 897 19.84 3.14 7.49
C THR A 897 18.52 3.03 8.20
N ALA A 898 18.50 3.24 9.52
CA ALA A 898 17.28 3.47 10.28
C ALA A 898 16.88 4.92 10.10
N ASP A 899 16.10 5.47 11.04
CA ASP A 899 15.55 6.81 10.92
C ASP A 899 16.61 7.87 10.63
N HIS A 900 16.28 8.79 9.74
CA HIS A 900 17.09 9.94 9.39
C HIS A 900 16.23 11.20 9.44
N GLY A 901 15.53 11.38 10.54
CA GLY A 901 14.72 12.56 10.71
C GLY A 901 13.39 12.42 10.02
N PRO A 902 12.43 13.24 10.46
CA PRO A 902 11.09 13.23 9.86
C PRO A 902 10.91 14.19 8.70
N ALA A 903 11.95 14.87 8.28
CA ALA A 903 11.81 15.79 7.16
C ALA A 903 11.69 15.02 5.85
N VAL A 904 12.41 13.89 5.73
CA VAL A 904 12.50 13.12 4.49
C VAL A 904 11.12 12.63 4.07
N SER A 905 11.01 12.31 2.78
CA SER A 905 9.70 12.23 2.14
C SER A 905 8.89 11.03 2.62
N GLY A 906 9.56 9.90 2.87
CA GLY A 906 8.83 8.74 3.33
C GLY A 906 8.40 8.84 4.78
N ALA A 907 9.26 9.35 5.65
CA ALA A 907 8.89 9.54 7.05
C ALA A 907 7.81 10.60 7.18
N HIS A 908 7.81 11.55 6.26
CA HIS A 908 6.73 12.52 6.17
C HIS A 908 5.41 11.85 5.84
N ASN A 909 5.40 10.92 4.88
CA ASN A 909 4.16 10.22 4.56
C ASN A 909 3.68 9.33 5.70
N THR A 910 4.62 8.72 6.43
CA THR A 910 4.24 7.92 7.59
C THR A 910 3.60 8.77 8.68
N ILE A 911 4.16 9.96 8.94
CA ILE A 911 3.59 10.86 9.93
C ILE A 911 2.22 11.36 9.49
N ILE A 912 2.08 11.72 8.21
CA ILE A 912 0.80 12.20 7.69
C ILE A 912 -0.27 11.11 7.78
N CYS A 913 0.13 9.87 7.55
CA CYS A 913 -0.82 8.77 7.64
C CYS A 913 -1.09 8.32 9.06
N ALA A 914 -0.17 8.60 9.99
CA ALA A 914 -0.38 8.28 11.40
C ALA A 914 -1.24 9.30 12.09
N ARG A 915 -1.15 10.56 11.66
CA ARG A 915 -1.97 11.62 12.20
C ARG A 915 -3.38 11.59 11.66
N ALA A 916 -3.66 10.82 10.62
CA ALA A 916 -5.03 10.50 10.27
C ALA A 916 -5.55 9.32 11.07
N GLY A 917 -4.75 8.77 11.97
CA GLY A 917 -5.17 7.73 12.89
C GLY A 917 -5.44 6.42 12.21
N LYS A 918 -4.53 5.97 11.36
CA LYS A 918 -4.87 4.83 10.53
C LYS A 918 -4.65 3.48 11.19
N ASP A 919 -3.39 3.07 11.34
CA ASP A 919 -2.94 1.70 11.61
C ASP A 919 -1.44 1.80 11.74
N LEU A 920 -0.82 0.72 12.19
CA LEU A 920 0.64 0.68 12.04
C LEU A 920 1.00 0.28 10.63
N VAL A 921 0.25 -0.65 10.07
CA VAL A 921 0.58 -1.21 8.78
C VAL A 921 0.27 -0.23 7.68
N SER A 922 -0.85 0.48 7.77
CA SER A 922 -1.18 1.48 6.78
C SER A 922 -0.25 2.68 6.85
N SER A 923 0.20 3.07 8.04
CA SER A 923 1.11 4.20 8.16
C SER A 923 2.50 3.86 7.64
N LEU A 924 3.07 2.76 8.14
CA LEU A 924 4.36 2.28 7.66
C LEU A 924 4.33 2.01 6.16
N THR A 925 3.25 1.43 5.67
CA THR A 925 3.09 1.12 4.27
C THR A 925 3.01 2.38 3.42
N SER A 926 2.23 3.37 3.86
CA SER A 926 2.07 4.60 3.13
C SER A 926 3.33 5.42 3.10
N GLY A 927 4.19 5.25 4.08
CA GLY A 927 5.46 5.92 4.02
C GLY A 927 6.52 5.08 3.34
N LEU A 928 6.25 3.79 3.23
CA LEU A 928 7.20 2.86 2.65
C LEU A 928 7.15 2.91 1.14
N LEU A 929 6.00 3.20 0.59
CA LEU A 929 5.84 3.33 -0.86
C LEU A 929 6.50 4.51 -1.44
N THR A 930 7.18 5.36 -0.70
CA THR A 930 7.99 6.42 -1.28
C THR A 930 9.39 5.95 -1.62
N ILE A 931 9.83 4.83 -1.04
CA ILE A 931 11.20 4.37 -1.21
C ILE A 931 11.31 3.79 -2.62
N GLY A 932 11.78 4.62 -3.54
CA GLY A 932 11.78 4.28 -4.93
C GLY A 932 13.11 4.56 -5.59
N ASP A 933 13.09 5.46 -6.56
CA ASP A 933 14.29 5.90 -7.23
C ASP A 933 14.87 7.17 -6.62
N ARG A 934 14.03 8.12 -6.20
CA ARG A 934 14.53 9.40 -5.76
C ARG A 934 14.77 9.45 -4.26
N PHE A 935 13.92 8.81 -3.46
CA PHE A 935 14.13 8.65 -2.04
C PHE A 935 14.59 7.23 -1.78
N GLY A 936 15.83 7.07 -1.32
CA GLY A 936 16.32 5.77 -0.98
C GLY A 936 16.72 4.91 -2.14
N GLY A 937 16.87 5.48 -3.32
CA GLY A 937 17.27 4.70 -4.47
C GLY A 937 18.72 4.91 -4.81
N ALA A 938 19.51 5.35 -3.83
CA ALA A 938 20.93 5.57 -4.05
C ALA A 938 21.80 4.41 -3.60
N LEU A 939 21.28 3.53 -2.75
CA LEU A 939 21.91 2.25 -2.47
C LEU A 939 22.12 1.45 -3.74
N ASP A 940 21.02 1.17 -4.43
CA ASP A 940 21.07 0.30 -5.58
C ASP A 940 21.73 0.98 -6.76
N ALA A 941 21.49 2.28 -6.95
CA ALA A 941 22.11 2.98 -8.06
C ALA A 941 23.59 3.20 -7.82
N ALA A 942 23.99 3.52 -6.58
CA ALA A 942 25.40 3.69 -6.28
C ALA A 942 26.14 2.37 -6.22
N ALA A 943 25.44 1.26 -6.08
CA ALA A 943 26.09 -0.03 -6.20
C ALA A 943 26.26 -0.42 -7.66
N LYS A 944 25.20 -0.25 -8.45
CA LYS A 944 25.23 -0.62 -9.86
C LYS A 944 26.21 0.24 -10.65
N MET A 945 26.32 1.53 -10.30
CA MET A 945 27.18 2.44 -11.05
C MET A 945 28.65 2.13 -10.83
N PHE A 946 29.06 1.98 -9.57
CA PHE A 946 30.45 1.64 -9.30
C PHE A 946 30.78 0.22 -9.70
N SER A 947 29.80 -0.70 -9.70
CA SER A 947 30.08 -2.04 -10.17
C SER A 947 30.25 -2.08 -11.68
N LYS A 948 29.44 -1.31 -12.42
CA LYS A 948 29.60 -1.26 -13.87
C LYS A 948 30.86 -0.50 -14.26
N ALA A 949 31.30 0.43 -13.43
CA ALA A 949 32.57 1.10 -13.72
C ALA A 949 33.76 0.22 -13.40
N PHE A 950 33.69 -0.57 -12.34
CA PHE A 950 34.83 -1.38 -11.97
C PHE A 950 34.95 -2.62 -12.84
N ASP A 951 33.83 -3.23 -13.21
CA ASP A 951 33.87 -4.47 -13.95
C ASP A 951 34.23 -4.28 -15.43
N SER A 952 34.18 -3.03 -15.87
CA SER A 952 34.55 -2.67 -17.23
C SER A 952 36.04 -2.36 -17.18
N GLY A 953 36.45 -1.71 -16.10
CA GLY A 953 37.84 -1.38 -15.86
C GLY A 953 38.35 -0.02 -16.30
N ILE A 954 37.91 1.05 -15.66
CA ILE A 954 38.42 2.35 -16.03
C ILE A 954 39.20 2.84 -14.82
N ILE A 955 40.17 3.73 -15.04
CA ILE A 955 40.76 4.45 -13.92
C ILE A 955 39.70 5.40 -13.39
N PRO A 956 39.71 5.74 -12.10
CA PRO A 956 38.70 6.67 -11.57
C PRO A 956 38.79 8.07 -12.15
N MET A 957 39.99 8.51 -12.54
CA MET A 957 40.17 9.83 -13.14
C MET A 957 39.49 9.95 -14.49
N GLU A 958 39.24 8.83 -15.17
CA GLU A 958 38.47 8.85 -16.40
C GLU A 958 37.03 8.45 -16.19
N PHE A 959 36.71 7.76 -15.09
CA PHE A 959 35.32 7.49 -14.76
C PHE A 959 34.60 8.77 -14.36
N VAL A 960 35.27 9.65 -13.61
CA VAL A 960 34.69 10.94 -13.26
C VAL A 960 34.44 11.78 -14.51
N ASN A 961 35.41 11.80 -15.42
CA ASN A 961 35.25 12.57 -16.66
C ASN A 961 34.21 11.97 -17.58
N LYS A 962 34.03 10.64 -17.53
CA LYS A 962 32.96 10.02 -18.30
C LYS A 962 31.60 10.38 -17.71
N MET A 963 31.50 10.44 -16.39
CA MET A 963 30.24 10.81 -15.78
C MET A 963 29.92 12.28 -15.97
N LYS A 964 30.94 13.12 -16.15
CA LYS A 964 30.66 14.53 -16.42
C LYS A 964 30.16 14.75 -17.84
N LYS A 965 30.66 13.97 -18.79
CA LYS A 965 30.30 14.17 -20.20
C LYS A 965 28.89 13.71 -20.54
N GLU A 966 28.20 13.03 -19.64
CA GLU A 966 26.93 12.40 -19.97
C GLU A 966 25.77 12.93 -19.15
N GLY A 967 25.94 14.04 -18.47
CA GLY A 967 24.95 14.49 -17.48
C GLY A 967 25.21 13.81 -16.14
N LYS A 968 24.17 13.13 -15.61
CA LYS A 968 24.24 11.98 -14.71
C LYS A 968 25.30 12.02 -13.61
N LEU A 969 25.04 12.84 -12.60
CA LEU A 969 25.81 12.91 -11.36
C LEU A 969 26.10 11.54 -10.79
N ILE A 970 27.28 11.41 -10.16
CA ILE A 970 27.69 10.15 -9.54
C ILE A 970 26.80 9.87 -8.34
N MET A 971 26.03 8.79 -8.41
CA MET A 971 25.16 8.42 -7.30
C MET A 971 26.00 7.93 -6.14
N GLY A 972 25.68 8.38 -4.95
CA GLY A 972 26.42 7.98 -3.78
C GLY A 972 27.60 8.85 -3.43
N ILE A 973 27.77 9.98 -4.11
CA ILE A 973 28.81 10.94 -3.79
C ILE A 973 28.16 12.31 -3.74
N GLY A 974 28.22 12.96 -2.58
CA GLY A 974 27.71 14.30 -2.44
C GLY A 974 26.85 14.51 -1.23
N HIS A 975 27.27 15.43 -0.37
CA HIS A 975 26.60 15.73 0.88
C HIS A 975 26.34 17.21 0.94
N ARG A 976 25.40 17.67 1.77
CA ARG A 976 25.07 19.09 1.85
C ARG A 976 25.84 19.94 2.88
N VAL A 977 26.38 19.33 3.93
CA VAL A 977 27.08 20.12 4.94
C VAL A 977 28.47 19.55 5.27
N LYS A 978 28.56 18.24 5.51
CA LYS A 978 29.76 17.66 6.10
C LYS A 978 30.72 17.30 4.98
N SER A 979 31.86 17.99 4.94
CA SER A 979 32.66 18.08 3.71
C SER A 979 34.06 17.46 3.81
N ILE A 980 34.93 17.99 4.66
CA ILE A 980 36.36 17.66 4.68
C ILE A 980 36.87 17.91 6.09
N ASN A 981 37.65 16.95 6.62
CA ASN A 981 37.97 16.67 8.04
C ASN A 981 36.82 17.03 8.96
N ASN A 982 35.63 16.63 8.54
CA ASN A 982 34.31 16.89 9.08
C ASN A 982 33.41 15.85 8.44
N PRO A 983 33.58 14.57 8.76
CA PRO A 983 32.95 13.52 7.96
C PRO A 983 31.51 13.32 8.39
N ASP A 984 30.85 12.36 7.74
CA ASP A 984 29.46 12.05 8.07
C ASP A 984 29.31 11.37 9.41
N MET A 985 30.41 10.81 9.94
CA MET A 985 30.56 10.16 11.24
C MET A 985 29.78 8.86 11.36
N ARG A 986 29.01 8.47 10.34
CA ARG A 986 28.47 7.13 10.23
C ARG A 986 28.85 6.51 8.90
N VAL A 987 29.52 7.25 8.03
CA VAL A 987 30.31 6.62 6.98
C VAL A 987 31.69 6.28 7.53
N GLN A 988 32.09 6.93 8.63
CA GLN A 988 33.35 6.59 9.28
C GLN A 988 33.28 5.23 9.95
N ILE A 989 32.16 4.94 10.62
CA ILE A 989 32.03 3.68 11.36
C ILE A 989 32.00 2.50 10.40
N LEU A 990 31.24 2.62 9.32
CA LEU A 990 31.20 1.56 8.33
C LEU A 990 32.51 1.46 7.57
N LYS A 991 33.20 2.58 7.33
CA LYS A 991 34.47 2.51 6.63
C LYS A 991 35.53 1.84 7.49
N ASP A 992 35.53 2.09 8.79
CA ASP A 992 36.49 1.40 9.65
C ASP A 992 36.14 -0.07 9.83
N TYR A 993 34.85 -0.41 9.90
CA TYR A 993 34.50 -1.82 10.00
C TYR A 993 34.85 -2.57 8.74
N VAL A 994 34.69 -1.94 7.58
CA VAL A 994 35.05 -2.59 6.33
C VAL A 994 36.57 -2.71 6.21
N ARG A 995 37.29 -1.66 6.59
CA ARG A 995 38.75 -1.70 6.52
C ARG A 995 39.36 -2.67 7.51
N GLN A 996 38.69 -2.97 8.61
CA GLN A 996 39.27 -3.90 9.57
C GLN A 996 38.87 -5.35 9.30
N HIS A 997 37.56 -5.63 9.24
CA HIS A 997 37.10 -7.01 9.22
C HIS A 997 36.70 -7.51 7.84
N PHE A 998 37.25 -6.97 6.76
CA PHE A 998 37.05 -7.55 5.44
C PHE A 998 38.41 -7.90 4.84
N PRO A 999 38.58 -9.11 4.34
CA PRO A 999 39.68 -9.37 3.41
C PRO A 999 39.26 -8.99 2.01
N ALA A 1000 40.23 -8.48 1.23
CA ALA A 1000 40.09 -8.27 -0.21
C ALA A 1000 38.96 -7.31 -0.58
N THR A 1001 39.16 -6.01 -0.39
CA THR A 1001 38.14 -4.99 -0.59
C THR A 1001 38.41 -4.03 -1.77
N PRO A 1002 38.26 -4.46 -3.04
CA PRO A 1002 38.72 -3.62 -4.15
C PRO A 1002 37.78 -2.48 -4.52
N LEU A 1003 36.48 -2.75 -4.43
CA LEU A 1003 35.50 -1.79 -4.92
C LEU A 1003 35.38 -0.60 -3.99
N LEU A 1004 35.63 -0.80 -2.69
CA LEU A 1004 35.70 0.33 -1.78
C LEU A 1004 36.92 1.20 -2.08
N ASP A 1005 38.03 0.58 -2.48
CA ASP A 1005 39.22 1.35 -2.86
C ASP A 1005 38.96 2.17 -4.12
N TYR A 1006 38.25 1.58 -5.08
CA TYR A 1006 37.88 2.31 -6.29
C TYR A 1006 36.95 3.47 -5.98
N ALA A 1007 35.94 3.24 -5.13
CA ALA A 1007 35.01 4.31 -4.78
C ALA A 1007 35.68 5.38 -3.93
N LEU A 1008 36.68 5.01 -3.13
CA LEU A 1008 37.41 6.04 -2.39
C LEU A 1008 38.39 6.80 -3.26
N GLU A 1009 38.85 6.23 -4.37
CA GLU A 1009 39.61 7.04 -5.32
C GLU A 1009 38.70 8.03 -6.05
N VAL A 1010 37.48 7.61 -6.37
CA VAL A 1010 36.51 8.55 -6.93
C VAL A 1010 36.16 9.64 -5.92
N GLU A 1011 36.12 9.28 -4.62
CA GLU A 1011 35.97 10.29 -3.57
C GLU A 1011 37.17 11.23 -3.53
N LYS A 1012 38.38 10.69 -3.70
CA LYS A 1012 39.59 11.51 -3.69
C LYS A 1012 39.60 12.51 -4.84
N ILE A 1013 39.01 12.16 -5.96
CA ILE A 1013 38.95 13.11 -7.08
C ILE A 1013 37.84 14.13 -6.87
N THR A 1014 36.64 13.68 -6.52
CA THR A 1014 35.52 14.60 -6.40
C THR A 1014 35.60 15.48 -5.17
N THR A 1015 36.41 15.12 -4.16
CA THR A 1015 36.68 16.07 -3.09
C THR A 1015 37.82 17.02 -3.44
N SER A 1016 38.53 16.77 -4.52
CA SER A 1016 39.38 17.82 -5.07
C SER A 1016 38.58 18.77 -5.95
N LYS A 1017 37.48 18.29 -6.53
CA LYS A 1017 36.61 19.18 -7.30
C LYS A 1017 35.88 20.18 -6.40
N LYS A 1018 35.51 19.76 -5.19
CA LYS A 1018 34.81 20.64 -4.26
C LYS A 1018 34.95 20.10 -2.84
N PRO A 1019 35.04 21.00 -1.85
CA PRO A 1019 35.19 20.51 -0.46
C PRO A 1019 34.13 19.51 -0.03
N ASN A 1020 32.93 19.56 -0.61
CA ASN A 1020 31.91 18.54 -0.48
C ASN A 1020 32.26 17.32 -1.32
N LEU A 1021 31.24 16.54 -1.64
CA LEU A 1021 31.32 15.41 -2.56
C LEU A 1021 32.14 14.28 -1.94
N ILE A 1022 31.96 14.12 -0.63
CA ILE A 1022 32.47 12.99 0.13
C ILE A 1022 31.59 11.79 -0.19
N LEU A 1023 32.03 10.58 0.16
CA LEU A 1023 31.18 9.41 0.01
C LEU A 1023 29.98 9.48 0.93
N ASN A 1024 28.82 9.17 0.40
CA ASN A 1024 27.63 9.13 1.21
C ASN A 1024 27.63 7.91 2.11
N VAL A 1025 26.63 7.85 2.97
CA VAL A 1025 26.29 6.58 3.59
C VAL A 1025 25.58 5.71 2.57
N ASP A 1026 24.76 6.31 1.73
CA ASP A 1026 24.02 5.60 0.69
C ASP A 1026 24.91 5.07 -0.41
N GLY A 1027 26.15 5.53 -0.51
CA GLY A 1027 27.04 5.05 -1.53
C GLY A 1027 28.03 4.07 -0.96
N LEU A 1028 28.45 4.31 0.28
CA LEU A 1028 29.40 3.40 0.88
C LEU A 1028 28.74 2.10 1.32
N ILE A 1029 27.46 2.12 1.70
CA ILE A 1029 26.80 0.84 1.96
C ILE A 1029 26.61 0.07 0.65
N GLY A 1030 26.37 0.77 -0.45
CA GLY A 1030 26.25 0.10 -1.73
C GLY A 1030 27.54 -0.55 -2.18
N VAL A 1031 28.65 0.20 -2.14
CA VAL A 1031 29.90 -0.38 -2.63
C VAL A 1031 30.46 -1.40 -1.63
N ALA A 1032 30.25 -1.20 -0.33
CA ALA A 1032 30.72 -2.19 0.63
C ALA A 1032 29.85 -3.42 0.65
N PHE A 1033 28.59 -3.33 0.25
CA PHE A 1033 27.73 -4.49 0.18
C PHE A 1033 28.02 -5.32 -1.06
N VAL A 1034 28.29 -4.68 -2.21
CA VAL A 1034 28.73 -5.42 -3.38
C VAL A 1034 30.09 -6.05 -3.13
N ASP A 1035 30.97 -5.30 -2.45
CA ASP A 1035 32.27 -5.81 -2.03
C ASP A 1035 32.14 -7.00 -1.09
N MET A 1036 31.17 -6.96 -0.18
CA MET A 1036 30.99 -8.04 0.76
C MET A 1036 30.37 -9.26 0.10
N LEU A 1037 29.54 -9.07 -0.92
CA LEU A 1037 29.02 -10.22 -1.65
C LEU A 1037 30.10 -10.88 -2.49
N ARG A 1038 30.74 -10.12 -3.36
CA ARG A 1038 31.68 -10.74 -4.28
C ARG A 1038 33.06 -10.96 -3.70
N ASN A 1039 33.31 -10.55 -2.46
CA ASN A 1039 34.62 -10.73 -1.84
C ASN A 1039 34.65 -11.88 -0.85
N CYS A 1040 33.61 -12.07 -0.05
CA CYS A 1040 33.60 -13.14 0.95
C CYS A 1040 33.28 -14.46 0.27
N GLY A 1041 33.12 -15.51 1.07
CA GLY A 1041 32.85 -16.82 0.52
C GLY A 1041 31.42 -17.00 0.08
N SER A 1042 31.16 -18.18 -0.48
CA SER A 1042 29.85 -18.75 -0.81
C SER A 1042 29.10 -18.03 -1.93
N PHE A 1043 29.61 -16.90 -2.42
CA PHE A 1043 29.00 -16.20 -3.54
C PHE A 1043 29.99 -16.20 -4.69
N THR A 1044 29.54 -16.65 -5.88
CA THR A 1044 30.58 -16.86 -6.87
C THR A 1044 30.96 -15.60 -7.64
N ARG A 1045 30.24 -15.30 -8.71
CA ARG A 1045 30.33 -13.98 -9.35
C ARG A 1045 29.01 -13.70 -10.04
N GLU A 1046 28.26 -14.76 -10.30
CA GLU A 1046 26.99 -14.66 -10.98
C GLU A 1046 25.82 -14.69 -10.01
N GLU A 1047 26.08 -15.01 -8.76
CA GLU A 1047 25.12 -14.76 -7.69
C GLU A 1047 25.30 -13.37 -7.12
N ALA A 1048 26.55 -12.97 -6.84
CA ALA A 1048 26.83 -11.65 -6.31
C ALA A 1048 26.56 -10.53 -7.31
N ASP A 1049 26.38 -10.84 -8.58
CA ASP A 1049 25.87 -9.88 -9.54
C ASP A 1049 24.41 -10.11 -9.86
N GLU A 1050 23.81 -11.20 -9.36
CA GLU A 1050 22.37 -11.38 -9.50
C GLU A 1050 21.63 -10.62 -8.42
N TYR A 1051 22.07 -10.75 -7.17
CA TYR A 1051 21.40 -10.10 -6.04
C TYR A 1051 21.53 -8.58 -6.06
N ILE A 1052 22.37 -8.02 -6.92
CA ILE A 1052 22.37 -6.58 -7.10
C ILE A 1052 21.35 -6.16 -8.16
N ASP A 1053 21.16 -6.98 -9.19
CA ASP A 1053 20.12 -6.70 -10.18
C ASP A 1053 18.74 -6.93 -9.60
N ILE A 1054 18.59 -7.96 -8.78
CA ILE A 1054 17.30 -8.30 -8.18
C ILE A 1054 16.90 -7.23 -7.17
N GLY A 1055 17.86 -6.69 -6.45
CA GLY A 1055 17.53 -5.63 -5.53
C GLY A 1055 17.68 -5.96 -4.07
N ALA A 1056 18.72 -6.69 -3.68
CA ALA A 1056 18.94 -6.93 -2.25
C ALA A 1056 19.28 -5.67 -1.49
N LEU A 1057 19.79 -4.64 -2.15
CA LEU A 1057 20.13 -3.40 -1.49
C LEU A 1057 18.93 -2.50 -1.27
N ASN A 1058 17.96 -2.56 -2.17
CA ASN A 1058 16.64 -2.02 -1.86
C ASN A 1058 16.05 -2.70 -0.64
N GLY A 1059 16.29 -4.00 -0.50
CA GLY A 1059 15.84 -4.70 0.69
C GLY A 1059 16.53 -4.23 1.94
N ILE A 1060 17.83 -3.94 1.84
CA ILE A 1060 18.58 -3.44 3.01
C ILE A 1060 18.05 -2.08 3.43
N PHE A 1061 17.78 -1.19 2.46
CA PHE A 1061 17.27 0.12 2.84
C PHE A 1061 15.84 0.05 3.37
N VAL A 1062 14.98 -0.77 2.77
CA VAL A 1062 13.59 -0.80 3.22
C VAL A 1062 13.47 -1.47 4.59
N LEU A 1063 14.23 -2.54 4.81
CA LEU A 1063 14.22 -3.19 6.13
C LEU A 1063 14.89 -2.33 7.19
N GLY A 1064 15.88 -1.53 6.81
CA GLY A 1064 16.46 -0.64 7.79
C GLY A 1064 15.54 0.51 8.15
N ARG A 1065 14.90 1.11 7.15
CA ARG A 1065 14.06 2.27 7.39
C ARG A 1065 12.69 1.90 7.94
N SER A 1066 12.32 0.62 7.95
CA SER A 1066 11.08 0.23 8.61
C SER A 1066 11.11 0.50 10.11
N MET A 1067 12.27 0.40 10.75
CA MET A 1067 12.35 0.72 12.18
C MET A 1067 12.14 2.21 12.40
N GLY A 1068 12.67 3.04 11.51
CA GLY A 1068 12.45 4.47 11.64
C GLY A 1068 11.02 4.87 11.39
N PHE A 1069 10.37 4.23 10.43
CA PHE A 1069 8.99 4.60 10.15
C PHE A 1069 8.03 4.08 11.20
N ILE A 1070 8.28 2.90 11.79
CA ILE A 1070 7.44 2.48 12.90
C ILE A 1070 7.74 3.32 14.14
N GLY A 1071 8.98 3.78 14.30
CA GLY A 1071 9.26 4.69 15.39
C GLY A 1071 8.54 6.02 15.25
N HIS A 1072 8.43 6.52 14.03
CA HIS A 1072 7.65 7.73 13.79
C HIS A 1072 6.17 7.49 13.97
N TYR A 1073 5.66 6.31 13.63
CA TYR A 1073 4.25 6.04 13.87
C TYR A 1073 3.94 6.00 15.35
N LEU A 1074 4.75 5.28 16.13
CA LEU A 1074 4.52 5.20 17.57
C LEU A 1074 4.69 6.54 18.24
N ASP A 1075 5.59 7.37 17.72
CA ASP A 1075 5.81 8.69 18.29
C ASP A 1075 4.64 9.61 18.01
N GLN A 1076 4.21 9.72 16.74
CA GLN A 1076 3.06 10.57 16.44
C GLN A 1076 1.75 10.01 16.97
N LYS A 1077 1.70 8.75 17.36
CA LYS A 1077 0.53 8.20 18.01
C LYS A 1077 0.57 8.40 19.52
N ARG A 1078 1.76 8.59 20.08
CA ARG A 1078 1.92 8.81 21.51
C ARG A 1078 1.84 10.28 21.91
N LEU A 1079 2.13 11.20 20.99
CA LEU A 1079 1.96 12.62 21.26
C LEU A 1079 0.54 13.09 21.09
N LYS A 1080 -0.34 12.23 20.58
CA LYS A 1080 -1.77 12.49 20.38
C LYS A 1080 -2.01 13.73 19.54
N GLN A 1081 -1.52 13.66 18.31
CA GLN A 1081 -1.63 14.77 17.38
C GLN A 1081 -2.70 14.48 16.33
N GLY A 1082 -3.36 15.55 15.88
CA GLY A 1082 -4.53 15.42 15.05
C GLY A 1082 -4.21 15.57 13.57
N LEU A 1083 -5.28 15.58 12.78
CA LEU A 1083 -5.20 15.48 11.34
C LEU A 1083 -4.47 16.65 10.71
N TYR A 1084 -3.61 16.37 9.75
CA TYR A 1084 -2.87 17.41 9.07
C TYR A 1084 -3.71 18.03 7.96
N ARG A 1085 -3.47 19.31 7.70
CA ARG A 1085 -4.31 20.02 6.75
C ARG A 1085 -3.53 20.88 5.77
N HIS A 1086 -2.22 21.12 5.99
CA HIS A 1086 -1.30 21.75 5.05
C HIS A 1086 -1.71 23.11 4.52
N PRO A 1087 -1.36 24.20 5.21
CA PRO A 1087 -1.95 25.52 4.97
C PRO A 1087 -1.90 26.00 3.53
N TRP A 1088 -2.97 26.70 3.13
CA TRP A 1088 -3.18 27.12 1.75
C TRP A 1088 -2.14 28.11 1.26
N ASP A 1089 -1.40 28.75 2.15
CA ASP A 1089 -0.39 29.73 1.76
C ASP A 1089 0.95 29.07 1.44
N ASP A 1090 0.96 27.76 1.28
CA ASP A 1090 2.16 27.01 0.89
C ASP A 1090 1.87 26.16 -0.34
N ILE A 1091 0.92 26.57 -1.17
CA ILE A 1091 0.29 25.68 -2.13
C ILE A 1091 0.32 26.27 -3.55
N SER A 1092 -0.15 27.51 -3.71
CA SER A 1092 -0.04 28.28 -4.96
C SER A 1092 -0.70 27.58 -6.15
N TYR A 1093 -2.04 27.54 -6.11
CA TYR A 1093 -2.83 27.03 -7.23
C TYR A 1093 -2.57 27.83 -8.49
N VAL A 1094 -2.40 27.12 -9.61
CA VAL A 1094 -1.99 27.73 -10.87
C VAL A 1094 -2.94 27.30 -11.99
N LEU A 1095 -4.21 27.07 -11.62
CA LEU A 1095 -5.32 26.59 -12.44
C LEU A 1095 -5.52 27.28 -13.78
N PRO A 1096 -6.09 26.60 -14.78
CA PRO A 1096 -6.39 27.26 -16.06
C PRO A 1096 -7.53 28.27 -16.00
N GLU A 1097 -7.78 28.93 -17.13
CA GLU A 1097 -8.63 30.12 -17.21
C GLU A 1097 -10.11 29.82 -17.02
N HIS A 1098 -10.72 29.10 -17.96
CA HIS A 1098 -12.06 28.54 -17.79
C HIS A 1098 -12.16 27.34 -18.71
N MET A 1099 -11.90 26.15 -18.16
CA MET A 1099 -11.86 24.94 -18.97
C MET A 1099 -13.26 24.40 -19.23
N SER B 2 1.15 -28.41 -51.53
CA SER B 2 -0.17 -28.68 -52.09
C SER B 2 -0.39 -27.90 -53.37
N ALA B 3 -0.13 -28.55 -54.49
CA ALA B 3 -0.31 -27.91 -55.79
C ALA B 3 -1.79 -27.78 -56.11
N LYS B 4 -2.24 -26.55 -56.31
CA LYS B 4 -3.60 -26.30 -56.76
C LYS B 4 -3.54 -25.61 -58.12
N ALA B 5 -4.31 -26.11 -59.07
CA ALA B 5 -4.30 -25.54 -60.42
C ALA B 5 -5.17 -24.29 -60.46
N ILE B 6 -4.61 -23.23 -61.02
CA ILE B 6 -5.30 -21.96 -61.13
C ILE B 6 -5.94 -21.85 -62.50
N SER B 7 -6.85 -20.89 -62.63
CA SER B 7 -7.44 -20.59 -63.92
C SER B 7 -6.40 -19.96 -64.84
N GLU B 8 -6.47 -20.33 -66.13
CA GLU B 8 -5.52 -19.81 -67.12
C GLU B 8 -5.68 -18.32 -67.34
N GLN B 9 -6.87 -17.78 -67.05
CA GLN B 9 -7.05 -16.33 -67.00
C GLN B 9 -6.16 -15.71 -65.92
N THR B 10 -6.13 -16.34 -64.74
CA THR B 10 -5.38 -15.78 -63.62
C THR B 10 -3.88 -15.98 -63.80
N GLY B 11 -3.45 -17.18 -64.18
CA GLY B 11 -2.04 -17.40 -64.47
C GLY B 11 -1.55 -16.61 -65.67
N LYS B 12 -2.45 -16.35 -66.62
CA LYS B 12 -2.09 -15.60 -67.81
C LYS B 12 -1.94 -14.11 -67.49
N GLU B 13 -2.79 -13.58 -66.60
CA GLU B 13 -2.58 -12.20 -66.19
C GLU B 13 -1.39 -12.07 -65.24
N LEU B 14 -1.08 -13.11 -64.47
CA LEU B 14 0.12 -13.05 -63.63
C LEU B 14 1.38 -13.11 -64.48
N LEU B 15 1.35 -13.88 -65.56
CA LEU B 15 2.45 -13.87 -66.53
C LEU B 15 2.56 -12.51 -67.22
N TYR B 16 1.41 -11.87 -67.48
CA TYR B 16 1.44 -10.55 -68.09
C TYR B 16 1.92 -9.48 -67.14
N LYS B 17 1.80 -9.70 -65.83
CA LYS B 17 2.22 -8.68 -64.88
C LYS B 17 3.66 -8.82 -64.40
N PHE B 18 4.15 -10.04 -64.14
CA PHE B 18 5.40 -10.16 -63.40
C PHE B 18 6.54 -10.82 -64.17
N ILE B 19 6.45 -10.92 -65.49
CA ILE B 19 7.60 -11.36 -66.25
C ILE B 19 8.53 -10.17 -66.47
N CYS B 20 9.84 -10.45 -66.54
CA CYS B 20 10.84 -9.42 -66.79
CA CYS B 20 10.85 -9.42 -66.78
C CYS B 20 11.84 -9.98 -67.79
N THR B 21 11.66 -9.64 -69.06
CA THR B 21 12.53 -10.16 -70.12
C THR B 21 12.60 -9.15 -71.25
N THR B 22 13.60 -9.33 -72.11
CA THR B 22 13.82 -8.44 -73.25
C THR B 22 12.81 -8.69 -74.36
N SER B 23 12.34 -9.92 -74.52
CA SER B 23 11.38 -10.23 -75.57
C SER B 23 10.01 -9.70 -75.19
N ALA B 24 9.41 -8.95 -76.09
CA ALA B 24 8.15 -8.25 -75.80
C ALA B 24 6.98 -9.20 -75.96
N ILE B 25 6.25 -9.43 -74.86
CA ILE B 25 5.02 -10.20 -74.92
C ILE B 25 3.95 -9.35 -75.59
N GLN B 26 3.33 -9.87 -76.64
CA GLN B 26 2.22 -9.19 -77.25
C GLN B 26 0.91 -9.59 -76.57
N ASN B 27 -0.18 -8.91 -76.95
CA ASN B 27 -1.53 -9.11 -76.40
C ASN B 27 -1.55 -8.95 -74.88
N ARG B 28 -0.76 -8.01 -74.37
CA ARG B 28 -0.66 -7.79 -72.93
C ARG B 28 -1.96 -7.21 -72.40
N PHE B 29 -2.53 -7.89 -71.39
CA PHE B 29 -3.83 -7.55 -70.77
C PHE B 29 -4.96 -7.52 -71.78
N LYS B 30 -4.87 -8.36 -72.81
CA LYS B 30 -5.91 -8.48 -73.83
C LYS B 30 -6.62 -9.81 -73.61
N TYR B 31 -7.68 -9.76 -72.81
CA TYR B 31 -8.50 -10.94 -72.52
C TYR B 31 -9.84 -10.47 -72.02
N ALA B 32 -10.81 -11.40 -72.05
CA ALA B 32 -12.12 -11.15 -71.48
C ALA B 32 -12.62 -12.46 -70.88
N ARG B 33 -13.41 -12.37 -69.83
CA ARG B 33 -14.05 -13.54 -69.25
C ARG B 33 -15.56 -13.37 -69.34
N VAL B 34 -16.21 -14.18 -70.18
CA VAL B 34 -17.66 -14.15 -70.29
C VAL B 34 -18.22 -15.31 -69.47
N THR B 35 -19.38 -15.06 -68.87
CA THR B 35 -20.01 -15.90 -67.87
C THR B 35 -21.49 -15.57 -67.87
N PRO B 36 -22.35 -16.48 -67.39
CA PRO B 36 -23.80 -16.30 -67.34
C PRO B 36 -24.25 -15.25 -66.32
N ASP B 37 -23.38 -14.89 -65.40
CA ASP B 37 -23.73 -13.90 -64.36
C ASP B 37 -23.47 -12.46 -64.80
N THR B 38 -22.91 -12.29 -65.98
CA THR B 38 -22.61 -10.95 -66.50
C THR B 38 -23.23 -10.76 -67.88
N ASP B 39 -23.35 -9.51 -68.31
CA ASP B 39 -23.93 -9.23 -69.61
C ASP B 39 -22.81 -9.12 -70.65
N TRP B 40 -23.13 -8.62 -71.84
CA TRP B 40 -22.18 -8.46 -72.93
C TRP B 40 -21.79 -7.01 -73.19
N ALA B 41 -22.70 -6.07 -72.92
CA ALA B 41 -22.47 -4.67 -73.28
C ALA B 41 -21.42 -4.01 -72.40
N ARG B 42 -21.31 -4.43 -71.14
CA ARG B 42 -20.33 -3.83 -70.24
C ARG B 42 -18.91 -4.15 -70.66
N LEU B 43 -18.66 -5.36 -71.18
CA LEU B 43 -17.33 -5.73 -71.64
C LEU B 43 -16.92 -4.90 -72.85
N LEU B 44 -17.85 -4.62 -73.75
CA LEU B 44 -17.57 -3.72 -74.86
C LEU B 44 -17.48 -2.27 -74.39
N GLN B 45 -18.06 -1.97 -73.23
CA GLN B 45 -18.09 -0.62 -72.68
C GLN B 45 -16.78 -0.25 -71.99
N ASP B 46 -16.18 -1.19 -71.26
CA ASP B 46 -14.90 -0.91 -70.60
C ASP B 46 -13.69 -1.37 -71.41
N HIS B 47 -13.85 -2.32 -72.33
CA HIS B 47 -12.78 -2.77 -73.22
C HIS B 47 -13.14 -2.38 -74.64
N PRO B 48 -12.78 -1.17 -75.08
CA PRO B 48 -13.12 -0.74 -76.43
C PRO B 48 -12.26 -1.36 -77.51
N TRP B 49 -11.22 -2.12 -77.14
CA TRP B 49 -10.41 -2.83 -78.10
C TRP B 49 -11.03 -4.15 -78.54
N LEU B 50 -12.19 -4.51 -77.98
CA LEU B 50 -12.66 -5.90 -78.07
C LEU B 50 -13.11 -6.27 -79.48
N LEU B 51 -13.90 -5.42 -80.12
CA LEU B 51 -14.46 -5.76 -81.41
C LEU B 51 -13.68 -5.15 -82.57
N SER B 52 -12.42 -4.75 -82.33
CA SER B 52 -11.58 -4.19 -83.37
C SER B 52 -10.79 -5.25 -84.12
N GLN B 53 -10.57 -6.41 -83.52
CA GLN B 53 -9.77 -7.47 -84.11
C GLN B 53 -10.59 -8.76 -84.17
N ASN B 54 -9.92 -9.87 -84.49
CA ASN B 54 -10.54 -11.17 -84.62
C ASN B 54 -10.17 -12.01 -83.39
N LEU B 55 -11.12 -12.83 -82.91
CA LEU B 55 -11.04 -13.37 -81.56
C LEU B 55 -11.10 -14.89 -81.57
N VAL B 56 -10.59 -15.49 -80.49
CA VAL B 56 -10.71 -16.90 -80.19
C VAL B 56 -11.31 -17.06 -78.80
N VAL B 57 -12.31 -17.94 -78.67
CA VAL B 57 -13.02 -18.14 -77.42
C VAL B 57 -12.92 -19.61 -77.03
N LYS B 58 -12.55 -19.87 -75.77
CA LYS B 58 -12.32 -21.24 -75.33
C LYS B 58 -12.71 -21.36 -73.86
N PRO B 59 -13.24 -22.50 -73.43
CA PRO B 59 -13.69 -22.65 -72.05
C PRO B 59 -12.53 -22.74 -71.07
N ASP B 60 -12.57 -21.89 -70.05
CA ASP B 60 -11.58 -21.87 -68.97
C ASP B 60 -12.18 -22.56 -67.74
N GLN B 61 -12.23 -23.88 -67.77
CA GLN B 61 -12.77 -24.66 -66.66
C GLN B 61 -11.87 -25.85 -66.32
N LEU B 62 -10.55 -25.63 -66.44
CA LEU B 62 -9.50 -26.61 -66.08
C LEU B 62 -9.67 -27.91 -66.87
N ILE B 63 -9.71 -27.77 -68.19
CA ILE B 63 -9.93 -28.88 -69.10
C ILE B 63 -8.68 -29.06 -69.95
N LYS B 64 -8.04 -30.21 -69.80
CA LYS B 64 -6.85 -30.54 -70.56
C LYS B 64 -7.24 -31.20 -71.88
N ARG B 65 -6.38 -31.01 -72.90
CA ARG B 65 -6.54 -31.53 -74.26
C ARG B 65 -7.83 -31.01 -74.91
N ARG B 66 -7.84 -29.70 -75.10
CA ARG B 66 -8.89 -29.05 -75.89
C ARG B 66 -8.48 -28.80 -77.33
N GLY B 67 -7.18 -28.67 -77.60
CA GLY B 67 -6.74 -28.50 -78.97
C GLY B 67 -6.83 -29.78 -79.79
N LYS B 68 -6.60 -30.93 -79.13
CA LYS B 68 -6.74 -32.20 -79.82
C LYS B 68 -8.20 -32.61 -79.94
N LEU B 69 -9.00 -32.34 -78.92
CA LEU B 69 -10.42 -32.67 -78.95
C LEU B 69 -11.25 -31.69 -79.78
N GLY B 70 -10.66 -30.58 -80.20
CA GLY B 70 -11.34 -29.64 -81.09
C GLY B 70 -12.49 -28.89 -80.45
N LEU B 71 -12.33 -28.45 -79.21
CA LEU B 71 -13.38 -27.75 -78.49
C LEU B 71 -13.11 -26.25 -78.39
N VAL B 72 -12.18 -25.75 -79.19
CA VAL B 72 -11.80 -24.35 -79.18
C VAL B 72 -12.43 -23.65 -80.38
N GLY B 73 -12.97 -22.46 -80.16
CA GLY B 73 -13.52 -21.68 -81.24
C GLY B 73 -12.56 -20.58 -81.66
N VAL B 74 -11.83 -20.81 -82.73
CA VAL B 74 -10.85 -19.85 -83.23
C VAL B 74 -11.49 -19.02 -84.33
N ASN B 75 -10.92 -17.83 -84.57
CA ASN B 75 -11.26 -16.93 -85.68
C ASN B 75 -12.74 -16.51 -85.63
N LEU B 76 -13.10 -15.80 -84.57
CA LEU B 76 -14.49 -15.43 -84.34
C LEU B 76 -14.62 -13.92 -84.20
N THR B 77 -15.55 -13.36 -84.96
CA THR B 77 -15.94 -11.96 -84.86
C THR B 77 -17.14 -11.92 -83.89
N LEU B 78 -17.90 -10.82 -83.86
CA LEU B 78 -19.04 -10.66 -82.95
C LEU B 78 -20.05 -11.78 -83.08
N ASP B 79 -20.37 -12.18 -84.32
CA ASP B 79 -21.30 -13.29 -84.52
C ASP B 79 -20.69 -14.61 -84.04
N GLY B 80 -19.39 -14.79 -84.24
CA GLY B 80 -18.74 -16.01 -83.77
C GLY B 80 -18.68 -16.08 -82.26
N VAL B 81 -18.27 -14.98 -81.61
CA VAL B 81 -18.20 -14.94 -80.16
C VAL B 81 -19.56 -14.81 -79.49
N LYS B 82 -20.63 -14.56 -80.25
CA LYS B 82 -21.96 -14.53 -79.67
C LYS B 82 -22.73 -15.83 -79.88
N SER B 83 -22.81 -16.31 -81.13
CA SER B 83 -23.49 -17.56 -81.43
C SER B 83 -22.65 -18.79 -81.12
N TRP B 84 -21.38 -18.62 -80.77
CA TRP B 84 -20.60 -19.78 -80.34
C TRP B 84 -20.96 -20.17 -78.91
N LEU B 85 -21.14 -19.19 -78.04
CA LEU B 85 -21.48 -19.47 -76.65
C LEU B 85 -22.93 -19.88 -76.46
N LYS B 86 -23.80 -19.61 -77.44
CA LYS B 86 -25.23 -19.93 -77.27
C LYS B 86 -25.51 -21.43 -77.16
N PRO B 87 -24.83 -22.36 -77.89
CA PRO B 87 -24.92 -23.76 -77.46
C PRO B 87 -23.82 -24.15 -76.47
N ARG B 88 -23.12 -23.16 -75.90
CA ARG B 88 -22.01 -23.54 -75.05
C ARG B 88 -22.00 -22.90 -73.67
N LEU B 89 -22.40 -21.64 -73.55
CA LEU B 89 -22.33 -20.94 -72.26
C LEU B 89 -23.50 -21.36 -71.39
N GLY B 90 -23.23 -22.12 -70.34
CA GLY B 90 -24.24 -22.45 -69.36
C GLY B 90 -24.94 -23.76 -69.56
N GLN B 91 -24.43 -24.65 -70.40
CA GLN B 91 -25.08 -25.92 -70.68
C GLN B 91 -24.29 -27.07 -70.09
N GLU B 92 -24.99 -28.18 -69.88
CA GLU B 92 -24.38 -29.38 -69.33
C GLU B 92 -23.61 -30.13 -70.42
N ALA B 93 -22.38 -30.51 -70.11
CA ALA B 93 -21.52 -31.19 -71.06
C ALA B 93 -20.55 -32.09 -70.32
N THR B 94 -19.79 -32.86 -71.08
CA THR B 94 -18.94 -33.93 -70.55
C THR B 94 -17.55 -33.84 -71.18
N VAL B 95 -16.52 -33.95 -70.35
CA VAL B 95 -15.17 -34.22 -70.83
C VAL B 95 -14.55 -35.30 -69.95
N GLY B 96 -14.00 -36.34 -70.59
CA GLY B 96 -13.52 -37.51 -69.90
C GLY B 96 -14.65 -38.27 -69.23
N LYS B 97 -14.69 -38.19 -67.90
CA LYS B 97 -15.81 -38.67 -67.11
C LYS B 97 -16.69 -37.53 -66.63
N ALA B 98 -16.11 -36.34 -66.46
CA ALA B 98 -16.74 -35.27 -65.69
C ALA B 98 -17.84 -34.59 -66.50
N THR B 99 -19.00 -34.44 -65.87
CA THR B 99 -20.18 -33.83 -66.45
C THR B 99 -20.59 -32.63 -65.60
N GLY B 100 -20.93 -31.52 -66.26
CA GLY B 100 -21.34 -30.33 -65.55
C GLY B 100 -21.53 -29.15 -66.47
N PHE B 101 -21.82 -28.01 -65.84
CA PHE B 101 -22.11 -26.78 -66.55
C PHE B 101 -20.84 -26.14 -67.10
N LEU B 102 -21.04 -25.23 -68.06
CA LEU B 102 -19.97 -24.47 -68.70
C LEU B 102 -20.28 -23.00 -68.50
N LYS B 103 -19.87 -22.45 -67.35
CA LYS B 103 -20.18 -21.08 -66.99
C LYS B 103 -18.96 -20.15 -67.08
N ASN B 104 -17.80 -20.65 -67.51
CA ASN B 104 -16.59 -19.85 -67.57
C ASN B 104 -15.99 -19.95 -68.96
N PHE B 105 -15.89 -18.83 -69.67
CA PHE B 105 -15.28 -18.83 -70.98
C PHE B 105 -14.31 -17.66 -71.11
N LEU B 106 -13.20 -17.89 -71.78
CA LEU B 106 -12.16 -16.91 -71.98
C LEU B 106 -12.11 -16.48 -73.44
N ILE B 107 -11.91 -15.19 -73.66
CA ILE B 107 -11.87 -14.57 -74.97
C ILE B 107 -10.48 -13.94 -75.12
N GLU B 108 -9.76 -14.35 -76.16
CA GLU B 108 -8.40 -13.93 -76.44
C GLU B 108 -8.36 -13.37 -77.86
N PRO B 109 -7.59 -12.32 -78.11
CA PRO B 109 -7.35 -11.90 -79.50
C PRO B 109 -6.63 -12.98 -80.28
N PHE B 110 -7.33 -13.53 -81.27
CA PHE B 110 -6.79 -14.59 -82.11
C PHE B 110 -5.71 -14.04 -83.04
N VAL B 111 -4.59 -14.74 -83.11
CA VAL B 111 -3.50 -14.39 -84.00
C VAL B 111 -3.31 -15.54 -84.99
N PRO B 112 -3.48 -15.31 -86.29
CA PRO B 112 -3.18 -16.36 -87.27
C PRO B 112 -1.69 -16.61 -87.37
N HIS B 113 -1.31 -17.88 -87.42
CA HIS B 113 0.09 -18.26 -87.37
C HIS B 113 0.23 -19.68 -87.92
N SER B 114 1.49 -20.04 -88.21
CA SER B 114 1.81 -21.33 -88.79
C SER B 114 2.19 -22.33 -87.71
N GLN B 115 2.35 -23.58 -88.12
CA GLN B 115 2.70 -24.67 -87.21
C GLN B 115 4.20 -24.80 -86.99
N ALA B 116 5.02 -24.18 -87.83
CA ALA B 116 6.46 -24.15 -87.63
C ALA B 116 6.90 -23.03 -86.69
N GLU B 117 5.94 -22.22 -86.22
CA GLU B 117 6.20 -21.16 -85.26
C GLU B 117 5.76 -21.52 -83.85
N GLU B 118 4.94 -22.56 -83.70
CA GLU B 118 4.48 -22.98 -82.38
C GLU B 118 5.59 -23.72 -81.66
N PHE B 119 5.84 -23.32 -80.41
CA PHE B 119 6.80 -23.98 -79.55
C PHE B 119 6.07 -24.46 -78.30
N TYR B 120 6.74 -25.34 -77.55
CA TYR B 120 6.18 -25.90 -76.33
C TYR B 120 7.20 -25.78 -75.23
N VAL B 121 6.85 -25.10 -74.14
CA VAL B 121 7.74 -24.96 -73.01
C VAL B 121 6.99 -25.43 -71.76
N CYS B 122 7.73 -26.01 -70.81
CA CYS B 122 7.14 -26.53 -69.60
C CYS B 122 8.17 -26.51 -68.48
N ILE B 123 7.71 -26.23 -67.27
CA ILE B 123 8.53 -26.36 -66.06
C ILE B 123 7.72 -27.13 -65.05
N TYR B 124 8.22 -28.29 -64.63
CA TYR B 124 7.58 -29.05 -63.58
C TYR B 124 8.57 -29.33 -62.46
N ALA B 125 8.06 -29.34 -61.23
CA ALA B 125 8.89 -29.58 -60.06
C ALA B 125 9.04 -31.06 -59.79
N THR B 126 10.27 -31.46 -59.48
CA THR B 126 10.56 -32.78 -58.96
C THR B 126 11.21 -32.64 -57.59
N ARG B 127 11.46 -33.78 -56.95
CA ARG B 127 12.10 -33.77 -55.64
C ARG B 127 13.55 -33.33 -55.71
N GLU B 128 14.23 -33.62 -56.82
CA GLU B 128 15.64 -33.34 -56.97
C GLU B 128 15.92 -32.06 -57.75
N GLY B 129 14.91 -31.29 -58.07
CA GLY B 129 15.11 -30.02 -58.75
C GLY B 129 13.92 -29.67 -59.61
N ASP B 130 14.14 -28.72 -60.51
CA ASP B 130 13.12 -28.26 -61.44
C ASP B 130 13.49 -28.69 -62.85
N TYR B 131 12.55 -29.30 -63.56
CA TYR B 131 12.77 -29.73 -64.92
C TYR B 131 12.12 -28.72 -65.86
N VAL B 132 12.92 -28.15 -66.75
CA VAL B 132 12.40 -27.37 -67.88
C VAL B 132 12.49 -28.22 -69.13
N LEU B 133 11.40 -28.26 -69.88
CA LEU B 133 11.19 -29.22 -70.96
C LEU B 133 10.65 -28.46 -72.16
N PHE B 134 11.39 -28.47 -73.26
CA PHE B 134 11.11 -27.64 -74.42
C PHE B 134 11.12 -28.47 -75.69
N HIS B 135 10.00 -28.45 -76.41
CA HIS B 135 9.90 -29.05 -77.73
C HIS B 135 9.71 -27.97 -78.77
N HIS B 136 10.47 -28.07 -79.86
CA HIS B 136 10.39 -27.09 -80.94
C HIS B 136 9.07 -27.16 -81.70
N GLU B 137 8.40 -28.31 -81.68
CA GLU B 137 7.18 -28.54 -82.44
C GLU B 137 5.99 -28.39 -81.49
N GLY B 138 5.48 -27.15 -81.38
CA GLY B 138 4.36 -26.87 -80.51
C GLY B 138 3.03 -27.29 -81.11
N GLY B 139 1.97 -27.06 -80.32
CA GLY B 139 0.65 -27.44 -80.76
C GLY B 139 0.32 -28.88 -80.41
N VAL B 140 -0.59 -29.46 -81.19
CA VAL B 140 -1.04 -30.84 -80.96
C VAL B 140 -0.29 -31.87 -81.79
N ASP B 141 0.59 -31.45 -82.68
CA ASP B 141 1.40 -32.36 -83.49
C ASP B 141 2.71 -32.65 -82.75
N VAL B 142 2.60 -33.49 -81.72
CA VAL B 142 3.76 -33.74 -80.86
C VAL B 142 4.76 -34.69 -81.52
N GLY B 143 4.30 -35.69 -82.25
CA GLY B 143 5.19 -36.70 -82.79
C GLY B 143 5.74 -37.60 -81.70
N ASP B 144 7.05 -37.55 -81.48
CA ASP B 144 7.65 -38.14 -80.30
C ASP B 144 7.69 -37.12 -79.16
N VAL B 145 7.40 -37.58 -77.95
CA VAL B 145 7.09 -36.66 -76.86
C VAL B 145 8.33 -36.31 -76.06
N ASP B 146 8.96 -37.30 -75.43
CA ASP B 146 10.07 -37.05 -74.51
C ASP B 146 11.44 -37.26 -75.14
N ALA B 147 11.50 -37.76 -76.37
CA ALA B 147 12.79 -38.11 -76.97
C ALA B 147 13.45 -36.92 -77.63
N LYS B 148 12.71 -36.17 -78.45
CA LYS B 148 13.26 -35.03 -79.16
C LYS B 148 13.00 -33.70 -78.46
N ALA B 149 12.25 -33.71 -77.38
CA ALA B 149 12.10 -32.52 -76.54
C ALA B 149 13.24 -32.48 -75.53
N GLN B 150 13.88 -31.32 -75.41
CA GLN B 150 15.08 -31.18 -74.59
C GLN B 150 14.68 -30.93 -73.14
N LYS B 151 15.34 -31.64 -72.22
CA LYS B 151 15.13 -31.52 -70.80
C LYS B 151 16.35 -30.89 -70.15
N LEU B 152 16.10 -30.13 -69.08
CA LEU B 152 17.18 -29.63 -68.25
C LEU B 152 16.72 -29.63 -66.80
N LEU B 153 17.42 -30.40 -65.97
CA LEU B 153 17.26 -30.37 -64.53
C LEU B 153 18.13 -29.25 -63.99
N VAL B 154 17.52 -28.27 -63.37
CA VAL B 154 18.24 -27.27 -62.61
C VAL B 154 18.06 -27.57 -61.13
N GLY B 155 19.14 -27.40 -60.37
CA GLY B 155 19.10 -27.73 -58.96
C GLY B 155 18.47 -26.64 -58.13
N VAL B 156 18.09 -27.01 -56.92
CA VAL B 156 17.51 -26.06 -55.98
C VAL B 156 18.61 -25.20 -55.39
N ASP B 157 18.29 -23.91 -55.17
CA ASP B 157 19.25 -22.86 -54.80
C ASP B 157 20.41 -22.77 -55.79
N GLU B 158 20.09 -22.93 -57.07
CA GLU B 158 21.05 -22.88 -58.15
C GLU B 158 20.52 -22.00 -59.26
N LYS B 159 21.40 -21.21 -59.86
CA LYS B 159 21.01 -20.20 -60.83
C LYS B 159 21.06 -20.78 -62.25
N LEU B 160 20.06 -20.43 -63.06
CA LEU B 160 20.00 -20.90 -64.43
C LEU B 160 20.95 -20.08 -65.29
N ASN B 161 21.94 -20.73 -65.87
CA ASN B 161 22.89 -20.02 -66.71
C ASN B 161 22.44 -20.15 -68.17
N PRO B 162 22.33 -19.04 -68.90
CA PRO B 162 21.80 -19.11 -70.28
C PRO B 162 22.73 -19.77 -71.29
N GLU B 163 24.03 -19.88 -70.99
CA GLU B 163 24.92 -20.61 -71.88
C GLU B 163 24.59 -22.09 -71.89
N ASP B 164 24.14 -22.63 -70.76
CA ASP B 164 23.64 -24.00 -70.74
C ASP B 164 22.23 -24.12 -71.32
N ILE B 165 21.50 -23.01 -71.41
CA ILE B 165 20.22 -23.03 -72.14
C ILE B 165 20.47 -23.17 -73.63
N LYS B 166 21.33 -22.31 -74.18
CA LYS B 166 21.61 -22.38 -75.61
C LYS B 166 22.45 -23.61 -75.97
N LYS B 167 23.26 -24.10 -75.03
CA LYS B 167 24.14 -25.22 -75.31
C LYS B 167 23.37 -26.53 -75.39
N HIS B 168 22.44 -26.76 -74.47
CA HIS B 168 21.81 -28.05 -74.29
C HIS B 168 20.34 -28.08 -74.68
N LEU B 169 19.61 -27.00 -74.43
CA LEU B 169 18.16 -27.02 -74.57
C LEU B 169 17.71 -26.55 -75.95
N LEU B 170 18.54 -25.78 -76.64
CA LEU B 170 18.20 -25.16 -77.93
C LEU B 170 18.86 -25.86 -79.11
N VAL B 171 18.89 -27.19 -79.13
CA VAL B 171 19.54 -27.90 -80.23
C VAL B 171 18.71 -27.80 -81.51
N HIS B 172 17.41 -28.01 -81.42
CA HIS B 172 16.54 -28.04 -82.60
C HIS B 172 15.75 -26.74 -82.76
N ALA B 173 16.37 -25.61 -82.48
CA ALA B 173 15.65 -24.36 -82.61
C ALA B 173 16.09 -23.60 -83.86
N PRO B 174 15.19 -22.85 -84.50
CA PRO B 174 15.62 -21.86 -85.49
C PRO B 174 16.41 -20.76 -84.82
N GLU B 175 17.54 -20.39 -85.43
CA GLU B 175 18.58 -19.64 -84.72
C GLU B 175 18.20 -18.18 -84.49
N ASP B 176 17.37 -17.60 -85.37
CA ASP B 176 16.98 -16.20 -85.23
C ASP B 176 16.13 -15.94 -83.99
N LYS B 177 15.45 -16.98 -83.49
CA LYS B 177 14.70 -16.89 -82.25
C LYS B 177 15.50 -17.37 -81.05
N LYS B 178 16.77 -17.75 -81.24
CA LYS B 178 17.55 -18.30 -80.14
C LYS B 178 17.94 -17.24 -79.12
N GLU B 179 17.84 -15.96 -79.47
CA GLU B 179 17.88 -14.90 -78.48
C GLU B 179 16.50 -14.37 -78.12
N ILE B 180 15.49 -14.68 -78.93
CA ILE B 180 14.12 -14.32 -78.60
C ILE B 180 13.54 -15.28 -77.56
N LEU B 181 13.74 -16.59 -77.78
CA LEU B 181 13.20 -17.59 -76.88
C LEU B 181 13.92 -17.61 -75.54
N ALA B 182 15.25 -17.77 -75.58
CA ALA B 182 16.02 -18.30 -74.45
C ALA B 182 15.97 -17.38 -73.25
N SER B 183 16.29 -16.10 -73.45
CA SER B 183 16.19 -15.12 -72.38
C SER B 183 14.77 -15.01 -71.86
N PHE B 184 13.78 -15.10 -72.78
CA PHE B 184 12.38 -15.23 -72.40
C PHE B 184 12.16 -16.41 -71.47
N ILE B 185 12.68 -17.58 -71.87
CA ILE B 185 12.65 -18.78 -71.03
C ILE B 185 13.36 -18.51 -69.71
N SER B 186 14.50 -17.80 -69.77
CA SER B 186 15.21 -17.39 -68.57
C SER B 186 14.34 -16.49 -67.72
N GLY B 187 13.68 -15.52 -68.36
CA GLY B 187 12.71 -14.69 -67.65
C GLY B 187 11.55 -15.51 -67.13
N LEU B 188 11.09 -16.49 -67.95
CA LEU B 188 10.02 -17.38 -67.52
C LEU B 188 10.46 -18.22 -66.33
N PHE B 189 11.75 -18.59 -66.29
CA PHE B 189 12.25 -19.36 -65.17
C PHE B 189 12.22 -18.54 -63.89
N ASN B 190 12.54 -17.24 -64.00
CA ASN B 190 12.45 -16.38 -62.84
C ASN B 190 10.99 -16.17 -62.46
N PHE B 191 10.10 -16.16 -63.46
CA PHE B 191 8.68 -16.12 -63.17
C PHE B 191 8.22 -17.39 -62.49
N TYR B 192 8.88 -18.52 -62.77
CA TYR B 192 8.55 -19.74 -62.04
C TYR B 192 9.10 -19.70 -60.63
N GLU B 193 10.16 -18.93 -60.41
CA GLU B 193 10.89 -19.03 -59.15
C GLU B 193 10.54 -17.91 -58.17
N ASP B 194 9.89 -16.85 -58.65
CA ASP B 194 9.46 -15.76 -57.79
C ASP B 194 7.99 -15.83 -57.43
N LEU B 195 7.24 -16.79 -57.98
CA LEU B 195 5.83 -16.93 -57.67
C LEU B 195 5.44 -18.29 -57.14
N TYR B 196 6.42 -19.20 -57.00
CA TYR B 196 6.25 -20.50 -56.32
C TYR B 196 5.23 -21.39 -57.02
N PHE B 197 5.35 -21.48 -58.34
CA PHE B 197 4.59 -22.50 -59.05
C PHE B 197 5.22 -23.86 -58.83
N THR B 198 4.42 -24.91 -58.98
CA THR B 198 4.95 -26.25 -59.09
C THR B 198 4.91 -26.76 -60.53
N TYR B 199 3.90 -26.39 -61.28
CA TYR B 199 3.75 -26.84 -62.65
C TYR B 199 3.32 -25.66 -63.50
N LEU B 200 3.99 -25.46 -64.64
CA LEU B 200 3.64 -24.37 -65.55
C LEU B 200 4.00 -24.83 -66.96
N GLU B 201 2.98 -25.10 -67.76
CA GLU B 201 3.18 -25.62 -69.11
C GLU B 201 2.51 -24.68 -70.10
N ILE B 202 3.28 -24.12 -71.01
CA ILE B 202 2.79 -23.24 -72.05
C ILE B 202 2.85 -24.00 -73.36
N ASN B 203 1.68 -24.31 -73.91
CA ASN B 203 1.53 -25.05 -75.15
C ASN B 203 0.20 -24.70 -75.81
N PRO B 204 0.21 -24.05 -76.99
CA PRO B 204 1.42 -23.70 -77.74
C PRO B 204 1.94 -22.30 -77.47
N LEU B 205 3.25 -22.13 -77.60
CA LEU B 205 3.91 -20.84 -77.51
C LEU B 205 4.33 -20.43 -78.91
N VAL B 206 3.74 -19.35 -79.43
CA VAL B 206 3.93 -18.96 -80.81
C VAL B 206 4.99 -17.87 -80.86
N VAL B 207 6.18 -18.22 -81.32
CA VAL B 207 7.25 -17.26 -81.52
C VAL B 207 7.27 -16.95 -83.01
N THR B 208 6.60 -15.87 -83.39
CA THR B 208 6.60 -15.42 -84.77
C THR B 208 7.78 -14.48 -84.99
N LYS B 209 7.81 -13.83 -86.15
CA LYS B 209 8.74 -12.74 -86.35
C LYS B 209 8.33 -11.51 -85.55
N ASP B 210 7.02 -11.36 -85.28
CA ASP B 210 6.52 -10.20 -84.56
C ASP B 210 6.84 -10.25 -83.08
N GLY B 211 7.07 -11.42 -82.52
CA GLY B 211 7.36 -11.53 -81.11
C GLY B 211 6.92 -12.89 -80.58
N VAL B 212 6.42 -12.87 -79.34
CA VAL B 212 6.07 -14.08 -78.62
C VAL B 212 4.61 -13.99 -78.18
N TYR B 213 3.89 -15.11 -78.31
CA TYR B 213 2.48 -15.18 -77.96
C TYR B 213 2.27 -16.38 -77.06
N VAL B 214 1.73 -16.15 -75.88
CA VAL B 214 1.36 -17.21 -74.94
C VAL B 214 -0.15 -17.44 -75.10
N LEU B 215 -0.49 -18.34 -76.03
CA LEU B 215 -1.90 -18.59 -76.30
C LEU B 215 -2.54 -19.42 -75.20
N ASP B 216 -1.92 -20.53 -74.84
CA ASP B 216 -2.51 -21.50 -73.94
C ASP B 216 -1.47 -21.96 -72.94
N LEU B 217 -1.81 -21.91 -71.65
CA LEU B 217 -0.91 -22.37 -70.60
C LEU B 217 -1.72 -23.13 -69.55
N ALA B 218 -1.01 -23.63 -68.54
CA ALA B 218 -1.62 -24.34 -67.42
C ALA B 218 -0.67 -24.22 -66.25
N ALA B 219 -1.22 -23.97 -65.05
CA ALA B 219 -0.39 -23.70 -63.90
C ALA B 219 -1.00 -24.31 -62.65
N LYS B 220 -0.23 -25.16 -61.98
CA LYS B 220 -0.49 -25.59 -60.61
C LYS B 220 0.51 -24.87 -59.71
N VAL B 221 0.00 -24.08 -58.79
CA VAL B 221 0.82 -23.23 -57.94
C VAL B 221 0.77 -23.80 -56.52
N ASP B 222 1.83 -23.55 -55.77
CA ASP B 222 1.95 -24.00 -54.39
C ASP B 222 1.05 -23.10 -53.55
N ALA B 223 -0.10 -23.63 -53.14
CA ALA B 223 -1.07 -22.82 -52.41
C ALA B 223 -0.63 -22.49 -50.99
N THR B 224 0.34 -23.22 -50.46
CA THR B 224 0.79 -22.97 -49.10
C THR B 224 1.80 -21.84 -49.00
N ALA B 225 2.31 -21.35 -50.13
CA ALA B 225 3.33 -20.31 -50.15
C ALA B 225 2.75 -18.91 -50.21
N ASP B 226 1.46 -18.76 -49.90
CA ASP B 226 0.80 -17.47 -50.06
CA ASP B 226 0.80 -17.47 -50.06
C ASP B 226 1.34 -16.43 -49.09
N TYR B 227 1.82 -16.86 -47.92
CA TYR B 227 2.42 -15.94 -46.96
C TYR B 227 3.70 -15.32 -47.50
N ILE B 228 4.30 -15.91 -48.53
CA ILE B 228 5.40 -15.27 -49.22
C ILE B 228 4.91 -14.35 -50.32
N CYS B 229 3.82 -14.71 -51.00
CA CYS B 229 3.54 -14.12 -52.30
C CYS B 229 2.13 -13.58 -52.44
N LYS B 230 1.49 -13.21 -51.32
CA LYS B 230 0.15 -12.64 -51.41
C LYS B 230 0.18 -11.24 -52.02
N VAL B 231 1.33 -10.56 -51.98
CA VAL B 231 1.48 -9.31 -52.70
C VAL B 231 1.67 -9.54 -54.20
N LYS B 232 2.05 -10.76 -54.61
CA LYS B 232 2.20 -11.04 -56.03
C LYS B 232 0.91 -11.55 -56.65
N TRP B 233 0.24 -12.50 -56.00
CA TRP B 233 -0.99 -13.03 -56.55
C TRP B 233 -2.18 -12.13 -56.29
N GLY B 234 -2.04 -11.14 -55.41
CA GLY B 234 -3.15 -10.30 -55.02
C GLY B 234 -4.20 -11.08 -54.26
N ASP B 235 -5.35 -11.28 -54.89
CA ASP B 235 -6.36 -12.22 -54.39
C ASP B 235 -6.44 -13.34 -55.41
N ILE B 236 -5.63 -14.39 -55.19
CA ILE B 236 -5.61 -15.56 -56.05
C ILE B 236 -6.94 -16.30 -55.91
N GLU B 237 -7.32 -17.01 -56.97
CA GLU B 237 -8.56 -17.78 -56.96
C GLU B 237 -8.30 -19.15 -57.56
N PHE B 238 -8.53 -20.20 -56.78
CA PHE B 238 -8.34 -21.56 -57.25
C PHE B 238 -9.68 -22.11 -57.72
N PRO B 239 -9.84 -22.43 -58.99
CA PRO B 239 -11.09 -23.03 -59.45
C PRO B 239 -11.17 -24.48 -59.03
N PRO B 240 -12.36 -24.96 -58.67
CA PRO B 240 -12.52 -26.39 -58.42
C PRO B 240 -12.38 -27.17 -59.72
N PRO B 241 -12.04 -28.46 -59.64
CA PRO B 241 -12.03 -29.28 -60.86
C PRO B 241 -13.43 -29.42 -61.41
N PHE B 242 -13.50 -29.53 -62.73
CA PHE B 242 -14.77 -29.50 -63.45
C PHE B 242 -15.61 -30.71 -63.09
N GLY B 243 -16.85 -30.46 -62.69
CA GLY B 243 -17.74 -31.53 -62.32
C GLY B 243 -19.15 -31.02 -62.12
N ARG B 244 -19.93 -31.79 -61.38
CA ARG B 244 -21.34 -31.47 -61.14
C ARG B 244 -21.45 -30.36 -60.10
N GLU B 245 -22.69 -29.96 -59.82
CA GLU B 245 -22.95 -28.86 -58.91
C GLU B 245 -23.00 -29.35 -57.47
N ALA B 246 -22.54 -28.50 -56.55
CA ALA B 246 -22.51 -28.84 -55.15
C ALA B 246 -23.89 -28.70 -54.53
N TYR B 247 -24.23 -29.64 -53.65
CA TYR B 247 -25.47 -29.56 -52.89
C TYR B 247 -25.39 -28.41 -51.88
N PRO B 248 -26.53 -27.92 -51.39
CA PRO B 248 -26.49 -27.01 -50.24
C PRO B 248 -25.88 -27.63 -48.99
N GLU B 249 -25.99 -28.95 -48.85
CA GLU B 249 -25.35 -29.66 -47.76
C GLU B 249 -23.84 -29.58 -47.86
N GLU B 250 -23.30 -29.62 -49.09
CA GLU B 250 -21.86 -29.60 -49.28
C GLU B 250 -21.28 -28.22 -49.00
N ALA B 251 -21.97 -27.16 -49.42
CA ALA B 251 -21.53 -25.81 -49.05
C ALA B 251 -21.75 -25.54 -47.57
N TYR B 252 -22.74 -26.20 -46.96
CA TYR B 252 -22.94 -26.09 -45.52
C TYR B 252 -21.77 -26.67 -44.75
N ILE B 253 -21.33 -27.87 -45.15
CA ILE B 253 -20.15 -28.48 -44.56
C ILE B 253 -18.89 -27.68 -44.92
N ALA B 254 -18.89 -26.99 -46.06
CA ALA B 254 -17.75 -26.15 -46.43
C ALA B 254 -17.61 -24.95 -45.50
N ASP B 255 -18.70 -24.26 -45.17
CA ASP B 255 -18.53 -23.16 -44.21
C ASP B 255 -18.40 -23.66 -42.78
N LEU B 256 -18.85 -24.89 -42.46
CA LEU B 256 -18.46 -25.49 -41.20
C LEU B 256 -16.96 -25.76 -41.14
N ASP B 257 -16.36 -26.13 -42.27
CA ASP B 257 -14.92 -26.35 -42.32
C ASP B 257 -14.15 -25.04 -42.20
N ALA B 258 -14.63 -23.99 -42.86
CA ALA B 258 -13.86 -22.75 -42.89
C ALA B 258 -13.92 -21.97 -41.59
N LYS B 259 -14.95 -22.20 -40.76
CA LYS B 259 -15.23 -21.34 -39.62
C LYS B 259 -14.43 -21.69 -38.37
N SER B 260 -13.70 -22.79 -38.35
CA SER B 260 -12.86 -23.13 -37.21
C SER B 260 -11.62 -23.86 -37.69
N GLY B 261 -10.79 -24.28 -36.74
CA GLY B 261 -9.57 -25.01 -37.02
C GLY B 261 -9.72 -26.49 -37.25
N ALA B 262 -10.96 -26.98 -37.34
CA ALA B 262 -11.21 -28.39 -37.59
C ALA B 262 -11.19 -28.69 -39.08
N SER B 263 -11.16 -29.97 -39.41
CA SER B 263 -11.21 -30.45 -40.79
C SER B 263 -12.51 -31.22 -40.96
N LEU B 264 -13.50 -30.60 -41.60
CA LEU B 264 -14.81 -31.21 -41.80
C LEU B 264 -15.02 -31.39 -43.30
N LYS B 265 -14.66 -32.57 -43.81
CA LYS B 265 -14.74 -32.85 -45.23
C LYS B 265 -15.91 -33.76 -45.50
N LEU B 266 -16.63 -33.50 -46.58
CA LEU B 266 -17.75 -34.33 -46.99
C LEU B 266 -18.00 -34.14 -48.48
N THR B 267 -17.85 -35.20 -49.27
CA THR B 267 -18.18 -35.16 -50.68
C THR B 267 -19.01 -36.38 -51.00
N LEU B 268 -20.25 -36.16 -51.43
CA LEU B 268 -21.19 -37.25 -51.67
C LEU B 268 -20.83 -37.98 -52.96
N LEU B 269 -20.94 -39.30 -52.93
CA LEU B 269 -20.70 -40.13 -54.11
C LEU B 269 -22.00 -40.55 -54.78
N ASN B 270 -22.87 -41.24 -54.04
CA ASN B 270 -24.14 -41.74 -54.55
C ASN B 270 -25.19 -41.44 -53.49
N PRO B 271 -25.92 -40.32 -53.62
CA PRO B 271 -26.75 -39.84 -52.50
C PRO B 271 -27.96 -40.72 -52.17
N LYS B 272 -28.27 -41.72 -52.99
CA LYS B 272 -29.31 -42.69 -52.66
C LYS B 272 -28.71 -44.00 -52.16
N GLY B 273 -27.56 -43.93 -51.50
CA GLY B 273 -26.89 -45.11 -51.00
C GLY B 273 -27.22 -45.38 -49.54
N ARG B 274 -26.98 -46.63 -49.14
CA ARG B 274 -27.32 -47.10 -47.80
C ARG B 274 -26.16 -47.04 -46.82
N ILE B 275 -24.93 -47.19 -47.29
CA ILE B 275 -23.75 -47.26 -46.43
C ILE B 275 -23.19 -45.84 -46.32
N TRP B 276 -23.49 -45.18 -45.21
CA TRP B 276 -23.06 -43.81 -44.97
C TRP B 276 -21.92 -43.83 -43.96
N THR B 277 -20.83 -43.14 -44.27
CA THR B 277 -19.65 -43.13 -43.42
C THR B 277 -19.41 -41.73 -42.87
N MET B 278 -19.07 -41.69 -41.59
CA MET B 278 -18.61 -40.47 -40.92
C MET B 278 -17.52 -40.94 -39.97
N VAL B 279 -16.27 -40.73 -40.35
CA VAL B 279 -15.14 -41.41 -39.73
C VAL B 279 -14.02 -40.40 -39.46
N ALA B 280 -13.45 -40.47 -38.27
CA ALA B 280 -12.41 -39.53 -37.86
C ALA B 280 -11.06 -39.91 -38.45
N GLY B 281 -10.37 -38.94 -39.02
CA GLY B 281 -9.07 -39.14 -39.60
C GLY B 281 -9.12 -39.10 -41.13
N GLY B 282 -7.97 -38.78 -41.72
CA GLY B 282 -7.87 -38.76 -43.17
C GLY B 282 -7.55 -40.11 -43.75
N GLY B 283 -6.47 -40.71 -43.25
CA GLY B 283 -6.10 -42.05 -43.66
C GLY B 283 -7.13 -43.09 -43.27
N ALA B 284 -7.79 -42.89 -42.13
CA ALA B 284 -8.86 -43.79 -41.72
C ALA B 284 -10.05 -43.71 -42.66
N SER B 285 -10.36 -42.50 -43.15
CA SER B 285 -11.44 -42.36 -44.13
C SER B 285 -11.07 -43.00 -45.45
N VAL B 286 -9.82 -42.85 -45.88
CA VAL B 286 -9.35 -43.47 -47.11
C VAL B 286 -9.38 -44.99 -47.00
N VAL B 287 -9.01 -45.52 -45.83
CA VAL B 287 -8.98 -46.97 -45.64
C VAL B 287 -10.39 -47.53 -45.57
N TYR B 288 -11.32 -46.82 -44.91
CA TYR B 288 -12.70 -47.28 -44.85
C TYR B 288 -13.37 -47.23 -46.22
N SER B 289 -13.06 -46.19 -47.01
CA SER B 289 -13.59 -46.11 -48.36
C SER B 289 -13.01 -47.19 -49.26
N ASP B 290 -11.73 -47.52 -49.05
CA ASP B 290 -11.07 -48.58 -49.82
C ASP B 290 -11.67 -49.95 -49.48
N THR B 291 -11.94 -50.21 -48.19
CA THR B 291 -12.49 -51.49 -47.80
C THR B 291 -13.94 -51.63 -48.20
N ILE B 292 -14.72 -50.54 -48.15
CA ILE B 292 -16.11 -50.64 -48.61
C ILE B 292 -16.17 -50.71 -50.14
N CYS B 293 -15.16 -50.18 -50.84
CA CYS B 293 -15.07 -50.42 -52.27
C CYS B 293 -14.61 -51.84 -52.58
N ASP B 294 -13.94 -52.49 -51.63
CA ASP B 294 -13.60 -53.90 -51.80
C ASP B 294 -14.82 -54.81 -51.61
N LEU B 295 -15.74 -54.43 -50.72
CA LEU B 295 -16.88 -55.29 -50.38
C LEU B 295 -18.11 -54.94 -51.20
N GLY B 296 -17.93 -54.55 -52.47
CA GLY B 296 -19.02 -54.34 -53.38
C GLY B 296 -19.78 -53.05 -53.22
N GLY B 297 -19.34 -52.16 -52.34
CA GLY B 297 -20.07 -50.93 -52.12
C GLY B 297 -19.55 -49.77 -52.93
N VAL B 298 -19.14 -50.03 -54.18
CA VAL B 298 -18.72 -48.92 -55.04
C VAL B 298 -19.93 -48.13 -55.52
N ASN B 299 -21.12 -48.74 -55.52
CA ASN B 299 -22.37 -48.04 -55.77
C ASN B 299 -23.14 -47.80 -54.48
N GLU B 300 -22.67 -48.35 -53.37
CA GLU B 300 -23.37 -48.26 -52.10
C GLU B 300 -22.67 -47.36 -51.09
N LEU B 301 -21.45 -46.93 -51.37
CA LEU B 301 -20.83 -45.87 -50.57
C LEU B 301 -21.47 -44.54 -50.96
N ALA B 302 -22.11 -43.88 -49.99
CA ALA B 302 -22.85 -42.68 -50.31
C ALA B 302 -21.97 -41.45 -50.37
N ASN B 303 -20.88 -41.42 -49.60
CA ASN B 303 -20.06 -40.24 -49.47
C ASN B 303 -18.68 -40.64 -48.97
N TYR B 304 -17.71 -39.77 -49.17
CA TYR B 304 -16.42 -39.91 -48.51
C TYR B 304 -16.12 -38.60 -47.80
N GLY B 305 -15.74 -38.69 -46.54
CA GLY B 305 -15.51 -37.50 -45.74
C GLY B 305 -14.83 -37.86 -44.44
N GLU B 306 -14.56 -36.82 -43.65
CA GLU B 306 -13.85 -36.98 -42.40
C GLU B 306 -14.21 -35.83 -41.46
N TYR B 307 -13.94 -36.04 -40.18
CA TYR B 307 -14.04 -35.00 -39.17
C TYR B 307 -12.80 -35.12 -38.29
N SER B 308 -11.91 -34.14 -38.39
CA SER B 308 -10.58 -34.26 -37.83
C SER B 308 -10.22 -32.99 -37.08
N GLY B 309 -9.20 -33.11 -36.23
CA GLY B 309 -8.72 -31.98 -35.47
C GLY B 309 -9.59 -31.59 -34.30
N ALA B 310 -10.37 -32.55 -33.75
CA ALA B 310 -11.22 -32.44 -32.58
C ALA B 310 -12.17 -31.26 -32.65
N PRO B 311 -13.24 -31.34 -33.44
CA PRO B 311 -14.14 -30.19 -33.60
C PRO B 311 -14.98 -29.97 -32.35
N SER B 312 -15.53 -28.77 -32.27
CA SER B 312 -16.43 -28.44 -31.18
C SER B 312 -17.73 -29.23 -31.32
N GLU B 313 -18.43 -29.38 -30.20
CA GLU B 313 -19.62 -30.24 -30.18
C GLU B 313 -20.78 -29.62 -30.94
N GLN B 314 -20.80 -28.30 -31.12
CA GLN B 314 -21.73 -27.72 -32.08
C GLN B 314 -21.34 -28.07 -33.51
N GLN B 315 -20.05 -28.08 -33.82
CA GLN B 315 -19.58 -28.45 -35.15
C GLN B 315 -19.83 -29.93 -35.42
N THR B 316 -19.54 -30.77 -34.43
CA THR B 316 -19.84 -32.20 -34.52
C THR B 316 -21.35 -32.44 -34.62
N TYR B 317 -22.13 -31.63 -33.89
CA TYR B 317 -23.58 -31.78 -33.87
C TYR B 317 -24.20 -31.43 -35.23
N ASP B 318 -23.80 -30.31 -35.82
CA ASP B 318 -24.31 -29.95 -37.14
C ASP B 318 -23.76 -30.87 -38.23
N TYR B 319 -22.53 -31.37 -38.10
CA TYR B 319 -21.98 -32.27 -39.10
C TYR B 319 -22.73 -33.60 -39.12
N ALA B 320 -22.93 -34.20 -37.94
CA ALA B 320 -23.72 -35.42 -37.87
C ALA B 320 -25.19 -35.17 -38.16
N LYS B 321 -25.70 -33.95 -37.93
CA LYS B 321 -27.06 -33.61 -38.31
C LYS B 321 -27.22 -33.59 -39.82
N THR B 322 -26.24 -33.03 -40.53
CA THR B 322 -26.28 -33.04 -41.98
C THR B 322 -26.18 -34.46 -42.54
N ILE B 323 -25.32 -35.29 -41.96
CA ILE B 323 -25.20 -36.65 -42.50
C ILE B 323 -26.42 -37.49 -42.13
N LEU B 324 -27.05 -37.23 -40.98
CA LEU B 324 -28.23 -38.00 -40.61
C LEU B 324 -29.46 -37.57 -41.41
N SER B 325 -29.57 -36.28 -41.74
CA SER B 325 -30.68 -35.84 -42.57
C SER B 325 -30.51 -36.26 -44.02
N LEU B 326 -29.26 -36.40 -44.48
CA LEU B 326 -29.01 -36.84 -45.85
C LEU B 326 -29.28 -38.32 -46.06
N MET B 327 -29.31 -39.11 -44.99
CA MET B 327 -29.53 -40.55 -45.11
C MET B 327 -30.94 -40.97 -44.74
N THR B 328 -31.84 -40.01 -44.50
CA THR B 328 -33.24 -40.34 -44.22
C THR B 328 -34.16 -39.80 -45.29
N ARG B 329 -33.62 -39.41 -46.45
CA ARG B 329 -34.45 -38.89 -47.54
C ARG B 329 -35.31 -39.99 -48.13
N GLU B 330 -34.69 -41.03 -48.68
CA GLU B 330 -35.41 -42.18 -49.22
C GLU B 330 -34.80 -43.47 -48.70
N LYS B 331 -35.66 -44.46 -48.49
CA LYS B 331 -35.28 -45.72 -47.89
C LYS B 331 -34.63 -46.65 -48.91
N HIS B 332 -33.63 -47.40 -48.45
CA HIS B 332 -32.99 -48.43 -49.23
C HIS B 332 -33.31 -49.78 -48.62
N PRO B 333 -33.78 -50.76 -49.41
CA PRO B 333 -34.41 -51.96 -48.83
C PRO B 333 -33.45 -52.92 -48.14
N ASP B 334 -32.15 -52.79 -48.34
CA ASP B 334 -31.18 -53.65 -47.68
C ASP B 334 -30.70 -53.07 -46.34
N GLY B 335 -31.40 -52.07 -45.81
CA GLY B 335 -31.00 -51.44 -44.57
C GLY B 335 -29.93 -50.39 -44.74
N LYS B 336 -30.05 -49.29 -44.02
CA LYS B 336 -29.11 -48.17 -44.11
C LYS B 336 -28.19 -48.19 -42.90
N ILE B 337 -26.88 -48.16 -43.16
CA ILE B 337 -25.87 -48.27 -42.13
C ILE B 337 -25.16 -46.92 -42.00
N LEU B 338 -24.90 -46.52 -40.76
CA LEU B 338 -24.10 -45.34 -40.47
C LEU B 338 -22.87 -45.78 -39.68
N ILE B 339 -21.69 -45.57 -40.26
CA ILE B 339 -20.45 -46.07 -39.70
C ILE B 339 -19.74 -44.90 -39.04
N ILE B 340 -19.83 -44.81 -37.72
CA ILE B 340 -19.00 -43.88 -36.95
C ILE B 340 -17.76 -44.67 -36.55
N GLY B 341 -16.82 -44.76 -37.49
CA GLY B 341 -15.57 -45.44 -37.26
C GLY B 341 -14.50 -44.48 -36.81
N GLY B 342 -13.27 -44.94 -36.85
CA GLY B 342 -12.16 -44.05 -36.61
C GLY B 342 -10.92 -44.80 -36.20
N SER B 343 -9.80 -44.11 -36.33
CA SER B 343 -8.53 -44.58 -35.80
C SER B 343 -8.46 -44.29 -34.31
N ILE B 344 -7.34 -44.66 -33.70
CA ILE B 344 -7.14 -44.34 -32.29
C ILE B 344 -6.84 -42.86 -32.15
N ALA B 345 -7.65 -42.17 -31.34
CA ALA B 345 -7.46 -40.75 -31.10
C ALA B 345 -6.21 -40.52 -30.27
N ASN B 346 -5.45 -39.48 -30.62
CA ASN B 346 -4.22 -39.19 -29.90
C ASN B 346 -4.51 -38.67 -28.50
N PHE B 347 -5.17 -37.53 -28.39
CA PHE B 347 -5.39 -36.86 -27.12
C PHE B 347 -6.83 -36.48 -26.88
N THR B 348 -7.70 -36.64 -27.87
CA THR B 348 -9.09 -36.24 -27.72
C THR B 348 -9.83 -37.18 -26.78
N ASN B 349 -10.52 -36.62 -25.80
CA ASN B 349 -11.50 -37.36 -25.03
C ASN B 349 -12.59 -37.84 -25.97
N VAL B 350 -12.71 -39.17 -26.15
CA VAL B 350 -13.64 -39.75 -27.10
C VAL B 350 -15.08 -39.50 -26.67
N ALA B 351 -15.31 -39.45 -25.36
CA ALA B 351 -16.66 -39.28 -24.83
C ALA B 351 -17.24 -37.90 -25.14
N ALA B 352 -16.43 -36.87 -25.33
CA ALA B 352 -16.97 -35.54 -25.63
C ALA B 352 -17.48 -35.45 -27.06
N THR B 353 -16.72 -35.99 -28.01
CA THR B 353 -17.21 -36.12 -29.38
C THR B 353 -18.42 -37.03 -29.43
N PHE B 354 -18.48 -38.03 -28.56
CA PHE B 354 -19.70 -38.83 -28.51
C PHE B 354 -20.86 -38.13 -27.82
N LYS B 355 -20.60 -37.12 -26.98
CA LYS B 355 -21.69 -36.24 -26.54
C LYS B 355 -22.26 -35.48 -27.72
N GLY B 356 -21.39 -34.99 -28.60
CA GLY B 356 -21.86 -34.37 -29.84
C GLY B 356 -22.68 -35.32 -30.70
N ILE B 357 -22.19 -36.56 -30.87
CA ILE B 357 -22.90 -37.57 -31.65
C ILE B 357 -24.24 -37.93 -31.00
N VAL B 358 -24.27 -38.03 -29.67
CA VAL B 358 -25.51 -38.48 -29.03
C VAL B 358 -26.55 -37.36 -29.03
N ARG B 359 -26.12 -36.09 -28.99
CA ARG B 359 -27.09 -35.01 -29.16
C ARG B 359 -27.60 -34.95 -30.59
N ALA B 360 -26.72 -35.16 -31.57
CA ALA B 360 -27.14 -35.12 -32.96
C ALA B 360 -27.98 -36.33 -33.36
N ILE B 361 -27.87 -37.44 -32.64
CA ILE B 361 -28.69 -38.62 -32.91
C ILE B 361 -30.02 -38.54 -32.19
N ARG B 362 -30.00 -38.17 -30.90
CA ARG B 362 -31.24 -38.04 -30.14
C ARG B 362 -32.10 -36.89 -30.63
N ASP B 363 -31.49 -35.88 -31.25
CA ASP B 363 -32.26 -34.79 -31.85
C ASP B 363 -32.90 -35.21 -33.17
N TYR B 364 -32.35 -36.21 -33.85
CA TYR B 364 -32.84 -36.70 -35.13
C TYR B 364 -33.22 -38.18 -35.05
N GLN B 365 -33.75 -38.61 -33.91
CA GLN B 365 -33.97 -40.04 -33.67
C GLN B 365 -35.17 -40.60 -34.41
N GLY B 366 -36.20 -39.77 -34.64
CA GLY B 366 -37.42 -40.18 -35.29
C GLY B 366 -37.23 -40.72 -36.70
N PRO B 367 -36.56 -39.96 -37.57
CA PRO B 367 -36.15 -40.53 -38.88
C PRO B 367 -35.26 -41.76 -38.77
N LEU B 368 -34.46 -41.89 -37.71
CA LEU B 368 -33.62 -43.07 -37.57
C LEU B 368 -34.44 -44.32 -37.28
N LYS B 369 -35.38 -44.23 -36.34
CA LYS B 369 -36.25 -45.37 -36.08
C LYS B 369 -37.32 -45.54 -37.15
N GLU B 370 -37.53 -44.53 -38.01
CA GLU B 370 -38.49 -44.67 -39.10
C GLU B 370 -37.86 -45.37 -40.31
N HIS B 371 -36.65 -44.97 -40.68
CA HIS B 371 -36.00 -45.50 -41.88
C HIS B 371 -35.20 -46.77 -41.65
N GLU B 372 -35.21 -47.30 -40.42
CA GLU B 372 -34.54 -48.54 -40.01
C GLU B 372 -33.03 -48.45 -40.29
N VAL B 373 -32.40 -47.57 -39.52
CA VAL B 373 -30.98 -47.29 -39.65
C VAL B 373 -30.23 -48.02 -38.55
N THR B 374 -29.11 -48.64 -38.91
CA THR B 374 -28.24 -49.35 -37.99
C THR B 374 -26.91 -48.62 -37.93
N ILE B 375 -26.43 -48.34 -36.71
CA ILE B 375 -25.24 -47.54 -36.50
C ILE B 375 -24.15 -48.43 -35.92
N PHE B 376 -22.99 -48.45 -36.60
CA PHE B 376 -21.82 -49.19 -36.17
C PHE B 376 -20.76 -48.19 -35.73
N VAL B 377 -20.39 -48.24 -34.45
CA VAL B 377 -19.44 -47.29 -33.87
C VAL B 377 -18.20 -48.05 -33.45
N ARG B 378 -17.04 -47.59 -33.88
CA ARG B 378 -15.75 -48.14 -33.45
C ARG B 378 -14.75 -47.01 -33.29
N ARG B 379 -14.28 -46.80 -32.06
CA ARG B 379 -13.28 -45.77 -31.82
C ARG B 379 -12.25 -46.29 -30.83
N GLY B 380 -11.18 -45.52 -30.67
CA GLY B 380 -10.15 -45.84 -29.69
C GLY B 380 -9.44 -44.57 -29.27
N GLY B 381 -8.81 -44.64 -28.11
CA GLY B 381 -8.07 -43.52 -27.59
C GLY B 381 -8.29 -43.29 -26.12
N PRO B 382 -8.09 -42.05 -25.66
CA PRO B 382 -8.24 -41.74 -24.23
C PRO B 382 -9.71 -41.65 -23.85
N ASN B 383 -10.11 -42.48 -22.88
CA ASN B 383 -11.48 -42.59 -22.37
C ASN B 383 -12.47 -42.91 -23.48
N TYR B 384 -12.20 -44.00 -24.18
CA TYR B 384 -13.15 -44.45 -25.19
C TYR B 384 -14.25 -45.30 -24.60
N GLN B 385 -14.01 -45.90 -23.43
CA GLN B 385 -14.92 -46.91 -22.90
C GLN B 385 -16.21 -46.28 -22.39
N GLU B 386 -16.13 -45.12 -21.75
CA GLU B 386 -17.34 -44.42 -21.36
C GLU B 386 -18.10 -43.89 -22.57
N GLY B 387 -17.39 -43.60 -23.66
CA GLY B 387 -18.07 -43.20 -24.88
C GLY B 387 -18.80 -44.35 -25.55
N LEU B 388 -18.20 -45.54 -25.52
CA LEU B 388 -18.91 -46.72 -25.99
C LEU B 388 -20.08 -47.05 -25.08
N ARG B 389 -19.96 -46.75 -23.79
CA ARG B 389 -21.08 -46.96 -22.87
C ARG B 389 -22.23 -45.99 -23.13
N VAL B 390 -21.92 -44.72 -23.44
CA VAL B 390 -23.02 -43.78 -23.68
C VAL B 390 -23.67 -44.06 -25.04
N MET B 391 -22.89 -44.54 -26.02
CA MET B 391 -23.49 -45.00 -27.28
C MET B 391 -24.33 -46.25 -27.08
N GLY B 392 -23.90 -47.15 -26.19
CA GLY B 392 -24.70 -48.33 -25.91
C GLY B 392 -26.00 -48.02 -25.18
N GLU B 393 -25.97 -47.05 -24.26
CA GLU B 393 -27.21 -46.74 -23.55
C GLU B 393 -28.17 -45.95 -24.44
N VAL B 394 -27.66 -45.14 -25.38
CA VAL B 394 -28.60 -44.51 -26.30
C VAL B 394 -29.04 -45.49 -27.38
N GLY B 395 -28.30 -46.58 -27.58
CA GLY B 395 -28.80 -47.66 -28.42
C GLY B 395 -29.95 -48.40 -27.77
N LYS B 396 -29.83 -48.71 -26.48
CA LYS B 396 -30.92 -49.40 -25.79
C LYS B 396 -32.05 -48.47 -25.38
N THR B 397 -31.84 -47.16 -25.34
CA THR B 397 -32.85 -46.23 -24.86
C THR B 397 -33.80 -45.78 -25.97
N THR B 398 -33.26 -45.22 -27.05
CA THR B 398 -34.09 -44.82 -28.18
C THR B 398 -34.38 -45.97 -29.13
N GLY B 399 -33.78 -47.15 -28.90
CA GLY B 399 -34.12 -48.33 -29.66
C GLY B 399 -33.37 -48.52 -30.96
N ILE B 400 -32.50 -47.60 -31.33
CA ILE B 400 -31.73 -47.77 -32.57
C ILE B 400 -30.65 -48.81 -32.34
N PRO B 401 -30.55 -49.85 -33.18
CA PRO B 401 -29.53 -50.88 -32.96
C PRO B 401 -28.14 -50.36 -33.28
N ILE B 402 -27.36 -50.08 -32.24
CA ILE B 402 -26.02 -49.54 -32.37
C ILE B 402 -25.04 -50.57 -31.84
N HIS B 403 -24.14 -51.02 -32.72
CA HIS B 403 -23.10 -51.98 -32.35
C HIS B 403 -21.82 -51.19 -32.11
N VAL B 404 -21.40 -51.11 -30.85
CA VAL B 404 -20.21 -50.37 -30.46
C VAL B 404 -19.05 -51.35 -30.32
N PHE B 405 -17.85 -50.85 -30.59
CA PHE B 405 -16.65 -51.67 -30.60
C PHE B 405 -15.46 -50.83 -30.19
N GLY B 406 -14.51 -51.46 -29.52
CA GLY B 406 -13.33 -50.77 -29.05
C GLY B 406 -12.11 -51.11 -29.86
N THR B 407 -10.94 -50.99 -29.23
CA THR B 407 -9.69 -51.33 -29.89
C THR B 407 -9.43 -52.83 -29.91
N GLU B 408 -10.27 -53.64 -29.27
CA GLU B 408 -10.10 -55.09 -29.33
C GLU B 408 -10.50 -55.65 -30.68
N THR B 409 -11.27 -54.91 -31.47
CA THR B 409 -11.63 -55.32 -32.80
C THR B 409 -10.66 -54.75 -33.82
N HIS B 410 -10.71 -55.28 -35.03
CA HIS B 410 -10.08 -54.64 -36.17
C HIS B 410 -10.85 -53.36 -36.50
N MET B 411 -10.14 -52.42 -37.13
CA MET B 411 -10.74 -51.11 -37.38
C MET B 411 -11.86 -51.19 -38.41
N THR B 412 -11.57 -51.75 -39.57
CA THR B 412 -12.51 -51.74 -40.68
C THR B 412 -13.12 -53.11 -40.94
N ALA B 413 -13.01 -54.03 -39.99
CA ALA B 413 -13.76 -55.28 -40.08
C ALA B 413 -15.21 -55.10 -39.68
N ILE B 414 -15.55 -53.98 -39.03
CA ILE B 414 -16.91 -53.72 -38.60
C ILE B 414 -17.85 -53.56 -39.80
N VAL B 415 -17.34 -53.08 -40.93
CA VAL B 415 -18.17 -53.02 -42.12
C VAL B 415 -18.43 -54.44 -42.65
N GLY B 416 -17.49 -55.37 -42.42
CA GLY B 416 -17.79 -56.76 -42.65
C GLY B 416 -18.85 -57.29 -41.72
N MET B 417 -18.94 -56.73 -40.52
CA MET B 417 -20.06 -57.00 -39.63
C MET B 417 -21.27 -56.14 -39.96
N ALA B 418 -21.10 -55.07 -40.74
CA ALA B 418 -22.25 -54.27 -41.12
C ALA B 418 -22.98 -54.88 -42.31
N LEU B 419 -22.24 -55.53 -43.21
CA LEU B 419 -22.79 -56.12 -44.40
C LEU B 419 -23.10 -57.60 -44.26
N GLY B 420 -22.79 -58.18 -43.09
CA GLY B 420 -23.12 -59.57 -42.85
C GLY B 420 -22.16 -60.58 -43.43
N HIS B 421 -20.93 -60.18 -43.72
CA HIS B 421 -19.93 -61.15 -44.18
C HIS B 421 -19.28 -61.88 -43.03
N ARG B 422 -19.43 -61.39 -41.80
CA ARG B 422 -18.98 -62.07 -40.60
C ARG B 422 -19.93 -61.70 -39.48
N PRO B 423 -20.20 -62.60 -38.55
CA PRO B 423 -21.16 -62.31 -37.48
C PRO B 423 -20.57 -61.38 -36.43
N ILE B 424 -21.47 -60.85 -35.59
CA ILE B 424 -21.14 -59.87 -34.56
C ILE B 424 -20.85 -60.60 -33.25
N PRO B 425 -19.78 -60.23 -32.52
CA PRO B 425 -19.51 -60.85 -31.21
C PRO B 425 -20.47 -60.38 -30.12
N GLY B 487 28.03 -39.33 -43.43
CA GLY B 487 26.78 -39.69 -44.07
C GLY B 487 25.64 -39.87 -43.08
N LYS B 488 24.47 -40.22 -43.62
CA LYS B 488 23.29 -40.46 -42.79
C LYS B 488 23.49 -41.71 -41.95
N SER B 489 23.36 -41.57 -40.63
CA SER B 489 23.64 -42.67 -39.73
C SER B 489 22.51 -43.70 -39.76
N THR B 490 22.83 -44.91 -39.33
CA THR B 490 21.89 -46.02 -39.36
C THR B 490 21.15 -46.22 -38.05
N THR B 491 21.63 -45.63 -36.95
CA THR B 491 20.90 -45.59 -35.70
C THR B 491 20.54 -44.14 -35.40
N LEU B 492 19.30 -43.93 -34.97
CA LEU B 492 18.80 -42.58 -34.72
C LEU B 492 18.48 -42.34 -33.26
N PHE B 493 17.89 -43.31 -32.57
CA PHE B 493 17.47 -43.15 -31.19
C PHE B 493 18.11 -44.24 -30.34
N SER B 494 18.80 -43.84 -29.27
CA SER B 494 19.33 -44.75 -28.28
C SER B 494 18.71 -44.40 -26.93
N ARG B 495 19.13 -45.09 -25.89
CA ARG B 495 18.64 -44.77 -24.55
C ARG B 495 19.49 -43.69 -23.88
N HIS B 496 20.43 -43.11 -24.61
CA HIS B 496 21.11 -41.88 -24.22
C HIS B 496 20.86 -40.79 -25.25
N THR B 497 19.84 -40.96 -26.07
CA THR B 497 19.46 -39.96 -27.06
C THR B 497 18.75 -38.80 -26.37
N LYS B 498 19.29 -37.60 -26.52
CA LYS B 498 18.71 -36.43 -25.91
C LYS B 498 18.29 -35.45 -27.00
N ALA B 499 17.11 -34.87 -26.82
CA ALA B 499 16.51 -33.97 -27.79
C ALA B 499 16.46 -32.55 -27.23
N ILE B 500 16.33 -31.60 -28.14
CA ILE B 500 16.02 -30.21 -27.81
C ILE B 500 14.74 -29.88 -28.55
N VAL B 501 13.74 -29.50 -27.81
CA VAL B 501 12.46 -29.13 -28.40
C VAL B 501 12.52 -27.66 -28.76
N TRP B 502 11.94 -27.28 -29.88
CA TRP B 502 11.92 -25.89 -30.32
C TRP B 502 10.47 -25.40 -30.22
N GLY B 503 10.17 -24.65 -29.17
CA GLY B 503 8.84 -24.11 -28.98
C GLY B 503 8.20 -24.55 -27.69
N MET B 504 7.36 -23.70 -27.10
CA MET B 504 6.67 -24.03 -25.85
C MET B 504 5.52 -24.97 -26.17
N GLN B 505 5.82 -26.26 -26.17
CA GLN B 505 4.87 -27.29 -26.52
C GLN B 505 4.77 -28.29 -25.38
N THR B 506 4.49 -27.77 -24.19
CA THR B 506 4.65 -28.47 -22.93
C THR B 506 3.88 -29.77 -22.81
N ARG B 507 2.77 -29.95 -23.55
CA ARG B 507 2.10 -31.24 -23.45
C ARG B 507 2.88 -32.31 -24.22
N ALA B 508 3.61 -31.93 -25.26
CA ALA B 508 4.41 -32.90 -26.00
C ALA B 508 5.65 -33.28 -25.21
N VAL B 509 6.27 -32.31 -24.54
CA VAL B 509 7.41 -32.61 -23.69
C VAL B 509 6.99 -33.42 -22.47
N GLN B 510 5.79 -33.16 -21.94
CA GLN B 510 5.32 -33.96 -20.82
C GLN B 510 4.97 -35.37 -21.26
N GLY B 511 4.44 -35.52 -22.48
CA GLY B 511 4.18 -36.85 -23.01
C GLY B 511 5.45 -37.63 -23.27
N MET B 512 6.49 -36.94 -23.74
CA MET B 512 7.78 -37.60 -23.94
C MET B 512 8.39 -38.03 -22.62
N LEU B 513 8.28 -37.19 -21.58
CA LEU B 513 8.84 -37.57 -20.28
C LEU B 513 8.04 -38.69 -19.62
N ASP B 514 6.73 -38.72 -19.82
CA ASP B 514 5.93 -39.84 -19.32
C ASP B 514 6.30 -41.13 -20.02
N PHE B 515 6.48 -41.08 -21.35
CA PHE B 515 6.91 -42.25 -22.10
C PHE B 515 8.27 -42.74 -21.65
N ASP B 516 9.19 -41.83 -21.38
CA ASP B 516 10.51 -42.28 -20.97
C ASP B 516 10.57 -42.74 -19.53
N TYR B 517 9.64 -42.30 -18.68
CA TYR B 517 9.55 -42.95 -17.38
C TYR B 517 8.97 -44.34 -17.51
N VAL B 518 7.98 -44.52 -18.39
CA VAL B 518 7.32 -45.81 -18.53
C VAL B 518 8.25 -46.85 -19.16
N CYS B 519 9.14 -46.43 -20.06
CA CYS B 519 10.11 -47.35 -20.65
C CYS B 519 11.39 -47.48 -19.85
N SER B 520 11.34 -47.21 -18.54
CA SER B 520 12.39 -47.54 -17.57
C SER B 520 13.72 -46.84 -17.88
N ARG B 521 13.66 -45.70 -18.53
CA ARG B 521 14.85 -44.95 -18.90
C ARG B 521 15.34 -44.14 -17.71
N ASP B 522 16.65 -43.94 -17.65
CA ASP B 522 17.27 -43.31 -16.49
C ASP B 522 17.43 -41.80 -16.64
N GLU B 523 17.53 -41.28 -17.86
CA GLU B 523 17.66 -39.86 -18.04
C GLU B 523 16.58 -39.34 -18.99
N PRO B 524 16.01 -38.18 -18.71
CA PRO B 524 14.95 -37.66 -19.59
C PRO B 524 15.51 -37.23 -20.93
N SER B 525 14.76 -37.52 -21.99
CA SER B 525 15.27 -37.32 -23.33
C SER B 525 15.05 -35.91 -23.86
N VAL B 526 14.51 -35.01 -23.06
CA VAL B 526 14.43 -33.60 -23.43
C VAL B 526 15.46 -32.88 -22.57
N ALA B 527 16.57 -32.49 -23.19
CA ALA B 527 17.60 -31.82 -22.42
C ALA B 527 17.23 -30.38 -22.16
N ALA B 528 16.67 -29.70 -23.14
CA ALA B 528 16.27 -28.31 -22.98
C ALA B 528 15.18 -28.00 -24.00
N MET B 529 14.52 -26.89 -23.79
CA MET B 529 13.58 -26.35 -24.77
C MET B 529 14.09 -25.02 -25.24
N VAL B 530 13.61 -24.57 -26.40
CA VAL B 530 14.02 -23.29 -26.97
C VAL B 530 12.77 -22.52 -27.33
N TYR B 531 12.64 -21.33 -26.78
CA TYR B 531 11.55 -20.43 -27.12
C TYR B 531 12.12 -19.04 -27.26
N PRO B 532 12.08 -18.43 -28.45
CA PRO B 532 12.75 -17.15 -28.65
C PRO B 532 12.03 -15.96 -28.03
N PHE B 533 10.76 -16.09 -27.68
CA PHE B 533 9.97 -14.96 -27.19
C PHE B 533 9.98 -14.86 -25.68
N THR B 534 10.92 -15.50 -25.01
CA THR B 534 11.00 -15.40 -23.56
C THR B 534 12.44 -15.60 -23.13
N GLY B 535 12.74 -15.24 -21.89
CA GLY B 535 14.07 -15.31 -21.36
C GLY B 535 14.47 -16.74 -21.00
N ASP B 536 15.65 -16.86 -20.42
CA ASP B 536 16.18 -18.15 -19.99
C ASP B 536 15.63 -18.45 -18.61
N HIS B 537 14.89 -19.55 -18.48
CA HIS B 537 14.41 -19.97 -17.17
C HIS B 537 14.36 -21.48 -17.17
N LYS B 538 13.65 -22.06 -16.21
CA LYS B 538 13.51 -23.50 -16.11
C LYS B 538 12.04 -23.83 -15.88
N GLN B 539 11.51 -24.76 -16.66
CA GLN B 539 10.11 -25.15 -16.55
C GLN B 539 10.01 -26.47 -15.81
N LYS B 540 9.02 -26.57 -14.93
CA LYS B 540 8.89 -27.68 -14.02
C LYS B 540 8.05 -28.77 -14.67
N PHE B 541 8.64 -29.96 -14.80
CA PHE B 541 8.03 -31.09 -15.47
C PHE B 541 7.93 -32.26 -14.51
N TYR B 542 7.13 -33.25 -14.89
CA TYR B 542 6.95 -34.45 -14.09
C TYR B 542 7.76 -35.60 -14.65
N TRP B 543 8.62 -36.15 -13.83
CA TRP B 543 9.37 -37.36 -14.12
C TRP B 543 8.81 -38.43 -13.20
N GLY B 544 7.82 -39.17 -13.70
CA GLY B 544 7.13 -40.15 -12.89
C GLY B 544 6.27 -39.49 -11.84
N HIS B 545 6.73 -39.56 -10.60
CA HIS B 545 6.13 -38.82 -9.49
C HIS B 545 6.85 -37.52 -9.21
N LYS B 546 8.14 -37.44 -9.52
CA LYS B 546 8.97 -36.33 -9.08
C LYS B 546 8.80 -35.13 -10.00
N GLU B 547 9.25 -33.98 -9.52
CA GLU B 547 9.33 -32.79 -10.35
C GLU B 547 10.79 -32.55 -10.71
N ILE B 548 11.04 -32.25 -11.98
CA ILE B 548 12.36 -31.86 -12.45
C ILE B 548 12.24 -30.51 -13.13
N LEU B 549 13.37 -29.90 -13.41
CA LEU B 549 13.43 -28.60 -14.06
C LEU B 549 14.16 -28.76 -15.39
N ILE B 550 13.44 -28.56 -16.48
CA ILE B 550 14.03 -28.60 -17.82
C ILE B 550 14.27 -27.16 -18.25
N PRO B 551 15.50 -26.79 -18.62
CA PRO B 551 15.77 -25.38 -18.93
C PRO B 551 15.17 -24.95 -20.26
N VAL B 552 14.52 -23.81 -20.25
CA VAL B 552 13.98 -23.17 -21.44
C VAL B 552 14.90 -22.01 -21.80
N PHE B 553 15.45 -22.05 -23.01
CA PHE B 553 16.40 -21.05 -23.47
C PHE B 553 15.72 -20.08 -24.43
N LYS B 554 16.46 -19.05 -24.80
CA LYS B 554 16.01 -18.06 -25.77
C LYS B 554 16.65 -18.25 -27.13
N ASN B 555 17.95 -18.47 -27.17
CA ASN B 555 18.66 -18.76 -28.41
C ASN B 555 18.96 -20.24 -28.50
N MET B 556 19.25 -20.70 -29.71
CA MET B 556 19.64 -22.08 -29.90
C MET B 556 21.13 -22.29 -29.65
N ALA B 557 21.91 -21.21 -29.71
CA ALA B 557 23.36 -21.31 -29.57
C ALA B 557 23.74 -21.73 -28.15
N ASP B 558 23.21 -21.02 -27.14
CA ASP B 558 23.47 -21.42 -25.77
C ASP B 558 22.69 -22.65 -25.34
N ALA B 559 21.74 -23.12 -26.17
CA ALA B 559 21.15 -24.43 -25.93
C ALA B 559 22.11 -25.53 -26.36
N MET B 560 22.74 -25.37 -27.52
CA MET B 560 23.73 -26.35 -27.96
C MET B 560 25.00 -26.27 -27.12
N ARG B 561 25.30 -25.11 -26.54
CA ARG B 561 26.49 -24.96 -25.72
C ARG B 561 26.34 -25.70 -24.40
N LYS B 562 25.28 -25.40 -23.65
CA LYS B 562 25.10 -25.96 -22.32
C LYS B 562 24.71 -27.43 -22.33
N HIS B 563 24.31 -27.97 -23.47
CA HIS B 563 23.91 -29.37 -23.60
C HIS B 563 24.59 -29.98 -24.81
N PRO B 564 25.78 -30.54 -24.65
CA PRO B 564 26.48 -31.16 -25.78
C PRO B 564 26.11 -32.61 -26.02
N GLU B 565 25.28 -33.22 -25.18
CA GLU B 565 24.83 -34.59 -25.40
C GLU B 565 23.62 -34.68 -26.31
N VAL B 566 23.11 -33.54 -26.77
CA VAL B 566 21.93 -33.51 -27.63
C VAL B 566 22.31 -33.98 -29.03
N ASP B 567 21.45 -34.79 -29.64
CA ASP B 567 21.63 -35.08 -31.05
C ASP B 567 20.36 -34.97 -31.88
N VAL B 568 19.21 -34.72 -31.26
CA VAL B 568 17.96 -34.57 -31.97
C VAL B 568 17.42 -33.17 -31.69
N LEU B 569 16.81 -32.55 -32.69
CA LEU B 569 16.00 -31.37 -32.49
C LEU B 569 14.61 -31.65 -33.03
N ILE B 570 13.61 -31.41 -32.21
CA ILE B 570 12.22 -31.58 -32.60
C ILE B 570 11.65 -30.19 -32.84
N ASN B 571 11.34 -29.90 -34.10
CA ASN B 571 10.97 -28.55 -34.50
C ASN B 571 9.46 -28.44 -34.45
N PHE B 572 8.95 -27.76 -33.43
CA PHE B 572 7.52 -27.51 -33.30
C PHE B 572 7.13 -26.14 -33.82
N ALA B 573 7.99 -25.50 -34.60
CA ALA B 573 7.70 -24.19 -35.17
C ALA B 573 6.60 -24.30 -36.21
N SER B 574 6.07 -23.15 -36.62
CA SER B 574 4.91 -23.12 -37.49
C SER B 574 5.33 -23.35 -38.94
N LEU B 575 4.41 -23.13 -39.86
CA LEU B 575 4.71 -23.34 -41.27
C LEU B 575 5.49 -22.20 -41.89
N ARG B 576 5.77 -21.14 -41.14
CA ARG B 576 6.53 -20.02 -41.66
C ARG B 576 7.82 -19.76 -40.91
N SER B 577 8.05 -20.43 -39.79
CA SER B 577 9.32 -20.32 -39.08
C SER B 577 10.02 -21.66 -38.95
N ALA B 578 9.57 -22.68 -39.66
CA ALA B 578 10.25 -23.97 -39.62
C ALA B 578 11.54 -23.93 -40.43
N TYR B 579 11.50 -23.24 -41.57
CA TYR B 579 12.63 -23.26 -42.48
C TYR B 579 13.83 -22.52 -41.91
N ASP B 580 13.60 -21.37 -41.30
CA ASP B 580 14.72 -20.59 -40.77
C ASP B 580 15.34 -21.27 -39.55
N SER B 581 14.52 -21.84 -38.67
CA SER B 581 15.03 -22.53 -37.51
C SER B 581 15.72 -23.84 -37.89
N THR B 582 15.25 -24.50 -38.95
CA THR B 582 15.90 -25.73 -39.39
C THR B 582 17.24 -25.43 -40.06
N MET B 583 17.29 -24.37 -40.89
CA MET B 583 18.57 -23.96 -41.47
C MET B 583 19.55 -23.47 -40.42
N GLU B 584 19.05 -22.83 -39.37
CA GLU B 584 19.93 -22.43 -38.27
C GLU B 584 20.41 -23.64 -37.48
N THR B 585 19.58 -24.68 -37.37
CA THR B 585 19.93 -25.85 -36.59
C THR B 585 21.07 -26.64 -37.21
N MET B 586 21.09 -26.77 -38.53
CA MET B 586 22.12 -27.53 -39.21
C MET B 586 23.47 -26.82 -39.24
N ASN B 587 23.59 -25.62 -38.68
CA ASN B 587 24.88 -25.00 -38.41
C ASN B 587 25.54 -25.53 -37.13
N TYR B 588 24.94 -26.52 -36.47
CA TYR B 588 25.53 -27.21 -35.35
C TYR B 588 25.73 -28.66 -35.73
N ALA B 589 26.96 -29.16 -35.54
CA ALA B 589 27.31 -30.47 -36.08
C ALA B 589 26.70 -31.61 -35.28
N GLN B 590 26.47 -31.40 -33.98
CA GLN B 590 26.03 -32.49 -33.12
C GLN B 590 24.58 -32.89 -33.35
N ILE B 591 23.78 -32.02 -33.97
CA ILE B 591 22.39 -32.34 -34.26
C ILE B 591 22.38 -33.27 -35.47
N ARG B 592 22.11 -34.55 -35.22
CA ARG B 592 22.20 -35.55 -36.28
C ARG B 592 20.86 -35.86 -36.92
N THR B 593 19.75 -35.47 -36.31
CA THR B 593 18.45 -35.65 -36.93
C THR B 593 17.52 -34.53 -36.49
N ILE B 594 16.63 -34.14 -37.38
CA ILE B 594 15.70 -33.04 -37.16
C ILE B 594 14.31 -33.53 -37.51
N ALA B 595 13.37 -33.40 -36.58
CA ALA B 595 12.00 -33.77 -36.82
C ALA B 595 11.17 -32.50 -36.94
N ILE B 596 10.45 -32.35 -38.04
CA ILE B 596 9.74 -31.13 -38.36
C ILE B 596 8.26 -31.43 -38.31
N ILE B 597 7.61 -31.03 -37.22
CA ILE B 597 6.20 -31.36 -37.01
C ILE B 597 5.27 -30.43 -37.78
N ALA B 598 5.81 -29.33 -38.32
CA ALA B 598 5.00 -28.31 -39.01
C ALA B 598 4.35 -28.87 -40.26
N GLU B 599 3.22 -28.27 -40.62
CA GLU B 599 2.45 -28.67 -41.79
C GLU B 599 2.15 -27.42 -42.61
N GLY B 600 2.49 -27.46 -43.88
CA GLY B 600 2.22 -26.37 -44.78
C GLY B 600 3.41 -25.59 -45.26
N ILE B 601 4.60 -26.14 -45.16
CA ILE B 601 5.80 -25.50 -45.71
C ILE B 601 5.70 -25.47 -47.22
N PRO B 602 6.13 -24.39 -47.89
CA PRO B 602 6.24 -24.45 -49.36
C PRO B 602 7.28 -25.46 -49.80
N GLU B 603 7.05 -26.06 -50.96
CA GLU B 603 7.84 -27.21 -51.36
C GLU B 603 9.24 -26.84 -51.79
N ALA B 604 9.45 -25.61 -52.26
CA ALA B 604 10.79 -25.19 -52.65
C ALA B 604 11.69 -25.05 -51.42
N LEU B 605 11.13 -24.53 -50.33
CA LEU B 605 11.89 -24.43 -49.09
C LEU B 605 12.15 -25.80 -48.50
N THR B 606 11.22 -26.73 -48.68
CA THR B 606 11.44 -28.11 -48.28
C THR B 606 12.56 -28.75 -49.07
N ARG B 607 12.64 -28.46 -50.37
CA ARG B 607 13.73 -29.01 -51.18
C ARG B 607 15.07 -28.40 -50.80
N LYS B 608 15.09 -27.13 -50.41
CA LYS B 608 16.33 -26.55 -49.90
C LYS B 608 16.74 -27.19 -48.58
N LEU B 609 15.76 -27.55 -47.75
CA LEU B 609 16.05 -28.27 -46.51
C LEU B 609 16.60 -29.67 -46.78
N ILE B 610 16.02 -30.36 -47.77
CA ILE B 610 16.49 -31.69 -48.14
C ILE B 610 17.92 -31.63 -48.69
N LYS B 611 18.20 -30.60 -49.49
CA LYS B 611 19.53 -30.42 -50.06
C LYS B 611 20.57 -30.16 -48.98
N LYS B 612 20.28 -29.24 -48.05
CA LYS B 612 21.24 -29.00 -46.98
C LYS B 612 21.32 -30.16 -46.00
N ALA B 613 20.27 -30.96 -45.87
CA ALA B 613 20.34 -32.15 -45.03
C ALA B 613 21.26 -33.19 -45.63
N ASP B 614 21.15 -33.41 -46.94
CA ASP B 614 22.04 -34.36 -47.60
C ASP B 614 23.48 -33.85 -47.64
N GLN B 615 23.67 -32.53 -47.70
CA GLN B 615 25.02 -31.99 -47.68
C GLN B 615 25.64 -32.09 -46.29
N LYS B 616 24.84 -31.89 -45.24
CA LYS B 616 25.37 -31.93 -43.89
C LYS B 616 25.30 -33.30 -43.25
N GLY B 617 24.50 -34.21 -43.80
CA GLY B 617 24.40 -35.54 -43.24
C GLY B 617 23.52 -35.65 -42.01
N VAL B 618 22.35 -35.00 -42.02
CA VAL B 618 21.37 -35.17 -40.96
C VAL B 618 20.18 -35.91 -41.54
N THR B 619 19.37 -36.47 -40.66
CA THR B 619 18.24 -37.31 -41.05
C THR B 619 16.96 -36.55 -40.73
N ILE B 620 16.44 -35.85 -41.72
CA ILE B 620 15.22 -35.08 -41.53
C ILE B 620 14.03 -36.03 -41.65
N ILE B 621 13.15 -35.99 -40.65
CA ILE B 621 11.97 -36.85 -40.62
C ILE B 621 10.91 -36.40 -41.61
N GLY B 622 11.05 -35.19 -42.13
CA GLY B 622 10.08 -34.65 -43.08
C GLY B 622 8.96 -33.89 -42.41
N PRO B 623 8.37 -32.93 -43.13
CA PRO B 623 7.27 -32.10 -42.65
C PRO B 623 5.93 -32.84 -42.55
N ALA B 624 4.96 -32.18 -41.94
CA ALA B 624 3.61 -32.73 -41.76
C ALA B 624 3.63 -34.11 -41.13
N THR B 625 4.65 -34.42 -40.34
CA THR B 625 4.67 -35.68 -39.62
C THR B 625 3.92 -35.55 -38.30
N VAL B 626 3.82 -36.67 -37.61
CA VAL B 626 3.52 -36.68 -36.18
C VAL B 626 4.75 -37.04 -35.38
N GLY B 627 5.78 -37.54 -36.03
CA GLY B 627 6.98 -38.01 -35.36
C GLY B 627 7.21 -39.46 -35.67
N GLY B 628 7.93 -40.16 -34.80
CA GLY B 628 8.11 -41.58 -34.98
C GLY B 628 8.59 -42.23 -33.70
N ILE B 629 7.89 -43.28 -33.27
CA ILE B 629 8.10 -43.84 -31.94
C ILE B 629 8.99 -45.08 -32.06
N LYS B 630 10.06 -45.09 -31.26
CA LYS B 630 10.89 -46.28 -31.11
C LYS B 630 10.63 -46.82 -29.72
N PRO B 631 9.78 -47.84 -29.58
CA PRO B 631 9.29 -48.23 -28.25
C PRO B 631 10.38 -48.81 -27.38
N GLY B 632 10.26 -48.54 -26.09
CA GLY B 632 11.32 -48.79 -25.14
C GLY B 632 12.45 -47.80 -25.15
N CYS B 633 12.53 -46.93 -26.15
CA CYS B 633 13.70 -46.11 -26.37
C CYS B 633 13.42 -44.61 -26.39
N PHE B 634 12.49 -44.14 -27.24
CA PHE B 634 12.38 -42.73 -27.57
C PHE B 634 11.08 -42.50 -28.34
N LYS B 635 10.55 -41.28 -28.25
CA LYS B 635 9.28 -40.93 -28.87
C LYS B 635 9.30 -39.46 -29.24
N ILE B 636 8.98 -39.15 -30.49
CA ILE B 636 9.11 -37.79 -31.01
C ILE B 636 7.77 -37.09 -30.86
N GLY B 637 7.67 -36.22 -29.86
CA GLY B 637 6.52 -35.36 -29.72
C GLY B 637 5.25 -36.07 -29.35
N ASN B 638 4.22 -35.92 -30.18
CA ASN B 638 2.90 -36.44 -29.88
C ASN B 638 2.58 -37.73 -30.61
N THR B 639 3.60 -38.50 -30.98
CA THR B 639 3.31 -39.76 -31.64
C THR B 639 2.89 -40.80 -30.60
N GLY B 640 2.03 -41.71 -31.02
CA GLY B 640 1.45 -42.68 -30.12
C GLY B 640 0.22 -42.19 -29.39
N GLY B 641 0.25 -40.94 -28.92
CA GLY B 641 -0.90 -40.33 -28.28
C GLY B 641 -0.71 -40.17 -26.79
N MET B 642 -1.82 -40.14 -26.05
CA MET B 642 -1.75 -40.12 -24.60
C MET B 642 -1.27 -41.49 -24.12
N LEU B 643 -0.79 -41.55 -22.88
CA LEU B 643 -0.12 -42.73 -22.34
C LEU B 643 -1.05 -43.93 -22.19
N ASP B 644 -2.37 -43.72 -22.24
CA ASP B 644 -3.29 -44.85 -22.25
C ASP B 644 -3.17 -45.65 -23.54
N ASN B 645 -2.94 -44.97 -24.67
CA ASN B 645 -2.69 -45.71 -25.91
C ASN B 645 -1.31 -46.32 -25.94
N ILE B 646 -0.36 -45.73 -25.22
CA ILE B 646 0.98 -46.30 -25.17
C ILE B 646 0.99 -47.58 -24.35
N LEU B 647 0.25 -47.60 -23.25
CA LEU B 647 0.15 -48.82 -22.48
C LEU B 647 -0.79 -49.83 -23.13
N ALA B 648 -1.80 -49.36 -23.86
CA ALA B 648 -2.74 -50.26 -24.51
C ALA B 648 -2.14 -50.92 -25.76
N SER B 649 -1.06 -50.38 -26.30
CA SER B 649 -0.43 -50.96 -27.48
C SER B 649 0.92 -51.56 -27.16
N LYS B 650 1.26 -51.69 -25.88
CA LYS B 650 2.49 -52.32 -25.39
C LYS B 650 3.74 -51.68 -25.99
N LEU B 651 3.73 -50.35 -26.07
CA LEU B 651 4.82 -49.60 -26.66
C LEU B 651 5.88 -49.23 -25.63
N TYR B 652 5.95 -49.95 -24.51
CA TYR B 652 6.93 -49.67 -23.47
C TYR B 652 8.11 -50.61 -23.47
N ARG B 653 8.11 -51.61 -24.36
CA ARG B 653 9.21 -52.54 -24.52
C ARG B 653 9.38 -52.81 -26.01
N PRO B 654 10.61 -53.01 -26.46
CA PRO B 654 10.84 -53.16 -27.90
C PRO B 654 10.33 -54.49 -28.42
N GLY B 655 9.83 -54.46 -29.64
CA GLY B 655 9.36 -55.64 -30.31
C GLY B 655 10.34 -56.11 -31.36
N SER B 656 9.80 -56.58 -32.48
CA SER B 656 10.64 -56.99 -33.60
C SER B 656 10.15 -56.49 -34.94
N VAL B 657 8.99 -55.86 -35.01
CA VAL B 657 8.40 -55.39 -36.26
C VAL B 657 8.66 -53.91 -36.38
N ALA B 658 9.29 -53.48 -37.46
CA ALA B 658 9.35 -52.07 -37.75
C ALA B 658 8.28 -51.72 -38.77
N TYR B 659 7.92 -50.45 -38.84
CA TYR B 659 6.98 -50.03 -39.86
C TYR B 659 7.32 -48.62 -40.31
N VAL B 660 6.90 -48.31 -41.52
CA VAL B 660 6.96 -46.97 -42.08
C VAL B 660 5.61 -46.66 -42.72
N SER B 661 5.00 -45.55 -42.32
CA SER B 661 3.75 -45.10 -42.90
C SER B 661 3.94 -43.67 -43.40
N ARG B 662 2.85 -43.06 -43.86
CA ARG B 662 2.87 -41.67 -44.30
C ARG B 662 2.04 -40.77 -43.40
N SER B 663 0.77 -41.09 -43.20
CA SER B 663 -0.09 -40.26 -42.40
C SER B 663 0.06 -40.60 -40.92
N GLY B 664 -0.09 -39.58 -40.07
CA GLY B 664 -0.06 -39.80 -38.64
C GLY B 664 -1.31 -40.45 -38.10
N GLY B 665 -2.42 -40.41 -38.85
CA GLY B 665 -3.64 -41.05 -38.40
C GLY B 665 -3.59 -42.56 -38.51
N MET B 666 -2.75 -43.09 -39.37
CA MET B 666 -2.62 -44.53 -39.53
C MET B 666 -1.56 -45.13 -38.64
N SER B 667 -0.69 -44.32 -38.04
CA SER B 667 0.38 -44.86 -37.22
C SER B 667 -0.14 -45.45 -35.92
N ASN B 668 -1.18 -44.85 -35.34
CA ASN B 668 -1.76 -45.42 -34.13
C ASN B 668 -2.48 -46.74 -34.44
N GLU B 669 -3.13 -46.82 -35.60
CA GLU B 669 -3.74 -48.08 -36.02
C GLU B 669 -2.69 -49.15 -36.29
N LEU B 670 -1.54 -48.75 -36.82
CA LEU B 670 -0.48 -49.73 -37.06
C LEU B 670 0.13 -50.20 -35.75
N ASN B 671 0.27 -49.30 -34.77
CA ASN B 671 0.72 -49.72 -33.44
C ASN B 671 -0.27 -50.67 -32.81
N ASN B 672 -1.57 -50.42 -32.99
CA ASN B 672 -2.60 -51.29 -32.46
C ASN B 672 -2.56 -52.67 -33.13
N ILE B 673 -2.41 -52.69 -34.45
CA ILE B 673 -2.40 -53.95 -35.20
C ILE B 673 -1.18 -54.79 -34.83
N ILE B 674 0.00 -54.17 -34.82
CA ILE B 674 1.22 -54.87 -34.47
C ILE B 674 1.24 -55.27 -33.00
N SER B 675 0.51 -54.56 -32.13
CA SER B 675 0.38 -55.02 -30.76
C SER B 675 -0.51 -56.25 -30.67
N ARG B 676 -1.68 -56.21 -31.31
CA ARG B 676 -2.67 -57.26 -31.13
C ARG B 676 -2.36 -58.54 -31.90
N THR B 677 -1.55 -58.47 -32.95
CA THR B 677 -1.27 -59.67 -33.76
C THR B 677 0.10 -60.25 -33.49
N THR B 678 1.14 -59.43 -33.51
CA THR B 678 2.52 -59.89 -33.42
C THR B 678 3.19 -59.34 -32.17
N ASP B 679 4.52 -59.50 -32.12
CA ASP B 679 5.31 -59.22 -30.93
C ASP B 679 5.23 -57.76 -30.52
N GLY B 680 5.35 -56.84 -31.47
CA GLY B 680 5.28 -55.43 -31.15
C GLY B 680 6.27 -54.61 -31.97
N VAL B 681 6.16 -53.29 -31.89
CA VAL B 681 6.96 -52.41 -32.74
C VAL B 681 8.36 -52.29 -32.14
N TYR B 682 9.37 -52.50 -32.97
CA TYR B 682 10.74 -52.17 -32.61
C TYR B 682 11.01 -50.69 -32.82
N GLU B 683 10.55 -50.14 -33.95
CA GLU B 683 10.71 -48.73 -34.27
C GLU B 683 9.76 -48.38 -35.40
N GLY B 684 8.98 -47.32 -35.22
CA GLY B 684 8.10 -46.86 -36.26
C GLY B 684 8.39 -45.41 -36.59
N VAL B 685 8.13 -45.05 -37.84
CA VAL B 685 8.40 -43.70 -38.36
C VAL B 685 7.28 -43.35 -39.32
N ALA B 686 6.64 -42.20 -39.10
CA ALA B 686 5.72 -41.61 -40.05
C ALA B 686 6.46 -40.50 -40.80
N ILE B 687 6.63 -40.68 -42.12
CA ILE B 687 7.52 -39.80 -42.86
C ILE B 687 6.90 -38.45 -43.19
N GLY B 688 5.58 -38.33 -43.12
CA GLY B 688 4.96 -37.06 -43.41
C GLY B 688 3.97 -37.11 -44.56
N GLY B 689 2.93 -36.29 -44.48
CA GLY B 689 1.92 -36.25 -45.52
C GLY B 689 2.19 -35.24 -46.61
N ASP B 690 3.44 -34.74 -46.67
CA ASP B 690 3.81 -33.76 -47.68
C ASP B 690 4.21 -34.45 -48.97
N ARG B 691 4.49 -33.65 -50.01
CA ARG B 691 4.88 -34.20 -51.30
C ARG B 691 6.36 -34.51 -51.38
N TYR B 692 7.21 -33.76 -50.69
CA TYR B 692 8.65 -34.04 -50.62
C TYR B 692 9.00 -34.31 -49.17
N PRO B 693 8.94 -35.55 -48.72
CA PRO B 693 9.38 -35.87 -47.36
C PRO B 693 10.88 -35.76 -47.24
N GLY B 694 11.34 -35.43 -46.04
CA GLY B 694 12.77 -35.33 -45.80
C GLY B 694 13.48 -36.67 -45.82
N SER B 695 12.76 -37.75 -45.62
CA SER B 695 13.32 -39.09 -45.73
C SER B 695 12.23 -40.01 -46.26
N THR B 696 12.47 -40.63 -47.40
CA THR B 696 11.44 -41.41 -48.08
C THR B 696 11.36 -42.82 -47.48
N PHE B 697 10.64 -43.70 -48.16
CA PHE B 697 10.49 -45.07 -47.70
C PHE B 697 11.81 -45.82 -47.74
N MET B 698 12.58 -45.62 -48.81
CA MET B 698 13.81 -46.37 -48.97
C MET B 698 14.87 -45.94 -47.97
N ASP B 699 14.86 -44.67 -47.58
CA ASP B 699 15.79 -44.15 -46.59
C ASP B 699 15.55 -44.70 -45.20
N HIS B 700 14.39 -45.34 -44.96
CA HIS B 700 14.09 -45.98 -43.69
C HIS B 700 14.08 -47.50 -43.76
N VAL B 701 13.68 -48.10 -44.89
CA VAL B 701 13.81 -49.55 -44.97
C VAL B 701 15.27 -49.97 -45.17
N LEU B 702 16.10 -49.10 -45.77
CA LEU B 702 17.53 -49.34 -45.74
C LEU B 702 18.08 -49.18 -44.35
N ARG B 703 17.48 -48.28 -43.55
CA ARG B 703 17.92 -48.09 -42.18
C ARG B 703 17.49 -49.25 -41.28
N TYR B 704 16.38 -49.88 -41.61
CA TYR B 704 15.96 -51.08 -40.91
C TYR B 704 16.67 -52.33 -41.40
N GLN B 705 17.30 -52.26 -42.57
CA GLN B 705 18.10 -53.40 -43.02
C GLN B 705 19.31 -53.60 -42.12
N ASP B 706 20.07 -52.54 -41.85
CA ASP B 706 21.33 -52.70 -41.12
C ASP B 706 21.15 -52.94 -39.62
N THR B 707 19.98 -52.69 -39.06
CA THR B 707 19.87 -52.94 -37.62
C THR B 707 19.40 -54.36 -37.37
N PRO B 708 20.10 -55.12 -36.53
CA PRO B 708 19.77 -56.53 -36.36
C PRO B 708 18.56 -56.80 -35.48
N GLY B 709 18.13 -55.81 -34.69
CA GLY B 709 17.05 -56.06 -33.73
C GLY B 709 15.70 -56.25 -34.38
N VAL B 710 15.51 -55.70 -35.55
CA VAL B 710 14.26 -55.85 -36.29
C VAL B 710 14.34 -57.11 -37.14
N LYS B 711 13.24 -57.85 -37.19
CA LYS B 711 13.14 -59.04 -38.00
C LYS B 711 12.23 -58.90 -39.19
N MET B 712 11.22 -58.05 -39.13
CA MET B 712 10.32 -57.87 -40.26
C MET B 712 9.87 -56.43 -40.34
N ILE B 713 9.51 -55.99 -41.54
CA ILE B 713 9.22 -54.60 -41.85
C ILE B 713 7.84 -54.53 -42.47
N VAL B 714 7.04 -53.56 -42.04
CA VAL B 714 5.73 -53.28 -42.62
C VAL B 714 5.78 -51.88 -43.22
N VAL B 715 5.29 -51.74 -44.45
CA VAL B 715 5.29 -50.46 -45.15
C VAL B 715 3.87 -50.17 -45.60
N LEU B 716 3.37 -49.00 -45.23
CA LEU B 716 2.05 -48.52 -45.64
C LEU B 716 2.26 -47.37 -46.62
N GLY B 717 2.11 -47.65 -47.90
CA GLY B 717 2.28 -46.64 -48.92
C GLY B 717 0.99 -45.94 -49.29
N GLU B 718 1.13 -44.93 -50.13
CA GLU B 718 0.03 -44.05 -50.51
C GLU B 718 -0.06 -43.98 -52.03
N ILE B 719 -1.24 -43.57 -52.50
CA ILE B 719 -1.42 -43.33 -53.93
C ILE B 719 -0.59 -42.13 -54.36
N GLY B 720 0.08 -42.24 -55.50
CA GLY B 720 0.89 -41.16 -56.01
C GLY B 720 2.32 -41.26 -55.55
N GLY B 721 3.27 -41.09 -56.46
CA GLY B 721 4.67 -41.13 -56.10
C GLY B 721 5.28 -42.49 -56.27
N THR B 722 6.20 -42.64 -57.21
CA THR B 722 6.84 -43.92 -57.50
C THR B 722 7.99 -44.14 -56.52
N GLU B 723 7.61 -44.44 -55.28
CA GLU B 723 8.54 -44.70 -54.20
C GLU B 723 8.64 -46.19 -53.86
N GLU B 724 7.53 -46.90 -53.92
CA GLU B 724 7.51 -48.32 -53.62
C GLU B 724 8.15 -49.15 -54.72
N TYR B 725 8.24 -48.60 -55.93
CA TYR B 725 8.98 -49.27 -56.99
C TYR B 725 10.48 -49.28 -56.70
N LYS B 726 10.96 -48.31 -55.92
CA LYS B 726 12.35 -48.38 -55.46
C LYS B 726 12.52 -49.49 -54.43
N ILE B 727 11.48 -49.79 -53.65
CA ILE B 727 11.53 -50.94 -52.76
C ILE B 727 11.52 -52.23 -53.56
N CYS B 728 10.78 -52.26 -54.68
CA CYS B 728 10.79 -53.41 -55.59
C CYS B 728 12.17 -53.64 -56.19
N ARG B 729 12.83 -52.56 -56.63
CA ARG B 729 14.17 -52.70 -57.17
C ARG B 729 15.19 -53.02 -56.08
N GLY B 730 14.94 -52.60 -54.84
CA GLY B 730 15.85 -52.95 -53.76
C GLY B 730 15.70 -54.37 -53.29
N ILE B 731 14.52 -54.95 -53.43
CA ILE B 731 14.34 -56.36 -53.08
C ILE B 731 14.70 -57.26 -54.25
N LYS B 732 14.72 -56.74 -55.48
CA LYS B 732 15.18 -57.52 -56.62
C LYS B 732 16.70 -57.52 -56.74
N GLU B 733 17.36 -56.47 -56.26
CA GLU B 733 18.82 -56.42 -56.26
C GLU B 733 19.44 -57.15 -55.09
N GLY B 734 18.63 -57.76 -54.23
CA GLY B 734 19.16 -58.49 -53.09
C GLY B 734 19.67 -57.63 -51.96
N ARG B 735 19.18 -56.40 -51.84
CA ARG B 735 19.56 -55.54 -50.73
C ARG B 735 18.61 -55.67 -49.55
N LEU B 736 17.32 -55.84 -49.82
CA LEU B 736 16.31 -56.02 -48.76
C LEU B 736 16.00 -57.50 -48.63
N THR B 737 16.40 -58.09 -47.50
CA THR B 737 16.20 -59.51 -47.26
C THR B 737 15.18 -59.82 -46.17
N LYS B 738 14.92 -58.88 -45.26
CA LYS B 738 13.97 -59.12 -44.19
C LYS B 738 12.55 -59.11 -44.74
N PRO B 739 11.63 -59.86 -44.13
CA PRO B 739 10.27 -59.99 -44.67
C PRO B 739 9.49 -58.68 -44.62
N ILE B 740 9.12 -58.19 -45.80
CA ILE B 740 8.39 -56.95 -45.96
C ILE B 740 6.91 -57.29 -46.12
N VAL B 741 6.05 -56.53 -45.46
CA VAL B 741 4.62 -56.56 -45.64
C VAL B 741 4.23 -55.16 -46.11
N CYS B 742 4.05 -55.00 -47.41
CA CYS B 742 3.67 -53.69 -47.92
C CYS B 742 2.20 -53.70 -48.31
N TRP B 743 1.57 -52.54 -48.15
CA TRP B 743 0.20 -52.35 -48.60
C TRP B 743 0.05 -50.87 -48.89
N CYS B 744 -0.58 -50.54 -50.01
CA CYS B 744 -0.73 -49.16 -50.43
C CYS B 744 -2.21 -48.79 -50.41
N ILE B 745 -2.52 -47.70 -49.72
CA ILE B 745 -3.90 -47.27 -49.53
C ILE B 745 -4.30 -46.33 -50.66
N GLY B 746 -5.61 -46.14 -50.82
CA GLY B 746 -6.12 -45.18 -51.79
C GLY B 746 -6.46 -45.78 -53.13
N THR B 747 -7.32 -46.80 -53.16
CA THR B 747 -7.70 -47.43 -54.42
C THR B 747 -8.52 -46.48 -55.30
N CYS B 748 -9.65 -45.99 -54.77
CA CYS B 748 -10.52 -44.94 -55.35
C CYS B 748 -10.88 -45.17 -56.82
N ALA B 749 -10.98 -46.44 -57.23
CA ALA B 749 -11.45 -46.78 -58.57
C ALA B 749 -12.96 -47.02 -58.51
N THR B 750 -13.69 -45.94 -58.27
CA THR B 750 -15.12 -45.99 -58.07
C THR B 750 -15.87 -46.24 -59.38
N GLN B 767 0.43 -40.67 -64.98
CA GLN B 767 0.97 -42.02 -64.97
C GLN B 767 -0.01 -43.01 -64.36
N ALA B 768 -0.24 -44.11 -65.06
CA ALA B 768 -1.19 -45.13 -64.62
C ALA B 768 -0.59 -46.15 -63.67
N SER B 769 0.67 -45.97 -63.26
CA SER B 769 1.32 -46.89 -62.33
C SER B 769 1.35 -46.38 -60.91
N GLU B 770 0.97 -45.13 -60.68
CA GLU B 770 1.04 -44.49 -59.37
C GLU B 770 -0.17 -44.77 -58.50
N THR B 771 -1.10 -45.62 -58.97
CA THR B 771 -2.31 -45.91 -58.22
C THR B 771 -2.01 -46.93 -57.12
N ALA B 772 -3.05 -47.26 -56.35
CA ALA B 772 -2.89 -48.21 -55.26
C ALA B 772 -2.89 -49.65 -55.76
N VAL B 773 -3.74 -49.98 -56.73
CA VAL B 773 -3.78 -51.34 -57.24
C VAL B 773 -2.53 -51.67 -58.05
N ALA B 774 -1.91 -50.65 -58.67
CA ALA B 774 -0.73 -50.88 -59.47
C ALA B 774 0.48 -51.17 -58.58
N LYS B 775 0.68 -50.35 -57.54
CA LYS B 775 1.74 -50.61 -56.59
C LYS B 775 1.47 -51.87 -55.77
N ASN B 776 0.20 -52.16 -55.49
CA ASN B 776 -0.13 -53.37 -54.74
C ASN B 776 0.20 -54.62 -55.55
N GLN B 777 -0.15 -54.64 -56.83
CA GLN B 777 0.18 -55.80 -57.67
C GLN B 777 1.68 -55.88 -57.94
N ALA B 778 2.35 -54.74 -58.09
CA ALA B 778 3.78 -54.74 -58.38
C ALA B 778 4.60 -55.17 -57.17
N LEU B 779 4.13 -54.87 -55.96
CA LEU B 779 4.78 -55.42 -54.77
C LEU B 779 4.35 -56.85 -54.51
N LYS B 780 3.15 -57.24 -54.94
CA LYS B 780 2.70 -58.61 -54.77
C LYS B 780 3.53 -59.57 -55.62
N GLU B 781 3.88 -59.16 -56.84
CA GLU B 781 4.67 -60.02 -57.69
C GLU B 781 6.15 -60.01 -57.34
N ALA B 782 6.61 -59.10 -56.49
CA ALA B 782 8.02 -58.91 -56.27
C ALA B 782 8.58 -59.71 -55.09
N GLY B 783 7.75 -60.44 -54.38
CA GLY B 783 8.19 -61.17 -53.21
C GLY B 783 7.83 -60.53 -51.90
N VAL B 784 6.86 -59.62 -51.88
CA VAL B 784 6.42 -58.91 -50.70
C VAL B 784 5.01 -59.38 -50.34
N PHE B 785 4.82 -59.73 -49.07
CA PHE B 785 3.52 -60.17 -48.58
C PHE B 785 2.54 -59.00 -48.64
N VAL B 786 1.55 -59.09 -49.52
CA VAL B 786 0.59 -58.01 -49.70
C VAL B 786 -0.80 -58.59 -49.46
N PRO B 787 -1.60 -58.00 -48.57
CA PRO B 787 -2.91 -58.57 -48.27
C PRO B 787 -3.92 -58.27 -49.37
N ARG B 788 -5.06 -58.96 -49.29
CA ARG B 788 -6.14 -58.70 -50.22
C ARG B 788 -6.80 -57.36 -49.95
N SER B 789 -7.04 -57.07 -48.67
CA SER B 789 -7.62 -55.79 -48.27
C SER B 789 -6.96 -55.37 -46.97
N PHE B 790 -7.48 -54.30 -46.37
CA PHE B 790 -7.01 -53.89 -45.05
C PHE B 790 -7.48 -54.84 -43.97
N ASP B 791 -8.56 -55.59 -44.22
CA ASP B 791 -9.09 -56.49 -43.20
C ASP B 791 -8.16 -57.67 -42.97
N GLU B 792 -7.50 -58.14 -44.02
CA GLU B 792 -6.55 -59.23 -43.91
C GLU B 792 -5.15 -58.75 -43.60
N LEU B 793 -4.97 -57.46 -43.30
CA LEU B 793 -3.63 -56.93 -43.06
C LEU B 793 -3.10 -57.41 -41.71
N GLY B 794 -3.92 -57.35 -40.67
CA GLY B 794 -3.52 -57.89 -39.40
C GLY B 794 -3.39 -59.40 -39.42
N GLU B 795 -4.26 -60.07 -40.19
CA GLU B 795 -4.20 -61.52 -40.30
C GLU B 795 -2.93 -61.99 -41.00
N ILE B 796 -2.54 -61.33 -42.10
CA ILE B 796 -1.30 -61.75 -42.74
C ILE B 796 -0.07 -61.22 -42.02
N ILE B 797 -0.17 -60.16 -41.22
CA ILE B 797 0.96 -59.78 -40.37
C ILE B 797 1.17 -60.83 -39.29
N GLN B 798 0.07 -61.35 -38.73
CA GLN B 798 0.15 -62.48 -37.81
C GLN B 798 0.66 -63.73 -38.51
N SER B 799 0.34 -63.89 -39.79
CA SER B 799 0.81 -65.06 -40.53
C SER B 799 2.30 -65.00 -40.79
N VAL B 800 2.83 -63.82 -41.16
CA VAL B 800 4.28 -63.68 -41.30
C VAL B 800 4.97 -63.80 -39.94
N TYR B 801 4.33 -63.36 -38.87
CA TYR B 801 4.92 -63.52 -37.55
C TYR B 801 4.96 -64.98 -37.13
N GLU B 802 3.91 -65.75 -37.42
CA GLU B 802 3.91 -67.18 -37.15
C GLU B 802 4.87 -67.91 -38.06
N ASP B 803 5.11 -67.37 -39.25
CA ASP B 803 6.16 -67.91 -40.12
C ASP B 803 7.52 -67.70 -39.49
N LEU B 804 7.76 -66.52 -38.94
CA LEU B 804 9.10 -66.18 -38.47
C LEU B 804 9.44 -66.79 -37.13
N VAL B 805 8.44 -67.05 -36.28
CA VAL B 805 8.76 -67.69 -35.01
C VAL B 805 8.96 -69.20 -35.21
N ALA B 806 8.26 -69.80 -36.18
CA ALA B 806 8.43 -71.23 -36.46
C ALA B 806 9.75 -71.53 -37.16
N ASN B 807 10.36 -70.54 -37.82
CA ASN B 807 11.70 -70.72 -38.35
C ASN B 807 12.77 -70.57 -37.28
N GLY B 808 12.42 -70.06 -36.10
CA GLY B 808 13.35 -70.05 -34.99
C GLY B 808 14.30 -68.89 -34.95
N VAL B 809 13.85 -67.69 -35.35
CA VAL B 809 14.63 -66.48 -35.22
C VAL B 809 13.93 -65.44 -34.34
N ILE B 810 12.62 -65.29 -34.48
CA ILE B 810 11.86 -64.42 -33.57
C ILE B 810 11.56 -65.21 -32.31
N VAL B 811 12.10 -64.77 -31.18
CA VAL B 811 11.70 -65.27 -29.88
C VAL B 811 10.98 -64.16 -29.14
N PRO B 812 9.80 -64.42 -28.58
CA PRO B 812 9.11 -63.38 -27.80
C PRO B 812 9.81 -63.18 -26.46
N ALA B 813 10.21 -61.94 -26.18
CA ALA B 813 10.85 -61.64 -24.92
C ALA B 813 9.84 -61.65 -23.79
N GLN B 814 10.32 -61.86 -22.57
CA GLN B 814 9.44 -62.01 -21.43
C GLN B 814 8.92 -60.66 -20.97
N GLU B 815 7.62 -60.62 -20.67
CA GLU B 815 6.92 -59.38 -20.38
C GLU B 815 7.14 -58.99 -18.92
N VAL B 816 7.89 -57.92 -18.72
CA VAL B 816 8.02 -57.29 -17.41
C VAL B 816 6.97 -56.18 -17.35
N PRO B 817 6.28 -55.98 -16.23
CA PRO B 817 5.31 -54.89 -16.17
C PRO B 817 6.01 -53.56 -16.10
N PRO B 818 5.44 -52.51 -16.70
CA PRO B 818 6.10 -51.22 -16.74
C PRO B 818 5.94 -50.48 -15.42
N PRO B 819 6.75 -49.45 -15.18
CA PRO B 819 6.44 -48.54 -14.08
C PRO B 819 5.14 -47.81 -14.35
N THR B 820 4.46 -47.44 -13.28
CA THR B 820 3.17 -46.77 -13.37
C THR B 820 3.32 -45.30 -13.05
N VAL B 821 2.64 -44.46 -13.83
CA VAL B 821 2.57 -43.05 -13.48
C VAL B 821 1.22 -42.83 -12.82
N PRO B 822 1.12 -41.87 -11.89
CA PRO B 822 -0.19 -41.38 -11.49
C PRO B 822 -0.79 -40.58 -12.63
N MET B 823 -2.12 -40.44 -12.62
CA MET B 823 -2.72 -40.11 -13.91
C MET B 823 -2.62 -38.62 -14.27
N ASP B 824 -3.40 -37.73 -13.65
CA ASP B 824 -3.34 -36.27 -13.78
C ASP B 824 -4.42 -35.69 -12.90
N TYR B 825 -4.26 -34.48 -12.39
CA TYR B 825 -5.41 -33.86 -11.77
C TYR B 825 -6.33 -33.28 -12.81
N SER B 826 -5.78 -32.75 -13.90
CA SER B 826 -6.58 -32.15 -14.94
C SER B 826 -7.41 -33.17 -15.69
N TRP B 827 -6.88 -34.37 -15.88
CA TRP B 827 -7.57 -35.41 -16.62
C TRP B 827 -8.54 -36.20 -15.76
N ALA B 828 -8.24 -36.38 -14.47
CA ALA B 828 -9.16 -37.08 -13.60
C ALA B 828 -10.36 -36.23 -13.24
N ARG B 829 -10.20 -34.92 -13.18
CA ARG B 829 -11.35 -34.07 -12.96
C ARG B 829 -12.12 -33.80 -14.25
N GLU B 830 -11.49 -33.99 -15.41
CA GLU B 830 -12.19 -33.76 -16.68
C GLU B 830 -13.24 -34.83 -16.89
N LEU B 831 -12.89 -36.09 -16.69
CA LEU B 831 -13.87 -37.15 -16.72
C LEU B 831 -14.51 -37.37 -15.35
N GLY B 832 -14.13 -36.55 -14.38
CA GLY B 832 -14.71 -36.61 -13.04
C GLY B 832 -14.51 -37.90 -12.28
N LEU B 833 -13.34 -38.05 -11.67
CA LEU B 833 -13.03 -39.23 -10.89
C LEU B 833 -12.37 -38.84 -9.57
N ILE B 834 -12.38 -37.54 -9.26
CA ILE B 834 -11.78 -37.04 -8.04
C ILE B 834 -12.28 -35.63 -7.68
N ARG B 835 -13.19 -35.57 -6.70
CA ARG B 835 -13.75 -34.31 -6.23
C ARG B 835 -12.73 -33.46 -5.48
N LYS B 836 -12.88 -32.14 -5.59
CA LYS B 836 -11.98 -31.19 -4.94
C LYS B 836 -12.77 -30.05 -4.32
N PRO B 837 -12.52 -29.71 -3.06
CA PRO B 837 -13.22 -28.58 -2.46
C PRO B 837 -12.64 -27.26 -2.95
N ALA B 838 -13.50 -26.46 -3.56
CA ALA B 838 -13.07 -25.18 -4.10
C ALA B 838 -13.29 -24.09 -3.07
N SER B 839 -12.30 -23.23 -2.91
CA SER B 839 -12.41 -22.03 -2.10
C SER B 839 -12.74 -20.84 -3.00
N PHE B 840 -12.71 -19.62 -2.44
CA PHE B 840 -12.87 -18.35 -3.14
C PHE B 840 -14.24 -18.20 -3.83
N MET B 841 -15.31 -18.17 -3.04
CA MET B 841 -16.66 -18.43 -3.55
C MET B 841 -17.21 -17.42 -4.57
N THR B 842 -16.73 -16.17 -4.62
CA THR B 842 -16.96 -15.15 -5.66
C THR B 842 -18.33 -14.95 -6.35
N SER B 843 -19.35 -14.50 -5.62
CA SER B 843 -20.67 -14.31 -6.24
C SER B 843 -20.76 -13.05 -7.11
N ILE B 844 -19.85 -12.94 -8.08
CA ILE B 844 -19.68 -11.77 -8.93
C ILE B 844 -18.79 -12.15 -10.11
N CYS B 845 -19.11 -11.65 -11.32
CA CYS B 845 -18.20 -11.59 -12.47
C CYS B 845 -17.71 -12.95 -12.92
N ASP B 846 -18.61 -13.71 -13.53
CA ASP B 846 -18.23 -14.94 -14.23
C ASP B 846 -17.42 -14.55 -15.45
N GLU B 847 -16.10 -14.71 -15.37
CA GLU B 847 -15.23 -14.23 -16.41
C GLU B 847 -15.15 -15.15 -17.61
N ARG B 848 -15.52 -16.42 -17.47
CA ARG B 848 -15.25 -17.39 -18.52
C ARG B 848 -16.55 -17.85 -19.13
N GLY B 849 -16.51 -18.16 -20.41
CA GLY B 849 -17.70 -18.27 -21.23
C GLY B 849 -17.61 -17.32 -22.40
N GLN B 850 -18.74 -17.17 -23.08
CA GLN B 850 -18.74 -16.33 -24.28
C GLN B 850 -18.71 -14.85 -23.94
N GLU B 851 -19.52 -14.43 -22.99
CA GLU B 851 -19.58 -13.04 -22.58
C GLU B 851 -19.02 -12.90 -21.18
N LEU B 852 -18.41 -11.75 -20.91
CA LEU B 852 -17.97 -11.43 -19.56
C LEU B 852 -19.22 -11.13 -18.75
N ILE B 853 -19.78 -12.13 -18.08
CA ILE B 853 -21.01 -11.93 -17.35
C ILE B 853 -20.74 -11.19 -16.05
N TYR B 854 -21.26 -9.97 -15.94
CA TYR B 854 -21.30 -9.29 -14.65
C TYR B 854 -22.49 -9.84 -13.89
N ALA B 855 -22.78 -9.31 -12.70
CA ALA B 855 -23.47 -9.99 -11.59
C ALA B 855 -24.43 -11.12 -11.97
N GLY B 856 -25.34 -10.84 -12.89
CA GLY B 856 -26.10 -11.89 -13.54
C GLY B 856 -26.37 -11.52 -14.97
N MET B 857 -25.74 -10.43 -15.40
CA MET B 857 -26.10 -9.73 -16.63
C MET B 857 -24.86 -9.63 -17.50
N PRO B 858 -24.93 -10.05 -18.77
CA PRO B 858 -23.74 -10.04 -19.62
C PRO B 858 -23.30 -8.63 -19.98
N ILE B 859 -22.13 -8.55 -20.62
CA ILE B 859 -21.57 -7.24 -20.89
C ILE B 859 -22.33 -6.55 -22.03
N THR B 860 -22.93 -7.32 -22.92
CA THR B 860 -23.73 -6.73 -23.98
C THR B 860 -25.06 -6.22 -23.46
N GLU B 861 -25.64 -6.87 -22.46
CA GLU B 861 -26.81 -6.31 -21.80
C GLU B 861 -26.46 -5.10 -20.95
N VAL B 862 -25.22 -5.00 -20.49
CA VAL B 862 -24.81 -3.81 -19.75
C VAL B 862 -24.74 -2.62 -20.69
N PHE B 863 -24.13 -2.81 -21.86
CA PHE B 863 -23.95 -1.68 -22.76
C PHE B 863 -25.19 -1.37 -23.59
N LYS B 864 -26.02 -2.37 -23.86
CA LYS B 864 -27.21 -2.15 -24.66
C LYS B 864 -28.29 -1.44 -23.86
N GLU B 865 -28.41 -1.76 -22.57
CA GLU B 865 -29.43 -1.15 -21.73
C GLU B 865 -29.08 0.25 -21.26
N GLU B 866 -27.92 0.77 -21.65
CA GLU B 866 -27.51 2.16 -21.41
C GLU B 866 -27.46 2.51 -19.94
N MET B 867 -26.90 1.63 -19.13
CA MET B 867 -26.56 1.98 -17.76
C MET B 867 -25.12 2.46 -17.72
N GLY B 868 -24.89 3.53 -16.97
CA GLY B 868 -23.58 4.16 -16.91
C GLY B 868 -22.64 3.38 -16.02
N ILE B 869 -21.74 4.08 -15.33
CA ILE B 869 -20.98 3.33 -14.34
C ILE B 869 -21.76 3.13 -13.06
N GLY B 870 -22.88 3.85 -12.87
CA GLY B 870 -23.70 3.59 -11.70
C GLY B 870 -24.36 2.23 -11.79
N GLY B 871 -24.71 1.81 -13.00
CA GLY B 871 -25.29 0.48 -13.16
C GLY B 871 -24.28 -0.62 -12.95
N VAL B 872 -23.03 -0.42 -13.39
CA VAL B 872 -22.05 -1.46 -13.13
C VAL B 872 -21.54 -1.41 -11.69
N LEU B 873 -21.67 -0.29 -10.99
CA LEU B 873 -21.44 -0.36 -9.54
C LEU B 873 -22.57 -1.04 -8.82
N GLY B 874 -23.80 -0.90 -9.30
CA GLY B 874 -24.89 -1.69 -8.75
C GLY B 874 -24.73 -3.16 -9.01
N LEU B 875 -24.14 -3.52 -10.15
CA LEU B 875 -23.93 -4.92 -10.47
C LEU B 875 -22.73 -5.50 -9.75
N LEU B 876 -21.60 -4.80 -9.73
CA LEU B 876 -20.43 -5.37 -9.08
C LEU B 876 -20.55 -5.31 -7.57
N TRP B 877 -21.01 -4.19 -7.03
CA TRP B 877 -20.94 -4.03 -5.59
C TRP B 877 -22.13 -4.66 -4.91
N PHE B 878 -23.32 -4.39 -5.40
CA PHE B 878 -24.55 -4.82 -4.76
C PHE B 878 -25.21 -6.01 -5.45
N GLN B 879 -24.82 -6.32 -6.68
CA GLN B 879 -25.30 -7.46 -7.47
C GLN B 879 -26.80 -7.40 -7.73
N LYS B 880 -27.29 -6.18 -7.92
CA LYS B 880 -28.67 -5.93 -8.31
C LYS B 880 -28.64 -4.92 -9.46
N ARG B 881 -29.66 -4.98 -10.30
CA ARG B 881 -29.83 -3.98 -11.34
C ARG B 881 -30.61 -2.83 -10.72
N LEU B 882 -29.91 -1.77 -10.35
CA LEU B 882 -30.52 -0.65 -9.65
C LEU B 882 -31.42 0.14 -10.60
N PRO B 883 -32.46 0.79 -10.08
CA PRO B 883 -33.29 1.63 -10.94
C PRO B 883 -32.54 2.84 -11.42
N LYS B 884 -33.00 3.38 -12.55
CA LYS B 884 -32.21 4.34 -13.32
C LYS B 884 -32.05 5.70 -12.65
N TYR B 885 -32.83 6.01 -11.62
CA TYR B 885 -32.62 7.27 -10.93
C TYR B 885 -31.48 7.19 -9.93
N SER B 886 -31.13 5.99 -9.50
CA SER B 886 -30.10 5.82 -8.48
C SER B 886 -28.73 5.49 -9.06
N CYS B 887 -28.68 4.91 -10.25
CA CYS B 887 -27.41 4.82 -10.97
C CYS B 887 -26.86 6.21 -11.25
N GLN B 888 -27.73 7.13 -11.66
CA GLN B 888 -27.31 8.51 -11.84
C GLN B 888 -26.99 9.17 -10.51
N PHE B 889 -27.58 8.70 -9.42
CA PHE B 889 -27.20 9.23 -8.11
C PHE B 889 -25.82 8.77 -7.70
N ILE B 890 -25.45 7.53 -8.04
CA ILE B 890 -24.11 7.06 -7.70
C ILE B 890 -23.07 7.76 -8.58
N GLU B 891 -23.41 8.05 -9.83
CA GLU B 891 -22.52 8.87 -10.65
C GLU B 891 -22.41 10.29 -10.10
N MET B 892 -23.49 10.81 -9.53
CA MET B 892 -23.48 12.13 -8.92
C MET B 892 -22.57 12.17 -7.70
N CYS B 893 -22.71 11.19 -6.81
CA CYS B 893 -21.92 11.19 -5.60
C CYS B 893 -20.51 10.66 -5.80
N LEU B 894 -20.19 10.15 -6.98
CA LEU B 894 -18.79 9.97 -7.34
C LEU B 894 -18.22 11.20 -8.03
N MET B 895 -19.06 12.06 -8.58
CA MET B 895 -18.58 13.31 -9.13
C MET B 895 -18.29 14.35 -8.06
N VAL B 896 -19.06 14.37 -6.97
CA VAL B 896 -18.78 15.38 -5.95
C VAL B 896 -17.67 14.91 -4.99
N THR B 897 -17.49 13.61 -4.81
CA THR B 897 -16.42 13.09 -3.98
C THR B 897 -15.16 12.82 -4.76
N ALA B 898 -14.93 13.55 -5.85
CA ALA B 898 -13.65 13.60 -6.56
C ALA B 898 -12.73 14.52 -5.79
N ASP B 899 -11.72 15.08 -6.45
CA ASP B 899 -10.75 15.95 -5.80
C ASP B 899 -11.40 17.10 -5.04
N HIS B 900 -10.86 17.37 -3.86
CA HIS B 900 -11.23 18.48 -3.00
C HIS B 900 -9.97 19.21 -2.57
N GLY B 901 -9.13 19.53 -3.53
CA GLY B 901 -7.94 20.29 -3.26
C GLY B 901 -6.81 19.45 -2.73
N PRO B 902 -5.58 19.91 -2.98
CA PRO B 902 -4.39 19.15 -2.59
C PRO B 902 -3.90 19.41 -1.18
N ALA B 903 -4.59 20.22 -0.40
CA ALA B 903 -4.10 20.49 0.94
C ALA B 903 -4.46 19.35 1.88
N VAL B 904 -5.53 18.62 1.57
CA VAL B 904 -6.02 17.56 2.43
C VAL B 904 -5.02 16.42 2.45
N SER B 905 -5.16 15.53 3.44
CA SER B 905 -4.08 14.65 3.86
C SER B 905 -3.74 13.59 2.81
N GLY B 906 -4.74 12.99 2.20
CA GLY B 906 -4.48 11.94 1.23
C GLY B 906 -3.91 12.43 -0.08
N ALA B 907 -4.44 13.55 -0.58
CA ALA B 907 -3.89 14.14 -1.79
C ALA B 907 -2.49 14.68 -1.53
N HIS B 908 -2.22 15.06 -0.29
CA HIS B 908 -0.87 15.42 0.10
C HIS B 908 0.07 14.24 0.02
N ASN B 909 -0.37 13.06 0.47
CA ASN B 909 0.50 11.88 0.36
C ASN B 909 0.71 11.47 -1.09
N THR B 910 -0.33 11.59 -1.92
CA THR B 910 -0.18 11.31 -3.35
C THR B 910 0.82 12.24 -4.01
N ILE B 911 0.78 13.53 -3.67
CA ILE B 911 1.73 14.49 -4.22
C ILE B 911 3.14 14.24 -3.73
N ILE B 912 3.31 13.90 -2.45
CA ILE B 912 4.62 13.61 -1.90
C ILE B 912 5.22 12.36 -2.52
N CYS B 913 4.39 11.37 -2.84
CA CYS B 913 4.90 10.17 -3.46
C CYS B 913 5.08 10.34 -4.97
N ALA B 914 4.35 11.25 -5.59
CA ALA B 914 4.51 11.52 -7.01
C ALA B 914 5.70 12.40 -7.29
N ARG B 915 6.06 13.26 -6.36
CA ARG B 915 7.23 14.10 -6.47
C ARG B 915 8.49 13.35 -6.12
N ALA B 916 8.40 12.15 -5.58
CA ALA B 916 9.53 11.25 -5.47
C ALA B 916 9.68 10.39 -6.70
N GLY B 917 8.91 10.66 -7.74
CA GLY B 917 9.05 10.03 -9.04
C GLY B 917 8.71 8.57 -9.02
N LYS B 918 7.65 8.18 -8.31
CA LYS B 918 7.49 6.77 -7.95
C LYS B 918 6.80 5.97 -9.04
N ASP B 919 5.50 6.16 -9.22
CA ASP B 919 4.62 5.29 -10.01
C ASP B 919 3.24 5.91 -9.97
N LEU B 920 2.33 5.40 -10.79
CA LEU B 920 0.94 5.81 -10.60
C LEU B 920 0.31 5.05 -9.47
N VAL B 921 0.52 3.74 -9.43
CA VAL B 921 -0.18 2.91 -8.47
C VAL B 921 0.43 3.06 -7.11
N SER B 922 1.74 3.29 -7.02
CA SER B 922 2.32 3.56 -5.72
C SER B 922 1.96 4.95 -5.21
N SER B 923 1.76 5.93 -6.08
CA SER B 923 1.36 7.26 -5.62
C SER B 923 -0.10 7.27 -5.18
N LEU B 924 -0.99 6.78 -6.02
CA LEU B 924 -2.40 6.62 -5.66
C LEU B 924 -2.55 5.77 -4.42
N THR B 925 -1.73 4.74 -4.28
CA THR B 925 -1.82 3.84 -3.14
C THR B 925 -1.32 4.50 -1.85
N SER B 926 -0.21 5.24 -1.93
CA SER B 926 0.32 5.95 -0.77
C SER B 926 -0.61 7.06 -0.33
N GLY B 927 -1.40 7.61 -1.23
CA GLY B 927 -2.36 8.61 -0.83
C GLY B 927 -3.69 8.01 -0.46
N LEU B 928 -3.91 6.79 -0.90
CA LEU B 928 -5.16 6.10 -0.65
C LEU B 928 -5.17 5.49 0.72
N LEU B 929 -4.03 5.13 1.23
CA LEU B 929 -3.96 4.56 2.58
C LEU B 929 -4.19 5.56 3.67
N THR B 930 -4.58 6.79 3.40
CA THR B 930 -5.00 7.73 4.42
C THR B 930 -6.52 7.73 4.61
N ILE B 931 -7.27 7.12 3.69
CA ILE B 931 -8.73 7.13 3.77
C ILE B 931 -9.12 6.22 4.93
N GLY B 932 -9.34 6.82 6.08
CA GLY B 932 -9.47 6.08 7.32
C GLY B 932 -10.70 6.48 8.09
N ASP B 933 -10.46 7.00 9.29
CA ASP B 933 -11.50 7.57 10.11
C ASP B 933 -11.44 9.09 10.20
N ARG B 934 -10.26 9.68 10.31
CA ARG B 934 -10.21 11.13 10.41
C ARG B 934 -10.30 11.81 9.06
N PHE B 935 -9.78 11.19 8.00
CA PHE B 935 -9.92 11.69 6.65
C PHE B 935 -10.70 10.66 5.85
N GLY B 936 -11.87 11.04 5.38
CA GLY B 936 -12.70 10.14 4.60
C GLY B 936 -13.62 9.26 5.40
N GLY B 937 -13.58 9.34 6.71
CA GLY B 937 -14.39 8.47 7.53
C GLY B 937 -15.60 9.17 8.07
N ALA B 938 -16.07 10.21 7.38
CA ALA B 938 -17.30 10.88 7.75
C ALA B 938 -18.50 10.41 6.94
N LEU B 939 -18.27 9.83 5.76
CA LEU B 939 -19.33 9.20 4.99
C LEU B 939 -19.97 8.06 5.78
N ASP B 940 -19.16 7.09 6.18
CA ASP B 940 -19.68 5.90 6.84
C ASP B 940 -20.14 6.20 8.25
N ALA B 941 -19.42 7.08 8.97
CA ALA B 941 -19.83 7.40 10.33
C ALA B 941 -21.08 8.28 10.34
N ALA B 942 -21.19 9.21 9.39
CA ALA B 942 -22.38 10.04 9.29
C ALA B 942 -23.57 9.28 8.75
N ALA B 943 -23.34 8.14 8.12
CA ALA B 943 -24.46 7.28 7.77
C ALA B 943 -24.87 6.42 8.95
N LYS B 944 -23.89 5.84 9.65
CA LYS B 944 -24.17 4.95 10.77
C LYS B 944 -24.83 5.69 11.91
N MET B 945 -24.40 6.93 12.17
CA MET B 945 -24.92 7.70 13.29
C MET B 945 -26.38 8.07 13.09
N PHE B 946 -26.71 8.63 11.93
CA PHE B 946 -28.09 8.98 11.64
C PHE B 946 -28.97 7.76 11.47
N SER B 947 -28.43 6.66 10.96
CA SER B 947 -29.23 5.45 10.81
C SER B 947 -29.52 4.80 12.15
N LYS B 948 -28.55 4.84 13.08
CA LYS B 948 -28.79 4.32 14.42
C LYS B 948 -29.71 5.23 15.21
N ALA B 949 -29.69 6.53 14.93
CA ALA B 949 -30.61 7.44 15.60
C ALA B 949 -32.03 7.32 15.06
N PHE B 950 -32.18 7.04 13.78
CA PHE B 950 -33.50 6.95 13.17
C PHE B 950 -34.13 5.60 13.39
N ASP B 951 -33.32 4.55 13.35
CA ASP B 951 -33.81 3.19 13.56
C ASP B 951 -34.34 3.06 14.98
N SER B 952 -33.67 3.71 15.92
CA SER B 952 -34.07 3.68 17.32
C SER B 952 -35.44 4.34 17.43
N GLY B 953 -35.60 5.47 16.76
CA GLY B 953 -36.86 6.18 16.74
C GLY B 953 -36.98 7.30 17.76
N ILE B 954 -36.11 8.30 17.68
CA ILE B 954 -36.20 9.41 18.60
C ILE B 954 -36.37 10.67 17.76
N ILE B 955 -36.90 11.71 18.39
CA ILE B 955 -37.08 12.99 17.73
C ILE B 955 -35.71 13.62 17.56
N PRO B 956 -35.51 14.51 16.58
CA PRO B 956 -34.19 15.10 16.38
C PRO B 956 -33.69 15.96 17.52
N MET B 957 -34.60 16.65 18.23
CA MET B 957 -34.20 17.48 19.37
C MET B 957 -33.66 16.64 20.51
N GLU B 958 -34.12 15.40 20.63
CA GLU B 958 -33.52 14.50 21.60
C GLU B 958 -32.23 13.88 21.09
N PHE B 959 -32.07 13.77 19.77
CA PHE B 959 -30.84 13.22 19.22
C PHE B 959 -29.67 14.19 19.39
N VAL B 960 -29.91 15.48 19.15
CA VAL B 960 -28.86 16.49 19.34
C VAL B 960 -28.45 16.56 20.80
N ASN B 961 -29.43 16.49 21.71
CA ASN B 961 -29.13 16.54 23.12
C ASN B 961 -28.47 15.25 23.61
N LYS B 962 -28.76 14.12 22.97
CA LYS B 962 -28.09 12.88 23.33
C LYS B 962 -26.63 12.91 22.89
N MET B 963 -26.36 13.46 21.70
CA MET B 963 -24.97 13.58 21.26
C MET B 963 -24.21 14.59 22.09
N LYS B 964 -24.87 15.66 22.54
CA LYS B 964 -24.21 16.66 23.37
C LYS B 964 -23.82 16.10 24.73
N LYS B 965 -24.62 15.20 25.28
CA LYS B 965 -24.38 14.67 26.61
C LYS B 965 -23.23 13.68 26.68
N GLU B 966 -22.70 13.22 25.55
CA GLU B 966 -21.76 12.11 25.53
C GLU B 966 -20.43 12.48 24.88
N GLY B 967 -20.15 13.76 24.71
CA GLY B 967 -19.02 14.17 23.90
C GLY B 967 -19.44 14.24 22.45
N LYS B 968 -18.75 13.47 21.59
CA LYS B 968 -19.18 12.98 20.27
C LYS B 968 -19.98 13.95 19.42
N LEU B 969 -19.30 14.95 18.85
CA LEU B 969 -19.84 15.82 17.81
C LEU B 969 -20.57 15.02 16.74
N ILE B 970 -21.69 15.55 16.25
CA ILE B 970 -22.48 14.89 15.23
C ILE B 970 -21.69 14.84 13.94
N MET B 971 -21.43 13.63 13.46
CA MET B 971 -20.65 13.47 12.23
C MET B 971 -21.53 13.75 11.04
N GLY B 972 -20.98 14.49 10.08
CA GLY B 972 -21.73 14.89 8.92
C GLY B 972 -22.41 16.22 9.05
N ILE B 973 -22.17 16.95 10.12
CA ILE B 973 -22.75 18.27 10.33
C ILE B 973 -21.63 19.20 10.73
N GLY B 974 -21.42 20.25 9.95
CA GLY B 974 -20.43 21.25 10.26
C GLY B 974 -19.56 21.60 9.09
N HIS B 975 -19.54 22.86 8.69
CA HIS B 975 -18.67 23.35 7.65
C HIS B 975 -17.86 24.51 8.20
N ARG B 976 -16.61 24.61 7.74
CA ARG B 976 -15.72 25.65 8.25
C ARG B 976 -16.12 27.04 7.77
N VAL B 977 -16.60 27.16 6.53
CA VAL B 977 -16.83 28.47 5.93
C VAL B 977 -18.30 28.69 5.59
N LYS B 978 -18.82 27.90 4.66
CA LYS B 978 -20.08 28.19 3.97
C LYS B 978 -21.19 27.39 4.61
N SER B 979 -22.15 28.08 5.26
CA SER B 979 -23.28 27.31 5.76
C SER B 979 -24.69 27.79 5.45
N ILE B 980 -25.05 28.98 5.92
CA ILE B 980 -26.45 29.42 6.00
C ILE B 980 -26.57 30.73 5.23
N ASN B 981 -27.51 30.78 4.29
CA ASN B 981 -27.64 31.68 3.14
C ASN B 981 -26.29 32.01 2.51
N ASN B 982 -25.44 30.99 2.43
CA ASN B 982 -24.12 30.89 1.86
C ASN B 982 -23.88 29.39 1.78
N PRO B 983 -24.58 28.67 0.92
CA PRO B 983 -24.65 27.21 1.03
C PRO B 983 -23.40 26.57 0.49
N ASP B 984 -23.39 25.23 0.51
CA ASP B 984 -22.21 24.50 0.08
C ASP B 984 -22.17 24.31 -1.43
N MET B 985 -23.31 24.42 -2.10
CA MET B 985 -23.51 24.39 -3.55
C MET B 985 -23.18 23.06 -4.21
N ARG B 986 -22.73 22.06 -3.48
CA ARG B 986 -22.77 20.69 -3.95
C ARG B 986 -23.53 19.80 -2.99
N VAL B 987 -23.86 20.30 -1.81
CA VAL B 987 -24.94 19.74 -1.03
C VAL B 987 -26.27 20.12 -1.64
N GLN B 988 -26.33 21.25 -2.35
CA GLN B 988 -27.58 21.69 -2.93
C GLN B 988 -27.95 20.90 -4.18
N ILE B 989 -26.96 20.54 -5.00
CA ILE B 989 -27.25 19.76 -6.21
C ILE B 989 -27.71 18.36 -5.84
N LEU B 990 -26.99 17.73 -4.92
CA LEU B 990 -27.37 16.42 -4.43
C LEU B 990 -28.70 16.47 -3.68
N LYS B 991 -28.97 17.57 -2.97
CA LYS B 991 -30.22 17.66 -2.24
C LYS B 991 -31.40 17.85 -3.19
N ASP B 992 -31.21 18.61 -4.26
CA ASP B 992 -32.23 18.73 -5.28
C ASP B 992 -32.44 17.40 -6.02
N TYR B 993 -31.39 16.62 -6.21
CA TYR B 993 -31.56 15.33 -6.85
C TYR B 993 -32.31 14.35 -5.95
N VAL B 994 -31.98 14.28 -4.66
CA VAL B 994 -32.69 13.37 -3.78
C VAL B 994 -34.09 13.91 -3.44
N ARG B 995 -34.36 15.19 -3.71
CA ARG B 995 -35.74 15.63 -3.60
C ARG B 995 -36.54 15.24 -4.83
N GLN B 996 -35.96 15.39 -6.02
CA GLN B 996 -36.75 15.25 -7.25
C GLN B 996 -36.97 13.80 -7.66
N HIS B 997 -35.91 13.10 -8.04
CA HIS B 997 -36.05 11.79 -8.69
C HIS B 997 -36.00 10.65 -7.69
N PHE B 998 -36.80 10.69 -6.65
CA PHE B 998 -36.40 9.83 -5.54
C PHE B 998 -37.58 9.55 -4.64
N PRO B 999 -38.20 8.37 -4.72
CA PRO B 999 -39.40 8.12 -3.93
C PRO B 999 -39.09 7.80 -2.48
N ALA B 1000 -39.88 8.41 -1.58
CA ALA B 1000 -40.01 8.00 -0.17
C ALA B 1000 -38.67 8.08 0.57
N THR B 1001 -38.24 9.31 0.82
CA THR B 1001 -36.94 9.53 1.46
C THR B 1001 -37.00 10.07 2.90
N PRO B 1002 -37.22 9.22 3.92
CA PRO B 1002 -37.43 9.75 5.28
C PRO B 1002 -36.16 10.05 6.04
N LEU B 1003 -35.06 9.34 5.78
CA LEU B 1003 -33.84 9.57 6.54
C LEU B 1003 -33.19 10.89 6.16
N LEU B 1004 -33.33 11.31 4.91
CA LEU B 1004 -32.87 12.64 4.55
C LEU B 1004 -33.70 13.72 5.25
N ASP B 1005 -35.00 13.47 5.43
CA ASP B 1005 -35.84 14.44 6.13
C ASP B 1005 -35.47 14.53 7.61
N TYR B 1006 -35.12 13.39 8.21
CA TYR B 1006 -34.63 13.41 9.59
C TYR B 1006 -33.30 14.15 9.70
N ALA B 1007 -32.40 13.94 8.74
CA ALA B 1007 -31.13 14.64 8.77
C ALA B 1007 -31.30 16.13 8.52
N LEU B 1008 -32.31 16.52 7.77
CA LEU B 1008 -32.56 17.95 7.58
C LEU B 1008 -33.23 18.58 8.79
N GLU B 1009 -33.96 17.79 9.59
CA GLU B 1009 -34.45 18.33 10.86
C GLU B 1009 -33.32 18.51 11.86
N VAL B 1010 -32.37 17.57 11.91
CA VAL B 1010 -31.19 17.77 12.75
C VAL B 1010 -30.35 18.95 12.23
N GLU B 1011 -30.36 19.17 10.91
CA GLU B 1011 -29.72 20.36 10.35
C GLU B 1011 -30.42 21.63 10.81
N LYS B 1012 -31.76 21.61 10.88
CA LYS B 1012 -32.53 22.75 11.39
C LYS B 1012 -32.13 23.10 12.82
N ILE B 1013 -31.99 22.08 13.67
CA ILE B 1013 -31.66 22.34 15.07
C ILE B 1013 -30.22 22.84 15.21
N THR B 1014 -29.27 22.16 14.57
CA THR B 1014 -27.88 22.58 14.74
C THR B 1014 -27.52 23.84 13.96
N THR B 1015 -28.34 24.29 13.01
CA THR B 1015 -28.16 25.63 12.48
C THR B 1015 -28.92 26.68 13.28
N SER B 1016 -29.93 26.27 14.05
CA SER B 1016 -30.45 27.17 15.06
C SER B 1016 -29.44 27.42 16.17
N LYS B 1017 -28.53 26.47 16.41
CA LYS B 1017 -27.48 26.71 17.38
C LYS B 1017 -26.45 27.72 16.86
N LYS B 1018 -25.77 27.39 15.77
CA LYS B 1018 -24.70 28.22 15.24
C LYS B 1018 -24.96 28.46 13.77
N PRO B 1019 -24.59 29.65 13.24
CA PRO B 1019 -24.78 29.89 11.80
C PRO B 1019 -23.95 29.02 10.89
N ASN B 1020 -22.94 28.31 11.40
CA ASN B 1020 -22.30 27.20 10.73
C ASN B 1020 -23.20 25.97 10.82
N LEU B 1021 -22.59 24.79 10.71
CA LEU B 1021 -23.22 23.52 11.11
C LEU B 1021 -24.34 23.14 10.16
N ILE B 1022 -24.18 23.51 8.90
CA ILE B 1022 -24.99 22.98 7.83
C ILE B 1022 -24.59 21.53 7.59
N LEU B 1023 -25.44 20.80 6.86
CA LEU B 1023 -25.08 19.44 6.44
C LEU B 1023 -23.87 19.46 5.54
N ASN B 1024 -22.90 18.59 5.82
CA ASN B 1024 -21.76 18.43 4.97
C ASN B 1024 -22.17 17.77 3.66
N VAL B 1025 -21.20 17.64 2.75
CA VAL B 1025 -21.44 16.75 1.64
C VAL B 1025 -21.25 15.31 2.11
N ASP B 1026 -20.42 15.09 3.13
CA ASP B 1026 -20.24 13.74 3.67
C ASP B 1026 -21.50 13.25 4.33
N GLY B 1027 -22.12 14.09 5.15
CA GLY B 1027 -23.34 13.68 5.82
C GLY B 1027 -24.51 13.50 4.88
N LEU B 1028 -24.59 14.33 3.83
CA LEU B 1028 -25.73 14.17 2.94
C LEU B 1028 -25.55 12.99 2.01
N ILE B 1029 -24.32 12.71 1.56
CA ILE B 1029 -24.14 11.49 0.77
C ILE B 1029 -24.35 10.26 1.64
N GLY B 1030 -23.97 10.31 2.92
CA GLY B 1030 -24.24 9.20 3.82
C GLY B 1030 -25.72 8.93 4.01
N VAL B 1031 -26.48 9.95 4.39
CA VAL B 1031 -27.90 9.71 4.65
C VAL B 1031 -28.68 9.52 3.36
N ALA B 1032 -28.24 10.11 2.25
CA ALA B 1032 -28.91 9.88 0.98
C ALA B 1032 -28.60 8.51 0.42
N PHE B 1033 -27.44 7.95 0.74
CA PHE B 1033 -27.14 6.60 0.29
C PHE B 1033 -27.84 5.55 1.12
N VAL B 1034 -27.93 5.75 2.44
CA VAL B 1034 -28.74 4.85 3.25
C VAL B 1034 -30.20 4.98 2.88
N ASP B 1035 -30.63 6.18 2.51
CA ASP B 1035 -31.99 6.37 2.03
C ASP B 1035 -32.20 5.73 0.67
N MET B 1036 -31.17 5.68 -0.16
CA MET B 1036 -31.29 5.05 -1.45
C MET B 1036 -31.34 3.53 -1.34
N LEU B 1037 -30.59 2.96 -0.41
CA LEU B 1037 -30.54 1.51 -0.31
C LEU B 1037 -31.86 0.95 0.19
N ARG B 1038 -32.34 1.41 1.33
CA ARG B 1038 -33.48 0.76 1.94
C ARG B 1038 -34.83 1.19 1.38
N ASN B 1039 -34.90 2.30 0.66
CA ASN B 1039 -36.19 2.81 0.23
C ASN B 1039 -36.46 2.65 -1.27
N CYS B 1040 -35.45 2.32 -2.07
CA CYS B 1040 -35.73 1.84 -3.41
C CYS B 1040 -36.02 0.35 -3.35
N GLY B 1041 -36.27 -0.26 -4.49
CA GLY B 1041 -36.56 -1.68 -4.52
C GLY B 1041 -35.33 -2.53 -4.36
N SER B 1042 -35.55 -3.84 -4.37
CA SER B 1042 -34.56 -4.92 -4.49
C SER B 1042 -33.61 -5.07 -3.29
N PHE B 1043 -33.67 -4.18 -2.31
CA PHE B 1043 -32.95 -4.34 -1.06
C PHE B 1043 -33.96 -4.52 0.07
N THR B 1044 -33.74 -5.53 0.92
CA THR B 1044 -34.85 -5.85 1.79
C THR B 1044 -34.95 -4.97 3.03
N ARG B 1045 -34.22 -5.31 4.09
CA ARG B 1045 -33.93 -4.39 5.17
C ARG B 1045 -32.61 -4.82 5.79
N GLU B 1046 -32.26 -6.08 5.54
CA GLU B 1046 -31.08 -6.69 6.12
C GLU B 1046 -29.92 -6.75 5.14
N GLU B 1047 -30.19 -6.56 3.86
CA GLU B 1047 -29.12 -6.28 2.91
C GLU B 1047 -28.77 -4.81 2.92
N ALA B 1048 -29.77 -3.94 2.99
CA ALA B 1048 -29.51 -2.51 3.04
C ALA B 1048 -28.88 -2.08 4.35
N ASP B 1049 -29.00 -2.88 5.40
CA ASP B 1049 -28.26 -2.65 6.63
C ASP B 1049 -26.97 -3.42 6.70
N GLU B 1050 -26.78 -4.41 5.82
CA GLU B 1050 -25.50 -5.10 5.76
C GLU B 1050 -24.45 -4.23 5.09
N TYR B 1051 -24.79 -3.66 3.93
CA TYR B 1051 -23.84 -2.90 3.13
C TYR B 1051 -23.39 -1.61 3.78
N ILE B 1052 -24.05 -1.15 4.82
CA ILE B 1052 -23.54 0.00 5.56
C ILE B 1052 -22.46 -0.44 6.53
N ASP B 1053 -22.65 -1.59 7.18
CA ASP B 1053 -21.67 -2.09 8.15
C ASP B 1053 -20.48 -2.73 7.47
N ILE B 1054 -20.67 -3.27 6.26
CA ILE B 1054 -19.57 -3.81 5.48
C ILE B 1054 -18.64 -2.70 5.04
N GLY B 1055 -19.20 -1.56 4.62
CA GLY B 1055 -18.38 -0.47 4.18
C GLY B 1055 -18.58 -0.04 2.74
N ALA B 1056 -19.80 -0.14 2.22
CA ALA B 1056 -20.04 0.28 0.84
C ALA B 1056 -20.08 1.80 0.66
N LEU B 1057 -19.91 2.58 1.72
CA LEU B 1057 -19.76 4.02 1.61
C LEU B 1057 -18.31 4.46 1.66
N ASN B 1058 -17.47 3.74 2.40
CA ASN B 1058 -16.04 3.88 2.22
C ASN B 1058 -15.62 3.52 0.81
N GLY B 1059 -16.32 2.58 0.18
CA GLY B 1059 -16.04 2.28 -1.21
C GLY B 1059 -16.33 3.43 -2.15
N ILE B 1060 -17.41 4.16 -1.88
CA ILE B 1060 -17.74 5.31 -2.72
C ILE B 1060 -16.77 6.44 -2.51
N PHE B 1061 -16.31 6.66 -1.27
CA PHE B 1061 -15.31 7.70 -1.09
C PHE B 1061 -13.97 7.33 -1.71
N VAL B 1062 -13.57 6.06 -1.64
CA VAL B 1062 -12.27 5.70 -2.22
C VAL B 1062 -12.34 5.69 -3.75
N LEU B 1063 -13.43 5.17 -4.32
CA LEU B 1063 -13.56 5.17 -5.77
C LEU B 1063 -13.79 6.57 -6.33
N GLY B 1064 -14.45 7.45 -5.57
CA GLY B 1064 -14.58 8.81 -6.03
C GLY B 1064 -13.28 9.56 -5.96
N ARG B 1065 -12.61 9.50 -4.81
CA ARG B 1065 -11.37 10.23 -4.59
C ARG B 1065 -10.20 9.65 -5.36
N SER B 1066 -10.33 8.45 -5.92
CA SER B 1066 -9.29 7.93 -6.79
C SER B 1066 -9.09 8.79 -8.03
N MET B 1067 -10.16 9.38 -8.57
CA MET B 1067 -10.00 10.25 -9.74
C MET B 1067 -9.20 11.49 -9.39
N GLY B 1068 -9.43 12.04 -8.21
CA GLY B 1068 -8.67 13.20 -7.78
C GLY B 1068 -7.23 12.87 -7.49
N PHE B 1069 -6.98 11.69 -6.92
CA PHE B 1069 -5.59 11.35 -6.60
C PHE B 1069 -4.79 11.01 -7.85
N ILE B 1070 -5.41 10.36 -8.84
CA ILE B 1070 -4.71 10.13 -10.09
C ILE B 1070 -4.54 11.43 -10.85
N GLY B 1071 -5.51 12.35 -10.73
CA GLY B 1071 -5.32 13.67 -11.31
C GLY B 1071 -4.16 14.42 -10.69
N HIS B 1072 -3.97 14.27 -9.38
CA HIS B 1072 -2.83 14.88 -8.72
C HIS B 1072 -1.52 14.22 -9.10
N TYR B 1073 -1.53 12.91 -9.34
CA TYR B 1073 -0.31 12.26 -9.80
C TYR B 1073 0.09 12.74 -11.18
N LEU B 1074 -0.86 12.75 -12.12
CA LEU B 1074 -0.54 13.20 -13.48
C LEU B 1074 -0.19 14.68 -13.50
N ASP B 1075 -0.79 15.47 -12.63
CA ASP B 1075 -0.47 16.88 -12.54
C ASP B 1075 0.95 17.11 -12.02
N GLN B 1076 1.30 16.52 -10.86
CA GLN B 1076 2.64 16.70 -10.33
C GLN B 1076 3.71 16.02 -11.16
N LYS B 1077 3.33 15.05 -11.98
CA LYS B 1077 4.28 14.44 -12.90
C LYS B 1077 4.41 15.22 -14.18
N ARG B 1078 3.44 16.07 -14.49
CA ARG B 1078 3.47 16.91 -15.67
C ARG B 1078 4.08 18.28 -15.42
N LEU B 1079 4.06 18.76 -14.19
CA LEU B 1079 4.74 20.00 -13.84
C LEU B 1079 6.22 19.82 -13.56
N LYS B 1080 6.72 18.57 -13.63
CA LYS B 1080 8.12 18.21 -13.46
C LYS B 1080 8.68 18.70 -12.12
N GLN B 1081 7.98 18.32 -11.06
CA GLN B 1081 8.25 18.80 -9.72
C GLN B 1081 9.25 17.89 -9.03
N GLY B 1082 10.15 18.48 -8.25
CA GLY B 1082 11.23 17.74 -7.62
C GLY B 1082 10.87 17.20 -6.25
N LEU B 1083 11.83 16.48 -5.68
CA LEU B 1083 11.63 15.78 -4.42
C LEU B 1083 11.42 16.74 -3.25
N TYR B 1084 10.49 16.39 -2.37
CA TYR B 1084 10.11 17.23 -1.24
C TYR B 1084 11.02 17.03 -0.04
N ARG B 1085 11.12 18.06 0.79
CA ARG B 1085 12.06 18.01 1.91
C ARG B 1085 11.42 18.43 3.23
N HIS B 1086 10.37 19.26 3.20
CA HIS B 1086 9.66 19.75 4.38
C HIS B 1086 10.55 20.42 5.41
N PRO B 1087 10.83 21.71 5.27
CA PRO B 1087 11.98 22.33 5.93
C PRO B 1087 11.94 22.27 7.45
N TRP B 1088 13.14 22.35 8.05
CA TRP B 1088 13.32 22.08 9.47
C TRP B 1088 12.66 23.10 10.37
N ASP B 1089 12.33 24.27 9.87
CA ASP B 1089 11.72 25.31 10.68
C ASP B 1089 10.24 25.10 10.92
N ASP B 1090 9.70 23.96 10.48
CA ASP B 1090 8.28 23.66 10.59
C ASP B 1090 8.12 22.36 11.36
N ILE B 1091 9.09 22.03 12.21
CA ILE B 1091 9.22 20.68 12.72
C ILE B 1091 9.26 20.65 14.25
N SER B 1092 10.17 21.41 14.87
CA SER B 1092 10.28 21.54 16.34
C SER B 1092 10.55 20.20 17.03
N TYR B 1093 11.77 19.70 16.79
CA TYR B 1093 12.25 18.48 17.44
C TYR B 1093 12.25 18.62 18.96
N VAL B 1094 11.62 17.68 19.64
CA VAL B 1094 11.38 17.78 21.07
C VAL B 1094 12.01 16.57 21.79
N LEU B 1095 13.14 16.12 21.27
CA LEU B 1095 13.81 14.89 21.69
C LEU B 1095 14.21 14.91 23.16
N PRO B 1096 14.33 13.73 23.80
CA PRO B 1096 14.83 13.68 25.18
C PRO B 1096 16.28 14.10 25.31
N GLU B 1097 16.72 14.19 26.56
CA GLU B 1097 17.96 14.87 26.90
C GLU B 1097 19.20 13.97 26.82
N HIS B 1098 19.12 12.73 27.30
CA HIS B 1098 20.13 11.71 27.02
C HIS B 1098 19.46 10.36 27.26
N MET B 1099 19.07 9.68 26.19
CA MET B 1099 18.43 8.38 26.31
C MET B 1099 19.48 7.27 26.34
N SER C 2 47.19 32.51 -11.63
CA SER C 2 48.22 32.90 -10.68
C SER C 2 49.49 32.09 -10.91
N ALA C 3 50.64 32.76 -10.84
CA ALA C 3 51.94 32.13 -10.99
C ALA C 3 52.63 32.07 -9.64
N LYS C 4 52.99 30.87 -9.21
CA LYS C 4 53.75 30.65 -7.98
C LYS C 4 55.09 30.03 -8.31
N ALA C 5 56.14 30.55 -7.69
CA ALA C 5 57.50 30.08 -7.96
C ALA C 5 57.73 28.70 -7.35
N ILE C 6 58.42 27.84 -8.08
CA ILE C 6 58.64 26.47 -7.65
C ILE C 6 60.12 26.27 -7.30
N SER C 7 60.42 25.08 -6.79
CA SER C 7 61.79 24.72 -6.45
C SER C 7 62.63 24.51 -7.70
N GLU C 8 63.90 24.93 -7.65
CA GLU C 8 64.81 24.69 -8.75
C GLU C 8 65.15 23.21 -8.88
N GLN C 9 65.07 22.45 -7.78
CA GLN C 9 65.19 21.00 -7.88
C GLN C 9 63.99 20.40 -8.60
N THR C 10 62.78 20.79 -8.19
CA THR C 10 61.57 20.27 -8.82
C THR C 10 61.41 20.81 -10.24
N GLY C 11 61.76 22.09 -10.44
CA GLY C 11 61.73 22.65 -11.79
C GLY C 11 62.78 22.03 -12.69
N LYS C 12 63.94 21.69 -12.13
CA LYS C 12 65.00 21.10 -12.94
C LYS C 12 64.66 19.66 -13.30
N GLU C 13 64.07 18.91 -12.37
CA GLU C 13 63.68 17.55 -12.73
C GLU C 13 62.44 17.53 -13.62
N LEU C 14 61.59 18.55 -13.56
CA LEU C 14 60.52 18.69 -14.55
C LEU C 14 61.09 18.97 -15.93
N LEU C 15 62.06 19.89 -16.00
CA LEU C 15 62.70 20.26 -17.27
C LEU C 15 63.50 19.10 -17.85
N TYR C 16 64.11 18.27 -17.00
CA TYR C 16 64.88 17.13 -17.49
C TYR C 16 64.03 15.87 -17.63
N LYS C 17 62.78 15.91 -17.17
CA LYS C 17 61.89 14.77 -17.33
C LYS C 17 61.00 14.90 -18.56
N PHE C 18 60.46 16.09 -18.83
CA PHE C 18 59.39 16.20 -19.82
C PHE C 18 59.74 17.06 -21.02
N ILE C 19 61.02 17.32 -21.26
CA ILE C 19 61.43 17.94 -22.51
C ILE C 19 61.48 16.85 -23.58
N CYS C 20 61.20 17.23 -24.83
CA CYS C 20 61.16 16.26 -25.92
CA CYS C 20 61.17 16.26 -25.92
C CYS C 20 61.62 16.93 -27.21
N THR C 21 62.75 16.45 -27.74
CA THR C 21 63.31 16.89 -29.01
C THR C 21 64.28 15.81 -29.48
N THR C 22 65.00 16.10 -30.56
CA THR C 22 66.03 15.19 -31.06
C THR C 22 67.40 15.45 -30.47
N SER C 23 67.51 16.40 -29.55
CA SER C 23 68.79 16.76 -28.94
C SER C 23 69.14 15.78 -27.82
N ALA C 24 70.39 15.87 -27.36
CA ALA C 24 70.92 14.97 -26.35
C ALA C 24 70.70 15.56 -24.97
N ILE C 25 70.00 14.83 -24.11
CA ILE C 25 69.75 15.23 -22.73
C ILE C 25 70.84 14.63 -21.86
N GLN C 26 71.64 15.48 -21.22
CA GLN C 26 72.74 15.03 -20.39
C GLN C 26 72.62 15.61 -18.99
N ASN C 27 73.44 15.06 -18.09
CA ASN C 27 73.49 15.41 -16.66
C ASN C 27 72.12 15.24 -15.99
N ARG C 28 71.39 14.21 -16.40
CA ARG C 28 70.13 13.87 -15.78
C ARG C 28 70.38 13.22 -14.42
N PHE C 29 69.49 13.51 -13.46
CA PHE C 29 69.57 13.04 -12.07
C PHE C 29 70.90 13.40 -11.43
N LYS C 30 71.43 14.57 -11.77
CA LYS C 30 72.72 15.04 -11.28
C LYS C 30 72.46 16.25 -10.39
N TYR C 31 72.16 15.99 -9.12
CA TYR C 31 71.92 17.03 -8.14
C TYR C 31 72.02 16.43 -6.75
N ALA C 32 72.15 17.31 -5.76
CA ALA C 32 72.05 16.92 -4.37
C ALA C 32 71.31 18.00 -3.60
N ARG C 33 70.47 17.58 -2.65
CA ARG C 33 69.76 18.51 -1.78
C ARG C 33 70.15 18.22 -0.34
N VAL C 34 70.64 19.25 0.36
CA VAL C 34 71.09 19.09 1.72
C VAL C 34 70.27 20.02 2.62
N THR C 35 69.96 19.51 3.81
CA THR C 35 69.13 20.09 4.86
C THR C 35 69.87 19.90 6.18
N PRO C 36 69.88 20.92 7.06
CA PRO C 36 70.63 20.79 8.32
C PRO C 36 70.14 19.70 9.28
N ASP C 37 68.94 19.16 9.08
CA ASP C 37 68.43 18.10 9.94
C ASP C 37 68.56 16.71 9.32
N THR C 38 69.55 16.47 8.46
CA THR C 38 69.78 15.14 7.92
C THR C 38 71.28 14.84 7.94
N ASP C 39 71.61 13.59 7.63
CA ASP C 39 72.99 13.11 7.66
C ASP C 39 73.68 13.39 6.34
N TRP C 40 74.80 12.69 6.10
CA TRP C 40 75.54 12.79 4.85
C TRP C 40 75.71 11.47 4.12
N ALA C 41 75.89 10.36 4.85
CA ALA C 41 76.40 9.13 4.24
C ALA C 41 75.38 8.49 3.29
N ARG C 42 74.09 8.60 3.60
CA ARG C 42 73.06 8.14 2.67
C ARG C 42 73.09 8.97 1.38
N LEU C 43 73.33 10.28 1.51
CA LEU C 43 73.44 11.17 0.36
C LEU C 43 74.66 10.84 -0.48
N LEU C 44 75.68 10.25 0.12
CA LEU C 44 76.84 9.81 -0.67
C LEU C 44 76.63 8.43 -1.27
N GLN C 45 75.76 7.58 -0.70
CA GLN C 45 75.63 6.26 -1.31
C GLN C 45 74.49 6.14 -2.31
N ASP C 46 73.53 7.09 -2.34
CA ASP C 46 72.51 6.93 -3.38
C ASP C 46 73.03 7.39 -4.74
N HIS C 47 73.89 8.41 -4.75
CA HIS C 47 74.39 9.02 -5.97
C HIS C 47 75.88 8.73 -6.05
N PRO C 48 76.31 7.76 -6.86
CA PRO C 48 77.75 7.45 -6.92
C PRO C 48 78.56 8.38 -7.80
N TRP C 49 77.93 9.28 -8.54
CA TRP C 49 78.60 10.14 -9.50
C TRP C 49 79.06 11.47 -8.91
N LEU C 50 79.07 11.61 -7.58
CA LEU C 50 79.34 12.92 -6.99
C LEU C 50 80.82 13.26 -6.99
N LEU C 51 81.70 12.28 -7.13
CA LEU C 51 83.13 12.53 -7.31
C LEU C 51 83.59 12.23 -8.74
N SER C 52 82.70 12.46 -9.70
CA SER C 52 83.11 12.40 -11.11
C SER C 52 83.66 13.74 -11.57
N GLN C 53 82.96 14.84 -11.23
CA GLN C 53 83.38 16.19 -11.60
C GLN C 53 83.40 17.10 -10.38
N ASN C 54 83.59 18.40 -10.60
CA ASN C 54 83.66 19.36 -9.51
C ASN C 54 82.25 19.71 -9.03
N LEU C 55 82.18 20.59 -8.01
CA LEU C 55 80.92 20.90 -7.35
C LEU C 55 80.73 22.40 -7.22
N VAL C 56 79.48 22.86 -7.36
CA VAL C 56 79.04 24.18 -6.95
C VAL C 56 77.87 24.01 -5.99
N VAL C 57 77.70 24.98 -5.10
CA VAL C 57 76.63 24.97 -4.11
C VAL C 57 75.87 26.28 -4.21
N LYS C 58 74.55 26.19 -4.33
CA LYS C 58 73.75 27.39 -4.21
C LYS C 58 72.53 27.14 -3.33
N PRO C 59 72.13 28.13 -2.53
CA PRO C 59 70.91 27.99 -1.72
C PRO C 59 69.66 27.97 -2.57
N ASP C 60 68.76 27.04 -2.26
CA ASP C 60 67.52 26.87 -3.03
C ASP C 60 66.41 27.68 -2.37
N GLN C 61 66.46 29.00 -2.59
CA GLN C 61 65.35 29.87 -2.23
C GLN C 61 65.09 30.90 -3.32
N LEU C 62 65.63 30.66 -4.52
CA LEU C 62 65.34 31.36 -5.77
C LEU C 62 65.58 32.87 -5.64
N ILE C 63 66.87 33.22 -5.53
CA ILE C 63 67.30 34.60 -5.40
C ILE C 63 67.83 35.05 -6.75
N LYS C 64 67.27 36.14 -7.27
CA LYS C 64 67.73 36.72 -8.51
C LYS C 64 68.99 37.53 -8.27
N ARG C 65 69.83 37.61 -9.32
CA ARG C 65 71.13 38.29 -9.33
C ARG C 65 72.07 37.73 -8.25
N ARG C 66 72.34 36.43 -8.37
CA ARG C 66 73.37 35.80 -7.55
C ARG C 66 74.68 35.58 -8.28
N GLY C 67 74.67 35.59 -9.61
CA GLY C 67 75.89 35.33 -10.36
C GLY C 67 76.78 36.54 -10.50
N LYS C 68 76.22 37.75 -10.37
CA LYS C 68 76.97 38.96 -10.65
C LYS C 68 77.93 39.35 -9.52
N LEU C 69 77.74 38.83 -8.31
CA LEU C 69 78.59 39.18 -7.20
C LEU C 69 79.69 38.16 -6.93
N GLY C 70 79.60 36.98 -7.54
CA GLY C 70 80.56 35.92 -7.27
C GLY C 70 80.40 35.35 -5.88
N LEU C 71 79.26 34.70 -5.64
CA LEU C 71 78.98 34.08 -4.35
C LEU C 71 78.77 32.57 -4.45
N VAL C 72 79.17 31.96 -5.57
CA VAL C 72 79.09 30.51 -5.73
C VAL C 72 80.50 29.95 -5.77
N GLY C 73 80.58 28.62 -5.65
CA GLY C 73 81.85 27.94 -5.60
C GLY C 73 82.55 27.86 -6.95
N VAL C 74 83.78 28.37 -7.01
CA VAL C 74 84.58 28.31 -8.24
C VAL C 74 85.49 27.10 -8.13
N ASN C 75 85.01 25.96 -8.66
CA ASN C 75 85.75 24.69 -8.77
C ASN C 75 86.21 24.19 -7.40
N LEU C 76 85.25 23.89 -6.54
CA LEU C 76 85.52 23.41 -5.20
C LEU C 76 85.44 21.90 -5.14
N THR C 77 86.22 21.32 -4.22
CA THR C 77 86.26 19.88 -4.05
C THR C 77 85.22 19.46 -3.02
N LEU C 78 85.23 18.18 -2.64
CA LEU C 78 84.19 17.64 -1.75
C LEU C 78 84.32 18.19 -0.34
N ASP C 79 85.53 18.17 0.21
CA ASP C 79 85.76 18.82 1.50
C ASP C 79 85.57 20.33 1.40
N GLY C 80 85.83 20.91 0.22
CA GLY C 80 85.58 22.33 0.04
C GLY C 80 84.11 22.69 0.13
N VAL C 81 83.25 21.96 -0.56
CA VAL C 81 81.83 22.26 -0.50
C VAL C 81 81.19 21.76 0.79
N LYS C 82 81.87 20.86 1.52
CA LYS C 82 81.31 20.41 2.79
C LYS C 82 81.70 21.32 3.95
N SER C 83 82.94 21.80 3.98
CA SER C 83 83.38 22.73 5.01
C SER C 83 83.06 24.18 4.66
N TRP C 84 82.63 24.46 3.42
CA TRP C 84 82.32 25.82 3.02
C TRP C 84 80.98 26.29 3.57
N LEU C 85 80.09 25.37 3.93
CA LEU C 85 78.83 25.71 4.58
C LEU C 85 78.92 25.75 6.09
N LYS C 86 80.11 25.59 6.66
CA LYS C 86 80.29 25.56 8.11
C LYS C 86 80.03 26.91 8.79
N PRO C 87 80.35 28.09 8.19
CA PRO C 87 79.76 29.32 8.75
C PRO C 87 78.43 29.67 8.10
N ARG C 88 77.78 28.72 7.42
CA ARG C 88 76.54 29.01 6.71
C ARG C 88 75.35 28.18 7.15
N LEU C 89 75.56 26.99 7.71
CA LEU C 89 74.46 26.06 7.96
C LEU C 89 73.80 26.43 9.28
N GLY C 90 72.66 27.12 9.19
CA GLY C 90 71.85 27.38 10.36
C GLY C 90 72.22 28.60 11.17
N GLN C 91 72.77 29.63 10.54
CA GLN C 91 73.05 30.89 11.22
C GLN C 91 72.03 31.95 10.79
N GLU C 92 71.81 32.93 11.66
CA GLU C 92 71.03 34.09 11.28
C GLU C 92 71.83 34.91 10.27
N ALA C 93 71.21 35.23 9.14
CA ALA C 93 71.90 35.95 8.09
C ALA C 93 70.91 36.84 7.37
N THR C 94 71.38 37.51 6.32
CA THR C 94 70.54 38.36 5.50
C THR C 94 70.76 38.08 4.02
N VAL C 95 69.66 38.13 3.26
CA VAL C 95 69.68 38.12 1.80
C VAL C 95 68.92 39.35 1.33
N GLY C 96 69.60 40.22 0.60
CA GLY C 96 68.99 41.46 0.12
C GLY C 96 68.58 42.37 1.24
N LYS C 97 67.28 42.43 1.50
CA LYS C 97 66.72 43.15 2.64
C LYS C 97 66.31 42.22 3.78
N ALA C 98 65.93 40.97 3.48
CA ALA C 98 65.33 40.09 4.47
C ALA C 98 66.37 39.40 5.33
N THR C 99 65.99 39.09 6.57
CA THR C 99 66.84 38.41 7.54
C THR C 99 66.19 37.11 7.99
N GLY C 100 67.01 36.09 8.22
CA GLY C 100 66.48 34.85 8.78
C GLY C 100 67.45 33.69 8.64
N PHE C 101 66.88 32.48 8.71
CA PHE C 101 67.58 31.22 8.44
C PHE C 101 67.48 30.83 6.97
N LEU C 102 68.07 29.68 6.66
CA LEU C 102 68.13 29.15 5.30
C LEU C 102 68.42 27.65 5.44
N LYS C 103 67.46 26.81 5.07
CA LYS C 103 67.48 25.41 5.48
C LYS C 103 67.42 24.41 4.31
N ASN C 104 67.63 24.85 3.08
CA ASN C 104 67.62 23.92 1.95
C ASN C 104 68.65 24.44 0.95
N PHE C 105 69.70 23.66 0.74
CA PHE C 105 70.74 24.00 -0.23
C PHE C 105 70.78 22.94 -1.32
N LEU C 106 71.28 23.33 -2.49
CA LEU C 106 71.42 22.43 -3.62
C LEU C 106 72.87 22.41 -4.12
N ILE C 107 73.37 21.23 -4.43
CA ILE C 107 74.73 21.05 -4.91
C ILE C 107 74.65 20.48 -6.32
N GLU C 108 75.35 21.14 -7.26
CA GLU C 108 75.36 20.79 -8.66
C GLU C 108 76.75 20.35 -9.10
N PRO C 109 76.83 19.35 -10.00
CA PRO C 109 78.13 18.96 -10.57
C PRO C 109 78.64 20.04 -11.53
N PHE C 110 79.75 20.66 -11.17
CA PHE C 110 80.32 21.71 -12.01
C PHE C 110 81.08 21.07 -13.16
N VAL C 111 80.63 21.37 -14.38
CA VAL C 111 81.39 21.08 -15.59
C VAL C 111 82.01 22.40 -16.05
N PRO C 112 83.34 22.53 -16.09
CA PRO C 112 83.94 23.82 -16.43
C PRO C 112 83.82 24.11 -17.92
N HIS C 113 83.20 25.25 -18.23
CA HIS C 113 82.97 25.65 -19.62
C HIS C 113 83.26 27.14 -19.71
N SER C 114 83.29 27.65 -20.95
CA SER C 114 83.63 29.03 -21.20
C SER C 114 82.38 29.87 -21.40
N GLN C 115 82.57 31.19 -21.36
CA GLN C 115 81.48 32.14 -21.49
C GLN C 115 81.12 32.44 -22.93
N ALA C 116 81.82 31.85 -23.90
CA ALA C 116 81.45 32.04 -25.31
C ALA C 116 80.20 31.25 -25.66
N GLU C 117 79.96 30.13 -24.99
CA GLU C 117 78.77 29.33 -25.19
C GLU C 117 77.63 29.75 -24.27
N GLU C 118 77.85 30.77 -23.44
CA GLU C 118 76.85 31.23 -22.49
C GLU C 118 75.79 32.06 -23.18
N PHE C 119 74.53 31.79 -22.86
CA PHE C 119 73.42 32.57 -23.39
C PHE C 119 72.50 33.04 -22.28
N TYR C 120 71.37 33.62 -22.66
CA TYR C 120 70.29 33.95 -21.73
C TYR C 120 68.99 33.66 -22.46
N VAL C 121 68.22 32.69 -21.94
CA VAL C 121 66.97 32.25 -22.55
C VAL C 121 65.85 32.54 -21.56
N CYS C 122 64.78 33.16 -22.04
CA CYS C 122 63.67 33.45 -21.14
C CYS C 122 62.35 33.37 -21.91
N ILE C 123 61.43 32.54 -21.41
CA ILE C 123 60.08 32.43 -21.94
C ILE C 123 59.12 32.85 -20.82
N TYR C 124 58.45 33.98 -21.00
CA TYR C 124 57.48 34.40 -20.00
C TYR C 124 56.17 34.82 -20.64
N ALA C 125 55.12 34.78 -19.83
CA ALA C 125 53.77 35.04 -20.32
C ALA C 125 53.43 36.51 -20.22
N THR C 126 52.89 37.04 -21.32
CA THR C 126 52.23 38.33 -21.35
C THR C 126 50.78 38.11 -21.76
N ARG C 127 50.06 39.20 -21.97
CA ARG C 127 48.64 39.08 -22.31
C ARG C 127 48.46 38.59 -23.75
N GLU C 128 49.19 39.18 -24.70
CA GLU C 128 49.00 38.84 -26.10
C GLU C 128 49.62 37.49 -26.45
N GLY C 129 50.75 37.15 -25.85
CA GLY C 129 51.42 35.91 -26.22
C GLY C 129 52.61 35.69 -25.33
N ASP C 130 53.52 34.84 -25.80
CA ASP C 130 54.72 34.50 -25.05
C ASP C 130 55.88 35.37 -25.51
N TYR C 131 56.48 36.10 -24.58
CA TYR C 131 57.71 36.82 -24.89
C TYR C 131 58.89 35.90 -24.62
N VAL C 132 59.72 35.73 -25.64
CA VAL C 132 60.99 35.03 -25.49
C VAL C 132 62.11 36.05 -25.68
N LEU C 133 63.13 35.92 -24.83
CA LEU C 133 64.29 36.80 -24.82
C LEU C 133 65.52 35.92 -24.92
N PHE C 134 66.37 36.24 -25.89
CA PHE C 134 67.57 35.46 -26.19
C PHE C 134 68.74 36.42 -26.30
N HIS C 135 69.78 36.16 -25.50
CA HIS C 135 70.96 37.03 -25.45
C HIS C 135 72.20 36.18 -25.61
N HIS C 136 73.09 36.59 -26.53
CA HIS C 136 74.21 35.75 -26.93
C HIS C 136 75.46 35.99 -26.08
N GLU C 137 75.64 37.19 -25.55
CA GLU C 137 76.87 37.56 -24.86
C GLU C 137 76.86 36.96 -23.46
N GLY C 138 77.94 36.30 -23.09
CA GLY C 138 78.07 35.69 -21.79
C GLY C 138 78.51 36.69 -20.73
N GLY C 139 78.75 36.15 -19.54
CA GLY C 139 79.05 36.98 -18.40
C GLY C 139 77.82 37.25 -17.56
N VAL C 140 78.04 38.03 -16.49
CA VAL C 140 77.00 38.30 -15.52
C VAL C 140 76.74 39.79 -15.33
N ASP C 141 77.69 40.66 -15.66
CA ASP C 141 77.52 42.11 -15.58
C ASP C 141 77.00 42.66 -16.89
N VAL C 142 75.80 42.20 -17.27
CA VAL C 142 75.22 42.55 -18.57
C VAL C 142 74.87 44.04 -18.66
N GLY C 143 74.69 44.71 -17.53
CA GLY C 143 74.37 46.13 -17.56
C GLY C 143 72.96 46.40 -18.04
N ASP C 144 72.85 46.87 -19.28
CA ASP C 144 71.55 47.07 -19.92
C ASP C 144 71.09 45.78 -20.59
N VAL C 145 69.93 45.27 -20.18
CA VAL C 145 69.39 44.03 -20.72
C VAL C 145 68.32 44.29 -21.77
N ASP C 146 67.67 45.46 -21.75
CA ASP C 146 66.60 45.75 -22.69
C ASP C 146 67.10 46.26 -24.04
N ALA C 147 68.32 46.82 -24.07
CA ALA C 147 68.85 47.41 -25.30
C ALA C 147 69.73 46.46 -26.10
N LYS C 148 70.08 45.30 -25.54
CA LYS C 148 70.96 44.36 -26.23
C LYS C 148 70.30 43.04 -26.58
N ALA C 149 69.34 42.56 -25.78
CA ALA C 149 68.77 41.23 -25.97
C ALA C 149 67.74 41.21 -27.08
N GLN C 150 67.49 40.02 -27.62
CA GLN C 150 66.49 39.81 -28.66
C GLN C 150 65.16 39.42 -28.03
N LYS C 151 64.09 40.15 -28.39
CA LYS C 151 62.74 39.84 -27.93
C LYS C 151 61.89 39.35 -29.10
N LEU C 152 60.95 38.45 -28.78
CA LEU C 152 60.05 37.93 -29.80
C LEU C 152 58.75 37.48 -29.17
N LEU C 153 57.62 37.89 -29.75
CA LEU C 153 56.30 37.49 -29.27
C LEU C 153 55.82 36.33 -30.14
N VAL C 154 55.56 35.19 -29.51
CA VAL C 154 55.14 34.00 -30.22
C VAL C 154 53.76 33.58 -29.72
N GLY C 155 52.94 33.10 -30.65
CA GLY C 155 51.64 32.57 -30.33
C GLY C 155 51.69 31.09 -29.97
N VAL C 156 50.51 30.55 -29.71
CA VAL C 156 50.34 29.14 -29.39
C VAL C 156 49.64 28.44 -30.54
N ASP C 157 50.03 27.19 -30.79
CA ASP C 157 49.35 26.24 -31.70
C ASP C 157 49.32 26.74 -33.14
N GLU C 158 50.50 26.83 -33.75
CA GLU C 158 50.65 27.19 -35.16
C GLU C 158 51.18 25.99 -35.92
N LYS C 159 50.90 25.97 -37.24
CA LYS C 159 51.22 24.82 -38.08
C LYS C 159 52.74 24.64 -38.20
N LEU C 160 53.15 23.40 -38.47
CA LEU C 160 54.55 23.00 -38.33
C LEU C 160 55.33 23.59 -39.50
N ASN C 161 55.94 24.75 -39.27
CA ASN C 161 56.89 25.34 -40.19
C ASN C 161 58.21 25.52 -39.46
N PRO C 162 59.23 24.69 -39.71
CA PRO C 162 60.49 24.85 -38.97
C PRO C 162 61.34 26.01 -39.44
N GLU C 163 61.10 26.53 -40.65
CA GLU C 163 61.97 27.56 -41.23
C GLU C 163 61.82 28.89 -40.50
N ASP C 164 60.59 29.32 -40.26
CA ASP C 164 60.37 30.59 -39.56
C ASP C 164 60.72 30.47 -38.09
N ILE C 165 60.70 29.25 -37.54
CA ILE C 165 61.10 29.03 -36.16
C ILE C 165 62.62 29.14 -36.02
N LYS C 166 63.35 28.43 -36.86
CA LYS C 166 64.82 28.41 -36.75
C LYS C 166 65.44 29.70 -37.28
N LYS C 167 64.74 30.42 -38.14
CA LYS C 167 65.32 31.57 -38.82
C LYS C 167 65.24 32.84 -37.97
N HIS C 168 64.07 33.13 -37.39
CA HIS C 168 63.80 34.48 -36.90
C HIS C 168 64.29 34.75 -35.49
N LEU C 169 64.60 33.72 -34.70
CA LEU C 169 64.97 33.93 -33.31
C LEU C 169 66.47 33.77 -33.05
N LEU C 170 67.12 32.83 -33.74
CA LEU C 170 68.50 32.45 -33.43
C LEU C 170 69.51 33.06 -34.40
N VAL C 171 69.32 34.33 -34.77
CA VAL C 171 70.20 34.97 -35.75
C VAL C 171 71.59 35.21 -35.16
N HIS C 172 71.67 35.58 -33.89
CA HIS C 172 72.93 35.87 -33.23
C HIS C 172 73.53 34.65 -32.53
N ALA C 173 73.30 33.47 -33.05
CA ALA C 173 73.78 32.23 -32.47
C ALA C 173 75.01 31.70 -33.20
N PRO C 174 75.82 30.87 -32.55
CA PRO C 174 76.84 30.10 -33.29
C PRO C 174 76.19 29.12 -34.25
N GLU C 175 76.91 28.83 -35.33
CA GLU C 175 76.34 28.10 -36.47
C GLU C 175 76.04 26.65 -36.13
N ASP C 176 76.95 25.99 -35.38
CA ASP C 176 76.81 24.57 -35.08
C ASP C 176 75.60 24.29 -34.19
N LYS C 177 75.13 25.28 -33.45
CA LYS C 177 73.94 25.14 -32.63
C LYS C 177 72.64 25.41 -33.38
N LYS C 178 72.73 25.99 -34.59
CA LYS C 178 71.53 26.47 -35.30
C LYS C 178 70.59 25.35 -35.73
N GLU C 179 71.08 24.11 -35.80
CA GLU C 179 70.18 22.97 -35.96
C GLU C 179 69.77 22.37 -34.62
N ILE C 180 70.70 22.31 -33.66
CA ILE C 180 70.45 21.51 -32.46
C ILE C 180 69.90 22.35 -31.32
N LEU C 181 70.38 23.59 -31.12
CA LEU C 181 69.83 24.42 -30.06
C LEU C 181 68.46 24.97 -30.43
N ALA C 182 68.30 25.40 -31.69
CA ALA C 182 67.04 25.97 -32.15
C ALA C 182 65.90 24.96 -32.05
N SER C 183 66.14 23.73 -32.51
CA SER C 183 65.19 22.65 -32.30
C SER C 183 64.96 22.39 -30.82
N PHE C 184 66.03 22.52 -30.01
CA PHE C 184 65.89 22.46 -28.56
C PHE C 184 64.96 23.57 -28.06
N ILE C 185 65.11 24.78 -28.62
CA ILE C 185 64.20 25.88 -28.32
C ILE C 185 62.79 25.52 -28.79
N SER C 186 62.69 24.82 -29.93
CA SER C 186 61.41 24.27 -30.38
C SER C 186 60.86 23.27 -29.36
N GLY C 187 61.73 22.41 -28.84
CA GLY C 187 61.32 21.55 -27.74
C GLY C 187 60.98 22.35 -26.50
N LEU C 188 61.72 23.44 -26.27
CA LEU C 188 61.39 24.37 -25.19
C LEU C 188 60.05 25.03 -25.44
N PHE C 189 59.70 25.21 -26.73
CA PHE C 189 58.36 25.66 -27.12
C PHE C 189 57.31 24.68 -26.63
N ASN C 190 57.53 23.38 -26.83
CA ASN C 190 56.61 22.38 -26.28
C ASN C 190 56.71 22.30 -24.77
N PHE C 191 57.83 22.76 -24.20
CA PHE C 191 57.96 22.81 -22.75
C PHE C 191 57.06 23.92 -22.16
N TYR C 192 56.58 24.85 -22.99
CA TYR C 192 55.52 25.73 -22.54
C TYR C 192 54.13 25.10 -22.62
N GLU C 193 53.97 24.04 -23.42
CA GLU C 193 52.64 23.58 -23.78
C GLU C 193 52.09 22.49 -22.88
N ASP C 194 52.93 21.54 -22.48
CA ASP C 194 52.43 20.39 -21.73
C ASP C 194 52.21 20.73 -20.26
N LEU C 195 53.05 21.59 -19.68
CA LEU C 195 53.09 21.75 -18.23
C LEU C 195 52.65 23.12 -17.75
N TYR C 196 52.20 24.00 -18.66
CA TYR C 196 51.50 25.26 -18.34
C TYR C 196 52.34 26.20 -17.49
N PHE C 197 53.55 26.50 -17.96
CA PHE C 197 54.43 27.38 -17.22
C PHE C 197 54.02 28.83 -17.45
N THR C 198 54.48 29.71 -16.57
CA THR C 198 54.25 31.14 -16.71
C THR C 198 55.54 31.92 -16.88
N TYR C 199 56.52 31.70 -16.01
CA TYR C 199 57.82 32.35 -16.09
C TYR C 199 58.89 31.28 -16.08
N LEU C 200 59.62 31.14 -17.19
CA LEU C 200 60.70 30.18 -17.32
C LEU C 200 61.93 30.95 -17.74
N GLU C 201 63.05 30.72 -17.05
CA GLU C 201 64.26 31.47 -17.33
C GLU C 201 65.46 30.56 -17.16
N ILE C 202 66.18 30.33 -18.26
CA ILE C 202 67.44 29.60 -18.25
C ILE C 202 68.54 30.65 -18.35
N ASN C 203 69.25 30.85 -17.24
CA ASN C 203 70.28 31.88 -17.14
C ASN C 203 71.28 31.43 -16.07
N PRO C 204 72.40 30.82 -16.47
CA PRO C 204 72.91 30.67 -17.85
C PRO C 204 72.64 29.32 -18.53
N LEU C 205 73.04 29.24 -19.80
CA LEU C 205 72.93 28.04 -20.61
C LEU C 205 74.21 27.85 -21.41
N VAL C 206 74.89 26.73 -21.22
CA VAL C 206 76.10 26.41 -21.99
C VAL C 206 75.89 25.10 -22.74
N VAL C 207 76.13 25.12 -24.04
CA VAL C 207 75.89 23.98 -24.91
C VAL C 207 77.20 23.62 -25.59
N THR C 208 77.82 22.53 -25.15
CA THR C 208 79.01 21.99 -25.78
C THR C 208 78.66 20.76 -26.61
N LYS C 209 79.68 20.05 -27.08
CA LYS C 209 79.46 18.92 -27.97
C LYS C 209 78.91 17.69 -27.26
N ASP C 210 79.00 17.63 -25.93
CA ASP C 210 78.42 16.51 -25.20
C ASP C 210 76.90 16.61 -25.19
N GLY C 211 76.37 17.79 -24.90
CA GLY C 211 74.93 18.01 -24.91
C GLY C 211 74.56 19.43 -24.55
N VAL C 212 73.45 19.59 -23.84
CA VAL C 212 72.98 20.89 -23.38
C VAL C 212 73.10 20.92 -21.86
N TYR C 213 73.62 22.03 -21.31
CA TYR C 213 73.97 22.12 -19.90
C TYR C 213 73.36 23.37 -19.30
N VAL C 214 72.34 23.17 -18.46
CA VAL C 214 71.82 24.23 -17.61
C VAL C 214 72.62 24.24 -16.32
N LEU C 215 72.77 25.42 -15.72
CA LEU C 215 73.39 25.48 -14.40
C LEU C 215 72.45 26.13 -13.40
N ASP C 216 71.87 27.27 -13.77
CA ASP C 216 70.98 28.03 -12.92
C ASP C 216 69.72 28.35 -13.70
N LEU C 217 68.56 28.20 -13.06
CA LEU C 217 67.28 28.34 -13.73
C LEU C 217 66.24 28.89 -12.76
N ALA C 218 65.12 29.35 -13.31
CA ALA C 218 64.05 29.92 -12.51
C ALA C 218 62.71 29.61 -13.16
N ALA C 219 61.70 29.42 -12.32
CA ALA C 219 60.40 28.96 -12.81
C ALA C 219 59.28 29.35 -11.84
N LYS C 220 58.30 30.08 -12.36
CA LYS C 220 57.00 30.25 -11.74
C LYS C 220 55.95 29.56 -12.60
N VAL C 221 55.22 28.64 -12.00
CA VAL C 221 54.26 27.82 -12.74
C VAL C 221 52.85 28.30 -12.40
N ASP C 222 51.92 27.99 -13.29
CA ASP C 222 50.49 28.26 -13.09
C ASP C 222 49.97 27.34 -12.00
N ALA C 223 49.70 27.90 -10.81
CA ALA C 223 49.25 27.08 -9.69
C ALA C 223 47.79 26.68 -9.84
N THR C 224 46.99 27.46 -10.56
CA THR C 224 45.56 27.22 -10.69
C THR C 224 45.21 26.26 -11.82
N ALA C 225 46.20 25.74 -12.54
CA ALA C 225 45.99 24.74 -13.58
C ALA C 225 46.26 23.32 -13.09
N ASP C 226 46.32 23.14 -11.77
CA ASP C 226 46.74 21.85 -11.19
CA ASP C 226 46.74 21.86 -11.20
C ASP C 226 45.78 20.72 -11.54
N TYR C 227 44.49 21.04 -11.77
CA TYR C 227 43.50 20.04 -12.12
C TYR C 227 43.81 19.39 -13.47
N ILE C 228 44.63 20.02 -14.30
CA ILE C 228 45.12 19.36 -15.51
C ILE C 228 46.37 18.53 -15.20
N CYS C 229 47.28 19.05 -14.36
CA CYS C 229 48.64 18.52 -14.35
C CYS C 229 49.09 18.08 -12.96
N LYS C 230 48.15 17.70 -12.09
CA LYS C 230 48.50 17.17 -10.77
C LYS C 230 49.30 15.87 -10.89
N VAL C 231 49.01 15.08 -11.92
CA VAL C 231 49.83 13.90 -12.21
C VAL C 231 51.20 14.34 -12.74
N LYS C 232 51.24 15.39 -13.56
CA LYS C 232 52.47 15.70 -14.29
C LYS C 232 53.49 16.42 -13.43
N TRP C 233 53.07 17.11 -12.38
CA TRP C 233 54.02 17.74 -11.47
C TRP C 233 54.34 16.87 -10.26
N GLY C 234 53.71 15.71 -10.15
CA GLY C 234 54.02 14.80 -9.05
C GLY C 234 53.47 15.31 -7.73
N ASP C 235 54.34 15.38 -6.74
CA ASP C 235 54.05 15.99 -5.44
C ASP C 235 54.83 17.30 -5.38
N ILE C 236 54.13 18.41 -5.57
CA ILE C 236 54.79 19.71 -5.69
C ILE C 236 55.06 20.28 -4.29
N GLU C 237 56.23 20.90 -4.14
CA GLU C 237 56.58 21.68 -2.96
C GLU C 237 56.85 23.11 -3.39
N PHE C 238 56.22 24.07 -2.70
CA PHE C 238 56.35 25.46 -3.06
C PHE C 238 57.29 26.16 -2.08
N PRO C 239 58.49 26.54 -2.48
CA PRO C 239 59.33 27.35 -1.60
C PRO C 239 58.86 28.79 -1.59
N PRO C 240 58.66 29.38 -0.41
CA PRO C 240 58.25 30.78 -0.34
C PRO C 240 59.42 31.70 -0.65
N PRO C 241 59.15 32.96 -0.99
CA PRO C 241 60.23 33.94 -1.06
C PRO C 241 60.81 34.18 0.32
N PHE C 242 62.08 34.54 0.35
CA PHE C 242 62.77 34.71 1.63
C PHE C 242 62.29 35.97 2.32
N GLY C 243 61.83 35.81 3.56
CA GLY C 243 61.39 36.92 4.37
C GLY C 243 61.79 36.66 5.81
N ARG C 244 61.08 37.30 6.73
CA ARG C 244 61.39 37.18 8.14
C ARG C 244 60.87 35.87 8.71
N GLU C 245 60.95 35.75 10.04
CA GLU C 245 60.46 34.56 10.71
C GLU C 245 58.95 34.50 10.70
N ALA C 246 58.42 33.29 10.51
CA ALA C 246 57.00 33.03 10.64
C ALA C 246 56.69 32.70 12.08
N TYR C 247 55.77 33.46 12.67
CA TYR C 247 55.40 33.23 14.06
C TYR C 247 54.54 31.98 14.18
N PRO C 248 54.57 31.33 15.36
CA PRO C 248 53.73 30.12 15.53
C PRO C 248 52.23 30.39 15.45
N GLU C 249 51.80 31.59 15.85
CA GLU C 249 50.40 31.96 15.69
C GLU C 249 50.04 32.18 14.23
N GLU C 250 50.99 32.67 13.45
CA GLU C 250 50.79 32.81 12.00
C GLU C 250 50.63 31.44 11.34
N ALA C 251 51.43 30.47 11.76
CA ALA C 251 51.27 29.10 11.27
C ALA C 251 49.98 28.47 11.77
N TYR C 252 49.54 28.83 12.98
CA TYR C 252 48.26 28.38 13.54
C TYR C 252 47.10 28.81 12.65
N ILE C 253 47.06 30.12 12.32
CA ILE C 253 46.04 30.67 11.44
C ILE C 253 46.14 30.07 10.04
N ALA C 254 47.36 29.91 9.51
CA ALA C 254 47.53 29.38 8.16
C ALA C 254 47.09 27.92 8.08
N ASP C 255 47.37 27.13 9.12
CA ASP C 255 46.99 25.73 9.11
C ASP C 255 45.49 25.54 9.33
N LEU C 256 44.85 26.38 10.14
CA LEU C 256 43.43 26.20 10.38
C LEU C 256 42.53 26.96 9.42
N ASP C 257 43.08 27.85 8.59
CA ASP C 257 42.29 28.46 7.53
C ASP C 257 42.76 28.06 6.14
N ALA C 258 43.82 27.26 6.03
CA ALA C 258 44.15 26.61 4.77
C ALA C 258 43.38 25.30 4.59
N LYS C 259 42.83 24.76 5.67
CA LYS C 259 42.07 23.51 5.64
C LYS C 259 40.57 23.76 5.55
N SER C 260 40.08 24.88 6.10
CA SER C 260 38.73 25.32 5.87
C SER C 260 38.66 26.09 4.55
N GLY C 261 37.45 26.23 4.03
CA GLY C 261 37.27 26.86 2.74
C GLY C 261 37.22 28.37 2.74
N ALA C 262 37.12 28.98 3.92
CA ALA C 262 37.06 30.44 4.01
C ALA C 262 38.44 31.05 3.80
N SER C 263 38.46 32.29 3.33
CA SER C 263 39.69 33.01 3.05
C SER C 263 40.01 33.89 4.25
N LEU C 264 40.88 33.40 5.13
CA LEU C 264 41.29 34.14 6.31
C LEU C 264 42.81 34.14 6.31
N LYS C 265 43.40 35.33 6.19
CA LYS C 265 44.85 35.53 6.15
C LYS C 265 45.24 36.50 7.25
N LEU C 266 46.49 36.40 7.69
CA LEU C 266 47.02 37.35 8.68
C LEU C 266 48.53 37.36 8.54
N THR C 267 49.12 38.53 8.34
CA THR C 267 50.57 38.68 8.34
C THR C 267 50.96 39.88 9.19
N LEU C 268 51.96 39.69 10.04
CA LEU C 268 52.48 40.74 10.91
C LEU C 268 53.58 41.52 10.21
N LEU C 269 53.50 42.85 10.29
CA LEU C 269 54.51 43.71 9.68
C LEU C 269 55.55 44.18 10.70
N ASN C 270 55.11 44.87 11.76
CA ASN C 270 55.98 45.26 12.86
C ASN C 270 55.18 45.12 14.15
N PRO C 271 55.34 44.01 14.88
CA PRO C 271 54.39 43.67 15.95
C PRO C 271 54.46 44.53 17.19
N LYS C 272 55.33 45.54 17.26
CA LYS C 272 55.38 46.45 18.39
C LYS C 272 54.68 47.77 18.12
N GLY C 273 53.62 47.74 17.29
CA GLY C 273 52.82 48.93 17.04
C GLY C 273 51.66 49.05 18.02
N ARG C 274 50.83 50.06 17.77
CA ARG C 274 49.63 50.28 18.57
C ARG C 274 48.33 50.00 17.83
N ILE C 275 48.32 50.13 16.51
CA ILE C 275 47.11 49.90 15.72
C ILE C 275 47.13 48.46 15.22
N TRP C 276 46.14 47.69 15.64
CA TRP C 276 45.96 46.31 15.22
C TRP C 276 44.74 46.22 14.32
N THR C 277 44.89 45.55 13.18
CA THR C 277 43.92 45.58 12.09
C THR C 277 43.23 44.23 12.00
N MET C 278 41.89 44.24 12.12
CA MET C 278 41.05 43.04 12.03
C MET C 278 39.90 43.42 11.09
N VAL C 279 40.11 43.24 9.79
CA VAL C 279 39.17 43.71 8.78
C VAL C 279 38.75 42.57 7.87
N ALA C 280 37.65 42.80 7.17
CA ALA C 280 37.12 41.87 6.19
C ALA C 280 37.43 42.36 4.78
N GLY C 281 37.89 41.44 3.93
CA GLY C 281 38.17 41.77 2.55
C GLY C 281 39.65 42.02 2.31
N GLY C 282 40.17 41.52 1.20
CA GLY C 282 41.55 41.84 0.85
C GLY C 282 41.71 43.29 0.42
N GLY C 283 40.71 43.82 -0.27
CA GLY C 283 40.76 45.20 -0.71
C GLY C 283 40.77 46.18 0.44
N ALA C 284 39.91 45.97 1.45
CA ALA C 284 39.88 46.86 2.60
C ALA C 284 41.12 46.70 3.47
N SER C 285 41.70 45.49 3.50
CA SER C 285 42.98 45.28 4.18
C SER C 285 44.08 46.09 3.51
N VAL C 286 44.10 46.12 2.18
CA VAL C 286 45.11 46.89 1.47
C VAL C 286 44.86 48.39 1.62
N VAL C 287 43.59 48.82 1.66
CA VAL C 287 43.28 50.24 1.91
C VAL C 287 43.75 50.67 3.29
N TYR C 288 43.54 49.85 4.31
CA TYR C 288 43.98 50.23 5.65
C TYR C 288 45.49 50.22 5.78
N SER C 289 46.17 49.21 5.21
CA SER C 289 47.63 49.17 5.31
C SER C 289 48.27 50.30 4.52
N ASP C 290 47.75 50.61 3.33
CA ASP C 290 48.29 51.71 2.55
C ASP C 290 47.91 53.07 3.15
N THR C 291 46.82 53.13 3.90
CA THR C 291 46.44 54.36 4.58
C THR C 291 47.39 54.67 5.74
N ILE C 292 47.69 53.67 6.57
CA ILE C 292 48.61 53.90 7.67
C ILE C 292 50.05 54.03 7.15
N CYS C 293 50.38 53.38 6.03
CA CYS C 293 51.71 53.56 5.44
C CYS C 293 51.87 54.93 4.80
N ASP C 294 50.78 55.49 4.25
CA ASP C 294 50.88 56.77 3.55
C ASP C 294 51.06 57.93 4.52
N LEU C 295 50.60 57.79 5.76
CA LEU C 295 50.84 58.79 6.79
C LEU C 295 52.14 58.53 7.55
N GLY C 296 53.04 57.72 6.98
CA GLY C 296 54.34 57.46 7.57
C GLY C 296 54.33 56.57 8.78
N GLY C 297 53.23 55.88 9.05
CA GLY C 297 53.12 55.03 10.22
C GLY C 297 53.48 53.59 9.96
N VAL C 298 54.64 53.35 9.33
CA VAL C 298 55.09 51.98 9.12
C VAL C 298 55.57 51.33 10.41
N ASN C 299 55.91 52.14 11.42
CA ASN C 299 56.29 51.58 12.72
C ASN C 299 55.04 51.13 13.47
N GLU C 300 53.96 51.89 13.38
CA GLU C 300 52.74 51.62 14.12
C GLU C 300 51.74 50.77 13.33
N LEU C 301 52.10 50.35 12.13
CA LEU C 301 51.28 49.40 11.36
C LEU C 301 51.70 47.99 11.79
N ALA C 302 50.94 47.40 12.71
CA ALA C 302 51.37 46.15 13.33
C ALA C 302 51.00 44.95 12.49
N ASN C 303 49.71 44.74 12.26
CA ASN C 303 49.19 43.52 11.68
C ASN C 303 48.31 43.88 10.49
N TYR C 304 48.23 42.99 9.51
CA TYR C 304 47.20 43.13 8.49
C TYR C 304 46.57 41.78 8.22
N GLY C 305 45.24 41.74 8.27
CA GLY C 305 44.50 40.50 8.22
C GLY C 305 43.32 40.59 7.28
N GLU C 306 42.61 39.47 7.19
CA GLU C 306 41.58 39.25 6.20
C GLU C 306 40.70 38.10 6.65
N TYR C 307 39.39 38.32 6.65
CA TYR C 307 38.44 37.21 6.79
C TYR C 307 37.25 37.49 5.87
N SER C 308 37.24 36.79 4.74
CA SER C 308 36.14 36.87 3.79
C SER C 308 35.80 35.47 3.32
N GLY C 309 34.59 35.31 2.79
CA GLY C 309 34.08 34.02 2.39
C GLY C 309 33.21 33.33 3.40
N ALA C 310 32.54 34.09 4.30
CA ALA C 310 31.68 33.65 5.39
C ALA C 310 32.37 32.63 6.31
N PRO C 311 33.31 33.06 7.16
CA PRO C 311 33.95 32.12 8.08
C PRO C 311 33.02 31.72 9.21
N SER C 312 33.26 30.54 9.76
CA SER C 312 32.48 30.03 10.87
C SER C 312 32.91 30.71 12.17
N GLU C 313 32.13 30.47 13.23
CA GLU C 313 32.28 31.23 14.45
C GLU C 313 33.36 30.71 15.39
N GLN C 314 33.65 29.41 15.37
CA GLN C 314 34.82 28.96 16.12
C GLN C 314 36.11 29.35 15.42
N GLN C 315 36.08 29.49 14.09
CA GLN C 315 37.24 30.01 13.36
C GLN C 315 37.49 31.47 13.69
N THR C 316 36.43 32.30 13.63
CA THR C 316 36.55 33.71 13.98
C THR C 316 36.84 33.88 15.48
N TYR C 317 36.36 32.95 16.31
CA TYR C 317 36.63 33.01 17.75
C TYR C 317 38.09 32.72 18.05
N ASP C 318 38.64 31.66 17.45
CA ASP C 318 40.06 31.35 17.65
C ASP C 318 40.96 32.39 17.01
N TYR C 319 40.52 33.02 15.92
CA TYR C 319 41.25 34.13 15.32
C TYR C 319 41.27 35.35 16.24
N ALA C 320 40.14 35.66 16.89
CA ALA C 320 40.12 36.76 17.85
C ALA C 320 40.95 36.43 19.09
N LYS C 321 40.91 35.17 19.54
CA LYS C 321 41.76 34.70 20.63
C LYS C 321 43.24 34.82 20.29
N THR C 322 43.57 34.53 19.02
CA THR C 322 44.96 34.62 18.56
C THR C 322 45.43 36.07 18.52
N ILE C 323 44.54 36.99 18.16
CA ILE C 323 44.95 38.40 18.17
C ILE C 323 45.02 38.97 19.58
N LEU C 324 44.22 38.47 20.52
CA LEU C 324 44.20 39.11 21.84
C LEU C 324 45.14 38.48 22.86
N SER C 325 45.40 37.17 22.79
CA SER C 325 45.83 36.45 23.98
C SER C 325 47.34 36.35 24.18
N LEU C 326 48.16 36.36 23.13
CA LEU C 326 49.52 35.86 23.31
C LEU C 326 50.58 36.94 23.51
N MET C 327 50.75 37.86 22.55
CA MET C 327 51.85 38.82 22.61
C MET C 327 51.34 40.20 23.02
N THR C 328 50.12 40.30 23.53
CA THR C 328 49.54 41.57 23.95
C THR C 328 49.70 41.78 25.45
N ARG C 329 50.85 41.36 25.96
CA ARG C 329 51.27 41.70 27.33
C ARG C 329 52.08 42.98 27.34
N GLU C 330 52.62 43.39 26.19
CA GLU C 330 53.54 44.52 26.10
C GLU C 330 52.73 45.78 25.85
N LYS C 331 52.74 46.68 26.82
CA LYS C 331 51.79 47.78 26.91
C LYS C 331 52.19 48.92 25.97
N HIS C 332 51.41 50.02 26.05
CA HIS C 332 51.59 51.21 25.23
C HIS C 332 51.18 52.42 26.05
N PRO C 333 51.91 53.53 25.98
CA PRO C 333 51.56 54.69 26.82
C PRO C 333 50.35 55.44 26.31
N ASP C 334 50.18 55.52 24.99
CA ASP C 334 49.05 56.23 24.39
C ASP C 334 47.95 55.26 23.96
N GLY C 335 47.97 54.04 24.46
CA GLY C 335 46.95 53.06 24.17
C GLY C 335 47.27 52.23 22.92
N LYS C 336 46.60 51.08 22.84
CA LYS C 336 46.64 50.23 21.67
C LYS C 336 45.27 50.27 21.02
N ILE C 337 45.24 50.22 19.68
CA ILE C 337 44.02 50.41 18.92
C ILE C 337 43.67 49.11 18.21
N LEU C 338 42.37 48.79 18.18
CA LEU C 338 41.85 47.68 17.39
C LEU C 338 40.73 48.21 16.51
N ILE C 339 40.95 48.20 15.19
CA ILE C 339 39.94 48.61 14.24
C ILE C 339 39.26 47.36 13.66
N ILE C 340 37.97 47.22 13.97
CA ILE C 340 37.15 46.18 13.34
C ILE C 340 36.52 46.85 12.13
N GLY C 341 37.28 46.88 11.03
CA GLY C 341 36.86 47.55 9.82
C GLY C 341 36.14 46.61 8.89
N GLY C 342 36.00 47.05 7.66
CA GLY C 342 35.43 46.20 6.64
C GLY C 342 34.69 47.00 5.59
N SER C 343 34.41 46.32 4.49
CA SER C 343 33.63 46.90 3.41
C SER C 343 32.14 46.67 3.69
N ILE C 344 31.30 47.00 2.71
CA ILE C 344 29.90 46.63 2.78
C ILE C 344 29.79 45.12 2.55
N ALA C 345 29.22 44.43 3.54
CA ALA C 345 29.07 42.98 3.43
C ALA C 345 27.98 42.64 2.42
N ASN C 346 28.26 41.65 1.57
CA ASN C 346 27.40 41.38 0.43
C ASN C 346 26.14 40.64 0.84
N PHE C 347 26.29 39.41 1.34
CA PHE C 347 25.16 38.54 1.65
C PHE C 347 25.14 38.09 3.10
N THR C 348 26.31 37.91 3.72
CA THR C 348 26.37 37.36 5.06
C THR C 348 25.91 38.40 6.07
N ASN C 349 25.11 37.97 7.04
CA ASN C 349 24.70 38.84 8.14
C ASN C 349 25.92 39.16 9.00
N VAL C 350 26.17 40.45 9.22
CA VAL C 350 27.29 40.87 10.06
C VAL C 350 27.01 40.65 11.54
N ALA C 351 25.75 40.40 11.90
CA ALA C 351 25.39 40.15 13.28
C ALA C 351 26.00 38.84 13.79
N ALA C 352 26.15 37.84 12.93
CA ALA C 352 26.71 36.56 13.37
C ALA C 352 28.18 36.68 13.72
N THR C 353 28.99 37.20 12.79
CA THR C 353 30.41 37.40 13.06
C THR C 353 30.63 38.44 14.15
N PHE C 354 29.71 39.40 14.32
CA PHE C 354 29.90 40.35 15.40
C PHE C 354 29.52 39.76 16.76
N LYS C 355 28.54 38.87 16.83
CA LYS C 355 28.28 38.15 18.07
C LYS C 355 29.45 37.26 18.43
N GLY C 356 30.10 36.64 17.43
CA GLY C 356 31.31 35.88 17.70
C GLY C 356 32.46 36.74 18.21
N ILE C 357 32.65 37.92 17.61
CA ILE C 357 33.70 38.85 18.04
C ILE C 357 33.43 39.35 19.46
N VAL C 358 32.19 39.73 19.77
CA VAL C 358 31.93 40.29 21.09
C VAL C 358 31.91 39.19 22.14
N ARG C 359 31.62 37.93 21.76
CA ARG C 359 31.70 36.85 22.74
C ARG C 359 33.15 36.50 23.03
N ALA C 360 34.02 36.59 22.02
CA ALA C 360 35.45 36.49 22.28
C ALA C 360 35.97 37.66 23.11
N ILE C 361 35.32 38.83 23.00
CA ILE C 361 35.71 39.98 23.82
C ILE C 361 35.32 39.75 25.28
N ARG C 362 34.06 39.38 25.54
CA ARG C 362 33.60 39.21 26.92
C ARG C 362 34.17 37.96 27.56
N ASP C 363 34.66 37.01 26.76
CA ASP C 363 35.24 35.81 27.34
C ASP C 363 36.57 36.11 28.04
N TYR C 364 37.36 37.05 27.52
CA TYR C 364 38.64 37.41 28.12
C TYR C 364 38.79 38.93 28.19
N GLN C 365 37.80 39.60 28.78
CA GLN C 365 37.77 41.06 28.86
C GLN C 365 38.83 41.65 29.78
N GLY C 366 39.48 40.83 30.62
CA GLY C 366 40.43 41.30 31.61
C GLY C 366 41.65 42.00 31.04
N PRO C 367 42.51 41.25 30.32
CA PRO C 367 43.68 41.89 29.69
C PRO C 367 43.33 42.88 28.60
N LEU C 368 42.18 42.75 27.96
CA LEU C 368 41.74 43.75 26.99
C LEU C 368 41.33 45.05 27.66
N LYS C 369 40.95 45.00 28.94
CA LYS C 369 40.68 46.23 29.67
C LYS C 369 41.95 46.81 30.29
N GLU C 370 42.74 45.98 30.99
CA GLU C 370 43.90 46.52 31.70
C GLU C 370 45.05 46.86 30.75
N HIS C 371 45.03 46.32 29.53
CA HIS C 371 46.03 46.66 28.53
C HIS C 371 45.72 48.00 27.85
N GLU C 372 44.53 48.55 28.07
CA GLU C 372 44.03 49.80 27.49
C GLU C 372 44.02 49.73 25.97
N VAL C 373 43.20 48.82 25.46
CA VAL C 373 42.93 48.68 24.04
C VAL C 373 41.59 49.35 23.75
N THR C 374 41.58 50.18 22.72
CA THR C 374 40.42 50.96 22.32
C THR C 374 39.99 50.49 20.93
N ILE C 375 38.71 50.19 20.78
CA ILE C 375 38.18 49.54 19.58
C ILE C 375 37.33 50.53 18.80
N PHE C 376 37.67 50.72 17.53
CA PHE C 376 36.85 51.44 16.58
C PHE C 376 36.30 50.46 15.56
N VAL C 377 34.98 50.40 15.41
CA VAL C 377 34.34 49.43 14.53
C VAL C 377 33.60 50.19 13.44
N ARG C 378 33.83 49.80 12.19
CA ARG C 378 33.06 50.31 11.05
C ARG C 378 32.63 49.12 10.21
N ARG C 379 31.33 49.00 9.97
CA ARG C 379 30.80 47.85 9.24
C ARG C 379 29.47 48.22 8.62
N GLY C 380 29.10 47.49 7.56
CA GLY C 380 27.81 47.64 6.93
C GLY C 380 27.40 46.34 6.26
N GLY C 381 26.20 46.34 5.70
CA GLY C 381 25.70 45.20 4.98
C GLY C 381 24.28 44.85 5.37
N PRO C 382 23.95 43.55 5.35
CA PRO C 382 22.62 43.12 5.79
C PRO C 382 22.54 43.10 7.30
N ASN C 383 21.63 43.91 7.87
CA ASN C 383 21.36 44.03 9.29
C ASN C 383 22.62 44.41 10.07
N TYR C 384 23.10 45.62 9.80
CA TYR C 384 24.27 46.13 10.51
C TYR C 384 23.91 46.97 11.72
N GLN C 385 22.68 47.48 11.79
CA GLN C 385 22.28 48.32 12.93
C GLN C 385 22.18 47.49 14.20
N GLU C 386 21.72 46.24 14.10
CA GLU C 386 21.70 45.39 15.30
C GLU C 386 23.11 44.97 15.68
N GLY C 387 24.01 44.84 14.71
CA GLY C 387 25.40 44.54 15.04
C GLY C 387 26.10 45.68 15.75
N LEU C 388 25.90 46.93 15.28
CA LEU C 388 26.44 48.08 16.00
C LEU C 388 25.76 48.25 17.35
N ARG C 389 24.48 47.89 17.46
CA ARG C 389 23.78 47.99 18.73
C ARG C 389 24.30 46.98 19.75
N VAL C 390 24.58 45.74 19.31
CA VAL C 390 25.06 44.75 20.27
C VAL C 390 26.52 45.03 20.62
N MET C 391 27.28 45.61 19.69
CA MET C 391 28.66 45.99 20.03
C MET C 391 28.70 47.17 20.99
N GLY C 392 27.78 48.13 20.84
CA GLY C 392 27.66 49.20 21.81
C GLY C 392 27.15 48.72 23.15
N GLU C 393 26.25 47.73 23.14
CA GLU C 393 25.70 47.18 24.38
C GLU C 393 26.79 46.45 25.17
N VAL C 394 27.61 45.62 24.50
CA VAL C 394 28.68 44.94 25.22
C VAL C 394 29.79 45.93 25.56
N GLY C 395 29.91 47.04 24.82
CA GLY C 395 30.86 48.07 25.21
C GLY C 395 30.46 48.78 26.49
N LYS C 396 29.16 49.00 26.67
CA LYS C 396 28.68 49.70 27.84
C LYS C 396 28.21 48.80 28.98
N THR C 397 28.26 47.47 28.82
CA THR C 397 27.96 46.58 29.94
C THR C 397 29.17 45.84 30.48
N THR C 398 30.27 45.76 29.74
CA THR C 398 31.45 45.03 30.22
C THR C 398 32.57 45.94 30.72
N GLY C 399 32.59 47.22 30.32
CA GLY C 399 33.55 48.18 30.84
C GLY C 399 34.46 48.78 29.77
N ILE C 400 34.61 48.11 28.63
CA ILE C 400 35.55 48.51 27.59
C ILE C 400 34.80 49.43 26.62
N PRO C 401 35.14 50.72 26.54
CA PRO C 401 34.40 51.62 25.64
C PRO C 401 34.74 51.41 24.17
N ILE C 402 33.80 50.85 23.41
CA ILE C 402 34.01 50.52 22.00
C ILE C 402 33.14 51.44 21.17
N HIS C 403 33.76 52.11 20.18
CA HIS C 403 33.08 53.11 19.36
C HIS C 403 32.60 52.43 18.08
N VAL C 404 31.29 52.28 17.95
CA VAL C 404 30.68 51.52 16.86
C VAL C 404 30.22 52.49 15.77
N PHE C 405 30.25 52.02 14.52
CA PHE C 405 29.97 52.89 13.39
C PHE C 405 29.30 52.09 12.30
N GLY C 406 28.38 52.72 11.58
CA GLY C 406 27.76 52.09 10.43
C GLY C 406 28.28 52.65 9.13
N THR C 407 27.45 52.62 8.09
CA THR C 407 27.81 53.17 6.78
C THR C 407 27.43 54.63 6.64
N GLU C 408 26.98 55.27 7.73
CA GLU C 408 26.59 56.67 7.67
C GLU C 408 27.81 57.57 7.46
N THR C 409 28.96 57.17 8.00
CA THR C 409 30.20 57.89 7.78
C THR C 409 30.93 57.33 6.57
N HIS C 410 32.01 58.02 6.20
CA HIS C 410 33.02 57.44 5.31
C HIS C 410 33.69 56.25 5.99
N MET C 411 34.26 55.36 5.18
CA MET C 411 34.70 54.06 5.68
C MET C 411 35.91 54.21 6.60
N THR C 412 37.00 54.77 6.08
CA THR C 412 38.23 54.91 6.86
C THR C 412 38.23 56.19 7.70
N ALA C 413 37.09 56.87 7.80
CA ALA C 413 36.99 58.10 8.57
C ALA C 413 37.12 57.88 10.07
N ILE C 414 36.99 56.64 10.54
CA ILE C 414 37.27 56.34 11.94
C ILE C 414 38.76 56.52 12.24
N VAL C 415 39.63 56.38 11.23
CA VAL C 415 41.02 56.78 11.40
C VAL C 415 41.13 58.28 11.57
N GLY C 416 40.27 59.02 10.84
CA GLY C 416 40.10 60.43 11.09
C GLY C 416 39.52 60.75 12.46
N MET C 417 38.82 59.80 13.08
CA MET C 417 38.39 59.98 14.46
C MET C 417 39.44 59.56 15.47
N ALA C 418 40.66 59.26 15.01
CA ALA C 418 41.81 59.24 15.90
C ALA C 418 42.24 60.67 16.23
N LEU C 419 41.90 61.63 15.38
CA LEU C 419 42.30 63.03 15.56
C LEU C 419 41.24 63.89 16.24
N GLY C 420 40.08 63.35 16.58
CA GLY C 420 39.14 64.11 17.39
C GLY C 420 38.34 65.18 16.66
N HIS C 421 37.31 64.80 15.91
CA HIS C 421 36.51 65.77 15.15
C HIS C 421 35.73 66.75 16.01
N ARG C 422 35.53 66.49 17.30
CA ARG C 422 34.61 67.34 18.02
C ARG C 422 35.34 68.16 19.08
N PRO C 423 34.97 69.43 19.23
CA PRO C 423 35.54 70.26 20.29
C PRO C 423 34.90 69.98 21.63
N ILE C 424 35.56 70.45 22.69
CA ILE C 424 35.01 70.40 24.03
C ILE C 424 34.01 71.56 24.20
N PRO C 425 32.89 71.35 24.90
CA PRO C 425 31.89 72.42 25.08
C PRO C 425 32.36 73.49 26.06
N GLY C 487 32.76 44.64 -33.62
CA GLY C 487 31.57 43.96 -33.14
C GLY C 487 31.31 44.16 -31.66
N LYS C 488 32.26 44.79 -30.98
CA LYS C 488 32.12 45.08 -29.55
C LYS C 488 31.28 46.34 -29.40
N SER C 489 30.01 46.18 -29.05
CA SER C 489 29.12 47.33 -28.96
C SER C 489 29.41 48.14 -27.71
N THR C 490 28.95 49.39 -27.72
CA THR C 490 29.24 50.31 -26.63
C THR C 490 28.21 50.18 -25.51
N THR C 491 26.92 50.20 -25.86
CA THR C 491 25.88 49.94 -24.89
C THR C 491 25.70 48.43 -24.75
N LEU C 492 25.96 47.93 -23.54
CA LEU C 492 25.89 46.49 -23.29
C LEU C 492 24.51 46.07 -22.79
N PHE C 493 23.95 46.84 -21.87
CA PHE C 493 22.67 46.51 -21.24
C PHE C 493 21.66 47.61 -21.51
N SER C 494 20.39 47.22 -21.55
CA SER C 494 19.29 48.13 -21.80
C SER C 494 18.13 47.73 -20.89
N ARG C 495 17.00 48.40 -21.04
CA ARG C 495 15.81 48.00 -20.31
C ARG C 495 15.06 46.87 -20.99
N HIS C 496 15.63 46.29 -22.04
CA HIS C 496 15.05 45.16 -22.74
C HIS C 496 15.89 43.89 -22.67
N THR C 497 17.14 43.99 -22.22
CA THR C 497 18.09 42.88 -22.35
C THR C 497 17.76 41.75 -21.38
N LYS C 498 17.89 40.52 -21.86
CA LYS C 498 17.67 39.35 -21.05
C LYS C 498 18.93 38.49 -21.07
N ALA C 499 19.16 37.78 -19.97
CA ALA C 499 20.35 36.98 -19.80
C ALA C 499 19.98 35.52 -19.57
N ILE C 500 20.84 34.63 -20.05
CA ILE C 500 20.80 33.22 -19.67
C ILE C 500 21.87 32.99 -18.62
N VAL C 501 21.46 32.53 -17.47
CA VAL C 501 22.35 32.17 -16.38
C VAL C 501 22.77 30.73 -16.60
N TRP C 502 24.04 30.42 -16.35
CA TRP C 502 24.56 29.08 -16.59
C TRP C 502 24.91 28.45 -15.24
N GLY C 503 23.95 27.71 -14.69
CA GLY C 503 24.16 27.01 -13.43
C GLY C 503 23.01 27.24 -12.48
N MET C 504 22.77 26.26 -11.62
CA MET C 504 21.77 26.39 -10.57
C MET C 504 22.25 27.35 -9.50
N GLN C 505 21.90 28.62 -9.66
CA GLN C 505 22.40 29.73 -8.85
C GLN C 505 21.25 30.62 -8.43
N THR C 506 20.21 30.02 -7.83
CA THR C 506 18.95 30.69 -7.58
C THR C 506 19.06 31.87 -6.61
N ARG C 507 20.10 31.92 -5.78
CA ARG C 507 20.31 33.08 -4.93
C ARG C 507 20.65 34.32 -5.75
N ALA C 508 21.61 34.18 -6.68
CA ALA C 508 21.98 35.29 -7.54
C ALA C 508 20.87 35.68 -8.49
N VAL C 509 20.13 34.68 -9.00
CA VAL C 509 19.06 34.96 -9.94
C VAL C 509 17.88 35.63 -9.25
N GLN C 510 17.60 35.22 -8.01
CA GLN C 510 16.55 35.89 -7.24
C GLN C 510 16.97 37.29 -6.83
N GLY C 511 18.26 37.51 -6.57
CA GLY C 511 18.74 38.85 -6.34
C GLY C 511 18.62 39.75 -7.56
N MET C 512 18.87 39.18 -8.74
CA MET C 512 18.72 39.93 -9.98
C MET C 512 17.26 40.26 -10.27
N LEU C 513 16.35 39.33 -9.99
CA LEU C 513 14.93 39.62 -10.19
C LEU C 513 14.41 40.62 -9.17
N ASP C 514 14.92 40.58 -7.93
CA ASP C 514 14.55 41.56 -6.93
C ASP C 514 15.05 42.94 -7.30
N PHE C 515 16.28 43.04 -7.82
CA PHE C 515 16.80 44.31 -8.29
C PHE C 515 16.01 44.83 -9.48
N ASP C 516 15.59 43.95 -10.36
CA ASP C 516 14.82 44.41 -11.51
C ASP C 516 13.41 44.80 -11.15
N TYR C 517 12.83 44.24 -10.09
CA TYR C 517 11.55 44.75 -9.63
C TYR C 517 11.73 46.11 -8.94
N VAL C 518 12.82 46.27 -8.18
CA VAL C 518 12.96 47.50 -7.40
C VAL C 518 13.38 48.67 -8.27
N CYS C 519 13.92 48.43 -9.46
CA CYS C 519 14.22 49.50 -10.40
C CYS C 519 13.09 49.75 -11.39
N SER C 520 11.91 49.16 -11.13
CA SER C 520 10.68 49.34 -11.92
C SER C 520 10.85 48.91 -13.37
N ARG C 521 11.70 47.91 -13.61
CA ARG C 521 11.84 47.32 -14.92
C ARG C 521 10.63 46.46 -15.23
N ASP C 522 10.24 46.42 -16.50
CA ASP C 522 8.98 45.80 -16.86
C ASP C 522 9.09 44.28 -16.98
N GLU C 523 10.26 43.75 -17.32
CA GLU C 523 10.42 42.33 -17.58
C GLU C 523 11.66 41.82 -16.88
N PRO C 524 11.67 40.54 -16.50
CA PRO C 524 12.86 39.94 -15.88
C PRO C 524 14.04 39.88 -16.85
N SER C 525 15.24 40.08 -16.32
CA SER C 525 16.45 39.96 -17.12
C SER C 525 17.05 38.57 -17.08
N VAL C 526 16.35 37.60 -16.52
CA VAL C 526 16.74 36.20 -16.62
C VAL C 526 15.66 35.52 -17.44
N ALA C 527 15.97 35.28 -18.71
CA ALA C 527 14.99 34.62 -19.57
C ALA C 527 15.00 33.12 -19.35
N ALA C 528 16.18 32.56 -19.07
CA ALA C 528 16.30 31.12 -18.89
C ALA C 528 17.55 30.83 -18.07
N MET C 529 17.60 29.63 -17.52
CA MET C 529 18.79 29.12 -16.85
C MET C 529 19.22 27.84 -17.53
N VAL C 530 20.51 27.51 -17.41
CA VAL C 530 21.05 26.30 -18.01
C VAL C 530 21.77 25.52 -16.93
N TYR C 531 21.31 24.30 -16.67
CA TYR C 531 21.99 23.36 -15.79
C TYR C 531 22.02 22.03 -16.54
N PRO C 532 23.20 21.54 -16.91
CA PRO C 532 23.26 20.33 -17.75
C PRO C 532 22.91 19.06 -17.01
N PHE C 533 23.05 19.00 -15.69
CA PHE C 533 22.88 17.78 -14.94
C PHE C 533 21.43 17.48 -14.58
N THR C 534 20.47 18.21 -15.15
CA THR C 534 19.07 17.92 -14.94
C THR C 534 18.29 18.29 -16.19
N GLY C 535 17.03 17.88 -16.23
CA GLY C 535 16.22 18.05 -17.42
C GLY C 535 15.66 19.45 -17.55
N ASP C 536 14.71 19.59 -18.47
CA ASP C 536 14.02 20.84 -18.71
C ASP C 536 12.87 20.96 -17.71
N HIS C 537 12.89 22.00 -16.90
CA HIS C 537 11.80 22.24 -15.95
C HIS C 537 11.62 23.74 -15.79
N LYS C 538 10.87 24.14 -14.77
CA LYS C 538 10.62 25.54 -14.50
C LYS C 538 10.95 25.83 -13.05
N GLN C 539 11.80 26.82 -12.82
CA GLN C 539 12.16 27.27 -11.50
C GLN C 539 11.20 28.36 -11.07
N LYS C 540 10.69 28.26 -9.85
CA LYS C 540 9.69 29.19 -9.33
C LYS C 540 10.41 30.33 -8.64
N PHE C 541 10.31 31.52 -9.21
CA PHE C 541 10.99 32.71 -8.70
C PHE C 541 9.98 33.78 -8.35
N TYR C 542 10.45 34.82 -7.67
CA TYR C 542 9.63 35.95 -7.29
C TYR C 542 9.86 37.17 -8.16
N TRP C 543 8.76 37.86 -8.44
CA TRP C 543 8.74 39.16 -9.10
C TRP C 543 7.87 40.02 -8.18
N GLY C 544 8.51 40.63 -7.18
CA GLY C 544 7.77 41.38 -6.17
C GLY C 544 6.98 40.46 -5.26
N HIS C 545 5.66 40.47 -5.41
CA HIS C 545 4.82 39.46 -4.77
C HIS C 545 4.60 38.25 -5.67
N LYS C 546 4.62 38.44 -6.98
CA LYS C 546 4.11 37.45 -7.90
C LYS C 546 5.07 36.29 -8.07
N GLU C 547 4.52 35.10 -8.24
CA GLU C 547 5.31 33.90 -8.50
C GLU C 547 5.40 33.70 -10.00
N ILE C 548 6.60 33.82 -10.56
CA ILE C 548 6.81 33.59 -11.98
C ILE C 548 7.65 32.32 -12.14
N LEU C 549 7.67 31.80 -13.36
CA LEU C 549 8.34 30.54 -13.67
C LEU C 549 9.38 30.78 -14.74
N ILE C 550 10.65 30.65 -14.38
CA ILE C 550 11.76 30.84 -15.30
C ILE C 550 12.19 29.46 -15.79
N PRO C 551 12.27 29.21 -17.10
CA PRO C 551 12.62 27.88 -17.57
C PRO C 551 14.09 27.56 -17.36
N VAL C 552 14.36 26.30 -17.02
CA VAL C 552 15.71 25.78 -16.88
C VAL C 552 15.87 24.67 -17.91
N PHE C 553 16.85 24.81 -18.78
CA PHE C 553 17.09 23.89 -19.88
C PHE C 553 18.31 23.02 -19.60
N LYS C 554 18.43 21.94 -20.37
CA LYS C 554 19.56 21.03 -20.24
C LYS C 554 20.74 21.46 -21.10
N ASN C 555 20.48 21.89 -22.33
CA ASN C 555 21.52 22.31 -23.25
C ASN C 555 21.36 23.80 -23.57
N MET C 556 22.45 24.40 -24.04
CA MET C 556 22.41 25.78 -24.48
C MET C 556 21.76 25.93 -25.85
N ALA C 557 21.62 24.84 -26.60
CA ALA C 557 21.04 24.89 -27.94
C ALA C 557 19.56 25.24 -27.87
N ASP C 558 18.77 24.42 -27.16
CA ASP C 558 17.37 24.74 -26.94
C ASP C 558 17.18 25.82 -25.88
N ALA C 559 18.24 26.34 -25.27
CA ALA C 559 18.13 27.56 -24.47
C ALA C 559 18.13 28.80 -25.35
N MET C 560 19.07 28.87 -26.30
CA MET C 560 19.08 29.97 -27.25
C MET C 560 17.92 29.88 -28.23
N ARG C 561 17.46 28.66 -28.52
CA ARG C 561 16.47 28.48 -29.56
C ARG C 561 15.08 28.91 -29.12
N LYS C 562 14.75 28.71 -27.84
CA LYS C 562 13.47 29.20 -27.32
C LYS C 562 13.47 30.71 -27.16
N HIS C 563 14.62 31.30 -26.84
CA HIS C 563 14.71 32.72 -26.51
C HIS C 563 15.78 33.37 -27.38
N PRO C 564 15.39 33.99 -28.50
CA PRO C 564 16.37 34.69 -29.34
C PRO C 564 16.76 36.06 -28.82
N GLU C 565 15.99 36.63 -27.90
CA GLU C 565 16.22 37.99 -27.40
C GLU C 565 17.35 38.05 -26.38
N VAL C 566 17.85 36.89 -25.94
CA VAL C 566 18.93 36.83 -24.94
C VAL C 566 20.20 37.42 -25.52
N ASP C 567 20.74 38.43 -24.83
CA ASP C 567 21.97 39.07 -25.26
C ASP C 567 23.14 38.88 -24.31
N VAL C 568 22.91 38.38 -23.11
CA VAL C 568 23.93 38.31 -22.07
C VAL C 568 24.04 36.86 -21.62
N LEU C 569 25.26 36.37 -21.40
CA LEU C 569 25.50 35.13 -20.70
C LEU C 569 26.19 35.44 -19.38
N ILE C 570 25.61 35.01 -18.28
CA ILE C 570 26.26 35.06 -16.98
C ILE C 570 26.72 33.64 -16.67
N ASN C 571 28.02 33.38 -16.89
CA ASN C 571 28.56 32.04 -16.83
C ASN C 571 29.02 31.76 -15.41
N PHE C 572 28.23 30.97 -14.68
CA PHE C 572 28.48 30.68 -13.28
C PHE C 572 29.19 29.36 -13.05
N ALA C 573 29.83 28.80 -14.07
CA ALA C 573 30.46 27.49 -13.93
C ALA C 573 31.73 27.58 -13.10
N SER C 574 32.35 26.43 -12.85
CA SER C 574 33.53 26.38 -12.01
C SER C 574 34.77 26.77 -12.79
N LEU C 575 35.93 26.69 -12.14
CA LEU C 575 37.18 27.04 -12.80
C LEU C 575 37.66 26.00 -13.80
N ARG C 576 37.02 24.83 -13.85
CA ARG C 576 37.41 23.77 -14.76
C ARG C 576 36.35 23.42 -15.79
N SER C 577 35.21 24.11 -15.79
CA SER C 577 34.20 23.89 -16.81
C SER C 577 33.66 25.18 -17.40
N ALA C 578 34.21 26.34 -17.02
CA ALA C 578 33.79 27.59 -17.62
C ALA C 578 34.32 27.74 -19.04
N TYR C 579 35.46 27.09 -19.32
CA TYR C 579 36.11 27.27 -20.62
C TYR C 579 35.29 26.63 -21.74
N ASP C 580 34.85 25.40 -21.54
CA ASP C 580 34.04 24.73 -22.57
C ASP C 580 32.66 25.37 -22.71
N SER C 581 32.11 25.88 -21.60
CA SER C 581 30.83 26.58 -21.66
C SER C 581 30.95 27.88 -22.45
N THR C 582 32.10 28.56 -22.34
CA THR C 582 32.29 29.78 -23.11
C THR C 582 32.64 29.51 -24.56
N MET C 583 33.42 28.46 -24.85
CA MET C 583 33.61 28.05 -26.24
C MET C 583 32.31 27.61 -26.90
N GLU C 584 31.39 27.03 -26.14
CA GLU C 584 30.08 26.72 -26.68
C GLU C 584 29.25 27.98 -26.85
N THR C 585 29.42 28.97 -25.96
CA THR C 585 28.58 30.16 -26.02
C THR C 585 28.93 31.05 -27.20
N MET C 586 30.22 31.24 -27.49
CA MET C 586 30.62 32.11 -28.59
C MET C 586 30.38 31.51 -29.96
N ASN C 587 29.82 30.31 -30.05
CA ASN C 587 29.33 29.76 -31.30
C ASN C 587 27.85 30.06 -31.53
N TYR C 588 27.27 30.96 -30.74
CA TYR C 588 25.91 31.46 -30.97
C TYR C 588 25.95 32.93 -31.33
N ALA C 589 25.12 33.32 -32.30
CA ALA C 589 25.21 34.66 -32.87
C ALA C 589 24.61 35.72 -31.95
N GLN C 590 23.67 35.35 -31.09
CA GLN C 590 22.92 36.36 -30.35
C GLN C 590 23.64 36.86 -29.11
N ILE C 591 24.57 36.07 -28.56
CA ILE C 591 25.29 36.47 -27.36
C ILE C 591 26.27 37.59 -27.72
N ARG C 592 26.12 38.74 -27.05
CA ARG C 592 27.02 39.86 -27.29
C ARG C 592 27.95 40.14 -26.13
N THR C 593 27.67 39.61 -24.94
CA THR C 593 28.58 39.74 -23.81
C THR C 593 28.47 38.52 -22.93
N ILE C 594 29.61 38.09 -22.39
CA ILE C 594 29.70 36.92 -21.52
C ILE C 594 30.35 37.36 -20.22
N ALA C 595 29.62 37.20 -19.12
CA ALA C 595 30.12 37.59 -17.80
C ALA C 595 30.54 36.36 -17.00
N ILE C 596 31.84 36.07 -17.00
CA ILE C 596 32.37 34.93 -16.27
C ILE C 596 32.58 35.28 -14.79
N ILE C 597 31.85 34.60 -13.91
CA ILE C 597 31.95 34.84 -12.48
C ILE C 597 32.91 33.88 -11.79
N ALA C 598 33.43 32.93 -12.55
CA ALA C 598 34.36 31.95 -12.00
C ALA C 598 35.70 32.59 -11.65
N GLU C 599 36.40 31.96 -10.72
CA GLU C 599 37.69 32.42 -10.24
C GLU C 599 38.66 31.26 -10.30
N GLY C 600 39.89 31.56 -10.71
CA GLY C 600 40.93 30.56 -10.78
C GLY C 600 41.14 29.90 -12.12
N ILE C 601 40.64 30.50 -13.19
CA ILE C 601 40.91 29.98 -14.54
C ILE C 601 42.37 30.22 -14.89
N PRO C 602 43.07 29.27 -15.52
CA PRO C 602 44.45 29.52 -15.93
C PRO C 602 44.56 30.61 -16.99
N GLU C 603 45.74 31.22 -17.04
CA GLU C 603 45.96 32.37 -17.93
C GLU C 603 45.99 31.97 -19.40
N ALA C 604 46.47 30.76 -19.71
CA ALA C 604 46.52 30.33 -21.11
C ALA C 604 45.12 30.09 -21.67
N LEU C 605 44.24 29.48 -20.87
CA LEU C 605 42.85 29.30 -21.27
C LEU C 605 42.16 30.64 -21.40
N THR C 606 42.52 31.59 -20.54
CA THR C 606 42.01 32.96 -20.64
C THR C 606 42.46 33.62 -21.94
N ARG C 607 43.69 33.37 -22.38
CA ARG C 607 44.17 33.96 -23.63
C ARG C 607 43.46 33.36 -24.84
N LYS C 608 43.23 32.05 -24.83
CA LYS C 608 42.46 31.44 -25.92
C LYS C 608 41.03 31.95 -25.95
N LEU C 609 40.45 32.17 -24.77
CA LEU C 609 39.10 32.72 -24.68
C LEU C 609 39.03 34.15 -25.18
N ILE C 610 40.04 34.96 -24.83
CA ILE C 610 40.12 36.35 -25.28
C ILE C 610 40.29 36.42 -26.80
N LYS C 611 41.09 35.49 -27.35
CA LYS C 611 41.31 35.47 -28.80
C LYS C 611 40.05 35.10 -29.55
N LYS C 612 39.32 34.06 -29.08
CA LYS C 612 38.06 33.73 -29.75
C LYS C 612 36.99 34.80 -29.51
N ALA C 613 37.07 35.53 -28.40
CA ALA C 613 36.14 36.62 -28.16
C ALA C 613 36.37 37.77 -29.14
N ASP C 614 37.63 38.15 -29.35
CA ASP C 614 37.94 39.22 -30.29
C ASP C 614 37.69 38.79 -31.72
N GLN C 615 37.78 37.49 -32.01
CA GLN C 615 37.41 37.02 -33.34
C GLN C 615 35.90 37.05 -33.55
N LYS C 616 35.14 36.67 -32.51
CA LYS C 616 33.69 36.60 -32.65
C LYS C 616 32.97 37.89 -32.26
N GLY C 617 33.58 38.74 -31.43
CA GLY C 617 33.01 40.03 -31.14
C GLY C 617 32.10 40.08 -29.94
N VAL C 618 32.46 39.39 -28.86
CA VAL C 618 31.70 39.43 -27.62
C VAL C 618 32.51 40.20 -26.57
N THR C 619 31.80 40.79 -25.62
CA THR C 619 32.42 41.59 -24.56
C THR C 619 32.52 40.74 -23.31
N ILE C 620 33.69 40.13 -23.11
CA ILE C 620 33.91 39.29 -21.95
C ILE C 620 34.21 40.18 -20.74
N ILE C 621 33.30 40.15 -19.76
CA ILE C 621 33.48 40.94 -18.55
C ILE C 621 34.80 40.61 -17.89
N GLY C 622 35.07 39.32 -17.74
CA GLY C 622 36.31 38.86 -17.15
C GLY C 622 36.08 37.86 -16.03
N PRO C 623 37.09 37.03 -15.76
CA PRO C 623 37.03 36.02 -14.71
C PRO C 623 37.37 36.64 -13.36
N ALA C 624 37.20 35.88 -12.28
CA ALA C 624 37.49 36.36 -10.92
C ALA C 624 36.81 37.69 -10.64
N THR C 625 35.61 37.87 -11.17
CA THR C 625 34.81 39.05 -10.90
C THR C 625 33.65 38.69 -9.98
N VAL C 626 32.99 39.72 -9.48
CA VAL C 626 31.65 39.57 -8.95
C VAL C 626 30.64 39.84 -10.07
N GLY C 627 31.03 40.62 -11.07
CA GLY C 627 30.18 41.01 -12.18
C GLY C 627 30.23 42.50 -12.36
N GLY C 628 29.22 43.07 -12.98
CA GLY C 628 29.11 44.51 -13.08
C GLY C 628 27.67 44.92 -13.06
N ILE C 629 27.39 46.03 -12.39
CA ILE C 629 26.02 46.50 -12.20
C ILE C 629 25.84 47.83 -12.91
N LYS C 630 24.80 47.92 -13.75
CA LYS C 630 24.37 49.15 -14.37
C LYS C 630 23.09 49.59 -13.67
N PRO C 631 23.16 50.51 -12.71
CA PRO C 631 22.01 50.78 -11.83
C PRO C 631 20.84 51.41 -12.56
N GLY C 632 19.65 50.94 -12.21
CA GLY C 632 18.45 51.23 -12.95
C GLY C 632 18.24 50.35 -14.17
N CYS C 633 19.28 49.64 -14.62
CA CYS C 633 19.22 48.84 -15.83
C CYS C 633 19.50 47.36 -15.60
N PHE C 634 20.62 47.02 -14.98
CA PHE C 634 21.09 45.64 -15.01
C PHE C 634 22.06 45.40 -13.87
N LYS C 635 22.12 44.14 -13.42
CA LYS C 635 23.01 43.75 -12.33
C LYS C 635 23.43 42.32 -12.58
N ILE C 636 24.74 42.08 -12.62
CA ILE C 636 25.28 40.77 -12.97
C ILE C 636 25.64 40.03 -11.70
N GLY C 637 24.89 38.96 -11.41
CA GLY C 637 25.22 38.07 -10.32
C GLY C 637 24.95 38.63 -8.94
N ASN C 638 26.00 38.72 -8.13
CA ASN C 638 25.89 39.14 -6.75
C ASN C 638 26.41 40.55 -6.51
N THR C 639 26.47 41.37 -7.54
CA THR C 639 26.96 42.73 -7.37
C THR C 639 25.95 43.57 -6.60
N GLY C 640 26.46 44.46 -5.77
CA GLY C 640 25.61 45.22 -4.86
C GLY C 640 25.35 44.51 -3.56
N GLY C 641 24.95 43.23 -3.64
CA GLY C 641 24.62 42.46 -2.46
C GLY C 641 23.13 42.29 -2.32
N MET C 642 22.64 42.30 -1.09
CA MET C 642 21.21 42.21 -0.84
C MET C 642 20.52 43.51 -1.25
N LEU C 643 19.19 43.49 -1.20
CA LEU C 643 18.46 44.73 -1.50
C LEU C 643 18.59 45.78 -0.41
N ASP C 644 19.06 45.42 0.78
CA ASP C 644 19.33 46.44 1.79
C ASP C 644 20.50 47.31 1.36
N ASN C 645 21.50 46.71 0.72
CA ASN C 645 22.62 47.47 0.17
C ASN C 645 22.24 48.21 -1.09
N ILE C 646 21.28 47.68 -1.86
CA ILE C 646 20.83 48.36 -3.06
C ILE C 646 20.02 49.60 -2.70
N LEU C 647 19.13 49.47 -1.71
CA LEU C 647 18.39 50.63 -1.26
C LEU C 647 19.26 51.58 -0.45
N ALA C 648 20.32 51.06 0.17
CA ALA C 648 21.23 51.93 0.92
C ALA C 648 22.10 52.76 -0.02
N SER C 649 22.39 52.25 -1.21
CA SER C 649 23.21 52.96 -2.17
C SER C 649 22.42 53.40 -3.40
N LYS C 650 21.07 53.32 -3.33
CA LYS C 650 20.14 54.05 -4.21
C LYS C 650 20.31 53.70 -5.68
N LEU C 651 20.36 52.42 -5.99
CA LEU C 651 20.58 51.99 -7.37
C LEU C 651 19.29 51.73 -8.12
N TYR C 652 18.14 52.02 -7.52
CA TYR C 652 16.86 51.87 -8.21
C TYR C 652 16.65 52.92 -9.28
N ARG C 653 17.37 54.03 -9.22
CA ARG C 653 17.37 55.05 -10.25
C ARG C 653 18.78 55.26 -10.76
N PRO C 654 18.95 55.61 -12.04
CA PRO C 654 20.30 55.76 -12.59
C PRO C 654 21.00 57.00 -12.07
N GLY C 655 22.32 56.97 -12.14
CA GLY C 655 23.12 58.11 -11.71
C GLY C 655 23.83 58.79 -12.87
N SER C 656 25.04 59.28 -12.62
CA SER C 656 25.80 60.00 -13.62
C SER C 656 27.28 59.63 -13.67
N VAL C 657 27.76 58.77 -12.76
CA VAL C 657 29.17 58.45 -12.65
C VAL C 657 29.37 57.01 -13.07
N ALA C 658 30.30 56.77 -13.98
CA ALA C 658 30.71 55.41 -14.25
C ALA C 658 31.95 55.10 -13.44
N TYR C 659 32.14 53.84 -13.09
CA TYR C 659 33.34 53.47 -12.35
C TYR C 659 33.78 52.08 -12.79
N VAL C 660 35.10 51.88 -12.78
CA VAL C 660 35.71 50.60 -13.12
C VAL C 660 36.71 50.25 -12.03
N SER C 661 36.53 49.06 -11.43
CA SER C 661 37.43 48.51 -10.43
C SER C 661 37.83 47.11 -10.85
N ARG C 662 38.73 46.50 -10.08
CA ARG C 662 39.20 45.15 -10.36
C ARG C 662 38.50 44.10 -9.51
N SER C 663 38.61 44.22 -8.19
CA SER C 663 37.87 43.32 -7.31
C SER C 663 36.44 43.82 -7.12
N GLY C 664 35.65 43.03 -6.41
CA GLY C 664 34.29 43.39 -6.11
C GLY C 664 34.08 43.74 -4.65
N GLY C 665 35.06 43.39 -3.80
CA GLY C 665 35.00 43.78 -2.41
C GLY C 665 35.11 45.27 -2.17
N MET C 666 35.70 45.99 -3.12
CA MET C 666 35.75 47.44 -3.10
C MET C 666 34.77 48.08 -4.08
N SER C 667 34.06 47.26 -4.86
CA SER C 667 32.99 47.80 -5.71
C SER C 667 31.84 48.33 -4.88
N ASN C 668 31.52 47.67 -3.77
CA ASN C 668 30.50 48.20 -2.87
C ASN C 668 30.99 49.44 -2.12
N GLU C 669 32.30 49.51 -1.86
CA GLU C 669 32.90 50.70 -1.28
C GLU C 669 32.75 51.91 -2.20
N LEU C 670 33.13 51.75 -3.46
CA LEU C 670 32.94 52.79 -4.47
C LEU C 670 31.47 53.10 -4.69
N ASN C 671 30.62 52.07 -4.59
CA ASN C 671 29.17 52.25 -4.70
C ASN C 671 28.63 53.17 -3.62
N ASN C 672 29.05 52.94 -2.38
CA ASN C 672 28.58 53.77 -1.27
C ASN C 672 29.13 55.19 -1.37
N ILE C 673 30.39 55.32 -1.82
CA ILE C 673 30.99 56.64 -1.99
C ILE C 673 30.24 57.46 -3.03
N ILE C 674 30.03 56.88 -4.21
CA ILE C 674 29.38 57.58 -5.31
C ILE C 674 27.89 57.83 -5.00
N SER C 675 27.27 56.97 -4.20
CA SER C 675 25.88 57.23 -3.84
C SER C 675 25.74 58.33 -2.81
N ARG C 676 26.64 58.39 -1.83
CA ARG C 676 26.52 59.42 -0.81
C ARG C 676 26.95 60.79 -1.31
N THR C 677 28.03 60.85 -2.09
CA THR C 677 28.62 62.14 -2.44
C THR C 677 28.14 62.69 -3.77
N THR C 678 27.65 61.84 -4.68
CA THR C 678 27.37 62.28 -6.03
C THR C 678 25.91 61.92 -6.35
N ASP C 679 25.52 62.03 -7.63
CA ASP C 679 24.17 61.70 -8.04
C ASP C 679 23.91 60.19 -7.96
N GLY C 680 24.91 59.39 -8.30
CA GLY C 680 24.77 57.96 -8.27
C GLY C 680 25.62 57.34 -9.35
N VAL C 681 25.49 56.02 -9.48
CA VAL C 681 26.25 55.26 -10.47
C VAL C 681 25.39 55.08 -11.70
N TYR C 682 25.92 55.44 -12.86
CA TYR C 682 25.27 55.13 -14.12
C TYR C 682 25.55 53.69 -14.54
N GLU C 683 26.81 53.25 -14.39
CA GLU C 683 27.20 51.88 -14.70
C GLU C 683 28.50 51.60 -13.96
N GLY C 684 28.61 50.39 -13.43
CA GLY C 684 29.83 50.01 -12.75
C GLY C 684 30.25 48.62 -13.10
N VAL C 685 31.55 48.39 -13.29
CA VAL C 685 32.06 47.12 -13.77
C VAL C 685 33.28 46.73 -12.95
N ALA C 686 33.25 45.54 -12.37
CA ALA C 686 34.42 44.93 -11.74
C ALA C 686 35.02 43.97 -12.76
N ILE C 687 36.20 44.31 -13.28
CA ILE C 687 36.76 43.59 -14.43
C ILE C 687 37.34 42.24 -14.04
N GLY C 688 37.66 42.01 -12.78
CA GLY C 688 38.16 40.73 -12.34
C GLY C 688 39.46 40.85 -11.57
N GLY C 689 39.87 39.73 -11.00
CA GLY C 689 41.07 39.64 -10.19
C GLY C 689 42.24 38.92 -10.80
N ASP C 690 42.13 38.45 -12.05
CA ASP C 690 43.26 37.79 -12.67
C ASP C 690 44.23 38.82 -13.25
N ARG C 691 45.39 38.32 -13.65
CA ARG C 691 46.39 39.17 -14.26
C ARG C 691 45.98 39.61 -15.66
N TYR C 692 45.24 38.76 -16.38
CA TYR C 692 44.80 39.04 -17.75
C TYR C 692 43.28 39.05 -17.77
N PRO C 693 42.65 40.20 -17.54
CA PRO C 693 41.19 40.26 -17.52
C PRO C 693 40.61 40.16 -18.92
N GLY C 694 39.30 39.90 -18.97
CA GLY C 694 38.62 39.78 -20.24
C GLY C 694 38.41 41.10 -20.95
N SER C 695 38.32 42.19 -20.18
CA SER C 695 38.23 43.54 -20.73
C SER C 695 38.99 44.47 -19.82
N THR C 696 40.00 45.14 -20.36
CA THR C 696 40.93 45.92 -19.57
C THR C 696 40.33 47.29 -19.25
N PHE C 697 41.16 48.19 -18.72
CA PHE C 697 40.69 49.53 -18.37
C PHE C 697 40.37 50.35 -19.62
N MET C 698 41.15 50.16 -20.68
CA MET C 698 40.99 50.94 -21.90
C MET C 698 39.68 50.62 -22.59
N ASP C 699 39.30 49.33 -22.62
CA ASP C 699 38.10 48.90 -23.31
C ASP C 699 36.83 49.35 -22.60
N HIS C 700 36.92 49.76 -21.34
CA HIS C 700 35.78 50.29 -20.62
C HIS C 700 35.77 51.82 -20.52
N VAL C 701 36.94 52.47 -20.48
CA VAL C 701 36.90 53.93 -20.53
C VAL C 701 36.53 54.39 -21.93
N LEU C 702 36.90 53.64 -22.97
CA LEU C 702 36.42 53.96 -24.31
C LEU C 702 34.97 53.57 -24.50
N ARG C 703 34.42 52.74 -23.60
CA ARG C 703 33.00 52.44 -23.61
C ARG C 703 32.19 53.50 -22.88
N TYR C 704 32.76 54.09 -21.84
CA TYR C 704 32.10 55.16 -21.11
C TYR C 704 32.39 56.53 -21.68
N GLN C 705 33.23 56.64 -22.70
CA GLN C 705 33.46 57.93 -23.32
C GLN C 705 32.28 58.34 -24.20
N ASP C 706 31.58 57.38 -24.80
CA ASP C 706 30.56 57.68 -25.80
C ASP C 706 29.13 57.64 -25.29
N THR C 707 28.88 57.07 -24.11
CA THR C 707 27.50 57.01 -23.66
C THR C 707 27.08 58.34 -23.02
N PRO C 708 25.83 58.77 -23.23
CA PRO C 708 25.46 60.14 -22.83
C PRO C 708 25.12 60.29 -21.36
N GLY C 709 24.73 59.22 -20.67
CA GLY C 709 24.29 59.34 -19.29
C GLY C 709 25.40 59.62 -18.30
N VAL C 710 26.65 59.40 -18.68
CA VAL C 710 27.79 59.52 -17.77
C VAL C 710 28.45 60.88 -17.97
N LYS C 711 28.84 61.51 -16.86
CA LYS C 711 29.58 62.75 -16.89
C LYS C 711 30.96 62.66 -16.26
N MET C 712 31.27 61.58 -15.53
CA MET C 712 32.61 61.41 -14.97
C MET C 712 32.88 59.93 -14.74
N ILE C 713 34.16 59.57 -14.76
CA ILE C 713 34.60 58.19 -14.70
C ILE C 713 35.57 58.04 -13.53
N VAL C 714 35.28 57.13 -12.62
CA VAL C 714 36.13 56.83 -11.47
C VAL C 714 36.79 55.48 -11.73
N VAL C 715 38.12 55.47 -11.75
CA VAL C 715 38.91 54.28 -12.07
C VAL C 715 39.79 53.95 -10.89
N LEU C 716 39.69 52.71 -10.41
CA LEU C 716 40.52 52.25 -9.31
C LEU C 716 41.57 51.31 -9.88
N GLY C 717 42.80 51.80 -10.00
CA GLY C 717 43.88 50.99 -10.51
C GLY C 717 44.58 50.20 -9.42
N GLU C 718 45.27 49.14 -9.82
CA GLU C 718 45.97 48.25 -8.91
C GLU C 718 47.46 48.17 -9.26
N ILE C 719 48.19 47.51 -8.37
CA ILE C 719 49.59 47.19 -8.62
C ILE C 719 49.69 46.18 -9.77
N GLY C 720 50.62 46.42 -10.66
CA GLY C 720 50.86 45.48 -11.74
C GLY C 720 50.23 45.94 -13.03
N GLY C 721 50.92 45.63 -14.14
CA GLY C 721 50.38 45.93 -15.45
C GLY C 721 50.62 47.36 -15.89
N THR C 722 51.04 47.52 -17.15
CA THR C 722 51.13 48.84 -17.77
C THR C 722 49.79 49.16 -18.43
N GLU C 723 48.79 49.38 -17.58
CA GLU C 723 47.40 49.55 -18.00
C GLU C 723 46.92 50.99 -17.89
N GLU C 724 47.31 51.70 -16.82
CA GLU C 724 46.88 53.08 -16.65
C GLU C 724 47.64 54.04 -17.57
N TYR C 725 48.79 53.62 -18.10
CA TYR C 725 49.51 54.47 -19.03
C TYR C 725 48.79 54.55 -20.37
N LYS C 726 48.01 53.52 -20.72
CA LYS C 726 47.13 53.65 -21.89
C LYS C 726 46.00 54.62 -21.62
N ILE C 727 45.56 54.74 -20.36
CA ILE C 727 44.55 55.75 -20.02
C ILE C 727 45.14 57.14 -20.09
N CYS C 728 46.41 57.28 -19.68
CA CYS C 728 47.11 58.56 -19.82
C CYS C 728 47.34 58.92 -21.29
N ARG C 729 47.65 57.93 -22.12
CA ARG C 729 47.78 58.18 -23.55
C ARG C 729 46.44 58.45 -24.21
N GLY C 730 45.35 57.99 -23.61
CA GLY C 730 44.03 58.37 -24.09
C GLY C 730 43.68 59.80 -23.74
N ILE C 731 43.97 60.22 -22.51
CA ILE C 731 43.64 61.59 -22.12
C ILE C 731 44.60 62.61 -22.72
N LYS C 732 45.81 62.20 -23.13
CA LYS C 732 46.76 63.17 -23.69
C LYS C 732 46.65 63.31 -25.20
N GLU C 733 46.10 62.31 -25.89
CA GLU C 733 45.88 62.42 -27.33
C GLU C 733 44.52 63.04 -27.66
N GLY C 734 43.84 63.62 -26.68
CA GLY C 734 42.59 64.32 -26.93
C GLY C 734 41.38 63.43 -27.15
N ARG C 735 41.52 62.11 -26.95
CA ARG C 735 40.38 61.22 -27.16
C ARG C 735 39.44 61.24 -25.98
N LEU C 736 39.96 61.23 -24.76
CA LEU C 736 39.14 61.24 -23.55
C LEU C 736 39.06 62.66 -23.02
N THR C 737 37.84 63.20 -22.97
CA THR C 737 37.58 64.54 -22.45
C THR C 737 36.78 64.55 -21.17
N LYS C 738 36.16 63.45 -20.79
CA LYS C 738 35.37 63.42 -19.58
C LYS C 738 36.29 63.31 -18.36
N PRO C 739 35.91 63.92 -17.23
CA PRO C 739 36.80 63.92 -16.05
C PRO C 739 36.93 62.53 -15.43
N ILE C 740 38.17 62.10 -15.26
CA ILE C 740 38.51 60.81 -14.67
C ILE C 740 39.13 61.05 -13.31
N VAL C 741 38.67 60.30 -12.32
CA VAL C 741 39.25 60.27 -10.98
C VAL C 741 39.79 58.87 -10.78
N CYS C 742 41.11 58.70 -10.89
CA CYS C 742 41.72 57.41 -10.68
C CYS C 742 42.50 57.40 -9.37
N TRP C 743 42.65 56.21 -8.82
CA TRP C 743 43.40 56.06 -7.57
C TRP C 743 43.98 54.65 -7.52
N CYS C 744 45.23 54.55 -7.09
CA CYS C 744 46.00 53.31 -7.22
C CYS C 744 46.11 52.65 -5.86
N ILE C 745 45.43 51.53 -5.69
CA ILE C 745 45.46 50.75 -4.47
C ILE C 745 46.48 49.62 -4.65
N GLY C 746 47.13 49.23 -3.56
CA GLY C 746 48.20 48.25 -3.64
C GLY C 746 49.61 48.80 -3.65
N THR C 747 49.95 49.62 -2.65
CA THR C 747 51.33 50.07 -2.51
C THR C 747 52.25 48.90 -2.19
N CYS C 748 52.01 48.24 -1.05
CA CYS C 748 52.57 46.93 -0.70
C CYS C 748 54.10 46.92 -0.63
N ALA C 749 54.68 47.96 -0.02
CA ALA C 749 56.13 48.03 0.16
C ALA C 749 56.53 47.06 1.27
N THR C 750 56.64 45.79 0.89
CA THR C 750 56.81 44.70 1.84
C THR C 750 58.26 44.27 1.99
N GLN C 767 59.96 44.14 -11.74
CA GLN C 767 59.89 45.49 -12.30
C GLN C 767 59.63 46.51 -11.20
N ALA C 768 60.55 47.45 -11.03
CA ALA C 768 60.44 48.49 -10.01
C ALA C 768 59.55 49.66 -10.45
N SER C 769 59.03 49.63 -11.67
CA SER C 769 58.18 50.70 -12.17
C SER C 769 56.75 50.62 -11.65
N GLU C 770 56.34 49.48 -11.10
CA GLU C 770 54.94 49.21 -10.80
C GLU C 770 54.57 49.52 -9.35
N THR C 771 55.27 50.43 -8.70
CA THR C 771 54.85 50.85 -7.38
C THR C 771 53.66 51.81 -7.51
N ALA C 772 52.95 51.99 -6.40
CA ALA C 772 51.73 52.80 -6.44
C ALA C 772 52.03 54.28 -6.50
N VAL C 773 53.14 54.71 -5.91
CA VAL C 773 53.47 56.14 -5.85
C VAL C 773 53.81 56.66 -7.25
N ALA C 774 54.51 55.86 -8.05
CA ALA C 774 54.88 56.27 -9.40
C ALA C 774 53.65 56.36 -10.30
N LYS C 775 52.75 55.38 -10.21
CA LYS C 775 51.51 55.44 -10.97
C LYS C 775 50.64 56.60 -10.52
N ASN C 776 50.64 56.89 -9.22
CA ASN C 776 49.82 57.98 -8.69
C ASN C 776 50.33 59.34 -9.15
N GLN C 777 51.65 59.56 -9.15
CA GLN C 777 52.16 60.83 -9.65
C GLN C 777 52.02 60.93 -11.17
N ALA C 778 52.11 59.79 -11.89
CA ALA C 778 51.96 59.81 -13.34
C ALA C 778 50.53 60.14 -13.74
N LEU C 779 49.55 59.63 -13.00
CA LEU C 779 48.16 59.99 -13.28
C LEU C 779 47.82 61.38 -12.76
N LYS C 780 48.47 61.83 -11.69
CA LYS C 780 48.15 63.14 -11.13
C LYS C 780 48.70 64.27 -11.98
N GLU C 781 49.89 64.10 -12.53
CA GLU C 781 50.49 65.15 -13.35
C GLU C 781 49.88 65.23 -14.75
N ALA C 782 49.11 64.24 -15.16
CA ALA C 782 48.59 64.17 -16.52
C ALA C 782 47.20 64.76 -16.67
N GLY C 783 46.51 65.07 -15.57
CA GLY C 783 45.17 65.62 -15.62
C GLY C 783 44.09 64.74 -15.03
N VAL C 784 44.45 63.68 -14.34
CA VAL C 784 43.50 62.79 -13.66
C VAL C 784 43.67 63.00 -12.16
N PHE C 785 42.56 63.28 -11.48
CA PHE C 785 42.60 63.65 -10.07
C PHE C 785 42.95 62.43 -9.21
N VAL C 786 44.16 62.41 -8.70
CA VAL C 786 44.61 61.39 -7.74
C VAL C 786 44.50 61.97 -6.34
N PRO C 787 43.84 61.30 -5.41
CA PRO C 787 43.76 61.82 -4.04
C PRO C 787 45.07 61.65 -3.30
N ARG C 788 45.12 62.27 -2.11
CA ARG C 788 46.24 62.02 -1.21
C ARG C 788 46.22 60.60 -0.69
N SER C 789 45.06 60.16 -0.17
CA SER C 789 44.82 58.77 0.17
C SER C 789 43.32 58.52 0.00
N PHE C 790 42.85 57.39 0.53
CA PHE C 790 41.45 57.04 0.37
C PHE C 790 40.52 57.86 1.27
N ASP C 791 41.08 58.53 2.28
CA ASP C 791 40.24 59.26 3.23
C ASP C 791 39.65 60.52 2.61
N GLU C 792 40.42 61.22 1.78
CA GLU C 792 39.95 62.43 1.12
C GLU C 792 39.50 62.17 -0.30
N LEU C 793 39.20 60.90 -0.64
CA LEU C 793 38.69 60.59 -1.97
C LEU C 793 37.25 61.02 -2.12
N GLY C 794 36.41 60.74 -1.12
CA GLY C 794 35.01 61.14 -1.16
C GLY C 794 34.84 62.64 -1.15
N GLU C 795 35.72 63.36 -0.45
CA GLU C 795 35.68 64.81 -0.43
C GLU C 795 35.97 65.41 -1.80
N ILE C 796 36.96 64.88 -2.51
CA ILE C 796 37.26 65.45 -3.82
C ILE C 796 36.27 64.97 -4.88
N ILE C 797 35.66 63.79 -4.69
CA ILE C 797 34.60 63.36 -5.61
C ILE C 797 33.38 64.25 -5.44
N GLN C 798 33.03 64.58 -4.18
CA GLN C 798 32.00 65.56 -3.90
C GLN C 798 32.37 66.92 -4.47
N SER C 799 33.66 67.27 -4.44
CA SER C 799 34.10 68.57 -4.95
C SER C 799 33.93 68.66 -6.46
N VAL C 800 34.38 67.64 -7.20
CA VAL C 800 34.18 67.62 -8.66
C VAL C 800 32.68 67.51 -9.00
N TYR C 801 31.88 66.91 -8.13
CA TYR C 801 30.44 66.94 -8.33
C TYR C 801 29.88 68.36 -8.20
N GLU C 802 30.35 69.12 -7.21
CA GLU C 802 29.87 70.49 -7.07
C GLU C 802 30.44 71.43 -8.12
N ASP C 803 31.61 71.12 -8.69
CA ASP C 803 32.03 71.86 -9.88
C ASP C 803 31.27 71.44 -11.12
N LEU C 804 30.67 70.25 -11.11
CA LEU C 804 29.95 69.78 -12.29
C LEU C 804 28.61 70.48 -12.47
N VAL C 805 27.96 70.89 -11.38
CA VAL C 805 26.64 71.51 -11.47
C VAL C 805 26.70 72.96 -11.93
N ALA C 806 27.89 73.56 -11.99
CA ALA C 806 28.02 74.93 -12.46
C ALA C 806 28.02 75.05 -13.97
N ASN C 807 28.27 73.96 -14.68
CA ASN C 807 28.31 73.97 -16.14
C ASN C 807 26.96 73.67 -16.77
N GLY C 808 25.98 73.21 -16.00
CA GLY C 808 24.71 72.82 -16.57
C GLY C 808 24.77 71.52 -17.34
N VAL C 809 25.81 70.73 -17.16
CA VAL C 809 25.91 69.45 -17.85
C VAL C 809 25.23 68.33 -17.07
N ILE C 810 25.06 68.49 -15.76
CA ILE C 810 24.43 67.48 -14.91
C ILE C 810 23.12 68.04 -14.38
N VAL C 811 22.04 67.32 -14.63
CA VAL C 811 20.75 67.66 -14.08
C VAL C 811 20.39 66.59 -13.07
N PRO C 812 20.51 66.85 -11.77
CA PRO C 812 20.14 65.84 -10.77
C PRO C 812 18.63 65.62 -10.78
N ALA C 813 18.23 64.36 -10.90
CA ALA C 813 16.83 64.03 -11.08
C ALA C 813 16.09 64.07 -9.74
N GLN C 814 14.77 64.14 -9.83
CA GLN C 814 13.93 64.11 -8.64
C GLN C 814 13.76 62.67 -8.18
N GLU C 815 13.92 62.44 -6.88
CA GLU C 815 13.88 61.09 -6.33
C GLU C 815 12.45 60.61 -6.24
N VAL C 816 12.16 59.51 -6.91
CA VAL C 816 10.90 58.79 -6.73
C VAL C 816 11.23 57.55 -5.93
N PRO C 817 10.44 57.18 -4.92
CA PRO C 817 10.73 55.98 -4.14
C PRO C 817 10.49 54.72 -4.95
N PRO C 818 11.32 53.70 -4.77
CA PRO C 818 11.15 52.45 -5.52
C PRO C 818 9.98 51.65 -4.98
N PRO C 819 9.44 50.70 -5.75
CA PRO C 819 8.41 49.81 -5.20
C PRO C 819 8.97 48.94 -4.10
N THR C 820 8.18 48.77 -3.05
CA THR C 820 8.63 48.04 -1.87
C THR C 820 8.38 46.55 -2.05
N VAL C 821 9.41 45.75 -1.77
CA VAL C 821 9.27 44.30 -1.80
C VAL C 821 9.02 43.83 -0.37
N PRO C 822 8.33 42.72 -0.17
CA PRO C 822 8.38 42.04 1.12
C PRO C 822 9.75 41.41 1.26
N MET C 823 10.14 41.14 2.52
CA MET C 823 11.58 40.95 2.75
C MET C 823 12.07 39.55 2.36
N ASP C 824 11.69 38.52 3.12
CA ASP C 824 11.88 37.08 2.96
C ASP C 824 11.28 36.43 4.19
N TYR C 825 10.94 35.15 4.08
CA TYR C 825 10.59 34.41 5.29
C TYR C 825 11.83 33.90 5.99
N SER C 826 12.83 33.46 5.21
CA SER C 826 14.04 32.93 5.80
C SER C 826 14.89 34.01 6.46
N TRP C 827 14.70 35.27 6.05
CA TRP C 827 15.43 36.37 6.64
C TRP C 827 14.69 37.00 7.82
N ALA C 828 13.36 37.03 7.76
CA ALA C 828 12.58 37.53 8.89
C ALA C 828 12.53 36.55 10.05
N ARG C 829 12.96 35.30 9.84
CA ARG C 829 13.08 34.35 10.93
C ARG C 829 14.50 34.25 11.47
N GLU C 830 15.50 34.45 10.61
CA GLU C 830 16.89 34.35 11.03
C GLU C 830 17.25 35.45 12.00
N LEU C 831 16.78 36.67 11.74
CA LEU C 831 16.92 37.74 12.72
C LEU C 831 15.74 37.80 13.68
N GLY C 832 14.80 36.87 13.56
CA GLY C 832 13.81 36.60 14.58
C GLY C 832 12.82 37.69 14.91
N LEU C 833 12.14 38.18 13.89
CA LEU C 833 11.12 39.19 14.10
C LEU C 833 9.76 38.60 13.79
N ILE C 834 9.65 37.26 13.75
CA ILE C 834 8.37 36.68 13.42
C ILE C 834 8.22 35.29 14.04
N ARG C 835 6.97 34.94 14.35
CA ARG C 835 6.59 33.66 14.91
C ARG C 835 5.87 32.86 13.84
N LYS C 836 6.02 31.55 13.90
CA LYS C 836 5.21 30.68 13.08
C LYS C 836 5.09 29.35 13.80
N PRO C 837 3.88 28.88 14.06
CA PRO C 837 3.72 27.65 14.82
C PRO C 837 4.10 26.44 14.01
N ALA C 838 5.03 25.65 14.53
CA ALA C 838 5.47 24.45 13.87
C ALA C 838 4.49 23.32 14.16
N SER C 839 4.38 22.40 13.21
CA SER C 839 3.72 21.11 13.39
C SER C 839 4.80 20.02 13.44
N PHE C 840 4.36 18.76 13.43
CA PHE C 840 5.22 17.58 13.30
C PHE C 840 6.21 17.44 14.46
N MET C 841 5.66 17.14 15.65
CA MET C 841 6.37 17.32 16.93
C MET C 841 7.66 16.49 17.05
N THR C 842 7.69 15.25 16.53
CA THR C 842 8.85 14.35 16.41
C THR C 842 9.85 14.16 17.57
N SER C 843 9.44 13.54 18.66
CA SER C 843 10.39 13.28 19.73
C SER C 843 11.34 12.11 19.48
N ILE C 844 12.04 12.12 18.33
CA ILE C 844 12.90 11.03 17.86
C ILE C 844 13.77 11.57 16.72
N CYS C 845 15.04 11.16 16.68
CA CYS C 845 15.90 11.28 15.51
C CYS C 845 16.14 12.72 15.07
N ASP C 846 16.93 13.43 15.88
CA ASP C 846 17.46 14.73 15.48
C ASP C 846 18.46 14.54 14.35
N GLU C 847 18.05 14.86 13.13
CA GLU C 847 18.88 14.58 11.98
C GLU C 847 19.95 15.63 11.72
N ARG C 848 19.75 16.87 12.18
CA ARG C 848 20.57 17.96 11.70
C ARG C 848 21.51 18.42 12.81
N GLY C 849 22.59 19.03 12.41
CA GLY C 849 23.71 19.24 13.30
C GLY C 849 24.89 18.36 12.93
N GLN C 850 25.78 18.17 13.90
CA GLN C 850 27.04 17.50 13.59
C GLN C 850 26.87 16.00 13.42
N GLU C 851 26.02 15.37 14.23
CA GLU C 851 25.84 13.93 14.16
C GLU C 851 24.36 13.59 14.16
N LEU C 852 24.06 12.41 13.63
CA LEU C 852 22.70 11.88 13.64
C LEU C 852 22.43 11.45 15.07
N ILE C 853 21.58 12.18 15.77
CA ILE C 853 21.25 11.85 17.15
C ILE C 853 19.99 11.01 17.15
N TYR C 854 20.08 9.76 17.61
CA TYR C 854 18.88 9.00 17.93
C TYR C 854 18.45 9.46 19.29
N ALA C 855 17.36 8.90 19.84
CA ALA C 855 16.47 9.53 20.83
C ALA C 855 17.09 10.56 21.76
N GLY C 856 18.22 10.22 22.38
CA GLY C 856 19.06 11.22 23.01
C GLY C 856 20.52 10.86 22.85
N MET C 857 20.78 9.80 22.11
CA MET C 857 22.09 9.22 22.01
C MET C 857 22.62 9.39 20.61
N PRO C 858 23.82 9.94 20.43
CA PRO C 858 24.37 10.10 19.08
C PRO C 858 24.72 8.75 18.48
N ILE C 859 24.98 8.76 17.17
CA ILE C 859 25.16 7.51 16.45
C ILE C 859 26.50 6.85 16.80
N THR C 860 27.49 7.64 17.22
CA THR C 860 28.76 7.06 17.60
C THR C 860 28.69 6.39 18.96
N GLU C 861 27.87 6.91 19.87
CA GLU C 861 27.64 6.20 21.13
C GLU C 861 26.80 4.96 20.92
N VAL C 862 25.96 4.96 19.88
CA VAL C 862 25.17 3.77 19.57
C VAL C 862 26.07 2.66 19.06
N PHE C 863 27.02 3.00 18.21
CA PHE C 863 27.94 1.97 17.74
C PHE C 863 29.08 1.70 18.70
N LYS C 864 29.27 2.55 19.70
CA LYS C 864 30.35 2.38 20.66
C LYS C 864 29.92 1.57 21.87
N GLU C 865 28.66 1.63 22.24
CA GLU C 865 28.13 0.87 23.36
C GLU C 865 27.65 -0.51 22.98
N GLU C 866 27.88 -0.91 21.72
CA GLU C 866 27.68 -2.27 21.22
C GLU C 866 26.24 -2.74 21.33
N MET C 867 25.29 -1.82 21.27
CA MET C 867 23.89 -2.22 21.21
C MET C 867 23.55 -2.63 19.79
N GLY C 868 22.82 -3.74 19.65
CA GLY C 868 22.48 -4.28 18.36
C GLY C 868 21.33 -3.52 17.74
N ILE C 869 20.51 -4.22 16.95
CA ILE C 869 19.31 -3.54 16.50
C ILE C 869 18.23 -3.52 17.57
N GLY C 870 18.38 -4.31 18.63
CA GLY C 870 17.47 -4.20 19.75
C GLY C 870 17.64 -2.89 20.48
N GLY C 871 18.89 -2.43 20.60
CA GLY C 871 19.14 -1.15 21.24
C GLY C 871 18.60 0.02 20.44
N VAL C 872 18.70 -0.04 19.12
CA VAL C 872 18.14 1.05 18.33
C VAL C 872 16.63 0.90 18.17
N LEU C 873 16.06 -0.28 18.35
CA LEU C 873 14.61 -0.33 18.47
C LEU C 873 14.14 0.27 19.78
N GLY C 874 14.91 0.08 20.85
CA GLY C 874 14.58 0.75 22.09
C GLY C 874 14.72 2.26 21.98
N LEU C 875 15.73 2.71 21.24
CA LEU C 875 15.94 4.14 21.08
C LEU C 875 14.93 4.78 20.15
N LEU C 876 14.62 4.16 19.02
CA LEU C 876 13.67 4.79 18.13
C LEU C 876 12.24 4.61 18.62
N TRP C 877 11.86 3.40 19.02
CA TRP C 877 10.45 3.13 19.27
C TRP C 877 10.04 3.60 20.65
N PHE C 878 10.78 3.21 21.68
CA PHE C 878 10.43 3.52 23.05
C PHE C 878 11.21 4.69 23.63
N GLN C 879 12.28 5.12 22.96
CA GLN C 879 13.10 6.29 23.32
C GLN C 879 13.80 6.12 24.65
N LYS C 880 14.08 4.89 25.03
CA LYS C 880 14.76 4.56 26.27
C LYS C 880 15.89 3.59 25.98
N ARG C 881 17.04 3.82 26.59
CA ARG C 881 18.14 2.89 26.41
C ARG C 881 17.85 1.64 27.20
N LEU C 882 17.42 0.59 26.52
CA LEU C 882 17.01 -0.64 27.17
C LEU C 882 18.23 -1.39 27.69
N PRO C 883 18.08 -2.13 28.79
CA PRO C 883 19.21 -2.93 29.30
C PRO C 883 19.55 -4.07 28.38
N LYS C 884 20.79 -4.55 28.50
CA LYS C 884 21.38 -5.45 27.51
C LYS C 884 20.73 -6.82 27.45
N TYR C 885 19.93 -7.20 28.43
CA TYR C 885 19.18 -8.44 28.32
C TYR C 885 17.90 -8.28 27.54
N SER C 886 17.46 -7.05 27.31
CA SER C 886 16.20 -6.80 26.61
C SER C 886 16.39 -6.48 25.15
N CYS C 887 17.51 -5.84 24.80
CA CYS C 887 17.84 -5.66 23.39
C CYS C 887 18.09 -7.01 22.71
N GLN C 888 18.74 -7.93 23.43
CA GLN C 888 18.92 -9.26 22.88
C GLN C 888 17.61 -10.03 22.80
N PHE C 889 16.67 -9.73 23.70
CA PHE C 889 15.36 -10.37 23.58
C PHE C 889 14.59 -9.82 22.40
N ILE C 890 14.75 -8.54 22.08
CA ILE C 890 14.07 -7.99 20.91
C ILE C 890 14.67 -8.56 19.64
N GLU C 891 16.00 -8.73 19.61
CA GLU C 891 16.62 -9.40 18.48
C GLU C 891 16.17 -10.85 18.35
N MET C 892 15.95 -11.53 19.48
CA MET C 892 15.47 -12.91 19.44
C MET C 892 14.03 -13.00 18.95
N CYS C 893 13.18 -12.09 19.42
CA CYS C 893 11.79 -12.13 19.01
C CYS C 893 11.56 -11.52 17.63
N LEU C 894 12.57 -10.89 17.05
CA LEU C 894 12.53 -10.61 15.62
C LEU C 894 13.09 -11.75 14.79
N MET C 895 13.99 -12.56 15.36
CA MET C 895 14.44 -13.74 14.65
C MET C 895 13.35 -14.81 14.55
N VAL C 896 12.49 -14.94 15.56
CA VAL C 896 11.48 -15.99 15.45
C VAL C 896 10.27 -15.53 14.63
N THR C 897 9.93 -14.24 14.66
CA THR C 897 8.82 -13.74 13.84
C THR C 897 9.26 -13.30 12.47
N ALA C 898 10.34 -13.90 11.95
CA ALA C 898 10.71 -13.81 10.54
C ALA C 898 9.84 -14.78 9.77
N ASP C 899 10.31 -15.23 8.61
CA ASP C 899 9.54 -16.10 7.73
C ASP C 899 9.00 -17.34 8.43
N HIS C 900 7.74 -17.63 8.15
CA HIS C 900 7.05 -18.84 8.57
C HIS C 900 6.43 -19.51 7.36
N GLY C 901 7.22 -19.68 6.32
CA GLY C 901 6.78 -20.39 5.15
C GLY C 901 5.90 -19.54 4.25
N PRO C 902 5.75 -19.97 3.02
CA PRO C 902 5.03 -19.19 2.01
C PRO C 902 3.55 -19.52 1.85
N ALA C 903 3.00 -20.40 2.65
CA ALA C 903 1.60 -20.71 2.49
C ALA C 903 0.73 -19.69 3.18
N VAL C 904 1.27 -19.01 4.20
CA VAL C 904 0.51 -18.08 5.00
C VAL C 904 0.12 -16.87 4.16
N SER C 905 -0.84 -16.10 4.65
CA SER C 905 -1.61 -15.18 3.81
C SER C 905 -0.76 -14.02 3.29
N GLY C 906 0.05 -13.41 4.15
CA GLY C 906 0.83 -12.26 3.71
C GLY C 906 1.97 -12.63 2.78
N ALA C 907 2.65 -13.74 3.07
CA ALA C 907 3.72 -14.19 2.19
C ALA C 907 3.17 -14.67 0.87
N HIS C 908 1.93 -15.15 0.87
CA HIS C 908 1.26 -15.47 -0.38
C HIS C 908 1.02 -14.22 -1.20
N ASN C 909 0.61 -13.12 -0.57
CA ASN C 909 0.43 -11.88 -1.33
C ASN C 909 1.75 -11.32 -1.86
N THR C 910 2.81 -11.43 -1.08
CA THR C 910 4.13 -10.99 -1.55
C THR C 910 4.59 -11.82 -2.74
N ILE C 911 4.35 -13.12 -2.73
CA ILE C 911 4.73 -13.97 -3.85
C ILE C 911 3.89 -13.65 -5.09
N ILE C 912 2.59 -13.43 -4.92
CA ILE C 912 1.72 -13.10 -6.04
C ILE C 912 2.12 -11.77 -6.66
N CYS C 913 2.45 -10.78 -5.83
CA CYS C 913 2.84 -9.48 -6.35
C CYS C 913 4.27 -9.47 -6.87
N ALA C 914 5.10 -10.43 -6.48
CA ALA C 914 6.46 -10.53 -7.00
C ALA C 914 6.53 -11.29 -8.30
N ARG C 915 5.63 -12.26 -8.50
CA ARG C 915 5.54 -12.96 -9.76
C ARG C 915 4.89 -12.11 -10.83
N ALA C 916 4.17 -11.07 -10.45
CA ALA C 916 3.67 -10.08 -11.41
C ALA C 916 4.69 -9.01 -11.72
N GLY C 917 5.93 -9.22 -11.32
CA GLY C 917 7.06 -8.42 -11.75
C GLY C 917 7.06 -7.00 -11.24
N LYS C 918 6.66 -6.79 -9.99
CA LYS C 918 6.38 -5.41 -9.61
C LYS C 918 7.60 -4.62 -9.17
N ASP C 919 8.12 -4.90 -7.97
CA ASP C 919 9.10 -4.06 -7.30
C ASP C 919 9.35 -4.75 -5.97
N LEU C 920 10.37 -4.30 -5.25
CA LEU C 920 10.53 -4.84 -3.91
C LEU C 920 9.54 -4.23 -2.96
N VAL C 921 9.32 -2.92 -3.10
CA VAL C 921 8.53 -2.23 -2.11
C VAL C 921 7.06 -2.45 -2.36
N SER C 922 6.66 -2.56 -3.63
CA SER C 922 5.27 -2.89 -3.90
C SER C 922 4.94 -4.33 -3.53
N SER C 923 5.89 -5.25 -3.66
CA SER C 923 5.63 -6.63 -3.26
C SER C 923 5.55 -6.78 -1.76
N LEU C 924 6.58 -6.30 -1.06
CA LEU C 924 6.59 -6.35 0.40
C LEU C 924 5.41 -5.58 0.98
N THR C 925 5.06 -4.46 0.37
CA THR C 925 3.91 -3.69 0.81
C THR C 925 2.60 -4.42 0.57
N SER C 926 2.44 -5.07 -0.59
CA SER C 926 1.21 -5.79 -0.88
C SER C 926 1.04 -7.01 -0.01
N GLY C 927 2.13 -7.56 0.49
CA GLY C 927 2.02 -8.65 1.43
C GLY C 927 1.88 -8.16 2.85
N LEU C 928 2.42 -6.97 3.11
CA LEU C 928 2.44 -6.40 4.44
C LEU C 928 1.08 -5.89 4.84
N LEU C 929 0.28 -5.47 3.89
CA LEU C 929 -1.08 -5.01 4.16
C LEU C 929 -2.06 -6.12 4.46
N THR C 930 -1.59 -7.35 4.65
CA THR C 930 -2.42 -8.42 5.17
C THR C 930 -2.28 -8.57 6.68
N ILE C 931 -1.22 -8.01 7.26
CA ILE C 931 -0.92 -8.15 8.67
C ILE C 931 -1.95 -7.32 9.43
N GLY C 932 -2.96 -7.98 9.95
CA GLY C 932 -4.14 -7.33 10.45
C GLY C 932 -4.62 -7.88 11.76
N ASP C 933 -5.83 -8.40 11.77
CA ASP C 933 -6.34 -9.09 12.96
C ASP C 933 -6.39 -10.59 12.83
N ARG C 934 -6.61 -11.15 11.64
CA ARG C 934 -6.60 -12.60 11.52
C ARG C 934 -5.22 -13.14 11.20
N PHE C 935 -4.43 -12.42 10.41
CA PHE C 935 -3.04 -12.76 10.18
C PHE C 935 -2.19 -11.77 10.94
N GLY C 936 -1.43 -12.25 11.91
CA GLY C 936 -0.50 -11.39 12.61
C GLY C 936 -1.11 -10.52 13.68
N GLY C 937 -2.35 -10.74 14.05
CA GLY C 937 -2.96 -9.98 15.10
C GLY C 937 -3.22 -10.81 16.32
N ALA C 938 -2.34 -11.78 16.57
CA ALA C 938 -2.39 -12.56 17.80
C ALA C 938 -1.31 -12.17 18.79
N LEU C 939 -0.26 -11.50 18.33
CA LEU C 939 0.69 -10.84 19.23
C LEU C 939 -0.02 -9.84 20.12
N ASP C 940 -0.68 -8.87 19.50
CA ASP C 940 -1.29 -7.78 20.25
C ASP C 940 -2.52 -8.24 21.00
N ALA C 941 -3.33 -9.11 20.40
CA ALA C 941 -4.50 -9.61 21.09
C ALA C 941 -4.13 -10.55 22.22
N ALA C 942 -3.09 -11.35 22.06
CA ALA C 942 -2.65 -12.22 23.13
C ALA C 942 -1.94 -11.46 24.22
N ALA C 943 -1.43 -10.27 23.94
CA ALA C 943 -0.91 -9.50 25.06
C ALA C 943 -2.00 -8.74 25.78
N LYS C 944 -2.96 -8.19 25.03
CA LYS C 944 -4.05 -7.44 25.64
C LYS C 944 -4.97 -8.33 26.44
N MET C 945 -5.18 -9.58 26.00
CA MET C 945 -6.09 -10.47 26.71
C MET C 945 -5.49 -10.91 28.04
N PHE C 946 -4.23 -11.32 28.04
CA PHE C 946 -3.61 -11.74 29.28
C PHE C 946 -3.32 -10.56 30.20
N SER C 947 -3.09 -9.37 29.66
CA SER C 947 -2.93 -8.20 30.53
C SER C 947 -4.25 -7.77 31.13
N LYS C 948 -5.35 -7.90 30.40
CA LYS C 948 -6.64 -7.57 30.97
C LYS C 948 -7.09 -8.62 31.98
N ALA C 949 -6.63 -9.86 31.83
CA ALA C 949 -6.96 -10.88 32.83
C ALA C 949 -6.06 -10.81 34.05
N PHE C 950 -4.84 -10.31 33.91
CA PHE C 950 -3.92 -10.22 35.03
C PHE C 950 -4.05 -8.93 35.81
N ASP C 951 -4.37 -7.82 35.14
CA ASP C 951 -4.51 -6.54 35.81
C ASP C 951 -5.86 -6.35 36.47
N SER C 952 -6.77 -7.28 36.21
CA SER C 952 -8.09 -7.27 36.82
C SER C 952 -7.96 -8.11 38.09
N GLY C 953 -7.16 -9.17 38.00
CA GLY C 953 -6.88 -10.04 39.13
C GLY C 953 -7.73 -11.28 39.28
N ILE C 954 -7.72 -12.18 38.29
CA ILE C 954 -8.50 -13.39 38.46
C ILE C 954 -7.55 -14.57 38.30
N ILE C 955 -7.90 -15.68 38.94
CA ILE C 955 -7.11 -16.90 38.88
C ILE C 955 -7.26 -17.49 37.49
N PRO C 956 -6.25 -18.22 36.98
CA PRO C 956 -6.35 -18.76 35.61
C PRO C 956 -7.46 -19.77 35.42
N MET C 957 -7.79 -20.55 36.45
CA MET C 957 -8.93 -21.47 36.37
C MET C 957 -10.26 -20.75 36.30
N GLU C 958 -10.31 -19.47 36.65
CA GLU C 958 -11.48 -18.65 36.38
C GLU C 958 -11.37 -17.87 35.09
N PHE C 959 -10.16 -17.59 34.62
CA PHE C 959 -9.99 -16.90 33.35
C PHE C 959 -10.40 -17.81 32.19
N VAL C 960 -10.05 -19.09 32.25
CA VAL C 960 -10.41 -20.02 31.19
C VAL C 960 -11.92 -20.19 31.10
N ASN C 961 -12.59 -20.28 32.25
CA ASN C 961 -14.04 -20.37 32.25
C ASN C 961 -14.72 -19.04 31.96
N LYS C 962 -14.04 -17.92 32.17
CA LYS C 962 -14.63 -16.65 31.79
C LYS C 962 -14.54 -16.45 30.29
N MET C 963 -13.50 -17.00 29.67
CA MET C 963 -13.45 -16.99 28.21
C MET C 963 -14.47 -17.94 27.62
N LYS C 964 -14.54 -19.17 28.14
CA LYS C 964 -15.39 -20.22 27.59
C LYS C 964 -16.87 -19.89 27.65
N LYS C 965 -17.29 -19.02 28.57
CA LYS C 965 -18.69 -18.64 28.67
C LYS C 965 -18.99 -17.35 27.92
N GLU C 966 -18.08 -16.92 27.04
CA GLU C 966 -18.32 -15.76 26.18
C GLU C 966 -18.04 -16.06 24.71
N GLY C 967 -17.91 -17.32 24.33
CA GLY C 967 -17.36 -17.62 23.03
C GLY C 967 -15.86 -17.52 23.10
N LYS C 968 -15.27 -16.74 22.18
CA LYS C 968 -13.92 -16.14 22.23
C LYS C 968 -12.81 -17.03 22.77
N LEU C 969 -12.34 -17.97 21.95
CA LEU C 969 -11.13 -18.75 22.19
C LEU C 969 -9.98 -17.86 22.67
N ILE C 970 -9.18 -18.41 23.58
CA ILE C 970 -8.04 -17.68 24.11
C ILE C 970 -7.02 -17.48 23.01
N MET C 971 -6.74 -16.22 22.68
CA MET C 971 -5.76 -15.92 21.64
C MET C 971 -4.37 -16.05 22.21
N GLY C 972 -3.49 -16.69 21.46
CA GLY C 972 -2.17 -16.98 21.91
C GLY C 972 -1.98 -18.38 22.41
N ILE C 973 -3.06 -19.13 22.60
CA ILE C 973 -3.00 -20.50 23.10
C ILE C 973 -3.65 -21.40 22.06
N GLY C 974 -2.87 -22.32 21.52
CA GLY C 974 -3.37 -23.25 20.54
C GLY C 974 -2.45 -23.42 19.36
N HIS C 975 -2.02 -24.65 19.12
CA HIS C 975 -1.20 -25.01 17.98
C HIS C 975 -1.91 -26.12 17.21
N ARG C 976 -1.55 -26.26 15.94
CA ARG C 976 -2.17 -27.31 15.14
C ARG C 976 -1.49 -28.66 15.36
N VAL C 977 -0.17 -28.67 15.58
CA VAL C 977 0.58 -29.92 15.62
C VAL C 977 1.30 -30.10 16.94
N LYS C 978 2.24 -29.21 17.23
CA LYS C 978 3.29 -29.46 18.22
C LYS C 978 2.87 -28.87 19.56
N SER C 979 2.53 -29.73 20.53
CA SER C 979 2.27 -29.20 21.85
C SER C 979 3.01 -29.78 23.05
N ILE C 980 2.80 -31.05 23.34
CA ILE C 980 3.10 -31.63 24.65
C ILE C 980 3.76 -32.99 24.42
N ASN C 981 4.98 -33.15 24.98
CA ASN C 981 5.98 -34.16 24.56
C ASN C 981 6.32 -34.03 23.08
N ASN C 982 6.11 -32.84 22.52
CA ASN C 982 6.37 -32.43 21.15
C ASN C 982 6.33 -30.91 21.16
N PRO C 983 7.33 -30.26 21.73
CA PRO C 983 7.22 -28.82 21.98
C PRO C 983 7.43 -28.02 20.70
N ASP C 984 7.27 -26.70 20.82
CA ASP C 984 7.26 -25.86 19.64
C ASP C 984 8.66 -25.50 19.15
N MET C 985 9.67 -25.66 20.00
CA MET C 985 11.10 -25.53 19.71
C MET C 985 11.56 -24.12 19.36
N ARG C 986 10.64 -23.15 19.27
CA ARG C 986 10.97 -21.74 19.30
C ARG C 986 10.09 -21.01 20.29
N VAL C 987 9.12 -21.70 20.90
CA VAL C 987 8.60 -21.28 22.19
C VAL C 987 9.59 -21.67 23.28
N GLN C 988 10.31 -22.77 23.08
CA GLN C 988 11.24 -23.25 24.10
C GLN C 988 12.46 -22.35 24.23
N ILE C 989 12.99 -21.85 23.11
CA ILE C 989 14.19 -21.01 23.16
C ILE C 989 13.87 -19.65 23.76
N LEU C 990 12.75 -19.07 23.37
CA LEU C 990 12.29 -17.83 23.96
C LEU C 990 11.95 -17.99 25.43
N LYS C 991 11.44 -19.16 25.82
CA LYS C 991 11.08 -19.38 27.21
C LYS C 991 12.33 -19.56 28.07
N ASP C 992 13.34 -20.24 27.53
CA ASP C 992 14.62 -20.35 28.23
C ASP C 992 15.28 -18.98 28.38
N TYR C 993 15.17 -18.13 27.36
CA TYR C 993 15.76 -16.80 27.49
C TYR C 993 15.03 -15.94 28.51
N VAL C 994 13.69 -15.98 28.50
CA VAL C 994 12.95 -15.19 29.49
C VAL C 994 12.89 -15.85 30.85
N ARG C 995 13.49 -17.01 31.02
CA ARG C 995 13.71 -17.50 32.38
C ARG C 995 15.13 -17.28 32.88
N GLN C 996 16.14 -17.29 32.00
CA GLN C 996 17.48 -17.02 32.50
C GLN C 996 17.72 -15.53 32.70
N HIS C 997 17.73 -14.77 31.62
CA HIS C 997 18.17 -13.38 31.65
C HIS C 997 17.01 -12.42 31.87
N PHE C 998 16.18 -12.59 32.88
CA PHE C 998 14.93 -11.85 32.83
C PHE C 998 14.32 -11.74 34.22
N PRO C 999 14.64 -10.71 34.99
CA PRO C 999 14.21 -10.67 36.39
C PRO C 999 12.74 -10.34 36.55
N ALA C 1000 12.05 -11.12 37.39
CA ALA C 1000 10.70 -10.84 37.91
C ALA C 1000 9.67 -10.72 36.79
N THR C 1001 9.37 -11.87 36.20
CA THR C 1001 8.41 -11.98 35.10
C THR C 1001 7.09 -12.62 35.51
N PRO C 1002 6.10 -11.84 35.98
CA PRO C 1002 4.89 -12.44 36.52
C PRO C 1002 3.86 -12.89 35.48
N LEU C 1003 3.67 -12.12 34.41
CA LEU C 1003 2.61 -12.44 33.46
C LEU C 1003 2.96 -13.66 32.62
N LEU C 1004 4.25 -13.94 32.45
CA LEU C 1004 4.63 -15.20 31.84
C LEU C 1004 4.25 -16.38 32.73
N ASP C 1005 4.40 -16.24 34.04
CA ASP C 1005 4.01 -17.31 34.96
C ASP C 1005 2.50 -17.49 34.96
N TYR C 1006 1.76 -16.39 34.86
CA TYR C 1006 0.30 -16.48 34.72
C TYR C 1006 -0.08 -17.19 33.43
N ALA C 1007 0.56 -16.84 32.32
CA ALA C 1007 0.22 -17.46 31.04
C ALA C 1007 0.61 -18.92 31.01
N LEU C 1008 1.67 -19.30 31.72
CA LEU C 1008 2.00 -20.71 31.80
C LEU C 1008 1.05 -21.46 32.72
N GLU C 1009 0.43 -20.78 33.68
CA GLU C 1009 -0.65 -21.45 34.42
C GLU C 1009 -1.88 -21.67 33.56
N VAL C 1010 -2.21 -20.69 32.70
CA VAL C 1010 -3.31 -20.90 31.75
C VAL C 1010 -2.96 -22.00 30.75
N GLU C 1011 -1.68 -22.12 30.39
CA GLU C 1011 -1.26 -23.23 29.55
C GLU C 1011 -1.39 -24.56 30.27
N LYS C 1012 -1.05 -24.59 31.56
CA LYS C 1012 -1.22 -25.80 32.37
C LYS C 1012 -2.67 -26.25 32.43
N ILE C 1013 -3.60 -25.30 32.41
CA ILE C 1013 -5.01 -25.67 32.40
C ILE C 1013 -5.46 -26.14 31.02
N THR C 1014 -5.15 -25.37 29.98
CA THR C 1014 -5.66 -25.70 28.66
C THR C 1014 -4.97 -26.91 28.04
N THR C 1015 -3.76 -27.27 28.47
CA THR C 1015 -3.20 -28.53 28.03
C THR C 1015 -3.75 -29.72 28.80
N SER C 1016 -4.36 -29.48 29.95
CA SER C 1016 -5.16 -30.52 30.58
C SER C 1016 -6.52 -30.65 29.93
N LYS C 1017 -6.99 -29.60 29.26
CA LYS C 1017 -8.21 -29.73 28.46
C LYS C 1017 -7.98 -30.62 27.25
N LYS C 1018 -6.96 -30.32 26.46
CA LYS C 1018 -6.65 -31.04 25.23
C LYS C 1018 -5.14 -31.18 25.15
N PRO C 1019 -4.62 -32.29 24.60
CA PRO C 1019 -3.15 -32.43 24.50
C PRO C 1019 -2.47 -31.39 23.65
N ASN C 1020 -3.21 -30.69 22.79
CA ASN C 1020 -2.76 -29.49 22.09
C ASN C 1020 -2.81 -28.30 23.03
N LEU C 1021 -2.90 -27.11 22.45
CA LEU C 1021 -3.22 -25.88 23.18
C LEU C 1021 -2.04 -25.45 24.05
N ILE C 1022 -0.84 -25.69 23.55
CA ILE C 1022 0.37 -25.11 24.08
C ILE C 1022 0.37 -23.59 23.82
N LEU C 1023 1.25 -22.88 24.51
CA LEU C 1023 1.47 -21.48 24.18
C LEU C 1023 2.05 -21.35 22.78
N ASN C 1024 1.47 -20.46 22.00
CA ASN C 1024 1.99 -20.16 20.67
C ASN C 1024 3.29 -19.38 20.79
N VAL C 1025 3.90 -19.10 19.64
CA VAL C 1025 4.92 -18.08 19.64
C VAL C 1025 4.26 -16.72 19.73
N ASP C 1026 3.06 -16.60 19.16
CA ASP C 1026 2.32 -15.35 19.19
C ASP C 1026 1.85 -15.01 20.61
N GLY C 1027 1.59 -16.01 21.43
CA GLY C 1027 1.18 -15.74 22.78
C GLY C 1027 2.37 -15.46 23.67
N LEU C 1028 3.46 -16.17 23.44
CA LEU C 1028 4.59 -16.02 24.34
C LEU C 1028 5.35 -14.73 24.08
N ILE C 1029 5.47 -14.29 22.82
CA ILE C 1029 6.11 -13.00 22.61
C ILE C 1029 5.23 -11.88 23.14
N GLY C 1030 3.91 -12.05 23.07
CA GLY C 1030 3.02 -11.05 23.65
C GLY C 1030 3.18 -10.91 25.15
N VAL C 1031 3.10 -12.02 25.87
CA VAL C 1031 3.19 -11.91 27.33
C VAL C 1031 4.62 -11.65 27.80
N ALA C 1032 5.64 -12.14 27.09
CA ALA C 1032 7.01 -11.86 27.49
C ALA C 1032 7.41 -10.43 27.13
N PHE C 1033 6.77 -9.84 26.13
CA PHE C 1033 7.04 -8.46 25.79
C PHE C 1033 6.35 -7.51 26.74
N VAL C 1034 5.14 -7.86 27.19
CA VAL C 1034 4.50 -7.08 28.24
C VAL C 1034 5.31 -7.15 29.53
N ASP C 1035 5.83 -8.33 29.87
CA ASP C 1035 6.69 -8.43 31.04
C ASP C 1035 8.02 -7.73 30.86
N MET C 1036 8.53 -7.67 29.63
CA MET C 1036 9.75 -6.92 29.37
C MET C 1036 9.51 -5.43 29.51
N LEU C 1037 8.32 -4.96 29.13
CA LEU C 1037 8.03 -3.53 29.25
C LEU C 1037 7.81 -3.15 30.70
N ARG C 1038 6.94 -3.85 31.40
CA ARG C 1038 6.55 -3.43 32.73
C ARG C 1038 7.40 -4.02 33.83
N ASN C 1039 8.39 -4.86 33.52
CA ASN C 1039 9.23 -5.45 34.54
C ASN C 1039 10.66 -4.94 34.55
N CYS C 1040 11.16 -4.39 33.45
CA CYS C 1040 12.48 -3.79 33.51
C CYS C 1040 12.34 -2.35 34.00
N GLY C 1041 13.45 -1.62 33.99
CA GLY C 1041 13.42 -0.23 34.37
C GLY C 1041 12.86 0.66 33.27
N SER C 1042 12.79 1.95 33.60
CA SER C 1042 12.52 3.09 32.73
C SER C 1042 11.11 3.15 32.14
N PHE C 1043 10.28 2.13 32.33
CA PHE C 1043 8.87 2.22 31.98
C PHE C 1043 8.07 2.17 33.27
N THR C 1044 7.08 3.05 33.42
CA THR C 1044 6.49 3.08 34.74
C THR C 1044 5.40 2.02 34.93
N ARG C 1045 4.15 2.33 34.58
CA ARG C 1045 3.16 1.33 34.22
C ARG C 1045 2.09 2.00 33.36
N GLU C 1046 2.24 3.30 33.12
CA GLU C 1046 1.35 4.00 32.23
C GLU C 1046 2.01 4.32 30.90
N GLU C 1047 3.27 3.95 30.75
CA GLU C 1047 3.90 3.82 29.45
C GLU C 1047 3.94 2.37 28.99
N ALA C 1048 4.13 1.43 29.91
CA ALA C 1048 4.05 0.03 29.55
C ALA C 1048 2.64 -0.42 29.27
N ASP C 1049 1.64 0.36 29.68
CA ASP C 1049 0.27 0.14 29.26
C ASP C 1049 -0.14 1.05 28.11
N GLU C 1050 0.70 2.02 27.77
CA GLU C 1050 0.44 2.86 26.61
C GLU C 1050 0.92 2.20 25.34
N TYR C 1051 2.15 1.68 25.35
CA TYR C 1051 2.75 1.07 24.17
C TYR C 1051 2.07 -0.21 23.73
N ILE C 1052 1.33 -0.87 24.61
CA ILE C 1052 0.57 -2.02 24.19
C ILE C 1052 -0.69 -1.58 23.45
N ASP C 1053 -1.30 -0.47 23.89
CA ASP C 1053 -2.50 0.02 23.23
C ASP C 1053 -2.19 0.74 21.93
N ILE C 1054 -1.02 1.37 21.84
CA ILE C 1054 -0.62 2.05 20.61
C ILE C 1054 -0.36 1.03 19.52
N GLY C 1055 0.25 -0.10 19.87
CA GLY C 1055 0.54 -1.09 18.86
C GLY C 1055 2.01 -1.39 18.71
N ALA C 1056 2.79 -1.34 19.77
CA ALA C 1056 4.21 -1.61 19.66
C ALA C 1056 4.53 -3.09 19.59
N LEU C 1057 3.53 -3.96 19.49
CA LEU C 1057 3.74 -5.38 19.22
C LEU C 1057 3.41 -5.77 17.79
N ASN C 1058 2.42 -5.10 17.19
CA ASN C 1058 2.26 -5.16 15.75
C ASN C 1058 3.49 -4.63 15.05
N GLY C 1059 4.18 -3.66 15.64
CA GLY C 1059 5.45 -3.23 15.09
C GLY C 1059 6.50 -4.32 15.12
N ILE C 1060 6.52 -5.11 16.20
CA ILE C 1060 7.46 -6.22 16.31
C ILE C 1060 7.17 -7.27 15.25
N PHE C 1061 5.89 -7.61 15.07
CA PHE C 1061 5.55 -8.61 14.06
C PHE C 1061 5.80 -8.11 12.64
N VAL C 1062 5.50 -6.85 12.35
CA VAL C 1062 5.67 -6.32 11.00
C VAL C 1062 7.14 -6.16 10.66
N LEU C 1063 7.94 -5.62 11.57
CA LEU C 1063 9.37 -5.49 11.33
C LEU C 1063 10.07 -6.84 11.30
N GLY C 1064 9.58 -7.83 12.06
CA GLY C 1064 10.19 -9.14 11.99
C GLY C 1064 9.85 -9.85 10.70
N ARG C 1065 8.59 -9.84 10.31
CA ARG C 1065 8.12 -10.56 9.14
C ARG C 1065 8.51 -9.87 7.84
N SER C 1066 8.95 -8.62 7.90
CA SER C 1066 9.47 -7.97 6.70
C SER C 1066 10.70 -8.67 6.13
N MET C 1067 11.54 -9.28 6.98
CA MET C 1067 12.68 -10.02 6.45
C MET C 1067 12.23 -11.25 5.69
N GLY C 1068 11.18 -11.91 6.17
CA GLY C 1068 10.66 -13.06 5.45
C GLY C 1068 9.98 -12.67 4.15
N PHE C 1069 9.30 -11.53 4.14
CA PHE C 1069 8.62 -11.12 2.91
C PHE C 1069 9.61 -10.64 1.87
N ILE C 1070 10.66 -9.94 2.26
CA ILE C 1070 11.68 -9.57 1.30
C ILE C 1070 12.48 -10.80 0.87
N GLY C 1071 12.61 -11.80 1.73
CA GLY C 1071 13.21 -13.05 1.31
C GLY C 1071 12.39 -13.78 0.26
N HIS C 1072 11.06 -13.76 0.42
CA HIS C 1072 10.19 -14.35 -0.60
C HIS C 1072 10.21 -13.55 -1.88
N TYR C 1073 10.35 -12.24 -1.81
CA TYR C 1073 10.46 -11.45 -3.03
C TYR C 1073 11.72 -11.77 -3.80
N LEU C 1074 12.88 -11.72 -3.13
CA LEU C 1074 14.14 -12.03 -3.80
C LEU C 1074 14.18 -13.47 -4.29
N ASP C 1075 13.53 -14.38 -3.58
CA ASP C 1075 13.49 -15.77 -3.99
C ASP C 1075 12.63 -15.96 -5.24
N GLN C 1076 11.42 -15.42 -5.27
CA GLN C 1076 10.59 -15.54 -6.46
C GLN C 1076 11.14 -14.77 -7.65
N LYS C 1077 11.95 -13.75 -7.40
CA LYS C 1077 12.63 -13.08 -8.50
C LYS C 1077 13.84 -13.85 -8.98
N ARG C 1078 14.40 -14.71 -8.15
CA ARG C 1078 15.56 -15.49 -8.53
C ARG C 1078 15.21 -16.77 -9.28
N LEU C 1079 14.05 -17.33 -9.03
CA LEU C 1079 13.59 -18.50 -9.78
C LEU C 1079 12.96 -18.13 -11.11
N LYS C 1080 12.80 -16.84 -11.38
CA LYS C 1080 12.23 -16.31 -12.63
C LYS C 1080 10.83 -16.86 -12.88
N GLN C 1081 10.02 -16.88 -11.83
CA GLN C 1081 8.66 -17.37 -11.91
C GLN C 1081 7.79 -16.40 -12.69
N GLY C 1082 6.77 -16.93 -13.34
CA GLY C 1082 5.88 -16.13 -14.17
C GLY C 1082 4.58 -15.81 -13.46
N LEU C 1083 3.74 -15.07 -14.18
CA LEU C 1083 2.52 -14.50 -13.62
C LEU C 1083 1.52 -15.57 -13.20
N TYR C 1084 0.94 -15.39 -12.01
CA TYR C 1084 0.03 -16.36 -11.44
C TYR C 1084 -1.39 -16.10 -11.93
N ARG C 1085 -2.18 -17.16 -12.04
CA ARG C 1085 -3.50 -17.04 -12.64
C ARG C 1085 -4.59 -17.79 -11.88
N HIS C 1086 -4.28 -18.68 -10.93
CA HIS C 1086 -5.22 -19.31 -10.01
C HIS C 1086 -6.39 -20.03 -10.64
N PRO C 1087 -6.25 -21.31 -10.98
CA PRO C 1087 -7.15 -21.96 -11.94
C PRO C 1087 -8.61 -22.00 -11.52
N TRP C 1088 -9.48 -21.96 -12.52
CA TRP C 1088 -10.93 -21.82 -12.34
C TRP C 1088 -11.58 -23.01 -11.67
N ASP C 1089 -10.89 -24.12 -11.50
CA ASP C 1089 -11.43 -25.26 -10.79
C ASP C 1089 -11.25 -25.15 -9.29
N ASP C 1090 -10.76 -24.01 -8.82
CA ASP C 1090 -10.50 -23.76 -7.42
C ASP C 1090 -11.32 -22.59 -6.95
N ILE C 1091 -12.37 -22.23 -7.68
CA ILE C 1091 -12.98 -20.92 -7.53
C ILE C 1091 -14.47 -21.01 -7.22
N SER C 1092 -15.24 -21.76 -8.00
CA SER C 1092 -16.65 -22.06 -7.73
C SER C 1092 -17.52 -20.79 -7.67
N TYR C 1093 -17.70 -20.19 -8.85
CA TYR C 1093 -18.55 -19.02 -9.02
C TYR C 1093 -19.99 -19.33 -8.64
N VAL C 1094 -20.60 -18.43 -7.88
CA VAL C 1094 -21.93 -18.67 -7.33
C VAL C 1094 -22.87 -17.49 -7.62
N LEU C 1095 -22.65 -16.82 -8.77
CA LEU C 1095 -23.39 -15.66 -9.28
C LEU C 1095 -24.91 -15.81 -9.28
N PRO C 1096 -25.67 -14.71 -9.15
CA PRO C 1096 -27.13 -14.79 -9.22
C PRO C 1096 -27.69 -15.15 -10.60
N GLU C 1097 -29.01 -15.27 -10.67
CA GLU C 1097 -29.68 -15.79 -11.86
C GLU C 1097 -29.71 -14.79 -13.01
N HIS C 1098 -30.41 -13.67 -12.81
CA HIS C 1098 -30.34 -12.56 -13.76
C HIS C 1098 -30.68 -11.29 -12.96
N MET C 1099 -29.64 -10.56 -12.57
CA MET C 1099 -29.81 -9.35 -11.78
C MET C 1099 -28.59 -8.47 -12.01
N SER D 2 -32.54 40.66 27.05
CA SER D 2 -33.53 41.70 27.27
C SER D 2 -34.95 41.15 27.15
N ALA D 3 -35.90 41.90 27.66
CA ALA D 3 -37.31 41.54 27.57
C ALA D 3 -37.95 42.24 26.37
N LYS D 4 -38.66 41.47 25.56
CA LYS D 4 -39.45 42.00 24.46
C LYS D 4 -40.93 41.90 24.80
N ALA D 5 -41.67 42.98 24.54
CA ALA D 5 -43.10 42.98 24.71
C ALA D 5 -43.75 42.25 23.56
N ILE D 6 -44.70 41.38 23.87
CA ILE D 6 -45.36 40.57 22.86
C ILE D 6 -46.79 41.06 22.67
N SER D 7 -47.45 40.51 21.66
CA SER D 7 -48.86 40.81 21.42
C SER D 7 -49.72 40.31 22.58
N GLU D 8 -50.75 41.09 22.91
CA GLU D 8 -51.63 40.72 24.01
C GLU D 8 -52.49 39.52 23.67
N GLN D 9 -52.76 39.30 22.38
CA GLN D 9 -53.47 38.10 21.93
C GLN D 9 -52.63 36.85 22.19
N THR D 10 -51.33 36.92 21.93
CA THR D 10 -50.45 35.79 22.17
C THR D 10 -50.34 35.47 23.66
N GLY D 11 -50.28 36.51 24.49
CA GLY D 11 -50.31 36.29 25.93
C GLY D 11 -51.63 35.73 26.40
N LYS D 12 -52.72 36.14 25.75
CA LYS D 12 -54.04 35.59 26.07
C LYS D 12 -54.10 34.10 25.78
N GLU D 13 -53.70 33.70 24.57
CA GLU D 13 -53.80 32.28 24.22
C GLU D 13 -52.78 31.44 24.97
N LEU D 14 -51.64 32.03 25.35
CA LEU D 14 -50.71 31.34 26.23
C LEU D 14 -51.31 31.09 27.60
N LEU D 15 -52.02 32.09 28.14
CA LEU D 15 -52.67 31.93 29.43
C LEU D 15 -53.85 30.96 29.34
N TYR D 16 -54.51 30.89 28.18
CA TYR D 16 -55.59 29.94 28.02
C TYR D 16 -55.06 28.52 27.87
N LYS D 17 -53.86 28.38 27.30
CA LYS D 17 -53.32 27.07 26.97
C LYS D 17 -52.52 26.45 28.10
N PHE D 18 -51.83 27.25 28.92
CA PHE D 18 -50.84 26.70 29.83
C PHE D 18 -51.13 26.97 31.30
N ILE D 19 -52.34 27.36 31.65
CA ILE D 19 -52.66 27.59 33.06
C ILE D 19 -52.99 26.25 33.71
N CYS D 20 -52.59 26.09 34.97
CA CYS D 20 -52.87 24.88 35.74
CA CYS D 20 -52.87 24.88 35.74
C CYS D 20 -53.43 25.30 37.09
N THR D 21 -54.76 25.29 37.21
CA THR D 21 -55.43 25.63 38.46
C THR D 21 -56.79 24.97 38.48
N THR D 22 -57.44 25.02 39.64
CA THR D 22 -58.74 24.39 39.79
C THR D 22 -59.88 25.28 39.33
N SER D 23 -59.79 26.58 39.57
CA SER D 23 -60.84 27.52 39.17
C SER D 23 -60.71 27.78 37.67
N ALA D 24 -61.77 27.46 36.93
CA ALA D 24 -61.71 27.44 35.48
C ALA D 24 -61.75 28.85 34.91
N ILE D 25 -60.74 29.19 34.11
CA ILE D 25 -60.75 30.42 33.34
C ILE D 25 -61.46 30.15 32.03
N GLN D 26 -62.56 30.83 31.80
CA GLN D 26 -63.34 30.66 30.58
C GLN D 26 -62.79 31.59 29.51
N ASN D 27 -63.59 31.82 28.45
CA ASN D 27 -63.22 32.59 27.26
C ASN D 27 -61.96 32.03 26.60
N ARG D 28 -61.81 30.71 26.64
CA ARG D 28 -60.65 30.06 26.06
C ARG D 28 -60.76 30.07 24.55
N PHE D 29 -59.75 30.65 23.89
CA PHE D 29 -59.66 30.80 22.43
C PHE D 29 -60.84 31.59 21.87
N LYS D 30 -61.37 32.52 22.65
CA LYS D 30 -62.38 33.47 22.19
C LYS D 30 -61.70 34.83 22.07
N TYR D 31 -61.13 35.07 20.90
CA TYR D 31 -60.53 36.36 20.56
C TYR D 31 -60.54 36.48 19.04
N ALA D 32 -60.56 37.73 18.57
CA ALA D 32 -60.50 37.99 17.15
C ALA D 32 -59.49 39.10 16.87
N ARG D 33 -58.79 38.96 15.75
CA ARG D 33 -57.70 39.86 15.38
C ARG D 33 -58.01 40.41 14.00
N VAL D 34 -58.35 41.69 13.93
CA VAL D 34 -58.80 42.29 12.67
C VAL D 34 -57.73 43.26 12.16
N THR D 35 -57.55 43.24 10.85
CA THR D 35 -56.67 44.07 10.05
C THR D 35 -57.49 44.50 8.84
N PRO D 36 -57.08 45.56 8.14
CA PRO D 36 -57.75 45.90 6.86
C PRO D 36 -57.56 44.88 5.74
N ASP D 37 -56.79 43.81 5.93
CA ASP D 37 -56.56 42.80 4.90
C ASP D 37 -57.57 41.65 4.97
N THR D 38 -58.42 41.61 6.00
CA THR D 38 -59.43 40.58 6.12
C THR D 38 -60.82 41.20 6.10
N ASP D 39 -61.78 40.43 5.60
CA ASP D 39 -63.18 40.84 5.56
C ASP D 39 -63.91 40.27 6.77
N TRP D 40 -65.24 40.33 6.74
CA TRP D 40 -66.03 39.90 7.88
C TRP D 40 -66.64 38.51 7.72
N ALA D 41 -66.80 38.02 6.49
CA ALA D 41 -67.50 36.76 6.26
C ALA D 41 -66.73 35.57 6.85
N ARG D 42 -65.41 35.60 6.73
CA ARG D 42 -64.59 34.59 7.39
C ARG D 42 -64.61 34.78 8.89
N LEU D 43 -64.67 36.04 9.35
CA LEU D 43 -64.71 36.30 10.79
C LEU D 43 -66.05 35.90 11.40
N LEU D 44 -67.16 36.22 10.74
CA LEU D 44 -68.44 35.76 11.25
C LEU D 44 -68.65 34.26 11.02
N GLN D 45 -67.89 33.66 10.10
CA GLN D 45 -67.99 32.22 9.88
C GLN D 45 -67.25 31.45 10.96
N ASP D 46 -65.94 31.68 11.08
CA ASP D 46 -65.13 30.90 12.01
C ASP D 46 -65.27 31.35 13.46
N HIS D 47 -65.79 32.54 13.71
CA HIS D 47 -66.08 32.97 15.09
C HIS D 47 -67.59 33.12 15.24
N PRO D 48 -68.29 32.10 15.74
CA PRO D 48 -69.74 32.20 15.90
C PRO D 48 -70.18 33.02 17.10
N TRP D 49 -69.30 33.23 18.08
CA TRP D 49 -69.64 33.99 19.27
C TRP D 49 -69.72 35.49 19.02
N LEU D 50 -69.33 35.96 17.84
CA LEU D 50 -69.71 37.30 17.41
C LEU D 50 -71.22 37.39 17.24
N LEU D 51 -71.85 36.32 16.77
CA LEU D 51 -73.28 36.27 16.54
C LEU D 51 -74.08 35.95 17.80
N SER D 52 -73.40 35.79 18.94
CA SER D 52 -74.07 35.36 20.17
C SER D 52 -73.94 36.36 21.30
N GLN D 53 -72.73 36.86 21.57
CA GLN D 53 -72.48 37.68 22.77
C GLN D 53 -72.05 39.07 22.37
N ASN D 54 -71.73 39.87 23.38
CA ASN D 54 -71.21 41.22 23.18
C ASN D 54 -69.73 41.18 22.85
N LEU D 55 -69.25 42.24 22.20
CA LEU D 55 -67.87 42.33 21.75
C LEU D 55 -67.25 43.66 22.19
N VAL D 56 -65.96 43.62 22.46
CA VAL D 56 -65.18 44.80 22.82
C VAL D 56 -63.99 44.87 21.88
N VAL D 57 -63.83 46.00 21.21
CA VAL D 57 -62.73 46.24 20.28
C VAL D 57 -61.76 47.21 20.93
N LYS D 58 -60.46 46.89 20.86
CA LYS D 58 -59.46 47.76 21.44
C LYS D 58 -58.20 47.70 20.57
N PRO D 59 -57.41 48.78 20.54
CA PRO D 59 -56.17 48.76 19.76
C PRO D 59 -55.14 47.84 20.39
N ASP D 60 -54.76 46.80 19.66
CA ASP D 60 -53.78 45.83 20.13
C ASP D 60 -52.39 46.20 19.59
N GLN D 61 -51.89 47.34 20.07
CA GLN D 61 -50.59 47.84 19.65
C GLN D 61 -49.77 48.29 20.86
N LEU D 62 -49.81 47.47 21.91
CA LEU D 62 -49.09 47.73 23.16
C LEU D 62 -49.22 49.18 23.66
N ILE D 63 -50.47 49.63 23.84
CA ILE D 63 -50.73 50.98 24.30
C ILE D 63 -51.53 50.99 25.60
N LYS D 64 -50.95 51.60 26.64
CA LYS D 64 -51.59 51.69 27.94
C LYS D 64 -52.31 53.04 28.04
N ARG D 65 -52.86 53.33 29.22
CA ARG D 65 -53.68 54.52 29.51
C ARG D 65 -54.90 54.59 28.59
N ARG D 66 -55.63 53.47 28.51
CA ARG D 66 -56.82 53.41 27.68
C ARG D 66 -57.97 54.17 28.31
N GLY D 67 -58.10 54.08 29.63
CA GLY D 67 -59.11 54.85 30.34
C GLY D 67 -58.86 56.35 30.33
N LYS D 68 -57.62 56.76 30.11
CA LYS D 68 -57.31 58.17 29.92
C LYS D 68 -57.42 58.59 28.46
N LEU D 69 -57.38 57.63 27.53
CA LEU D 69 -57.48 57.93 26.10
C LEU D 69 -58.85 57.65 25.52
N GLY D 70 -59.57 56.68 26.05
CA GLY D 70 -60.93 56.40 25.60
C GLY D 70 -61.03 55.73 24.26
N LEU D 71 -60.10 54.85 23.94
CA LEU D 71 -60.14 54.09 22.68
C LEU D 71 -60.67 52.68 22.88
N VAL D 72 -61.49 52.46 23.90
CA VAL D 72 -62.04 51.14 24.20
C VAL D 72 -63.57 51.24 24.25
N GLY D 73 -64.24 50.32 23.58
CA GLY D 73 -65.69 50.31 23.54
C GLY D 73 -66.28 49.20 24.37
N VAL D 74 -66.82 49.54 25.54
CA VAL D 74 -67.24 48.55 26.52
C VAL D 74 -68.71 48.24 26.32
N ASN D 75 -69.03 46.94 26.30
CA ASN D 75 -70.40 46.39 26.18
C ASN D 75 -71.10 46.89 24.91
N LEU D 76 -70.54 46.50 23.77
CA LEU D 76 -71.19 46.69 22.48
C LEU D 76 -71.47 45.33 21.86
N THR D 77 -72.48 45.28 21.01
CA THR D 77 -72.86 44.06 20.32
C THR D 77 -72.12 44.12 18.97
N LEU D 78 -72.39 43.16 18.07
CA LEU D 78 -71.62 43.02 16.84
C LEU D 78 -71.80 44.21 15.91
N ASP D 79 -73.04 44.68 15.75
CA ASP D 79 -73.26 45.87 14.93
C ASP D 79 -72.69 47.12 15.59
N GLY D 80 -72.68 47.16 16.92
CA GLY D 80 -72.11 48.29 17.64
C GLY D 80 -70.61 48.41 17.42
N VAL D 81 -69.90 47.29 17.52
CA VAL D 81 -68.47 47.34 17.23
C VAL D 81 -68.20 47.41 15.73
N LYS D 82 -69.15 47.01 14.89
CA LYS D 82 -68.99 47.15 13.44
C LYS D 82 -69.00 48.61 13.04
N SER D 83 -69.87 49.41 13.65
CA SER D 83 -69.80 50.85 13.42
C SER D 83 -68.70 51.51 14.24
N TRP D 84 -68.34 50.92 15.39
CA TRP D 84 -67.36 51.53 16.27
C TRP D 84 -65.93 51.36 15.77
N LEU D 85 -65.65 50.34 14.95
CA LEU D 85 -64.31 50.18 14.38
C LEU D 85 -64.08 51.12 13.21
N LYS D 86 -65.14 51.75 12.69
CA LYS D 86 -65.02 52.60 11.51
C LYS D 86 -64.09 53.80 11.68
N PRO D 87 -64.17 54.64 12.77
CA PRO D 87 -63.20 55.73 12.86
C PRO D 87 -61.92 55.33 13.58
N ARG D 88 -61.68 54.03 13.73
CA ARG D 88 -60.50 53.62 14.47
C ARG D 88 -59.60 52.65 13.72
N LEU D 89 -60.16 51.71 12.95
CA LEU D 89 -59.35 50.73 12.25
C LEU D 89 -58.81 51.34 10.96
N GLY D 90 -57.50 51.49 10.86
CA GLY D 90 -56.86 51.93 9.64
C GLY D 90 -56.50 53.40 9.59
N GLN D 91 -56.77 54.15 10.65
CA GLN D 91 -56.47 55.58 10.69
C GLN D 91 -55.25 55.84 11.58
N GLU D 92 -54.81 57.09 11.57
CA GLU D 92 -53.61 57.52 12.26
C GLU D 92 -53.99 58.23 13.55
N ALA D 93 -53.35 57.85 14.65
CA ALA D 93 -53.69 58.42 15.95
C ALA D 93 -52.45 58.67 16.77
N THR D 94 -52.61 59.50 17.80
CA THR D 94 -51.51 60.00 18.61
C THR D 94 -51.81 59.74 20.08
N VAL D 95 -50.85 59.15 20.78
CA VAL D 95 -50.86 59.10 22.24
C VAL D 95 -49.47 59.49 22.74
N GLY D 96 -49.44 60.42 23.70
CA GLY D 96 -48.19 60.94 24.24
C GLY D 96 -47.37 61.69 23.21
N LYS D 97 -46.24 61.09 22.82
CA LYS D 97 -45.44 61.57 21.71
C LYS D 97 -45.77 60.86 20.41
N ALA D 98 -46.25 59.63 20.49
CA ALA D 98 -46.29 58.72 19.35
C ALA D 98 -47.51 58.99 18.48
N THR D 99 -47.27 59.39 17.24
CA THR D 99 -48.28 59.40 16.18
C THR D 99 -47.99 58.22 15.26
N GLY D 100 -49.01 57.41 14.99
CA GLY D 100 -48.75 56.25 14.15
C GLY D 100 -50.01 55.65 13.59
N PHE D 101 -49.79 54.63 12.75
CA PHE D 101 -50.87 53.86 12.14
C PHE D 101 -51.54 52.98 13.17
N LEU D 102 -52.76 52.57 12.86
CA LEU D 102 -53.54 51.65 13.69
C LEU D 102 -53.94 50.47 12.79
N LYS D 103 -53.10 49.43 12.77
CA LYS D 103 -53.22 48.35 11.81
C LYS D 103 -53.75 47.06 12.38
N ASN D 104 -53.84 46.93 13.69
CA ASN D 104 -54.28 45.68 14.30
C ASN D 104 -55.21 46.01 15.45
N PHE D 105 -56.40 45.40 15.45
CA PHE D 105 -57.38 45.64 16.52
C PHE D 105 -57.91 44.32 17.04
N LEU D 106 -58.13 44.26 18.35
CA LEU D 106 -58.48 43.02 19.03
C LEU D 106 -59.92 43.08 19.50
N ILE D 107 -60.63 41.96 19.33
CA ILE D 107 -62.04 41.83 19.65
C ILE D 107 -62.19 40.72 20.69
N GLU D 108 -62.78 41.07 21.83
CA GLU D 108 -62.88 40.18 22.99
C GLU D 108 -64.32 40.12 23.46
N PRO D 109 -64.82 38.94 23.83
CA PRO D 109 -66.21 38.82 24.29
C PRO D 109 -66.39 39.40 25.69
N PHE D 110 -67.29 40.38 25.80
CA PHE D 110 -67.47 41.09 27.05
C PHE D 110 -68.19 40.23 28.08
N VAL D 111 -67.76 40.34 29.34
CA VAL D 111 -68.42 39.72 30.47
C VAL D 111 -68.87 40.83 31.41
N PRO D 112 -70.14 40.86 31.82
CA PRO D 112 -70.61 41.93 32.71
C PRO D 112 -70.02 41.78 34.10
N HIS D 113 -69.42 42.87 34.59
CA HIS D 113 -68.72 42.86 35.87
C HIS D 113 -69.12 44.08 36.67
N SER D 114 -69.04 43.95 37.99
CA SER D 114 -69.11 45.09 38.87
C SER D 114 -67.70 45.59 39.17
N GLN D 115 -67.61 46.84 39.62
CA GLN D 115 -66.32 47.44 39.90
C GLN D 115 -65.67 46.88 41.15
N ALA D 116 -66.43 46.21 42.01
CA ALA D 116 -65.87 45.47 43.13
C ALA D 116 -65.35 44.10 42.72
N GLU D 117 -65.59 43.67 41.49
CA GLU D 117 -65.06 42.42 40.97
C GLU D 117 -63.72 42.60 40.26
N GLU D 118 -63.24 43.82 40.13
CA GLU D 118 -61.97 44.07 39.45
C GLU D 118 -60.81 43.89 40.41
N PHE D 119 -59.83 43.09 39.99
CA PHE D 119 -58.60 42.86 40.72
C PHE D 119 -57.44 43.09 39.76
N TYR D 120 -56.28 43.42 40.30
CA TYR D 120 -55.20 44.00 39.49
C TYR D 120 -53.90 43.33 39.90
N VAL D 121 -53.41 42.38 39.10
CA VAL D 121 -52.31 41.56 39.56
C VAL D 121 -51.14 41.70 38.59
N CYS D 122 -49.94 41.64 39.13
CA CYS D 122 -48.72 41.86 38.36
C CYS D 122 -47.64 40.93 38.86
N ILE D 123 -46.87 40.37 37.93
CA ILE D 123 -45.73 39.52 38.26
C ILE D 123 -44.55 40.11 37.51
N TYR D 124 -43.58 40.66 38.24
CA TYR D 124 -42.45 41.26 37.55
C TYR D 124 -41.13 40.80 38.14
N ALA D 125 -40.14 40.63 37.25
CA ALA D 125 -38.85 40.12 37.65
C ALA D 125 -37.98 41.21 38.26
N THR D 126 -37.29 40.88 39.33
CA THR D 126 -36.29 41.74 39.93
C THR D 126 -35.01 40.92 40.13
N ARG D 127 -33.93 41.62 40.51
CA ARG D 127 -32.64 40.96 40.62
C ARG D 127 -32.57 39.98 41.78
N GLU D 128 -33.35 40.23 42.84
CA GLU D 128 -33.37 39.39 44.02
C GLU D 128 -34.36 38.24 43.92
N GLY D 129 -35.24 38.27 42.93
CA GLY D 129 -36.31 37.31 42.82
C GLY D 129 -37.46 37.92 42.06
N ASP D 130 -38.60 37.26 42.11
CA ASP D 130 -39.78 37.69 41.40
C ASP D 130 -40.77 38.33 42.36
N TYR D 131 -41.21 39.54 42.05
CA TYR D 131 -42.20 40.23 42.85
C TYR D 131 -43.59 39.93 42.32
N VAL D 132 -44.48 39.52 43.22
CA VAL D 132 -45.89 39.41 42.93
C VAL D 132 -46.60 40.59 43.61
N LEU D 133 -47.55 41.18 42.90
CA LEU D 133 -48.21 42.39 43.35
C LEU D 133 -49.70 42.23 43.10
N PHE D 134 -50.52 42.62 44.06
CA PHE D 134 -51.95 42.42 43.98
C PHE D 134 -52.66 43.66 44.51
N HIS D 135 -53.65 44.15 43.75
CA HIS D 135 -54.45 45.30 44.13
C HIS D 135 -55.92 44.88 44.07
N HIS D 136 -56.58 44.83 45.23
CA HIS D 136 -57.97 44.44 45.25
C HIS D 136 -58.89 45.55 44.75
N GLU D 137 -58.46 46.80 44.91
CA GLU D 137 -59.18 47.95 44.37
C GLU D 137 -58.83 48.08 42.90
N GLY D 138 -59.80 47.83 42.03
CA GLY D 138 -59.56 47.78 40.60
C GLY D 138 -59.50 49.13 39.93
N GLY D 139 -59.75 49.13 38.62
CA GLY D 139 -59.62 50.34 37.82
C GLY D 139 -58.28 50.42 37.13
N VAL D 140 -58.09 51.51 36.39
CA VAL D 140 -56.85 51.78 35.69
C VAL D 140 -55.93 52.66 36.51
N ASP D 141 -56.48 53.67 37.18
CA ASP D 141 -55.74 54.54 38.09
C ASP D 141 -55.50 53.86 39.44
N VAL D 142 -54.70 52.79 39.39
CA VAL D 142 -54.51 51.90 40.53
C VAL D 142 -53.71 52.55 41.66
N GLY D 143 -52.99 53.62 41.37
CA GLY D 143 -52.34 54.38 42.43
C GLY D 143 -50.98 53.86 42.82
N ASP D 144 -50.59 54.12 44.08
CA ASP D 144 -49.26 53.79 44.57
C ASP D 144 -49.21 52.30 44.91
N VAL D 145 -48.99 51.50 43.87
CA VAL D 145 -48.97 50.05 44.03
C VAL D 145 -47.69 49.56 44.70
N ASP D 146 -46.66 50.40 44.78
CA ASP D 146 -45.43 50.02 45.46
C ASP D 146 -45.56 50.11 46.98
N ALA D 147 -46.55 50.85 47.48
CA ALA D 147 -46.77 51.02 48.90
C ALA D 147 -48.12 50.51 49.38
N LYS D 148 -49.17 50.65 48.58
CA LYS D 148 -50.52 50.29 49.01
C LYS D 148 -50.92 48.87 48.60
N ALA D 149 -50.48 48.41 47.43
CA ALA D 149 -50.84 47.08 46.99
C ALA D 149 -50.04 46.02 47.76
N GLN D 150 -50.59 44.80 47.79
CA GLN D 150 -49.95 43.68 48.46
C GLN D 150 -48.79 43.18 47.62
N LYS D 151 -47.58 43.30 48.15
CA LYS D 151 -46.38 42.83 47.48
C LYS D 151 -45.81 41.62 48.21
N LEU D 152 -45.16 40.75 47.45
CA LEU D 152 -44.46 39.62 48.05
C LEU D 152 -43.30 39.22 47.16
N LEU D 153 -42.18 38.87 47.79
CA LEU D 153 -41.00 38.39 47.10
C LEU D 153 -41.04 36.86 47.08
N VAL D 154 -40.73 36.27 45.93
CA VAL D 154 -40.39 34.86 45.87
C VAL D 154 -38.99 34.75 45.29
N GLY D 155 -38.15 33.97 45.95
CA GLY D 155 -36.78 33.84 45.51
C GLY D 155 -36.65 32.95 44.29
N VAL D 156 -35.46 32.93 43.73
CA VAL D 156 -35.15 31.99 42.67
C VAL D 156 -34.89 30.63 43.30
N ASP D 157 -35.25 29.57 42.56
CA ASP D 157 -35.33 28.19 43.05
C ASP D 157 -36.22 28.12 44.29
N GLU D 158 -37.42 28.69 44.18
CA GLU D 158 -38.38 28.72 45.27
C GLU D 158 -39.79 28.65 44.70
N LYS D 159 -40.68 27.97 45.41
CA LYS D 159 -42.07 27.83 45.01
C LYS D 159 -42.95 28.75 45.84
N LEU D 160 -44.03 29.24 45.24
CA LEU D 160 -44.95 30.13 45.92
C LEU D 160 -45.97 29.30 46.68
N ASN D 161 -45.88 29.30 47.99
CA ASN D 161 -46.77 28.47 48.81
C ASN D 161 -48.14 29.15 48.95
N PRO D 162 -49.24 28.41 48.79
CA PRO D 162 -50.57 29.04 48.86
C PRO D 162 -50.95 29.59 50.23
N GLU D 163 -50.32 29.08 51.30
CA GLU D 163 -50.53 29.66 52.62
C GLU D 163 -49.93 31.06 52.71
N ASP D 164 -48.86 31.32 51.96
CA ASP D 164 -48.32 32.67 51.87
C ASP D 164 -49.21 33.57 51.02
N ILE D 165 -49.91 33.00 50.03
CA ILE D 165 -50.82 33.81 49.22
C ILE D 165 -52.07 34.15 50.01
N LYS D 166 -52.50 33.27 50.90
CA LYS D 166 -53.58 33.61 51.81
C LYS D 166 -53.13 34.63 52.85
N LYS D 167 -51.98 34.38 53.47
CA LYS D 167 -51.56 35.13 54.65
C LYS D 167 -50.92 36.47 54.30
N HIS D 168 -50.18 36.54 53.20
CA HIS D 168 -49.44 37.75 52.88
C HIS D 168 -49.94 38.47 51.64
N LEU D 169 -50.70 37.82 50.77
CA LEU D 169 -51.01 38.40 49.46
C LEU D 169 -52.47 38.77 49.27
N LEU D 170 -53.42 37.97 49.76
CA LEU D 170 -54.83 38.23 49.55
C LEU D 170 -55.56 38.55 50.84
N VAL D 171 -54.98 39.43 51.66
CA VAL D 171 -55.59 39.79 52.94
C VAL D 171 -56.83 40.66 52.72
N HIS D 172 -56.71 41.69 51.88
CA HIS D 172 -57.76 42.67 51.69
C HIS D 172 -58.75 42.27 50.59
N ALA D 173 -58.78 40.99 50.21
CA ALA D 173 -59.78 40.45 49.31
C ALA D 173 -61.01 40.02 50.09
N PRO D 174 -62.17 39.93 49.45
CA PRO D 174 -63.31 39.26 50.09
C PRO D 174 -63.01 37.80 50.33
N GLU D 175 -63.56 37.25 51.42
CA GLU D 175 -63.14 35.95 51.91
C GLU D 175 -63.59 34.83 50.98
N ASP D 176 -64.79 34.97 50.39
CA ASP D 176 -65.29 34.01 49.43
C ASP D 176 -64.46 33.91 48.15
N LYS D 177 -63.59 34.89 47.90
CA LYS D 177 -62.66 34.85 46.78
C LYS D 177 -61.27 34.36 47.19
N LYS D 178 -60.97 34.32 48.50
CA LYS D 178 -59.63 33.96 48.98
C LYS D 178 -59.22 32.55 48.62
N GLU D 179 -60.17 31.67 48.31
CA GLU D 179 -59.83 30.32 47.88
C GLU D 179 -59.68 30.21 46.36
N ILE D 180 -60.38 31.04 45.59
CA ILE D 180 -60.44 30.77 44.16
C ILE D 180 -59.35 31.52 43.38
N LEU D 181 -58.95 32.70 43.82
CA LEU D 181 -57.88 33.42 43.15
C LEU D 181 -56.51 32.90 43.53
N ALA D 182 -56.31 32.64 44.84
CA ALA D 182 -54.99 32.65 45.47
C ALA D 182 -54.07 31.58 44.91
N SER D 183 -54.48 30.31 45.01
CA SER D 183 -53.70 29.24 44.41
C SER D 183 -53.69 29.36 42.89
N PHE D 184 -54.75 29.92 42.31
CA PHE D 184 -54.75 30.29 40.89
C PHE D 184 -53.62 31.26 40.58
N ILE D 185 -53.37 32.22 41.49
CA ILE D 185 -52.23 33.12 41.35
C ILE D 185 -50.94 32.33 41.37
N SER D 186 -50.87 31.30 42.23
CA SER D 186 -49.77 30.35 42.17
C SER D 186 -49.68 29.69 40.81
N GLY D 187 -50.83 29.22 40.30
CA GLY D 187 -50.88 28.73 38.94
C GLY D 187 -50.53 29.81 37.93
N LEU D 188 -50.97 31.05 38.19
CA LEU D 188 -50.58 32.17 37.34
C LEU D 188 -49.08 32.40 37.44
N PHE D 189 -48.53 32.23 38.65
CA PHE D 189 -47.09 32.30 38.81
C PHE D 189 -46.42 31.16 38.06
N ASN D 190 -47.08 29.99 38.01
CA ASN D 190 -46.55 28.90 37.20
C ASN D 190 -46.66 29.23 35.73
N PHE D 191 -47.69 29.99 35.33
CA PHE D 191 -47.74 30.53 33.98
C PHE D 191 -46.61 31.53 33.75
N TYR D 192 -46.20 32.22 34.81
CA TYR D 192 -45.01 33.06 34.75
C TYR D 192 -43.75 32.23 34.71
N GLU D 193 -43.79 30.98 35.17
CA GLU D 193 -42.58 30.24 35.44
C GLU D 193 -42.07 29.50 34.21
N ASP D 194 -42.88 28.61 33.64
CA ASP D 194 -42.39 27.70 32.62
C ASP D 194 -42.29 28.34 31.24
N LEU D 195 -42.72 29.59 31.08
CA LEU D 195 -42.62 30.27 29.81
C LEU D 195 -41.59 31.39 29.80
N TYR D 196 -40.88 31.58 30.92
CA TYR D 196 -39.79 32.55 31.06
C TYR D 196 -40.26 33.98 30.79
N PHE D 197 -41.38 34.33 31.40
CA PHE D 197 -41.86 35.70 31.34
C PHE D 197 -41.00 36.60 32.21
N THR D 198 -40.89 37.86 31.82
CA THR D 198 -40.25 38.87 32.65
C THR D 198 -41.24 39.73 33.39
N TYR D 199 -42.23 40.29 32.68
CA TYR D 199 -43.19 41.19 33.28
C TYR D 199 -44.57 40.87 32.73
N LEU D 200 -45.52 40.61 33.61
CA LEU D 200 -46.87 40.23 33.22
C LEU D 200 -47.87 41.00 34.06
N GLU D 201 -48.78 41.70 33.39
CA GLU D 201 -49.78 42.54 34.03
C GLU D 201 -51.16 42.06 33.61
N ILE D 202 -51.98 41.63 34.57
CA ILE D 202 -53.39 41.35 34.36
C ILE D 202 -54.17 42.49 34.97
N ASN D 203 -54.89 43.22 34.12
CA ASN D 203 -55.50 44.49 34.46
C ASN D 203 -56.75 44.74 33.60
N PRO D 204 -57.95 44.69 34.18
CA PRO D 204 -58.24 44.18 35.53
C PRO D 204 -58.81 42.76 35.51
N LEU D 205 -58.57 42.01 36.57
CA LEU D 205 -59.01 40.63 36.66
C LEU D 205 -60.42 40.60 37.25
N VAL D 206 -61.35 39.97 36.53
CA VAL D 206 -62.75 39.89 36.94
C VAL D 206 -63.03 38.49 37.43
N VAL D 207 -63.59 38.38 38.64
CA VAL D 207 -64.10 37.11 39.13
C VAL D 207 -65.60 37.27 39.43
N THR D 208 -66.41 36.61 38.62
CA THR D 208 -67.85 36.63 38.75
C THR D 208 -68.37 35.29 39.25
N LYS D 209 -69.69 35.12 39.22
CA LYS D 209 -70.30 33.85 39.56
C LYS D 209 -70.02 32.80 38.49
N ASP D 210 -69.74 33.23 37.26
CA ASP D 210 -69.44 32.29 36.18
C ASP D 210 -68.02 31.74 36.30
N GLY D 211 -67.07 32.58 36.70
CA GLY D 211 -65.69 32.14 36.84
C GLY D 211 -64.67 33.26 36.80
N VAL D 212 -63.52 32.99 36.19
CA VAL D 212 -62.38 33.90 36.16
C VAL D 212 -62.20 34.39 34.74
N TYR D 213 -62.13 35.71 34.57
CA TYR D 213 -61.97 36.34 33.27
C TYR D 213 -60.91 37.43 33.35
N VAL D 214 -60.16 37.58 32.26
CA VAL D 214 -59.24 38.70 32.09
C VAL D 214 -59.85 39.67 31.09
N LEU D 215 -59.51 40.95 31.23
CA LEU D 215 -59.99 41.96 30.29
C LEU D 215 -58.87 42.47 29.38
N ASP D 216 -57.74 42.86 29.98
CA ASP D 216 -56.59 43.34 29.22
C ASP D 216 -55.34 42.87 29.96
N LEU D 217 -54.25 42.72 29.21
CA LEU D 217 -53.00 42.29 29.80
C LEU D 217 -51.82 42.95 29.11
N ALA D 218 -50.65 42.77 29.72
CA ALA D 218 -49.38 43.21 29.17
C ALA D 218 -48.34 42.14 29.45
N ALA D 219 -47.45 41.89 28.50
CA ALA D 219 -46.53 40.77 28.61
C ALA D 219 -45.20 41.10 27.94
N LYS D 220 -44.12 41.02 28.73
CA LYS D 220 -42.75 41.12 28.26
C LYS D 220 -42.01 39.85 28.67
N VAL D 221 -41.34 39.23 27.71
CA VAL D 221 -40.71 37.93 27.90
C VAL D 221 -39.22 38.03 27.62
N ASP D 222 -38.47 37.06 28.15
CA ASP D 222 -37.07 36.87 27.80
C ASP D 222 -36.99 36.26 26.42
N ALA D 223 -36.63 37.06 25.42
CA ALA D 223 -36.53 36.53 24.06
C ALA D 223 -35.33 35.61 23.89
N THR D 224 -34.33 35.71 24.76
CA THR D 224 -33.15 34.86 24.68
C THR D 224 -33.39 33.44 25.16
N ALA D 225 -34.51 33.19 25.84
CA ALA D 225 -34.81 31.87 26.38
C ALA D 225 -35.60 31.01 25.41
N ASP D 226 -35.60 31.37 24.12
CA ASP D 226 -36.43 30.66 23.15
CA ASP D 226 -36.42 30.66 23.14
C ASP D 226 -35.94 29.23 22.93
N TYR D 227 -34.64 28.97 23.16
CA TYR D 227 -34.12 27.61 23.07
C TYR D 227 -34.70 26.68 24.13
N ILE D 228 -35.31 27.24 25.18
CA ILE D 228 -36.08 26.41 26.09
C ILE D 228 -37.53 26.30 25.65
N CYS D 229 -38.09 27.36 25.05
CA CYS D 229 -39.54 27.47 24.98
C CYS D 229 -40.09 27.70 23.58
N LYS D 230 -39.29 27.49 22.53
CA LYS D 230 -39.87 27.57 21.19
C LYS D 230 -40.79 26.40 20.91
N VAL D 231 -40.64 25.30 21.63
CA VAL D 231 -41.63 24.23 21.60
C VAL D 231 -42.89 24.67 22.34
N LYS D 232 -42.75 25.54 23.34
CA LYS D 232 -43.88 25.92 24.20
C LYS D 232 -44.59 27.17 23.72
N TRP D 233 -43.84 28.15 23.20
CA TRP D 233 -44.46 29.38 22.74
C TRP D 233 -45.16 29.21 21.40
N GLY D 234 -44.76 28.23 20.60
CA GLY D 234 -45.30 28.16 19.26
C GLY D 234 -44.73 29.27 18.38
N ASP D 235 -45.54 29.73 17.44
CA ASP D 235 -45.14 30.81 16.54
C ASP D 235 -45.37 32.14 17.26
N ILE D 236 -44.39 32.50 18.08
CA ILE D 236 -44.48 33.69 18.91
C ILE D 236 -44.26 34.92 18.04
N GLU D 237 -44.88 36.03 18.43
CA GLU D 237 -44.92 37.24 17.62
C GLU D 237 -44.44 38.41 18.49
N PHE D 238 -43.69 39.33 17.88
CA PHE D 238 -43.15 40.48 18.58
C PHE D 238 -43.55 41.76 17.85
N PRO D 239 -44.42 42.58 18.42
CA PRO D 239 -44.81 43.83 17.77
C PRO D 239 -43.71 44.86 17.86
N PRO D 240 -43.63 45.79 16.91
CA PRO D 240 -42.68 46.89 17.02
C PRO D 240 -43.15 47.92 18.04
N PRO D 241 -42.30 48.88 18.41
CA PRO D 241 -42.80 50.03 19.19
C PRO D 241 -43.79 50.86 18.37
N PHE D 242 -44.76 51.44 19.06
CA PHE D 242 -45.78 52.26 18.42
C PHE D 242 -45.15 53.60 18.06
N GLY D 243 -44.88 53.79 16.78
CA GLY D 243 -44.20 54.99 16.32
C GLY D 243 -44.47 55.21 14.85
N ARG D 244 -43.52 55.85 14.18
CA ARG D 244 -43.69 56.18 12.77
C ARG D 244 -43.47 54.94 11.91
N GLU D 245 -43.67 55.10 10.60
CA GLU D 245 -43.69 53.98 9.67
C GLU D 245 -42.27 53.50 9.38
N ALA D 246 -42.19 52.39 8.64
CA ALA D 246 -40.92 51.75 8.33
C ALA D 246 -40.52 52.08 6.89
N TYR D 247 -39.33 52.62 6.73
CA TYR D 247 -38.79 52.89 5.40
C TYR D 247 -38.38 51.58 4.72
N PRO D 248 -38.23 51.60 3.39
CA PRO D 248 -37.61 50.43 2.74
C PRO D 248 -36.14 50.26 3.08
N GLU D 249 -35.46 51.35 3.44
CA GLU D 249 -34.06 51.28 3.81
C GLU D 249 -33.88 50.53 5.13
N GLU D 250 -34.82 50.68 6.05
CA GLU D 250 -34.70 49.99 7.34
C GLU D 250 -34.95 48.50 7.21
N ALA D 251 -35.91 48.08 6.36
CA ALA D 251 -36.09 46.66 6.13
C ALA D 251 -34.93 46.08 5.32
N TYR D 252 -34.35 46.90 4.43
CA TYR D 252 -33.13 46.53 3.73
C TYR D 252 -31.99 46.29 4.71
N ILE D 253 -31.82 47.17 5.68
CA ILE D 253 -30.81 47.00 6.71
C ILE D 253 -31.17 45.81 7.63
N ALA D 254 -32.46 45.52 7.80
CA ALA D 254 -32.87 44.41 8.66
C ALA D 254 -32.53 43.05 8.05
N ASP D 255 -32.92 42.82 6.79
CA ASP D 255 -32.54 41.55 6.19
C ASP D 255 -31.10 41.55 5.68
N LEU D 256 -30.43 42.70 5.65
CA LEU D 256 -29.01 42.78 5.44
C LEU D 256 -28.24 42.66 6.76
N ASP D 257 -28.96 42.65 7.87
CA ASP D 257 -28.45 42.45 9.22
C ASP D 257 -28.59 41.01 9.69
N ALA D 258 -29.69 40.35 9.34
CA ALA D 258 -29.86 38.94 9.67
C ALA D 258 -29.18 38.01 8.67
N LYS D 259 -28.42 38.56 7.71
CA LYS D 259 -27.72 37.73 6.72
C LYS D 259 -26.46 37.08 7.28
N SER D 260 -25.96 37.53 8.43
CA SER D 260 -24.67 37.08 8.92
C SER D 260 -24.64 37.21 10.43
N GLY D 261 -23.46 36.96 11.01
CA GLY D 261 -23.20 37.17 12.41
C GLY D 261 -22.74 38.59 12.73
N ALA D 262 -23.05 39.52 11.82
CA ALA D 262 -22.75 40.93 12.00
C ALA D 262 -23.99 41.66 12.51
N SER D 263 -23.77 42.64 13.38
CA SER D 263 -24.85 43.43 13.97
C SER D 263 -24.92 44.75 13.23
N LEU D 264 -25.96 44.92 12.42
CA LEU D 264 -26.15 46.13 11.62
C LEU D 264 -27.49 46.74 11.98
N LYS D 265 -27.47 47.94 12.54
CA LYS D 265 -28.70 48.62 12.93
C LYS D 265 -28.62 50.08 12.52
N LEU D 266 -29.77 50.64 12.11
CA LEU D 266 -29.84 52.04 11.69
C LEU D 266 -31.26 52.53 11.83
N THR D 267 -31.42 53.67 12.50
CA THR D 267 -32.73 54.28 12.68
C THR D 267 -32.59 55.79 12.50
N LEU D 268 -33.44 56.37 11.66
CA LEU D 268 -33.37 57.80 11.38
C LEU D 268 -34.08 58.63 12.44
N LEU D 269 -33.40 59.66 12.93
CA LEU D 269 -34.00 60.63 13.84
C LEU D 269 -34.57 61.82 13.09
N ASN D 270 -33.81 62.40 12.16
CA ASN D 270 -34.25 63.58 11.40
C ASN D 270 -33.70 63.45 9.99
N PRO D 271 -34.54 63.06 9.02
CA PRO D 271 -34.03 62.82 7.65
C PRO D 271 -33.59 64.07 6.89
N LYS D 272 -33.70 65.25 7.49
CA LYS D 272 -33.20 66.50 6.92
C LYS D 272 -32.05 66.90 7.84
N GLY D 273 -31.24 65.91 8.19
CA GLY D 273 -30.08 66.11 9.03
C GLY D 273 -28.79 66.14 8.22
N ARG D 274 -27.88 67.02 8.62
CA ARG D 274 -26.60 67.14 7.93
C ARG D 274 -25.51 66.27 8.54
N ILE D 275 -25.73 65.68 9.71
CA ILE D 275 -24.73 64.88 10.39
C ILE D 275 -25.12 63.43 10.29
N TRP D 276 -24.30 62.64 9.60
CA TRP D 276 -24.56 61.23 9.34
C TRP D 276 -23.47 60.40 9.99
N THR D 277 -23.86 59.28 10.61
CA THR D 277 -22.93 58.47 11.39
C THR D 277 -23.03 57.00 10.99
N MET D 278 -21.87 56.39 10.71
CA MET D 278 -21.72 54.94 10.57
C MET D 278 -20.57 54.57 11.49
N VAL D 279 -20.90 54.13 12.70
CA VAL D 279 -19.92 54.02 13.77
C VAL D 279 -20.04 52.64 14.41
N ALA D 280 -18.91 52.11 14.85
CA ALA D 280 -18.78 50.71 15.24
C ALA D 280 -19.09 50.52 16.72
N GLY D 281 -19.91 49.51 17.02
CA GLY D 281 -20.24 49.14 18.39
C GLY D 281 -21.51 49.80 18.86
N GLY D 282 -21.92 49.42 20.06
CA GLY D 282 -23.10 49.99 20.67
C GLY D 282 -22.80 51.21 21.53
N GLY D 283 -21.80 51.06 22.40
CA GLY D 283 -21.47 52.14 23.32
C GLY D 283 -20.90 53.36 22.62
N ALA D 284 -20.05 53.14 21.62
CA ALA D 284 -19.50 54.27 20.86
C ALA D 284 -20.58 54.95 20.02
N SER D 285 -21.58 54.19 19.57
CA SER D 285 -22.70 54.79 18.86
C SER D 285 -23.54 55.65 19.78
N VAL D 286 -23.77 55.17 21.00
CA VAL D 286 -24.49 55.96 22.00
C VAL D 286 -23.71 57.23 22.35
N VAL D 287 -22.39 57.11 22.48
CA VAL D 287 -21.57 58.26 22.84
C VAL D 287 -21.54 59.30 21.72
N TYR D 288 -21.37 58.86 20.47
CA TYR D 288 -21.40 59.78 19.34
C TYR D 288 -22.75 60.46 19.18
N SER D 289 -23.85 59.69 19.24
CA SER D 289 -25.17 60.25 19.03
C SER D 289 -25.53 61.24 20.13
N ASP D 290 -25.17 60.94 21.37
CA ASP D 290 -25.49 61.85 22.46
C ASP D 290 -24.55 63.05 22.51
N THR D 291 -23.32 62.92 21.99
CA THR D 291 -22.45 64.09 21.96
C THR D 291 -22.86 65.04 20.83
N ILE D 292 -23.34 64.50 19.71
CA ILE D 292 -23.94 65.37 18.69
C ILE D 292 -25.21 66.02 19.22
N CYS D 293 -26.05 65.26 19.93
CA CYS D 293 -27.28 65.83 20.47
C CYS D 293 -27.03 66.77 21.64
N ASP D 294 -25.83 66.76 22.23
CA ASP D 294 -25.51 67.65 23.33
C ASP D 294 -24.88 68.96 22.88
N LEU D 295 -24.22 68.98 21.71
CA LEU D 295 -23.67 70.22 21.15
C LEU D 295 -24.59 70.80 20.09
N GLY D 296 -25.90 70.68 20.26
CA GLY D 296 -26.84 71.35 19.39
C GLY D 296 -27.15 70.67 18.07
N GLY D 297 -26.92 69.37 17.97
CA GLY D 297 -27.23 68.68 16.74
C GLY D 297 -28.44 67.78 16.82
N VAL D 298 -29.32 68.05 17.79
CA VAL D 298 -30.45 67.16 18.04
C VAL D 298 -31.49 67.27 16.93
N ASN D 299 -31.58 68.42 16.28
CA ASN D 299 -32.56 68.62 15.23
C ASN D 299 -32.00 68.35 13.84
N GLU D 300 -30.72 68.01 13.72
CA GLU D 300 -30.17 67.59 12.43
C GLU D 300 -29.20 66.42 12.59
N LEU D 301 -29.38 65.60 13.62
CA LEU D 301 -28.75 64.27 13.61
C LEU D 301 -29.61 63.39 12.72
N ALA D 302 -29.01 62.86 11.66
CA ALA D 302 -29.80 62.19 10.63
C ALA D 302 -30.25 60.81 11.06
N ASN D 303 -29.29 59.93 11.35
CA ASN D 303 -29.60 58.56 11.72
C ASN D 303 -28.52 58.04 12.65
N TYR D 304 -28.92 57.18 13.58
CA TYR D 304 -28.00 56.56 14.51
C TYR D 304 -28.05 55.05 14.30
N GLY D 305 -26.89 54.42 14.41
CA GLY D 305 -26.83 53.00 14.18
C GLY D 305 -25.49 52.44 14.58
N GLU D 306 -25.33 51.15 14.29
CA GLU D 306 -24.14 50.39 14.64
C GLU D 306 -23.81 49.45 13.48
N TYR D 307 -22.53 49.18 13.32
CA TYR D 307 -22.07 48.10 12.46
C TYR D 307 -20.96 47.37 13.20
N SER D 308 -21.24 46.14 13.61
CA SER D 308 -20.30 45.34 14.38
C SER D 308 -20.42 43.90 13.90
N GLY D 309 -19.80 42.98 14.64
CA GLY D 309 -19.76 41.60 14.21
C GLY D 309 -18.82 41.33 13.07
N ALA D 310 -17.85 42.23 12.81
CA ALA D 310 -16.81 42.16 11.79
C ALA D 310 -17.39 41.92 10.40
N PRO D 311 -18.00 42.93 9.79
CA PRO D 311 -18.75 42.69 8.56
C PRO D 311 -17.85 42.47 7.36
N SER D 312 -18.34 41.65 6.43
CA SER D 312 -17.66 41.38 5.18
C SER D 312 -17.71 42.60 4.27
N GLU D 313 -16.90 42.55 3.21
CA GLU D 313 -16.70 43.70 2.33
C GLU D 313 -17.97 44.07 1.58
N GLN D 314 -18.69 43.08 1.05
CA GLN D 314 -19.96 43.35 0.38
C GLN D 314 -21.00 43.85 1.39
N GLN D 315 -20.94 43.37 2.62
CA GLN D 315 -21.90 43.77 3.66
C GLN D 315 -21.68 45.22 4.06
N THR D 316 -20.43 45.62 4.33
CA THR D 316 -20.18 47.02 4.66
C THR D 316 -20.32 47.90 3.44
N TYR D 317 -20.12 47.35 2.23
CA TYR D 317 -20.34 48.13 1.01
C TYR D 317 -21.81 48.46 0.84
N ASP D 318 -22.68 47.50 1.11
CA ASP D 318 -24.12 47.76 1.02
C ASP D 318 -24.61 48.65 2.15
N TYR D 319 -24.05 48.51 3.36
CA TYR D 319 -24.41 49.42 4.45
C TYR D 319 -23.99 50.86 4.14
N ALA D 320 -22.78 51.04 3.62
CA ALA D 320 -22.31 52.38 3.29
C ALA D 320 -23.06 52.95 2.11
N LYS D 321 -23.46 52.13 1.14
CA LYS D 321 -24.24 52.62 0.01
C LYS D 321 -25.66 52.97 0.44
N THR D 322 -26.22 52.23 1.41
CA THR D 322 -27.52 52.58 1.96
C THR D 322 -27.46 53.90 2.73
N ILE D 323 -26.37 54.13 3.45
CA ILE D 323 -26.28 55.39 4.19
C ILE D 323 -25.81 56.56 3.34
N LEU D 324 -25.18 56.32 2.18
CA LEU D 324 -24.80 57.45 1.33
C LEU D 324 -25.86 57.78 0.29
N SER D 325 -26.71 56.82 -0.09
CA SER D 325 -27.80 57.12 -1.00
C SER D 325 -28.82 58.05 -0.34
N LEU D 326 -28.96 57.95 0.98
CA LEU D 326 -29.99 58.68 1.70
C LEU D 326 -29.56 60.09 2.08
N MET D 327 -28.27 60.41 2.00
CA MET D 327 -27.82 61.79 2.15
C MET D 327 -27.65 62.50 0.81
N THR D 328 -28.13 61.89 -0.28
CA THR D 328 -28.12 62.51 -1.59
C THR D 328 -29.53 62.69 -2.15
N ARG D 329 -30.56 62.50 -1.31
CA ARG D 329 -31.94 62.61 -1.78
C ARG D 329 -32.41 64.06 -1.72
N GLU D 330 -32.28 64.69 -0.56
CA GLU D 330 -32.75 66.04 -0.34
C GLU D 330 -31.54 66.94 -0.12
N LYS D 331 -31.46 68.02 -0.88
CA LYS D 331 -30.24 68.80 -0.99
C LYS D 331 -30.01 69.69 0.23
N HIS D 332 -28.75 70.07 0.43
CA HIS D 332 -28.36 70.96 1.51
C HIS D 332 -27.42 72.03 0.95
N PRO D 333 -27.78 73.31 1.03
CA PRO D 333 -26.85 74.35 0.55
C PRO D 333 -25.72 74.64 1.50
N ASP D 334 -25.82 74.25 2.77
CA ASP D 334 -24.76 74.46 3.74
C ASP D 334 -23.82 73.25 3.84
N GLY D 335 -24.24 72.09 3.38
CA GLY D 335 -23.40 70.90 3.36
C GLY D 335 -23.84 69.85 4.36
N LYS D 336 -23.14 68.72 4.31
CA LYS D 336 -23.47 67.56 5.13
C LYS D 336 -22.19 66.91 5.64
N ILE D 337 -22.30 66.26 6.80
CA ILE D 337 -21.17 65.67 7.51
C ILE D 337 -21.36 64.17 7.55
N LEU D 338 -20.32 63.42 7.20
CA LEU D 338 -20.30 61.96 7.34
C LEU D 338 -19.19 61.57 8.32
N ILE D 339 -19.58 60.98 9.44
CA ILE D 339 -18.64 60.58 10.50
C ILE D 339 -18.52 59.07 10.49
N ILE D 340 -17.36 58.57 10.08
CA ILE D 340 -17.03 57.16 10.19
C ILE D 340 -16.11 57.03 11.40
N GLY D 341 -16.71 56.84 12.57
CA GLY D 341 -15.98 56.81 13.81
C GLY D 341 -15.75 55.41 14.30
N GLY D 342 -15.54 55.30 15.60
CA GLY D 342 -15.50 54.00 16.24
C GLY D 342 -14.54 54.00 17.42
N SER D 343 -14.78 53.04 18.31
CA SER D 343 -13.78 52.68 19.31
C SER D 343 -12.66 51.90 18.65
N ILE D 344 -11.59 51.66 19.41
CA ILE D 344 -10.48 50.90 18.86
C ILE D 344 -10.88 49.44 18.71
N ALA D 345 -10.55 48.85 17.57
CA ALA D 345 -10.99 47.50 17.26
C ALA D 345 -10.21 46.48 18.08
N ASN D 346 -10.93 45.47 18.57
CA ASN D 346 -10.28 44.39 19.31
C ASN D 346 -9.41 43.56 18.38
N PHE D 347 -10.01 42.93 17.39
CA PHE D 347 -9.33 41.97 16.53
C PHE D 347 -9.52 42.21 15.05
N THR D 348 -10.56 42.94 14.66
CA THR D 348 -10.83 43.18 13.24
C THR D 348 -9.75 44.06 12.64
N ASN D 349 -9.17 43.60 11.54
CA ASN D 349 -8.23 44.42 10.78
C ASN D 349 -8.94 45.66 10.25
N VAL D 350 -8.35 46.82 10.53
CA VAL D 350 -8.99 48.09 10.19
C VAL D 350 -8.95 48.32 8.69
N ALA D 351 -7.84 47.98 8.05
CA ALA D 351 -7.62 48.30 6.64
C ALA D 351 -8.53 47.54 5.70
N ALA D 352 -9.07 46.39 6.11
CA ALA D 352 -9.99 45.66 5.25
C ALA D 352 -11.35 46.33 5.19
N THR D 353 -11.91 46.67 6.35
CA THR D 353 -13.16 47.42 6.40
C THR D 353 -12.99 48.80 5.77
N PHE D 354 -11.82 49.41 5.92
CA PHE D 354 -11.59 50.68 5.28
C PHE D 354 -11.39 50.57 3.77
N LYS D 355 -10.91 49.42 3.27
CA LYS D 355 -10.96 49.17 1.84
C LYS D 355 -12.39 49.06 1.36
N GLY D 356 -13.26 48.48 2.19
CA GLY D 356 -14.70 48.48 1.90
C GLY D 356 -15.29 49.89 1.79
N ILE D 357 -14.91 50.77 2.73
CA ILE D 357 -15.41 52.15 2.68
C ILE D 357 -14.80 52.92 1.52
N VAL D 358 -13.55 52.61 1.15
CA VAL D 358 -12.92 53.23 -0.03
C VAL D 358 -13.67 52.86 -1.31
N ARG D 359 -14.00 51.57 -1.47
CA ARG D 359 -14.80 51.13 -2.61
C ARG D 359 -16.17 51.79 -2.63
N ALA D 360 -16.84 51.83 -1.47
CA ALA D 360 -18.19 52.37 -1.39
C ALA D 360 -18.23 53.87 -1.64
N ILE D 361 -17.19 54.59 -1.23
CA ILE D 361 -17.13 56.03 -1.51
C ILE D 361 -16.78 56.27 -2.98
N ARG D 362 -15.84 55.49 -3.53
CA ARG D 362 -15.39 55.71 -4.91
C ARG D 362 -16.47 55.39 -5.93
N ASP D 363 -17.34 54.42 -5.65
CA ASP D 363 -18.28 53.98 -6.68
C ASP D 363 -19.39 55.01 -6.94
N TYR D 364 -19.77 55.79 -5.93
CA TYR D 364 -20.79 56.81 -6.08
C TYR D 364 -20.30 58.19 -5.66
N GLN D 365 -19.04 58.52 -5.98
CA GLN D 365 -18.42 59.75 -5.47
C GLN D 365 -19.01 61.02 -6.07
N GLY D 366 -19.65 60.93 -7.23
CA GLY D 366 -20.24 62.06 -7.92
C GLY D 366 -21.29 62.84 -7.15
N PRO D 367 -22.39 62.19 -6.75
CA PRO D 367 -23.39 62.88 -5.91
C PRO D 367 -22.85 63.30 -4.55
N LEU D 368 -21.82 62.64 -4.04
CA LEU D 368 -21.22 63.06 -2.77
C LEU D 368 -20.45 64.37 -2.93
N LYS D 369 -19.59 64.48 -3.95
CA LYS D 369 -18.88 65.73 -4.16
C LYS D 369 -19.80 66.83 -4.70
N GLU D 370 -20.96 66.46 -5.25
CA GLU D 370 -21.93 67.47 -5.64
C GLU D 370 -22.72 67.98 -4.44
N HIS D 371 -23.10 67.09 -3.52
CA HIS D 371 -23.91 67.45 -2.36
C HIS D 371 -23.11 68.10 -1.23
N GLU D 372 -21.79 68.26 -1.39
CA GLU D 372 -20.88 68.91 -0.44
C GLU D 372 -20.94 68.20 0.91
N VAL D 373 -20.40 66.98 0.91
CA VAL D 373 -20.24 66.20 2.14
C VAL D 373 -18.78 66.24 2.55
N THR D 374 -18.55 66.44 3.84
CA THR D 374 -17.22 66.39 4.42
C THR D 374 -17.15 65.19 5.35
N ILE D 375 -16.12 64.37 5.17
CA ILE D 375 -16.01 63.07 5.82
C ILE D 375 -14.93 63.14 6.88
N PHE D 376 -15.30 62.78 8.11
CA PHE D 376 -14.37 62.69 9.22
C PHE D 376 -14.33 61.25 9.69
N VAL D 377 -13.15 60.64 9.63
CA VAL D 377 -12.96 59.24 9.96
C VAL D 377 -12.00 59.15 11.14
N ARG D 378 -12.37 58.37 12.15
CA ARG D 378 -11.48 58.13 13.28
C ARG D 378 -11.66 56.69 13.74
N ARG D 379 -10.55 55.95 13.79
CA ARG D 379 -10.60 54.53 14.11
C ARG D 379 -9.20 54.07 14.50
N GLY D 380 -9.14 53.14 15.46
CA GLY D 380 -7.91 52.48 15.81
C GLY D 380 -8.09 50.97 15.89
N GLY D 381 -6.97 50.29 16.12
CA GLY D 381 -6.99 48.85 16.27
C GLY D 381 -5.87 48.17 15.51
N PRO D 382 -6.09 46.91 15.13
CA PRO D 382 -5.08 46.17 14.37
C PRO D 382 -4.96 46.72 12.95
N ASN D 383 -3.77 47.24 12.64
CA ASN D 383 -3.41 47.82 11.34
C ASN D 383 -4.37 48.95 10.94
N TYR D 384 -4.36 50.01 11.75
CA TYR D 384 -5.20 51.16 11.49
C TYR D 384 -4.47 52.26 10.73
N GLN D 385 -3.14 52.30 10.80
CA GLN D 385 -2.39 53.33 10.08
C GLN D 385 -2.49 53.12 8.57
N GLU D 386 -2.50 51.87 8.13
CA GLU D 386 -2.72 51.57 6.72
C GLU D 386 -4.12 51.96 6.28
N GLY D 387 -5.10 51.81 7.18
CA GLY D 387 -6.46 52.22 6.84
C GLY D 387 -6.61 53.73 6.75
N LEU D 388 -5.96 54.46 7.65
CA LEU D 388 -5.95 55.91 7.54
C LEU D 388 -5.18 56.38 6.31
N ARG D 389 -4.14 55.63 5.93
CA ARG D 389 -3.40 55.94 4.72
C ARG D 389 -4.25 55.74 3.46
N VAL D 390 -5.03 54.66 3.42
CA VAL D 390 -5.85 54.45 2.22
C VAL D 390 -7.07 55.37 2.20
N MET D 391 -7.56 55.81 3.37
CA MET D 391 -8.62 56.80 3.36
C MET D 391 -8.09 58.19 2.95
N GLY D 392 -6.87 58.52 3.36
CA GLY D 392 -6.24 59.73 2.82
C GLY D 392 -5.95 59.64 1.34
N GLU D 393 -5.63 58.44 0.86
CA GLU D 393 -5.38 58.25 -0.57
C GLU D 393 -6.67 58.39 -1.37
N VAL D 394 -7.79 57.87 -0.86
CA VAL D 394 -9.04 58.04 -1.60
C VAL D 394 -9.54 59.48 -1.46
N GLY D 395 -9.12 60.19 -0.40
CA GLY D 395 -9.39 61.62 -0.34
C GLY D 395 -8.57 62.42 -1.34
N LYS D 396 -7.36 61.98 -1.63
CA LYS D 396 -6.53 62.66 -2.64
C LYS D 396 -6.87 62.26 -4.06
N THR D 397 -7.53 61.12 -4.27
CA THR D 397 -7.94 60.75 -5.61
C THR D 397 -9.34 61.22 -5.96
N THR D 398 -10.31 61.04 -5.06
CA THR D 398 -11.66 61.51 -5.34
C THR D 398 -11.86 62.99 -5.06
N GLY D 399 -10.88 63.67 -4.46
CA GLY D 399 -10.96 65.09 -4.21
C GLY D 399 -11.78 65.51 -3.01
N ILE D 400 -12.61 64.62 -2.46
CA ILE D 400 -13.44 64.96 -1.31
C ILE D 400 -12.55 65.09 -0.08
N PRO D 401 -12.75 66.11 0.78
CA PRO D 401 -11.98 66.18 2.02
C PRO D 401 -12.33 65.08 3.00
N ILE D 402 -11.43 64.13 3.18
CA ILE D 402 -11.60 63.04 4.13
C ILE D 402 -10.52 63.23 5.19
N HIS D 403 -10.93 63.73 6.36
CA HIS D 403 -10.01 64.00 7.44
C HIS D 403 -9.95 62.77 8.35
N VAL D 404 -8.79 62.15 8.44
CA VAL D 404 -8.61 60.91 9.19
C VAL D 404 -7.83 61.19 10.46
N PHE D 405 -8.17 60.47 11.52
CA PHE D 405 -7.57 60.64 12.82
C PHE D 405 -7.37 59.29 13.47
N GLY D 406 -6.35 59.19 14.33
CA GLY D 406 -5.99 57.96 14.96
C GLY D 406 -6.25 57.97 16.46
N THR D 407 -5.62 57.03 17.15
CA THR D 407 -5.81 56.87 18.59
C THR D 407 -5.09 57.94 19.41
N GLU D 408 -4.23 58.75 18.78
CA GLU D 408 -3.53 59.81 19.49
C GLU D 408 -4.48 60.91 19.92
N THR D 409 -5.56 61.12 19.17
CA THR D 409 -6.52 62.16 19.47
C THR D 409 -7.69 61.61 20.28
N HIS D 410 -8.51 62.52 20.79
CA HIS D 410 -9.79 62.12 21.36
C HIS D 410 -10.71 61.62 20.26
N MET D 411 -11.63 60.74 20.63
CA MET D 411 -12.51 60.10 19.65
C MET D 411 -13.52 61.08 19.09
N THR D 412 -14.39 61.62 19.94
CA THR D 412 -15.53 62.40 19.49
C THR D 412 -15.18 63.89 19.47
N ALA D 413 -13.89 64.21 19.46
CA ALA D 413 -13.46 65.57 19.16
C ALA D 413 -13.68 65.93 17.71
N ILE D 414 -13.80 64.92 16.83
CA ILE D 414 -13.91 65.14 15.39
C ILE D 414 -15.23 65.83 15.03
N VAL D 415 -16.28 65.62 15.82
CA VAL D 415 -17.52 66.34 15.56
C VAL D 415 -17.35 67.81 15.93
N GLY D 416 -16.47 68.12 16.88
CA GLY D 416 -16.07 69.50 17.09
C GLY D 416 -15.28 70.02 15.93
N MET D 417 -14.55 69.15 15.24
CA MET D 417 -13.91 69.50 13.99
C MET D 417 -14.91 69.50 12.84
N ALA D 418 -16.08 68.87 13.02
CA ALA D 418 -17.08 68.85 11.98
C ALA D 418 -18.08 69.98 12.10
N LEU D 419 -18.35 70.44 13.31
CA LEU D 419 -19.22 71.58 13.55
C LEU D 419 -18.47 72.90 13.58
N GLY D 420 -17.17 72.88 13.29
CA GLY D 420 -16.38 74.10 13.28
C GLY D 420 -16.05 74.65 14.64
N HIS D 421 -15.91 73.79 15.65
CA HIS D 421 -15.66 74.23 17.02
C HIS D 421 -14.21 74.14 17.44
N ARG D 422 -13.42 73.25 16.83
CA ARG D 422 -12.01 73.11 17.15
C ARG D 422 -11.25 72.88 15.86
N PRO D 423 -10.01 73.38 15.76
CA PRO D 423 -9.27 73.30 14.50
C PRO D 423 -8.81 71.88 14.18
N ILE D 424 -8.62 71.63 12.90
CA ILE D 424 -8.10 70.35 12.41
C ILE D 424 -6.57 70.45 12.37
N PRO D 425 -5.84 69.66 13.16
CA PRO D 425 -4.37 69.69 13.12
C PRO D 425 -3.80 69.11 11.82
N GLY D 487 -18.64 35.50 51.52
CA GLY D 487 -17.40 36.23 51.74
C GLY D 487 -16.54 36.32 50.50
N LYS D 488 -16.90 37.23 49.61
CA LYS D 488 -16.19 37.41 48.35
C LYS D 488 -14.84 38.05 48.59
N SER D 489 -13.92 37.81 47.66
CA SER D 489 -12.56 38.30 47.81
C SER D 489 -12.48 39.78 47.51
N THR D 490 -11.40 40.40 47.99
CA THR D 490 -11.12 41.81 47.72
C THR D 490 -9.96 42.02 46.76
N THR D 491 -9.12 41.02 46.55
CA THR D 491 -8.21 40.97 45.41
C THR D 491 -8.65 39.82 44.51
N LEU D 492 -8.42 39.97 43.22
CA LEU D 492 -8.90 38.98 42.27
C LEU D 492 -7.77 38.39 41.42
N PHE D 493 -6.92 39.24 40.88
CA PHE D 493 -5.88 38.82 39.97
C PHE D 493 -4.53 39.26 40.48
N SER D 494 -3.52 38.43 40.28
CA SER D 494 -2.17 38.74 40.70
C SER D 494 -1.21 38.17 39.68
N ARG D 495 0.08 38.20 40.01
CA ARG D 495 1.10 37.60 39.17
C ARG D 495 1.32 36.13 39.50
N HIS D 496 0.54 35.58 40.42
CA HIS D 496 0.48 34.15 40.66
C HIS D 496 -0.84 33.56 40.22
N THR D 497 -1.73 34.38 39.67
CA THR D 497 -3.06 33.93 39.27
C THR D 497 -2.97 33.07 38.02
N LYS D 498 -3.50 31.86 38.11
CA LYS D 498 -3.66 30.97 36.97
C LYS D 498 -5.13 30.81 36.65
N ALA D 499 -5.41 30.27 35.46
CA ALA D 499 -6.80 30.16 35.02
C ALA D 499 -7.01 28.83 34.31
N ILE D 500 -8.28 28.46 34.17
CA ILE D 500 -8.70 27.34 33.33
C ILE D 500 -9.68 27.91 32.31
N VAL D 501 -9.38 27.70 31.05
CA VAL D 501 -10.17 28.23 29.95
C VAL D 501 -11.14 27.15 29.51
N TRP D 502 -12.44 27.41 29.63
CA TRP D 502 -13.44 26.42 29.27
C TRP D 502 -13.84 26.63 27.82
N GLY D 503 -13.26 25.84 26.93
CA GLY D 503 -13.58 25.95 25.52
C GLY D 503 -12.32 25.99 24.68
N MET D 504 -12.42 25.60 23.43
CA MET D 504 -11.28 25.67 22.52
C MET D 504 -11.27 27.06 21.90
N GLN D 505 -10.66 28.00 22.61
CA GLN D 505 -10.65 29.39 22.22
C GLN D 505 -9.22 29.86 22.12
N THR D 506 -8.43 29.12 21.33
CA THR D 506 -6.99 29.28 21.19
C THR D 506 -6.53 30.69 20.84
N ARG D 507 -7.37 31.50 20.19
CA ARG D 507 -6.96 32.88 19.95
C ARG D 507 -6.97 33.69 21.23
N ALA D 508 -7.99 33.49 22.07
CA ALA D 508 -8.04 34.19 23.34
C ALA D 508 -6.95 33.74 24.29
N VAL D 509 -6.67 32.43 24.31
CA VAL D 509 -5.62 31.91 25.17
C VAL D 509 -4.25 32.38 24.69
N GLN D 510 -4.06 32.48 23.38
CA GLN D 510 -2.80 32.99 22.88
C GLN D 510 -2.64 34.47 23.17
N GLY D 511 -3.74 35.22 23.14
CA GLY D 511 -3.68 36.62 23.53
C GLY D 511 -3.34 36.80 24.99
N MET D 512 -3.91 35.95 25.85
CA MET D 512 -3.59 36.00 27.27
C MET D 512 -2.14 35.63 27.53
N LEU D 513 -1.61 34.61 26.84
CA LEU D 513 -0.22 34.23 27.04
C LEU D 513 0.74 35.29 26.50
N ASP D 514 0.38 35.97 25.41
CA ASP D 514 1.21 37.04 24.90
C ASP D 514 1.21 38.24 25.84
N PHE D 515 0.05 38.55 26.43
CA PHE D 515 -0.02 39.59 27.44
C PHE D 515 0.81 39.23 28.66
N ASP D 516 0.79 37.97 29.07
CA ASP D 516 1.58 37.60 30.23
C ASP D 516 3.06 37.52 29.94
N TYR D 517 3.44 37.37 28.67
CA TYR D 517 4.86 37.52 28.34
C TYR D 517 5.26 38.99 28.37
N VAL D 518 4.42 39.87 27.82
CA VAL D 518 4.81 41.27 27.69
C VAL D 518 4.74 41.99 29.04
N CYS D 519 4.05 41.43 30.03
CA CYS D 519 4.07 41.99 31.38
C CYS D 519 5.12 41.36 32.28
N SER D 520 6.10 40.67 31.69
CA SER D 520 7.26 40.08 32.38
C SER D 520 6.86 39.15 33.52
N ARG D 521 5.74 38.44 33.35
CA ARG D 521 5.41 37.38 34.28
C ARG D 521 6.34 36.21 34.07
N ASP D 522 6.47 35.39 35.10
CA ASP D 522 7.35 34.23 35.01
C ASP D 522 6.60 32.94 34.70
N GLU D 523 5.29 32.91 34.83
CA GLU D 523 4.50 31.72 34.64
C GLU D 523 3.27 32.06 33.80
N PRO D 524 2.89 31.19 32.86
CA PRO D 524 1.72 31.47 32.04
C PRO D 524 0.44 31.34 32.84
N SER D 525 -0.46 32.30 32.66
CA SER D 525 -1.66 32.37 33.50
C SER D 525 -2.77 31.45 33.02
N VAL D 526 -2.53 30.61 32.02
CA VAL D 526 -3.48 29.57 31.64
C VAL D 526 -2.83 28.24 31.98
N ALA D 527 -3.43 27.52 32.92
CA ALA D 527 -2.84 26.26 33.37
C ALA D 527 -3.37 25.09 32.55
N ALA D 528 -4.64 25.12 32.16
CA ALA D 528 -5.21 24.05 31.38
C ALA D 528 -6.41 24.59 30.62
N MET D 529 -6.81 23.86 29.60
CA MET D 529 -8.03 24.16 28.87
C MET D 529 -8.98 22.99 29.04
N VAL D 530 -10.28 23.26 28.91
CA VAL D 530 -11.29 22.23 29.06
C VAL D 530 -12.17 22.23 27.83
N TYR D 531 -12.18 21.13 27.11
CA TYR D 531 -13.05 21.02 25.96
C TYR D 531 -13.73 19.66 26.00
N PRO D 532 -15.03 19.61 26.27
CA PRO D 532 -15.69 18.31 26.50
C PRO D 532 -15.89 17.46 25.26
N PHE D 533 -15.55 17.94 24.07
CA PHE D 533 -15.82 17.21 22.84
C PHE D 533 -14.58 16.57 22.25
N THR D 534 -13.43 16.67 22.92
CA THR D 534 -12.23 16.01 22.46
C THR D 534 -11.52 15.39 23.65
N GLY D 535 -10.61 14.47 23.36
CA GLY D 535 -9.89 13.78 24.40
C GLY D 535 -8.82 14.64 25.04
N ASP D 536 -8.17 14.07 26.04
CA ASP D 536 -7.08 14.75 26.71
C ASP D 536 -5.86 14.77 25.81
N HIS D 537 -5.36 15.96 25.49
CA HIS D 537 -4.15 16.10 24.71
C HIS D 537 -3.45 17.36 25.16
N LYS D 538 -2.53 17.86 24.36
CA LYS D 538 -1.81 19.09 24.69
C LYS D 538 -1.80 20.03 23.48
N GLN D 539 -2.03 21.30 23.75
CA GLN D 539 -2.05 22.32 22.72
C GLN D 539 -0.71 23.05 22.72
N LYS D 540 -0.23 23.37 21.53
CA LYS D 540 1.09 23.94 21.34
C LYS D 540 0.96 25.45 21.28
N PHE D 541 1.37 26.14 22.35
CA PHE D 541 1.19 27.56 22.46
C PHE D 541 2.54 28.27 22.49
N TYR D 542 2.49 29.59 22.44
CA TYR D 542 3.66 30.44 22.34
C TYR D 542 3.86 31.23 23.63
N TRP D 543 5.04 31.10 24.21
CA TRP D 543 5.48 31.92 25.33
C TRP D 543 6.62 32.76 24.79
N GLY D 544 6.29 33.93 24.25
CA GLY D 544 7.28 34.79 23.64
C GLY D 544 7.85 34.19 22.37
N HIS D 545 9.13 33.81 22.44
CA HIS D 545 9.74 33.05 21.35
C HIS D 545 9.52 31.56 21.52
N LYS D 546 9.44 31.07 22.75
CA LYS D 546 9.45 29.65 23.01
C LYS D 546 8.09 29.04 22.72
N GLU D 547 8.08 27.73 22.52
CA GLU D 547 6.84 26.97 22.36
C GLU D 547 6.64 26.14 23.62
N ILE D 548 5.49 26.34 24.27
CA ILE D 548 5.12 25.56 25.43
C ILE D 548 3.91 24.71 25.08
N LEU D 549 3.54 23.83 25.99
CA LEU D 549 2.43 22.91 25.79
C LEU D 549 1.47 23.06 26.95
N ILE D 550 0.23 23.42 26.65
CA ILE D 550 -0.80 23.61 27.67
C ILE D 550 -1.79 22.46 27.55
N PRO D 551 -2.08 21.73 28.64
CA PRO D 551 -2.91 20.53 28.53
C PRO D 551 -4.38 20.86 28.33
N VAL D 552 -4.99 20.21 27.33
CA VAL D 552 -6.42 20.26 27.11
C VAL D 552 -7.01 18.99 27.69
N PHE D 553 -7.93 19.15 28.64
CA PHE D 553 -8.60 18.02 29.27
C PHE D 553 -9.97 17.83 28.66
N LYS D 554 -10.66 16.79 29.11
CA LYS D 554 -12.03 16.55 28.67
C LYS D 554 -13.05 16.88 29.75
N ASN D 555 -12.81 16.43 30.98
CA ASN D 555 -13.66 16.76 32.10
C ASN D 555 -13.08 17.95 32.85
N MET D 556 -13.92 18.62 33.62
CA MET D 556 -13.42 19.65 34.50
C MET D 556 -12.77 19.05 35.74
N ALA D 557 -13.12 17.82 36.09
CA ALA D 557 -12.65 17.20 37.33
C ALA D 557 -11.15 16.95 37.30
N ASP D 558 -10.67 16.27 36.26
CA ASP D 558 -9.23 16.05 36.17
C ASP D 558 -8.47 17.29 35.76
N ALA D 559 -9.15 18.33 35.27
CA ALA D 559 -8.51 19.63 35.14
C ALA D 559 -8.27 20.25 36.51
N MET D 560 -9.19 20.04 37.44
CA MET D 560 -8.99 20.52 38.80
C MET D 560 -7.98 19.66 39.56
N ARG D 561 -7.92 18.35 39.28
CA ARG D 561 -7.10 17.45 40.08
C ARG D 561 -5.62 17.64 39.78
N LYS D 562 -5.25 17.85 38.52
CA LYS D 562 -3.84 18.06 38.20
C LYS D 562 -3.36 19.44 38.60
N HIS D 563 -4.25 20.40 38.78
CA HIS D 563 -3.88 21.78 39.05
C HIS D 563 -4.59 22.30 40.29
N PRO D 564 -3.91 22.31 41.44
CA PRO D 564 -4.51 22.85 42.66
C PRO D 564 -4.39 24.36 42.82
N GLU D 565 -3.56 25.02 42.01
CA GLU D 565 -3.36 26.46 42.13
C GLU D 565 -4.34 27.28 41.31
N VAL D 566 -5.18 26.63 40.51
CA VAL D 566 -6.15 27.31 39.67
C VAL D 566 -7.27 27.89 40.54
N ASP D 567 -7.56 29.17 40.35
CA ASP D 567 -8.68 29.78 41.02
C ASP D 567 -9.63 30.55 40.10
N VAL D 568 -9.30 30.70 38.82
CA VAL D 568 -10.13 31.41 37.87
C VAL D 568 -10.58 30.43 36.79
N LEU D 569 -11.85 30.49 36.42
CA LEU D 569 -12.34 29.80 35.24
C LEU D 569 -12.98 30.81 34.32
N ILE D 570 -12.47 30.90 33.09
CA ILE D 570 -13.01 31.78 32.08
C ILE D 570 -13.92 30.94 31.20
N ASN D 571 -15.22 31.20 31.29
CA ASN D 571 -16.23 30.32 30.69
C ASN D 571 -16.56 30.85 29.31
N PHE D 572 -16.03 30.21 28.28
CA PHE D 572 -16.29 30.58 26.90
C PHE D 572 -17.42 29.78 26.28
N ALA D 573 -18.30 29.21 27.09
CA ALA D 573 -19.39 28.39 26.58
C ALA D 573 -20.43 29.25 25.88
N SER D 574 -21.39 28.60 25.25
CA SER D 574 -22.42 29.31 24.51
C SER D 574 -23.47 29.84 25.48
N LEU D 575 -24.56 30.37 24.95
CA LEU D 575 -25.61 30.84 25.83
C LEU D 575 -26.44 29.70 26.39
N ARG D 576 -26.44 28.54 25.74
CA ARG D 576 -27.21 27.40 26.19
C ARG D 576 -26.38 26.34 26.88
N SER D 577 -25.11 26.64 27.16
CA SER D 577 -24.29 25.71 27.94
C SER D 577 -23.42 26.44 28.96
N ALA D 578 -23.61 27.73 29.17
CA ALA D 578 -22.84 28.43 30.19
C ALA D 578 -23.36 28.14 31.58
N TYR D 579 -24.66 27.87 31.70
CA TYR D 579 -25.28 27.74 33.02
C TYR D 579 -24.81 26.47 33.72
N ASP D 580 -24.98 25.33 33.08
CA ASP D 580 -24.61 24.07 33.72
C ASP D 580 -23.11 23.91 33.86
N SER D 581 -22.32 24.51 32.97
CA SER D 581 -20.87 24.48 33.14
C SER D 581 -20.42 25.37 34.28
N THR D 582 -21.08 26.52 34.46
CA THR D 582 -20.75 27.40 35.58
C THR D 582 -21.17 26.78 36.91
N MET D 583 -22.35 26.17 36.96
CA MET D 583 -22.80 25.51 38.18
C MET D 583 -21.95 24.29 38.48
N GLU D 584 -21.44 23.61 37.45
CA GLU D 584 -20.49 22.53 37.65
C GLU D 584 -19.18 23.06 38.22
N THR D 585 -18.78 24.26 37.81
CA THR D 585 -17.51 24.82 38.29
C THR D 585 -17.59 25.22 39.75
N MET D 586 -18.72 25.80 40.17
CA MET D 586 -18.86 26.27 41.55
C MET D 586 -19.00 25.15 42.57
N ASN D 587 -19.04 23.89 42.15
CA ASN D 587 -18.88 22.76 43.05
C ASN D 587 -17.43 22.41 43.30
N TYR D 588 -16.49 23.19 42.77
CA TYR D 588 -15.07 23.05 43.06
C TYR D 588 -14.65 24.20 43.96
N ALA D 589 -13.89 23.89 45.01
CA ALA D 589 -13.66 24.86 46.06
C ALA D 589 -12.56 25.85 45.72
N GLN D 590 -11.61 25.47 44.86
CA GLN D 590 -10.48 26.33 44.57
C GLN D 590 -10.85 27.50 43.68
N ILE D 591 -11.91 27.37 42.89
CA ILE D 591 -12.31 28.42 41.97
C ILE D 591 -12.90 29.57 42.76
N ARG D 592 -12.26 30.73 42.69
CA ARG D 592 -12.69 31.89 43.44
C ARG D 592 -13.29 32.99 42.56
N THR D 593 -13.15 32.89 41.25
CA THR D 593 -13.85 33.81 40.35
C THR D 593 -14.11 33.13 39.01
N ILE D 594 -15.28 33.42 38.44
CA ILE D 594 -15.72 32.83 37.18
C ILE D 594 -16.09 33.95 36.24
N ALA D 595 -15.38 34.07 35.13
CA ALA D 595 -15.68 35.08 34.13
C ALA D 595 -16.51 34.42 33.04
N ILE D 596 -17.78 34.79 32.97
CA ILE D 596 -18.69 34.24 31.96
C ILE D 596 -18.68 35.17 30.76
N ILE D 597 -18.14 34.69 29.64
CA ILE D 597 -17.98 35.53 28.45
C ILE D 597 -19.22 35.48 27.56
N ALA D 598 -20.09 34.48 27.76
CA ALA D 598 -21.24 34.24 26.90
C ALA D 598 -22.23 35.39 26.92
N GLU D 599 -23.05 35.46 25.88
CA GLU D 599 -23.97 36.58 25.70
C GLU D 599 -25.31 36.02 25.26
N GLY D 600 -26.34 36.24 26.07
CA GLY D 600 -27.65 35.73 25.79
C GLY D 600 -28.16 34.70 26.75
N ILE D 601 -27.57 34.57 27.93
CA ILE D 601 -28.12 33.68 28.96
C ILE D 601 -29.44 34.26 29.45
N PRO D 602 -30.48 33.45 29.63
CA PRO D 602 -31.75 33.97 30.15
C PRO D 602 -31.61 34.48 31.57
N GLU D 603 -32.50 35.42 31.92
CA GLU D 603 -32.32 36.17 33.16
C GLU D 603 -32.61 35.31 34.39
N ALA D 604 -33.47 34.30 34.26
CA ALA D 604 -33.77 33.45 35.41
C ALA D 604 -32.60 32.55 35.76
N LEU D 605 -31.95 31.99 34.74
CA LEU D 605 -30.76 31.17 34.97
C LEU D 605 -29.61 32.01 35.48
N THR D 606 -29.53 33.27 35.04
CA THR D 606 -28.51 34.17 35.54
C THR D 606 -28.75 34.53 37.00
N ARG D 607 -30.03 34.68 37.39
CA ARG D 607 -30.32 34.94 38.79
C ARG D 607 -30.03 33.73 39.66
N LYS D 608 -30.25 32.53 39.13
CA LYS D 608 -29.84 31.32 39.84
C LYS D 608 -28.33 31.27 40.02
N LEU D 609 -27.59 31.71 38.99
CA LEU D 609 -26.13 31.79 39.08
C LEU D 609 -25.70 32.80 40.13
N ILE D 610 -26.37 33.95 40.19
CA ILE D 610 -26.06 34.97 41.19
C ILE D 610 -26.32 34.45 42.60
N LYS D 611 -27.45 33.73 42.77
CA LYS D 611 -27.81 33.18 44.07
C LYS D 611 -26.80 32.14 44.55
N LYS D 612 -26.44 31.20 43.67
CA LYS D 612 -25.48 30.18 44.09
C LYS D 612 -24.07 30.74 44.21
N ALA D 613 -23.75 31.82 43.49
CA ALA D 613 -22.44 32.43 43.67
C ALA D 613 -22.37 33.18 44.99
N ASP D 614 -23.46 33.80 45.41
CA ASP D 614 -23.47 34.44 46.73
C ASP D 614 -23.50 33.41 47.85
N GLN D 615 -24.06 32.23 47.59
CA GLN D 615 -23.99 31.16 48.59
C GLN D 615 -22.59 30.60 48.70
N LYS D 616 -21.91 30.39 47.57
CA LYS D 616 -20.55 29.86 47.60
C LYS D 616 -19.49 30.93 47.86
N GLY D 617 -19.84 32.20 47.72
CA GLY D 617 -18.87 33.28 47.86
C GLY D 617 -18.03 33.56 46.63
N VAL D 618 -18.29 32.88 45.52
CA VAL D 618 -17.53 33.09 44.30
C VAL D 618 -18.04 34.33 43.60
N THR D 619 -17.11 35.16 43.12
CA THR D 619 -17.46 36.39 42.44
C THR D 619 -17.48 36.17 40.93
N ILE D 620 -18.62 36.43 40.32
CA ILE D 620 -18.85 36.20 38.91
C ILE D 620 -18.70 37.53 38.18
N ILE D 621 -18.04 37.50 37.03
CA ILE D 621 -17.90 38.70 36.22
C ILE D 621 -19.19 38.79 35.41
N GLY D 622 -19.92 39.88 35.56
CA GLY D 622 -21.18 40.10 34.87
C GLY D 622 -21.23 39.74 33.40
N PRO D 623 -22.36 39.15 32.95
CA PRO D 623 -22.53 38.46 31.66
C PRO D 623 -22.36 39.36 30.42
N ALA D 624 -22.23 38.72 29.26
CA ALA D 624 -22.03 39.40 27.98
C ALA D 624 -20.89 40.39 28.09
N THR D 625 -19.86 39.99 28.82
CA THR D 625 -18.67 40.79 29.04
C THR D 625 -17.64 40.49 27.97
N VAL D 626 -16.65 41.37 27.87
CA VAL D 626 -15.43 41.08 27.14
C VAL D 626 -14.36 40.56 28.07
N GLY D 627 -14.55 40.71 29.37
CA GLY D 627 -13.57 40.37 30.38
C GLY D 627 -13.13 41.61 31.13
N GLY D 628 -12.12 41.42 31.97
CA GLY D 628 -11.55 42.55 32.67
C GLY D 628 -10.05 42.45 32.75
N ILE D 629 -9.34 43.52 32.41
CA ILE D 629 -7.90 43.49 32.33
C ILE D 629 -7.31 44.19 33.56
N LYS D 630 -6.39 43.50 34.23
CA LYS D 630 -5.58 44.10 35.28
C LYS D 630 -4.17 44.23 34.73
N PRO D 631 -3.75 45.43 34.32
CA PRO D 631 -2.43 45.58 33.69
C PRO D 631 -1.30 45.25 34.63
N GLY D 632 -0.30 44.54 34.09
CA GLY D 632 0.79 44.04 34.87
C GLY D 632 0.56 42.67 35.48
N CYS D 633 -0.69 42.26 35.66
CA CYS D 633 -0.98 41.00 36.35
C CYS D 633 -1.71 39.99 35.49
N PHE D 634 -2.86 40.33 34.90
CA PHE D 634 -3.76 39.30 34.37
C PHE D 634 -4.79 39.97 33.46
N LYS D 635 -5.19 39.23 32.42
CA LYS D 635 -6.13 39.72 31.44
C LYS D 635 -7.06 38.59 31.07
N ILE D 636 -8.36 38.88 30.98
CA ILE D 636 -9.37 37.85 30.82
C ILE D 636 -9.73 37.77 29.33
N GLY D 637 -9.09 36.84 28.64
CA GLY D 637 -9.47 36.50 27.28
C GLY D 637 -9.26 37.57 26.24
N ASN D 638 -10.35 38.10 25.70
CA ASN D 638 -10.31 38.99 24.56
C ASN D 638 -10.31 40.45 24.94
N THR D 639 -10.11 40.79 26.21
CA THR D 639 -10.14 42.19 26.60
C THR D 639 -8.85 42.88 26.19
N GLY D 640 -8.96 44.16 25.89
CA GLY D 640 -7.84 44.88 25.32
C GLY D 640 -7.75 44.72 23.82
N GLY D 641 -7.67 43.48 23.35
CA GLY D 641 -7.60 43.20 21.92
C GLY D 641 -6.29 42.50 21.57
N MET D 642 -5.73 42.88 20.43
CA MET D 642 -4.42 42.39 20.03
C MET D 642 -3.34 43.08 20.86
N LEU D 643 -2.09 42.68 20.66
CA LEU D 643 -1.00 43.34 21.36
C LEU D 643 -0.70 44.73 20.84
N ASP D 644 -1.22 45.09 19.67
CA ASP D 644 -1.15 46.48 19.21
C ASP D 644 -1.90 47.39 20.18
N ASN D 645 -3.11 46.99 20.58
CA ASN D 645 -3.87 47.79 21.52
C ASN D 645 -3.33 47.72 22.94
N ILE D 646 -2.65 46.64 23.28
CA ILE D 646 -2.09 46.54 24.63
C ILE D 646 -0.85 47.40 24.75
N LEU D 647 -0.01 47.42 23.72
CA LEU D 647 1.17 48.27 23.78
C LEU D 647 0.84 49.73 23.52
N ALA D 648 -0.17 50.01 22.68
CA ALA D 648 -0.53 51.38 22.37
C ALA D 648 -1.31 52.04 23.49
N SER D 649 -1.92 51.27 24.39
CA SER D 649 -2.58 51.81 25.56
C SER D 649 -1.77 51.55 26.83
N LYS D 650 -0.54 51.07 26.69
CA LYS D 650 0.46 50.98 27.76
C LYS D 650 -0.02 50.14 28.94
N LEU D 651 -0.72 49.05 28.64
CA LEU D 651 -1.24 48.16 29.67
C LEU D 651 -0.25 47.09 30.08
N TYR D 652 1.03 47.27 29.77
CA TYR D 652 2.05 46.29 30.13
C TYR D 652 2.70 46.59 31.47
N ARG D 653 2.37 47.72 32.10
CA ARG D 653 2.90 48.09 33.39
C ARG D 653 1.76 48.66 34.22
N PRO D 654 1.77 48.45 35.54
CA PRO D 654 0.64 48.87 36.36
C PRO D 654 0.62 50.37 36.55
N GLY D 655 -0.60 50.92 36.61
CA GLY D 655 -0.76 52.33 36.84
C GLY D 655 -1.34 52.64 38.21
N SER D 656 -2.23 53.64 38.27
CA SER D 656 -2.86 54.01 39.51
C SER D 656 -4.33 54.36 39.37
N VAL D 657 -4.91 54.21 38.18
CA VAL D 657 -6.30 54.56 37.93
C VAL D 657 -7.08 53.28 37.66
N ALA D 658 -8.17 53.07 38.38
CA ALA D 658 -9.03 51.95 38.07
C ALA D 658 -10.26 52.45 37.34
N TYR D 659 -10.97 51.53 36.68
CA TYR D 659 -12.21 51.91 36.04
C TYR D 659 -13.16 50.72 36.01
N VAL D 660 -14.44 51.04 35.83
CA VAL D 660 -15.52 50.06 35.72
C VAL D 660 -16.51 50.59 34.69
N SER D 661 -16.80 49.80 33.66
CA SER D 661 -17.83 50.13 32.68
C SER D 661 -18.73 48.92 32.49
N ARG D 662 -19.77 49.09 31.67
CA ARG D 662 -20.65 47.97 31.34
C ARG D 662 -20.23 47.29 30.03
N SER D 663 -20.21 48.05 28.94
CA SER D 663 -19.94 47.50 27.63
C SER D 663 -18.47 47.13 27.49
N GLY D 664 -18.16 46.40 26.42
CA GLY D 664 -16.80 46.01 26.16
C GLY D 664 -16.09 46.97 25.24
N GLY D 665 -16.84 47.58 24.32
CA GLY D 665 -16.24 48.52 23.39
C GLY D 665 -15.80 49.82 24.04
N MET D 666 -16.54 50.26 25.07
CA MET D 666 -16.15 51.47 25.78
C MET D 666 -15.04 51.22 26.77
N SER D 667 -14.82 49.97 27.17
CA SER D 667 -13.68 49.65 28.02
C SER D 667 -12.37 49.86 27.30
N ASN D 668 -12.34 49.56 26.00
CA ASN D 668 -11.15 49.82 25.20
C ASN D 668 -10.87 51.32 25.09
N GLU D 669 -11.93 52.12 24.93
CA GLU D 669 -11.75 53.56 24.85
C GLU D 669 -11.35 54.14 26.19
N LEU D 670 -11.83 53.57 27.29
CA LEU D 670 -11.39 54.02 28.60
C LEU D 670 -9.93 53.66 28.82
N ASN D 671 -9.48 52.51 28.31
CA ASN D 671 -8.06 52.16 28.34
C ASN D 671 -7.24 53.18 27.58
N ASN D 672 -7.72 53.60 26.41
CA ASN D 672 -7.04 54.60 25.60
C ASN D 672 -6.95 55.94 26.30
N ILE D 673 -8.06 56.37 26.92
CA ILE D 673 -8.14 57.69 27.54
C ILE D 673 -7.26 57.74 28.78
N ILE D 674 -7.37 56.75 29.66
CA ILE D 674 -6.55 56.68 30.86
C ILE D 674 -5.07 56.48 30.52
N SER D 675 -4.79 55.85 29.38
CA SER D 675 -3.40 55.75 28.91
C SER D 675 -2.85 57.11 28.54
N ARG D 676 -3.56 57.85 27.70
CA ARG D 676 -3.00 59.10 27.20
C ARG D 676 -3.07 60.24 28.20
N THR D 677 -3.89 60.13 29.25
CA THR D 677 -4.04 61.24 30.19
C THR D 677 -3.31 61.02 31.50
N THR D 678 -3.34 59.82 32.06
CA THR D 678 -2.86 59.59 33.42
C THR D 678 -1.65 58.66 33.41
N ASP D 679 -1.29 58.19 34.61
CA ASP D 679 -0.23 57.20 34.77
C ASP D 679 -0.59 55.90 34.05
N GLY D 680 -1.83 55.46 34.17
CA GLY D 680 -2.25 54.23 33.53
C GLY D 680 -3.20 53.41 34.37
N VAL D 681 -3.77 52.36 33.80
CA VAL D 681 -4.76 51.56 34.50
C VAL D 681 -4.07 50.61 35.47
N TYR D 682 -4.60 50.54 36.68
CA TYR D 682 -4.24 49.51 37.65
C TYR D 682 -5.07 48.26 37.44
N GLU D 683 -6.38 48.41 37.22
CA GLU D 683 -7.29 47.31 37.03
C GLU D 683 -8.55 47.85 36.39
N GLY D 684 -9.06 47.16 35.39
CA GLY D 684 -10.28 47.61 34.75
C GLY D 684 -11.20 46.46 34.41
N VAL D 685 -12.43 46.53 34.90
CA VAL D 685 -13.37 45.41 34.81
C VAL D 685 -14.63 45.88 34.10
N ALA D 686 -14.98 45.20 33.03
CA ALA D 686 -16.25 45.41 32.34
C ALA D 686 -17.24 44.36 32.86
N ILE D 687 -18.30 44.83 33.54
CA ILE D 687 -19.23 43.93 34.20
C ILE D 687 -20.15 43.22 33.21
N GLY D 688 -20.22 43.68 31.97
CA GLY D 688 -21.05 43.02 30.99
C GLY D 688 -22.43 43.62 30.88
N GLY D 689 -22.92 43.75 29.66
CA GLY D 689 -24.16 44.46 29.41
C GLY D 689 -25.44 43.67 29.58
N ASP D 690 -25.43 42.66 30.44
CA ASP D 690 -26.66 41.98 30.77
C ASP D 690 -27.46 42.83 31.76
N ARG D 691 -28.72 42.44 31.98
CA ARG D 691 -29.53 43.20 32.92
C ARG D 691 -29.26 42.81 34.37
N TYR D 692 -28.93 41.55 34.62
CA TYR D 692 -28.56 41.07 35.95
C TYR D 692 -27.12 40.59 35.91
N PRO D 693 -26.15 41.49 36.07
CA PRO D 693 -24.75 41.06 36.01
C PRO D 693 -24.35 40.32 37.27
N GLY D 694 -23.32 39.48 37.13
CA GLY D 694 -22.83 38.71 38.26
C GLY D 694 -22.11 39.54 39.29
N SER D 695 -21.67 40.74 38.93
CA SER D 695 -21.14 41.69 39.88
C SER D 695 -21.55 43.09 39.43
N THR D 696 -22.17 43.85 40.33
CA THR D 696 -22.70 45.15 39.99
C THR D 696 -21.59 46.21 40.07
N PHE D 697 -21.96 47.48 39.94
CA PHE D 697 -21.00 48.56 40.05
C PHE D 697 -20.42 48.65 41.45
N MET D 698 -21.29 48.61 42.46
CA MET D 698 -20.86 48.86 43.83
C MET D 698 -19.99 47.73 44.36
N ASP D 699 -20.20 46.50 43.88
CA ASP D 699 -19.35 45.39 44.29
C ASP D 699 -17.95 45.48 43.73
N HIS D 700 -17.71 46.33 42.73
CA HIS D 700 -16.37 46.58 42.20
C HIS D 700 -15.77 47.87 42.69
N VAL D 701 -16.57 48.92 42.90
CA VAL D 701 -16.05 50.13 43.48
C VAL D 701 -15.70 49.91 44.95
N LEU D 702 -16.44 49.06 45.65
CA LEU D 702 -16.05 48.67 46.99
C LEU D 702 -14.80 47.79 46.98
N ARG D 703 -14.60 47.01 45.91
CA ARG D 703 -13.40 46.21 45.81
C ARG D 703 -12.18 47.07 45.54
N TYR D 704 -12.35 48.15 44.80
CA TYR D 704 -11.26 49.08 44.58
C TYR D 704 -11.00 49.97 45.78
N GLN D 705 -12.03 50.23 46.59
CA GLN D 705 -11.89 51.13 47.73
C GLN D 705 -10.99 50.53 48.79
N ASP D 706 -11.13 49.25 49.09
CA ASP D 706 -10.26 48.57 50.03
C ASP D 706 -8.94 48.11 49.42
N THR D 707 -8.63 48.55 48.21
CA THR D 707 -7.37 48.21 47.56
C THR D 707 -6.36 49.31 47.80
N PRO D 708 -5.14 48.99 48.25
CA PRO D 708 -4.15 50.04 48.52
C PRO D 708 -3.57 50.67 47.27
N GLY D 709 -3.64 50.00 46.13
CA GLY D 709 -2.90 50.43 44.96
C GLY D 709 -3.49 51.59 44.20
N VAL D 710 -4.82 51.66 44.11
CA VAL D 710 -5.46 52.64 43.24
C VAL D 710 -5.39 54.02 43.88
N LYS D 711 -5.47 55.04 43.04
CA LYS D 711 -5.51 56.42 43.47
C LYS D 711 -6.75 57.15 43.02
N MET D 712 -7.45 56.66 42.00
CA MET D 712 -8.73 57.20 41.60
C MET D 712 -9.51 56.12 40.86
N ILE D 713 -10.83 56.33 40.78
CA ILE D 713 -11.73 55.38 40.15
C ILE D 713 -12.51 56.12 39.07
N VAL D 714 -12.64 55.50 37.89
CA VAL D 714 -13.47 55.98 36.80
C VAL D 714 -14.64 55.02 36.70
N VAL D 715 -15.86 55.54 36.64
CA VAL D 715 -17.05 54.72 36.51
C VAL D 715 -17.87 55.24 35.34
N LEU D 716 -18.05 54.42 34.32
CA LEU D 716 -18.83 54.78 33.15
C LEU D 716 -20.09 53.92 33.19
N GLY D 717 -21.20 54.54 33.61
CA GLY D 717 -22.47 53.86 33.70
C GLY D 717 -23.36 54.14 32.51
N GLU D 718 -24.51 53.47 32.49
CA GLU D 718 -25.43 53.50 31.37
C GLU D 718 -26.82 53.85 31.87
N ILE D 719 -27.64 54.39 30.97
CA ILE D 719 -29.06 54.63 31.26
C ILE D 719 -29.76 53.31 31.57
N GLY D 720 -30.50 53.29 32.67
CA GLY D 720 -31.12 52.08 33.14
C GLY D 720 -30.35 51.48 34.30
N GLY D 721 -31.06 50.95 35.30
CA GLY D 721 -30.43 50.40 36.48
C GLY D 721 -30.18 51.44 37.55
N THR D 722 -30.68 51.19 38.75
CA THR D 722 -30.53 52.11 39.87
C THR D 722 -29.26 51.86 40.68
N GLU D 723 -28.13 51.76 39.98
CA GLU D 723 -26.91 51.25 40.57
C GLU D 723 -25.95 52.34 41.04
N GLU D 724 -25.86 53.45 40.31
CA GLU D 724 -24.95 54.54 40.69
C GLU D 724 -25.46 55.31 41.91
N TYR D 725 -26.74 55.19 42.23
CA TYR D 725 -27.27 55.78 43.44
C TYR D 725 -26.65 55.16 44.68
N LYS D 726 -26.24 53.90 44.59
CA LYS D 726 -25.51 53.30 45.71
C LYS D 726 -24.10 53.85 45.83
N ILE D 727 -23.51 54.30 44.72
CA ILE D 727 -22.22 54.99 44.80
C ILE D 727 -22.40 56.36 45.46
N CYS D 728 -23.51 57.05 45.13
CA CYS D 728 -23.83 58.31 45.79
C CYS D 728 -24.08 58.13 47.28
N ARG D 729 -24.78 57.05 47.65
CA ARG D 729 -24.99 56.77 49.07
C ARG D 729 -23.70 56.34 49.75
N GLY D 730 -22.78 55.72 49.02
CA GLY D 730 -21.51 55.32 49.61
C GLY D 730 -20.62 56.51 49.91
N ILE D 731 -20.56 57.48 48.99
CA ILE D 731 -19.80 58.69 49.30
C ILE D 731 -20.55 59.58 50.28
N LYS D 732 -21.88 59.48 50.35
CA LYS D 732 -22.64 60.21 51.35
C LYS D 732 -22.37 59.68 52.75
N GLU D 733 -22.23 58.37 52.89
CA GLU D 733 -21.87 57.76 54.15
C GLU D 733 -20.37 57.73 54.38
N GLY D 734 -19.58 58.36 53.51
CA GLY D 734 -18.14 58.40 53.68
C GLY D 734 -17.44 57.09 53.44
N ARG D 735 -18.06 56.17 52.68
CA ARG D 735 -17.45 54.88 52.44
C ARG D 735 -16.36 54.95 51.36
N LEU D 736 -16.54 55.79 50.36
CA LEU D 736 -15.59 55.93 49.27
C LEU D 736 -14.87 57.28 49.43
N THR D 737 -13.57 57.22 49.72
CA THR D 737 -12.75 58.40 49.88
C THR D 737 -11.84 58.68 48.69
N LYS D 738 -11.53 57.67 47.88
CA LYS D 738 -10.76 57.89 46.68
C LYS D 738 -11.60 58.64 45.66
N PRO D 739 -10.99 59.50 44.83
CA PRO D 739 -11.77 60.34 43.90
C PRO D 739 -12.44 59.51 42.81
N ILE D 740 -13.75 59.59 42.77
CA ILE D 740 -14.54 58.99 41.71
C ILE D 740 -14.75 60.02 40.62
N VAL D 741 -14.60 59.60 39.38
CA VAL D 741 -15.02 60.36 38.21
C VAL D 741 -15.97 59.48 37.40
N CYS D 742 -17.21 59.89 37.31
CA CYS D 742 -18.23 59.08 36.67
C CYS D 742 -18.82 59.81 35.49
N TRP D 743 -19.48 59.03 34.63
CA TRP D 743 -20.26 59.57 33.54
C TRP D 743 -21.27 58.51 33.12
N CYS D 744 -22.52 58.93 32.95
CA CYS D 744 -23.57 58.03 32.52
C CYS D 744 -23.88 58.34 31.06
N ILE D 745 -23.58 57.38 30.19
CA ILE D 745 -23.88 57.50 28.77
C ILE D 745 -25.37 57.27 28.57
N GLY D 746 -25.88 57.61 27.39
CA GLY D 746 -27.27 57.36 27.09
C GLY D 746 -28.17 58.44 27.64
N THR D 747 -27.82 59.70 27.38
CA THR D 747 -28.66 60.81 27.83
C THR D 747 -30.01 60.80 27.13
N CYS D 748 -29.98 60.82 25.79
CA CYS D 748 -31.15 60.70 24.90
C CYS D 748 -32.16 61.82 25.21
N ALA D 749 -31.73 63.04 24.89
CA ALA D 749 -32.58 64.21 25.05
C ALA D 749 -33.32 64.46 23.74
N THR D 750 -34.16 63.49 23.39
CA THR D 750 -34.96 63.55 22.17
C THR D 750 -36.21 62.70 22.31
N GLN D 767 -37.82 53.98 32.91
CA GLN D 767 -38.36 54.97 33.83
C GLN D 767 -37.70 56.32 33.61
N ALA D 768 -38.47 57.40 33.78
CA ALA D 768 -37.95 58.74 33.56
C ALA D 768 -36.98 59.20 34.65
N SER D 769 -36.94 58.52 35.79
CA SER D 769 -35.98 58.85 36.84
C SER D 769 -34.66 58.11 36.68
N GLU D 770 -34.60 57.14 35.77
CA GLU D 770 -33.38 56.39 35.49
C GLU D 770 -32.65 56.89 34.26
N THR D 771 -33.00 58.07 33.77
CA THR D 771 -32.28 58.66 32.65
C THR D 771 -30.87 59.05 33.06
N ALA D 772 -30.00 59.22 32.06
CA ALA D 772 -28.59 59.43 32.35
C ALA D 772 -28.32 60.85 32.86
N VAL D 773 -29.14 61.82 32.49
CA VAL D 773 -28.92 63.20 32.92
C VAL D 773 -29.23 63.36 34.40
N ALA D 774 -30.31 62.70 34.86
CA ALA D 774 -30.65 62.74 36.28
C ALA D 774 -29.60 62.02 37.12
N LYS D 775 -29.04 60.93 36.59
CA LYS D 775 -27.99 60.22 37.31
C LYS D 775 -26.69 61.03 37.32
N ASN D 776 -26.38 61.70 36.21
CA ASN D 776 -25.23 62.59 36.15
C ASN D 776 -25.35 63.73 37.14
N GLN D 777 -26.55 64.30 37.28
CA GLN D 777 -26.77 65.38 38.23
C GLN D 777 -26.70 64.88 39.66
N ALA D 778 -27.33 63.73 39.95
CA ALA D 778 -27.32 63.20 41.31
C ALA D 778 -25.95 62.70 41.74
N LEU D 779 -25.07 62.37 40.80
CA LEU D 779 -23.69 62.09 41.18
C LEU D 779 -22.82 63.35 41.19
N LYS D 780 -23.16 64.36 40.39
CA LYS D 780 -22.37 65.58 40.38
C LYS D 780 -22.60 66.40 41.64
N GLU D 781 -23.80 66.35 42.21
CA GLU D 781 -24.07 67.11 43.43
C GLU D 781 -23.35 66.54 44.63
N ALA D 782 -22.98 65.27 44.61
CA ALA D 782 -22.49 64.57 45.79
C ALA D 782 -20.98 64.47 45.85
N GLY D 783 -20.27 64.93 44.83
CA GLY D 783 -18.82 64.95 44.91
C GLY D 783 -18.11 64.05 43.91
N VAL D 784 -18.78 63.74 42.81
CA VAL D 784 -18.17 62.99 41.71
C VAL D 784 -17.99 63.94 40.54
N PHE D 785 -16.78 63.94 39.97
CA PHE D 785 -16.48 64.85 38.88
C PHE D 785 -17.16 64.39 37.59
N VAL D 786 -18.39 64.84 37.37
CA VAL D 786 -19.15 64.48 36.18
C VAL D 786 -18.94 65.58 35.14
N PRO D 787 -18.52 65.25 33.92
CA PRO D 787 -18.20 66.28 32.94
C PRO D 787 -19.45 66.84 32.28
N ARG D 788 -19.23 67.74 31.33
CA ARG D 788 -20.32 68.20 30.48
C ARG D 788 -20.78 67.08 29.56
N SER D 789 -19.87 66.50 28.81
CA SER D 789 -20.16 65.35 27.96
C SER D 789 -18.92 64.49 27.87
N PHE D 790 -18.92 63.56 26.91
CA PHE D 790 -17.80 62.64 26.75
C PHE D 790 -16.54 63.31 26.21
N ASP D 791 -16.69 64.43 25.50
CA ASP D 791 -15.53 65.09 24.91
C ASP D 791 -14.65 65.74 25.98
N GLU D 792 -15.25 66.13 27.10
CA GLU D 792 -14.47 66.66 28.22
C GLU D 792 -14.10 65.60 29.23
N LEU D 793 -14.26 64.31 28.90
CA LEU D 793 -13.94 63.27 29.87
C LEU D 793 -12.43 63.16 30.07
N GLY D 794 -11.68 63.04 28.97
CA GLY D 794 -10.23 62.97 29.08
C GLY D 794 -9.62 64.21 29.69
N GLU D 795 -10.21 65.38 29.41
CA GLU D 795 -9.73 66.63 30.01
C GLU D 795 -9.95 66.64 31.52
N ILE D 796 -11.10 66.17 31.99
CA ILE D 796 -11.32 66.24 33.44
C ILE D 796 -10.56 65.14 34.17
N ILE D 797 -10.35 63.97 33.56
CA ILE D 797 -9.49 62.97 34.20
C ILE D 797 -8.05 63.46 34.20
N GLN D 798 -7.66 64.22 33.19
CA GLN D 798 -6.33 64.84 33.19
C GLN D 798 -6.21 65.87 34.31
N SER D 799 -7.28 66.64 34.57
CA SER D 799 -7.23 67.62 35.65
C SER D 799 -7.16 66.95 37.01
N VAL D 800 -7.96 65.90 37.24
CA VAL D 800 -7.89 65.16 38.50
C VAL D 800 -6.55 64.46 38.68
N TYR D 801 -5.93 64.02 37.59
CA TYR D 801 -4.60 63.42 37.72
C TYR D 801 -3.54 64.46 38.05
N GLU D 802 -3.62 65.65 37.42
CA GLU D 802 -2.68 66.71 37.76
C GLU D 802 -2.93 67.29 39.15
N ASP D 803 -4.14 67.14 39.70
CA ASP D 803 -4.36 67.54 41.08
C ASP D 803 -3.88 66.47 42.06
N LEU D 804 -4.01 65.20 41.69
CA LEU D 804 -3.58 64.13 42.58
C LEU D 804 -2.07 63.97 42.66
N VAL D 805 -1.32 64.52 41.72
CA VAL D 805 0.13 64.58 41.89
C VAL D 805 0.55 65.81 42.68
N ALA D 806 -0.30 66.84 42.75
CA ALA D 806 0.01 68.01 43.54
C ALA D 806 -0.04 67.72 45.03
N ASN D 807 -0.88 66.77 45.45
CA ASN D 807 -0.94 66.35 46.85
C ASN D 807 0.18 65.40 47.23
N GLY D 808 0.98 64.95 46.26
CA GLY D 808 2.14 64.14 46.56
C GLY D 808 1.85 62.70 46.93
N VAL D 809 0.72 62.15 46.51
CA VAL D 809 0.39 60.77 46.81
C VAL D 809 0.79 59.88 45.64
N ILE D 810 0.66 60.40 44.41
CA ILE D 810 1.03 59.65 43.22
C ILE D 810 2.52 59.85 42.96
N VAL D 811 3.27 58.77 43.00
CA VAL D 811 4.67 58.78 42.57
C VAL D 811 4.84 57.90 41.34
N PRO D 812 4.77 58.49 40.14
CA PRO D 812 4.81 57.68 38.91
C PRO D 812 6.18 57.04 38.70
N ALA D 813 6.16 55.71 38.54
CA ALA D 813 7.39 54.94 38.38
C ALA D 813 7.97 55.15 36.98
N GLN D 814 9.16 54.60 36.78
CA GLN D 814 9.89 54.81 35.53
C GLN D 814 9.36 53.91 34.42
N GLU D 815 9.41 54.43 33.21
CA GLU D 815 8.87 53.74 32.04
C GLU D 815 9.91 52.75 31.53
N VAL D 816 9.66 51.47 31.74
CA VAL D 816 10.59 50.41 31.36
C VAL D 816 10.15 49.91 29.98
N PRO D 817 11.07 49.43 29.13
CA PRO D 817 10.64 48.78 27.89
C PRO D 817 10.16 47.37 28.17
N PRO D 818 9.02 46.98 27.63
CA PRO D 818 8.52 45.63 27.84
C PRO D 818 9.23 44.65 26.93
N PRO D 819 9.24 43.36 27.26
CA PRO D 819 9.81 42.36 26.35
C PRO D 819 8.96 42.25 25.11
N THR D 820 9.54 42.58 23.96
CA THR D 820 8.79 42.59 22.71
C THR D 820 8.65 41.16 22.18
N VAL D 821 7.49 40.88 21.63
CA VAL D 821 7.25 39.57 21.02
C VAL D 821 7.51 39.69 19.52
N PRO D 822 7.92 38.62 18.87
CA PRO D 822 7.79 38.55 17.41
C PRO D 822 6.32 38.43 17.05
N MET D 823 5.97 38.87 15.84
CA MET D 823 4.55 39.20 15.69
C MET D 823 3.64 38.01 15.41
N ASP D 824 3.66 37.46 14.19
CA ASP D 824 2.90 36.28 13.75
C ASP D 824 3.24 36.06 12.30
N TYR D 825 3.19 34.82 11.83
CA TYR D 825 3.33 34.64 10.39
C TYR D 825 2.03 34.94 9.66
N SER D 826 0.90 34.55 10.26
CA SER D 826 -0.38 34.75 9.60
C SER D 826 -0.76 36.21 9.56
N TRP D 827 -0.35 37.00 10.55
CA TRP D 827 -0.69 38.41 10.55
C TRP D 827 0.19 39.19 9.58
N ALA D 828 1.48 38.90 9.54
CA ALA D 828 2.39 39.59 8.64
C ALA D 828 2.29 39.11 7.21
N ARG D 829 1.47 38.10 6.92
CA ARG D 829 1.14 37.78 5.55
C ARG D 829 -0.25 38.26 5.17
N GLU D 830 -1.14 38.44 6.14
CA GLU D 830 -2.47 38.96 5.84
C GLU D 830 -2.39 40.40 5.38
N LEU D 831 -1.60 41.22 6.07
CA LEU D 831 -1.26 42.53 5.57
C LEU D 831 -0.04 42.52 4.67
N GLY D 832 0.56 41.35 4.48
CA GLY D 832 1.51 41.10 3.41
C GLY D 832 2.80 41.89 3.45
N LEU D 833 3.62 41.63 4.46
CA LEU D 833 4.91 42.29 4.61
C LEU D 833 6.00 41.23 4.50
N ILE D 834 5.65 40.02 4.92
CA ILE D 834 6.56 38.88 4.83
C ILE D 834 6.37 38.26 3.45
N ARG D 835 7.32 37.44 3.03
CA ARG D 835 7.24 36.81 1.71
C ARG D 835 7.07 35.36 2.14
N LYS D 836 6.83 34.40 1.24
CA LYS D 836 7.22 33.00 1.45
C LYS D 836 7.13 32.27 0.13
N PRO D 837 8.15 31.52 -0.27
CA PRO D 837 8.04 30.72 -1.50
C PRO D 837 7.24 29.46 -1.24
N ALA D 838 6.17 29.29 -2.00
CA ALA D 838 5.27 28.16 -1.82
C ALA D 838 5.69 27.00 -2.70
N SER D 839 5.43 25.79 -2.21
CA SER D 839 5.65 24.56 -2.96
C SER D 839 4.31 24.07 -3.49
N PHE D 840 4.30 22.85 -4.05
CA PHE D 840 3.08 22.09 -4.36
C PHE D 840 2.18 22.74 -5.41
N MET D 841 2.70 22.90 -6.63
CA MET D 841 2.13 23.85 -7.60
C MET D 841 0.68 23.59 -8.03
N THR D 842 0.15 22.37 -7.92
CA THR D 842 -1.27 21.98 -8.08
C THR D 842 -2.17 22.61 -9.16
N SER D 843 -1.89 22.41 -10.43
CA SER D 843 -2.75 23.00 -11.46
C SER D 843 -4.10 22.28 -11.64
N ILE D 844 -4.84 22.10 -10.56
CA ILE D 844 -6.10 21.34 -10.51
C ILE D 844 -6.82 21.66 -9.19
N CYS D 845 -8.14 21.84 -9.24
CA CYS D 845 -9.04 21.77 -8.09
C CYS D 845 -8.73 22.81 -7.00
N ASP D 846 -9.07 24.05 -7.30
CA ASP D 846 -9.07 25.13 -6.30
C ASP D 846 -10.19 24.89 -5.30
N GLU D 847 -9.85 24.38 -4.12
CA GLU D 847 -10.88 24.06 -3.13
C GLU D 847 -11.33 25.25 -2.32
N ARG D 848 -10.50 26.28 -2.20
CA ARG D 848 -10.90 27.45 -1.45
C ARG D 848 -11.75 28.37 -2.32
N GLY D 849 -12.40 29.31 -1.68
CA GLY D 849 -13.34 30.16 -2.39
C GLY D 849 -14.76 29.67 -2.23
N GLN D 850 -15.65 30.30 -3.00
CA GLN D 850 -17.08 30.09 -2.82
C GLN D 850 -17.58 28.81 -3.47
N GLU D 851 -16.84 28.24 -4.41
CA GLU D 851 -17.25 27.02 -5.07
C GLU D 851 -16.08 26.06 -5.16
N LEU D 852 -16.38 24.78 -5.21
CA LEU D 852 -15.36 23.79 -5.54
C LEU D 852 -15.12 23.89 -7.03
N ILE D 853 -14.12 24.67 -7.40
CA ILE D 853 -13.76 24.81 -8.80
C ILE D 853 -12.85 23.65 -9.17
N TYR D 854 -13.22 22.92 -10.23
CA TYR D 854 -12.38 21.90 -10.85
C TYR D 854 -11.34 22.59 -11.73
N ALA D 855 -10.91 21.94 -12.82
CA ALA D 855 -9.90 22.48 -13.74
C ALA D 855 -9.99 23.97 -13.99
N GLY D 856 -11.10 24.44 -14.54
CA GLY D 856 -11.39 25.85 -14.47
C GLY D 856 -12.87 26.05 -14.30
N MET D 857 -13.58 24.93 -14.26
CA MET D 857 -15.02 24.93 -14.36
C MET D 857 -15.61 24.62 -13.00
N PRO D 858 -16.44 25.51 -12.42
CA PRO D 858 -16.97 25.26 -11.08
C PRO D 858 -17.94 24.10 -11.07
N ILE D 859 -18.23 23.61 -9.86
CA ILE D 859 -18.94 22.35 -9.73
C ILE D 859 -20.40 22.47 -10.17
N THR D 860 -21.00 23.65 -10.03
CA THR D 860 -22.35 23.83 -10.53
C THR D 860 -22.39 23.88 -12.04
N GLU D 861 -21.31 24.37 -12.66
CA GLU D 861 -21.23 24.32 -14.11
C GLU D 861 -20.91 22.91 -14.59
N VAL D 862 -20.20 22.13 -13.78
CA VAL D 862 -19.95 20.72 -14.10
C VAL D 862 -21.25 19.95 -14.12
N PHE D 863 -22.13 20.22 -13.15
CA PHE D 863 -23.41 19.53 -13.16
C PHE D 863 -24.42 20.13 -14.10
N LYS D 864 -24.25 21.39 -14.49
CA LYS D 864 -25.19 22.03 -15.41
C LYS D 864 -25.01 21.54 -16.84
N GLU D 865 -23.77 21.25 -17.25
CA GLU D 865 -23.47 20.81 -18.59
C GLU D 865 -23.61 19.30 -18.76
N GLU D 866 -24.09 18.60 -17.73
CA GLU D 866 -24.46 17.19 -17.74
C GLU D 866 -23.31 16.26 -18.09
N MET D 867 -22.06 16.68 -17.88
CA MET D 867 -20.94 15.79 -18.12
C MET D 867 -20.86 14.76 -16.99
N GLY D 868 -20.69 13.50 -17.36
CA GLY D 868 -20.67 12.41 -16.40
C GLY D 868 -19.35 12.32 -15.69
N ILE D 869 -18.93 11.10 -15.38
CA ILE D 869 -17.60 10.97 -14.80
C ILE D 869 -16.53 11.12 -15.86
N GLY D 870 -16.87 10.97 -17.15
CA GLY D 870 -15.89 11.21 -18.19
C GLY D 870 -15.52 12.67 -18.28
N GLY D 871 -16.49 13.56 -18.05
CA GLY D 871 -16.19 14.97 -18.05
C GLY D 871 -15.30 15.38 -16.90
N VAL D 872 -15.55 14.85 -15.70
CA VAL D 872 -14.68 15.20 -14.59
C VAL D 872 -13.35 14.47 -14.68
N LEU D 873 -13.25 13.35 -15.39
CA LEU D 873 -11.92 12.78 -15.65
C LEU D 873 -11.14 13.65 -16.62
N GLY D 874 -11.82 14.20 -17.61
CA GLY D 874 -11.15 15.14 -18.50
C GLY D 874 -10.73 16.40 -17.80
N LEU D 875 -11.52 16.86 -16.83
CA LEU D 875 -11.18 18.08 -16.10
C LEU D 875 -10.09 17.85 -15.07
N LEU D 876 -10.15 16.76 -14.31
CA LEU D 876 -9.13 16.56 -13.30
C LEU D 876 -7.83 16.08 -13.92
N TRP D 877 -7.90 15.10 -14.81
CA TRP D 877 -6.68 14.48 -15.31
C TRP D 877 -6.03 15.32 -16.38
N PHE D 878 -6.79 15.68 -17.41
CA PHE D 878 -6.27 16.35 -18.59
C PHE D 878 -6.47 17.85 -18.57
N GLN D 879 -7.35 18.36 -17.70
CA GLN D 879 -7.64 19.79 -17.51
C GLN D 879 -8.21 20.44 -18.74
N LYS D 880 -9.02 19.68 -19.49
CA LYS D 880 -9.65 20.15 -20.71
C LYS D 880 -11.08 19.65 -20.74
N ARG D 881 -12.02 20.53 -21.07
CA ARG D 881 -13.39 20.10 -21.25
C ARG D 881 -13.47 19.30 -22.55
N LEU D 882 -13.51 17.99 -22.42
CA LEU D 882 -13.50 17.08 -23.55
C LEU D 882 -14.85 17.08 -24.26
N PRO D 883 -14.87 16.83 -25.56
CA PRO D 883 -16.15 16.77 -26.29
C PRO D 883 -16.96 15.56 -25.86
N LYS D 884 -18.28 15.69 -26.03
CA LYS D 884 -19.23 14.77 -25.41
C LYS D 884 -19.20 13.36 -25.98
N TYR D 885 -18.52 13.12 -27.09
CA TYR D 885 -18.30 11.76 -27.54
C TYR D 885 -17.10 11.13 -26.88
N SER D 886 -16.22 11.93 -26.29
CA SER D 886 -15.03 11.40 -25.65
C SER D 886 -15.25 11.08 -24.18
N CYS D 887 -16.09 11.87 -23.49
CA CYS D 887 -16.47 11.54 -22.14
C CYS D 887 -17.21 10.22 -22.07
N GLN D 888 -18.07 9.96 -23.05
CA GLN D 888 -18.77 8.68 -23.08
C GLN D 888 -17.83 7.55 -23.43
N PHE D 889 -16.76 7.84 -24.17
CA PHE D 889 -15.78 6.79 -24.43
C PHE D 889 -14.96 6.47 -23.19
N ILE D 890 -14.67 7.48 -22.36
CA ILE D 890 -13.97 7.19 -21.12
C ILE D 890 -14.87 6.41 -20.16
N GLU D 891 -16.17 6.72 -20.16
CA GLU D 891 -17.09 5.90 -19.35
C GLU D 891 -17.21 4.47 -19.89
N MET D 892 -17.14 4.29 -21.21
CA MET D 892 -17.16 2.94 -21.77
C MET D 892 -15.91 2.16 -21.40
N CYS D 893 -14.76 2.79 -21.52
CA CYS D 893 -13.51 2.11 -21.22
C CYS D 893 -13.25 2.01 -19.72
N LEU D 894 -14.06 2.64 -18.88
CA LEU D 894 -14.08 2.30 -17.47
C LEU D 894 -15.14 1.28 -17.13
N MET D 895 -16.10 1.04 -18.01
CA MET D 895 -17.04 -0.05 -17.80
C MET D 895 -16.51 -1.38 -18.30
N VAL D 896 -15.57 -1.42 -19.24
CA VAL D 896 -15.03 -2.70 -19.67
C VAL D 896 -13.79 -3.10 -18.87
N THR D 897 -13.01 -2.13 -18.36
CA THR D 897 -11.87 -2.45 -17.52
C THR D 897 -12.23 -2.51 -16.06
N ALA D 898 -13.50 -2.82 -15.75
CA ALA D 898 -13.93 -3.18 -14.42
C ALA D 898 -13.58 -4.64 -14.18
N ASP D 899 -14.26 -5.30 -13.26
CA ASP D 899 -13.96 -6.67 -12.89
C ASP D 899 -13.88 -7.62 -14.08
N HIS D 900 -12.84 -8.45 -14.07
CA HIS D 900 -12.62 -9.54 -15.02
C HIS D 900 -12.35 -10.82 -14.25
N GLY D 901 -13.22 -11.12 -13.30
CA GLY D 901 -13.14 -12.36 -12.60
C GLY D 901 -12.11 -12.34 -11.49
N PRO D 902 -12.28 -13.23 -10.52
CA PRO D 902 -11.42 -13.26 -9.34
C PRO D 902 -10.14 -14.06 -9.49
N ALA D 903 -9.96 -14.75 -10.60
CA ALA D 903 -8.80 -15.60 -10.74
C ALA D 903 -7.55 -14.78 -11.02
N VAL D 904 -7.72 -13.60 -11.60
CA VAL D 904 -6.61 -12.76 -12.00
C VAL D 904 -5.87 -12.26 -10.76
N SER D 905 -4.64 -11.79 -10.96
CA SER D 905 -3.68 -11.70 -9.88
C SER D 905 -4.04 -10.61 -8.85
N GLY D 906 -4.47 -9.44 -9.31
CA GLY D 906 -4.80 -8.38 -8.39
C GLY D 906 -6.07 -8.64 -7.61
N ALA D 907 -7.12 -9.15 -8.28
CA ALA D 907 -8.35 -9.49 -7.59
C ALA D 907 -8.13 -10.64 -6.62
N HIS D 908 -7.16 -11.48 -6.92
CA HIS D 908 -6.75 -12.50 -5.97
C HIS D 908 -6.16 -11.89 -4.71
N ASN D 909 -5.27 -10.90 -4.84
CA ASN D 909 -4.72 -10.27 -3.64
C ASN D 909 -5.77 -9.52 -2.83
N THR D 910 -6.75 -8.91 -3.50
CA THR D 910 -7.86 -8.27 -2.79
C THR D 910 -8.68 -9.28 -2.02
N ILE D 911 -8.94 -10.46 -2.60
CA ILE D 911 -9.69 -11.49 -1.89
C ILE D 911 -8.88 -12.04 -0.72
N ILE D 912 -7.56 -12.18 -0.87
CA ILE D 912 -6.73 -12.68 0.22
C ILE D 912 -6.69 -11.70 1.38
N CYS D 913 -6.58 -10.40 1.09
CA CYS D 913 -6.57 -9.44 2.18
C CYS D 913 -7.96 -9.06 2.67
N ALA D 914 -9.02 -9.48 1.98
CA ALA D 914 -10.36 -9.30 2.51
C ALA D 914 -10.79 -10.47 3.37
N ARG D 915 -10.31 -11.66 3.06
CA ARG D 915 -10.54 -12.82 3.89
C ARG D 915 -9.67 -12.82 5.13
N ALA D 916 -8.58 -12.08 5.14
CA ALA D 916 -7.84 -11.84 6.37
C ALA D 916 -8.41 -10.70 7.17
N GLY D 917 -9.59 -10.22 6.82
CA GLY D 917 -10.38 -9.31 7.62
C GLY D 917 -9.87 -7.90 7.74
N LYS D 918 -9.31 -7.34 6.67
CA LYS D 918 -8.54 -6.12 6.89
C LYS D 918 -9.37 -4.84 6.93
N ASP D 919 -9.83 -4.37 5.78
CA ASP D 919 -10.30 -3.01 5.57
C ASP D 919 -10.75 -2.97 4.12
N LEU D 920 -11.47 -1.92 3.75
CA LEU D 920 -11.69 -1.75 2.33
C LEU D 920 -10.46 -1.18 1.67
N VAL D 921 -9.81 -0.26 2.34
CA VAL D 921 -8.71 0.43 1.69
C VAL D 921 -7.47 -0.42 1.68
N SER D 922 -7.26 -1.24 2.71
CA SER D 922 -6.12 -2.15 2.71
C SER D 922 -6.32 -3.28 1.71
N SER D 923 -7.56 -3.77 1.55
CA SER D 923 -7.82 -4.83 0.58
C SER D 923 -7.67 -4.33 -0.84
N LEU D 924 -8.34 -3.21 -1.16
CA LEU D 924 -8.23 -2.63 -2.48
C LEU D 924 -6.80 -2.20 -2.79
N THR D 925 -6.10 -1.67 -1.80
CA THR D 925 -4.72 -1.28 -1.97
C THR D 925 -3.81 -2.47 -2.22
N SER D 926 -3.99 -3.55 -1.47
CA SER D 926 -3.13 -4.72 -1.60
C SER D 926 -3.38 -5.47 -2.89
N GLY D 927 -4.59 -5.38 -3.43
CA GLY D 927 -4.81 -5.89 -4.76
C GLY D 927 -4.42 -4.94 -5.86
N LEU D 928 -4.37 -3.65 -5.55
CA LEU D 928 -4.08 -2.63 -6.54
C LEU D 928 -2.61 -2.55 -6.83
N LEU D 929 -1.78 -2.85 -5.84
CA LEU D 929 -0.33 -2.82 -6.03
C LEU D 929 0.20 -3.95 -6.89
N THR D 930 -0.64 -4.82 -7.41
CA THR D 930 -0.24 -5.77 -8.42
C THR D 930 -0.27 -5.15 -9.82
N ILE D 931 -1.07 -4.10 -10.01
CA ILE D 931 -1.28 -3.52 -11.33
C ILE D 931 -0.01 -2.80 -11.75
N GLY D 932 0.80 -3.49 -12.52
CA GLY D 932 2.11 -3.04 -12.88
C GLY D 932 2.41 -3.30 -14.34
N ASP D 933 3.44 -4.12 -14.58
CA ASP D 933 3.90 -4.41 -15.92
C ASP D 933 3.42 -5.75 -16.49
N ARG D 934 3.07 -6.73 -15.66
CA ARG D 934 2.52 -7.96 -16.20
C ARG D 934 1.02 -8.09 -16.01
N PHE D 935 0.47 -7.58 -14.93
CA PHE D 935 -0.97 -7.47 -14.76
C PHE D 935 -1.36 -6.03 -15.06
N GLY D 936 -2.18 -5.83 -16.07
CA GLY D 936 -2.65 -4.50 -16.37
C GLY D 936 -1.64 -3.60 -17.04
N GLY D 937 -0.54 -4.14 -17.55
CA GLY D 937 0.44 -3.31 -18.20
C GLY D 937 0.40 -3.45 -19.69
N ALA D 938 -0.70 -3.97 -20.22
CA ALA D 938 -0.89 -4.06 -21.66
C ALA D 938 -1.57 -2.84 -22.23
N LEU D 939 -2.27 -2.05 -21.41
CA LEU D 939 -2.84 -0.78 -21.85
C LEU D 939 -1.76 0.17 -22.31
N ASP D 940 -0.87 0.54 -21.41
CA ASP D 940 0.12 1.57 -21.70
C ASP D 940 1.20 1.04 -22.63
N ALA D 941 1.58 -0.23 -22.52
CA ALA D 941 2.58 -0.77 -23.44
C ALA D 941 2.00 -1.01 -24.81
N ALA D 942 0.74 -1.44 -24.90
CA ALA D 942 0.11 -1.63 -26.20
C ALA D 942 -0.29 -0.34 -26.86
N ALA D 943 -0.32 0.76 -26.12
CA ALA D 943 -0.46 2.05 -26.78
C ALA D 943 0.88 2.61 -27.20
N LYS D 944 1.91 2.45 -26.34
CA LYS D 944 3.24 2.95 -26.66
C LYS D 944 3.84 2.22 -27.86
N MET D 945 3.59 0.92 -27.98
CA MET D 945 4.16 0.13 -29.06
C MET D 945 3.59 0.51 -30.41
N PHE D 946 2.27 0.59 -30.50
CA PHE D 946 1.64 0.98 -31.74
C PHE D 946 1.88 2.45 -32.07
N SER D 947 2.03 3.31 -31.06
CA SER D 947 2.33 4.71 -31.33
C SER D 947 3.75 4.87 -31.85
N LYS D 948 4.71 4.14 -31.26
CA LYS D 948 6.08 4.19 -31.76
C LYS D 948 6.20 3.58 -33.14
N ALA D 949 5.37 2.59 -33.45
CA ALA D 949 5.41 2.01 -34.78
C ALA D 949 4.78 2.90 -35.82
N PHE D 950 3.64 3.52 -35.50
CA PHE D 950 2.92 4.35 -36.45
C PHE D 950 3.61 5.67 -36.66
N ASP D 951 4.15 6.23 -35.58
CA ASP D 951 4.85 7.50 -35.63
C ASP D 951 6.15 7.36 -36.40
N SER D 952 6.70 6.15 -36.42
CA SER D 952 7.92 5.87 -37.15
C SER D 952 7.58 5.86 -38.64
N GLY D 953 6.39 5.36 -38.96
CA GLY D 953 5.91 5.31 -40.32
C GLY D 953 6.27 4.07 -41.10
N ILE D 954 6.01 2.90 -40.53
CA ILE D 954 6.32 1.68 -41.26
C ILE D 954 5.01 0.96 -41.49
N ILE D 955 4.97 0.16 -42.56
CA ILE D 955 3.76 -0.58 -42.90
C ILE D 955 3.56 -1.67 -41.85
N PRO D 956 2.33 -2.15 -41.63
CA PRO D 956 2.12 -3.22 -40.64
C PRO D 956 2.86 -4.51 -40.96
N MET D 957 3.02 -4.85 -42.24
CA MET D 957 3.75 -6.06 -42.61
C MET D 957 5.23 -5.94 -42.32
N GLU D 958 5.75 -4.73 -42.15
CA GLU D 958 7.10 -4.57 -41.66
C GLU D 958 7.16 -4.49 -40.15
N PHE D 959 6.07 -4.03 -39.52
CA PHE D 959 6.03 -3.95 -38.08
C PHE D 959 5.97 -5.33 -37.44
N VAL D 960 5.17 -6.23 -38.00
CA VAL D 960 5.06 -7.58 -37.45
C VAL D 960 6.39 -8.32 -37.61
N ASN D 961 7.00 -8.22 -38.79
CA ASN D 961 8.29 -8.86 -39.01
C ASN D 961 9.41 -8.19 -38.23
N LYS D 962 9.26 -6.92 -37.86
CA LYS D 962 10.23 -6.30 -36.97
C LYS D 962 10.09 -6.82 -35.56
N MET D 963 8.85 -7.04 -35.12
CA MET D 963 8.63 -7.57 -33.77
C MET D 963 9.10 -9.01 -33.66
N LYS D 964 8.92 -9.81 -34.72
CA LYS D 964 9.31 -11.22 -34.66
C LYS D 964 10.84 -11.39 -34.60
N LYS D 965 11.60 -10.45 -35.14
CA LYS D 965 13.05 -10.57 -35.10
C LYS D 965 13.65 -10.28 -33.72
N GLU D 966 12.89 -9.65 -32.82
CA GLU D 966 13.47 -9.14 -31.59
C GLU D 966 12.89 -9.80 -30.34
N GLY D 967 12.30 -10.98 -30.46
CA GLY D 967 11.54 -11.52 -29.36
C GLY D 967 10.19 -10.86 -29.34
N LYS D 968 9.84 -10.26 -28.20
CA LYS D 968 8.82 -9.21 -27.99
C LYS D 968 7.54 -9.36 -28.79
N LEU D 969 6.70 -10.31 -28.37
CA LEU D 969 5.32 -10.41 -28.82
C LEU D 969 4.61 -9.06 -28.80
N ILE D 970 3.75 -8.84 -29.79
CA ILE D 970 3.00 -7.61 -29.90
C ILE D 970 2.02 -7.52 -28.75
N MET D 971 2.14 -6.48 -27.94
CA MET D 971 1.24 -6.31 -26.82
C MET D 971 -0.12 -5.85 -27.31
N GLY D 972 -1.16 -6.33 -26.65
CA GLY D 972 -2.49 -5.99 -27.06
C GLY D 972 -3.05 -6.83 -28.19
N ILE D 973 -2.29 -7.80 -28.68
CA ILE D 973 -2.76 -8.74 -29.68
C ILE D 973 -2.58 -10.13 -29.11
N GLY D 974 -3.67 -10.89 -29.08
CA GLY D 974 -3.61 -12.23 -28.55
C GLY D 974 -4.69 -12.49 -27.53
N HIS D 975 -5.48 -13.52 -27.75
CA HIS D 975 -6.51 -13.92 -26.82
C HIS D 975 -6.37 -15.41 -26.54
N ARG D 976 -6.97 -15.87 -25.44
CA ARG D 976 -6.88 -17.29 -25.12
C ARG D 976 -7.96 -18.08 -25.83
N VAL D 977 -9.18 -17.55 -25.90
CA VAL D 977 -10.33 -18.31 -26.38
C VAL D 977 -10.94 -17.69 -27.62
N LYS D 978 -11.46 -16.46 -27.48
CA LYS D 978 -12.33 -15.87 -28.48
C LYS D 978 -11.49 -15.27 -29.60
N SER D 979 -11.65 -15.82 -30.81
CA SER D 979 -10.68 -15.58 -31.88
C SER D 979 -11.25 -14.91 -33.13
N ILE D 980 -12.07 -15.61 -33.91
CA ILE D 980 -12.50 -15.19 -35.25
C ILE D 980 -13.79 -15.94 -35.54
N ASN D 981 -14.84 -15.18 -35.91
CA ASN D 981 -16.24 -15.62 -35.87
C ASN D 981 -16.58 -16.16 -34.48
N ASN D 982 -15.96 -15.55 -33.47
CA ASN D 982 -16.13 -15.73 -32.05
C ASN D 982 -15.42 -14.52 -31.44
N PRO D 983 -16.01 -13.34 -31.50
CA PRO D 983 -15.26 -12.12 -31.17
C PRO D 983 -15.21 -11.93 -29.66
N ASP D 984 -14.49 -10.89 -29.24
CA ASP D 984 -14.31 -10.62 -27.82
C ASP D 984 -15.58 -10.08 -27.16
N MET D 985 -16.48 -9.48 -27.95
CA MET D 985 -17.81 -8.97 -27.57
C MET D 985 -17.76 -7.76 -26.64
N ARG D 986 -16.57 -7.38 -26.18
CA ARG D 986 -16.33 -6.07 -25.57
C ARG D 986 -15.16 -5.40 -26.27
N VAL D 987 -14.68 -6.00 -27.36
CA VAL D 987 -13.93 -5.28 -28.36
C VAL D 987 -14.87 -4.83 -29.47
N GLN D 988 -15.96 -5.57 -29.71
CA GLN D 988 -16.95 -5.13 -30.69
C GLN D 988 -17.67 -3.87 -30.25
N ILE D 989 -17.97 -3.75 -28.96
CA ILE D 989 -18.70 -2.58 -28.47
C ILE D 989 -17.85 -1.33 -28.56
N LEU D 990 -16.61 -1.41 -28.08
CA LEU D 990 -15.70 -0.28 -28.16
C LEU D 990 -15.29 0.02 -29.58
N LYS D 991 -15.16 -1.00 -30.43
CA LYS D 991 -14.81 -0.75 -31.81
C LYS D 991 -15.96 -0.13 -32.58
N ASP D 992 -17.20 -0.47 -32.25
CA ASP D 992 -18.33 0.19 -32.88
C ASP D 992 -18.49 1.61 -32.38
N TYR D 993 -18.12 1.88 -31.12
CA TYR D 993 -18.15 3.27 -30.66
C TYR D 993 -17.07 4.11 -31.33
N VAL D 994 -15.85 3.58 -31.45
CA VAL D 994 -14.80 4.33 -32.11
C VAL D 994 -15.02 4.37 -33.63
N ARG D 995 -15.87 3.51 -34.17
CA ARG D 995 -16.21 3.66 -35.57
C ARG D 995 -17.37 4.62 -35.80
N GLN D 996 -18.30 4.76 -34.85
CA GLN D 996 -19.43 5.63 -35.08
C GLN D 996 -19.20 7.07 -34.62
N HIS D 997 -19.05 7.27 -33.31
CA HIS D 997 -19.04 8.61 -32.74
C HIS D 997 -17.63 9.14 -32.59
N PHE D 998 -16.81 9.12 -33.63
CA PHE D 998 -15.39 9.31 -33.34
C PHE D 998 -14.65 9.70 -34.61
N PRO D 999 -14.41 10.98 -34.85
CA PRO D 999 -13.85 11.38 -36.15
C PRO D 999 -12.34 11.16 -36.22
N ALA D 1000 -11.89 10.82 -37.44
CA ALA D 1000 -10.47 10.80 -37.83
C ALA D 1000 -9.64 9.85 -36.95
N THR D 1001 -9.85 8.56 -37.17
CA THR D 1001 -9.15 7.57 -36.36
C THR D 1001 -8.08 6.77 -37.12
N PRO D 1002 -6.82 7.26 -37.20
CA PRO D 1002 -5.78 6.56 -37.97
C PRO D 1002 -5.12 5.40 -37.25
N LEU D 1003 -4.91 5.54 -35.94
CA LEU D 1003 -4.13 4.54 -35.22
C LEU D 1003 -4.93 3.28 -34.97
N LEU D 1004 -6.24 3.39 -34.83
CA LEU D 1004 -7.06 2.18 -34.79
C LEU D 1004 -7.07 1.48 -36.14
N ASP D 1005 -6.97 2.22 -37.25
CA ASP D 1005 -6.87 1.58 -38.55
C ASP D 1005 -5.55 0.86 -38.72
N TYR D 1006 -4.47 1.45 -38.21
CA TYR D 1006 -3.18 0.76 -38.20
C TYR D 1006 -3.21 -0.50 -37.34
N ALA D 1007 -3.82 -0.42 -36.16
CA ALA D 1007 -3.91 -1.58 -35.28
C ALA D 1007 -4.79 -2.66 -35.87
N LEU D 1008 -5.83 -2.29 -36.59
CA LEU D 1008 -6.66 -3.31 -37.22
C LEU D 1008 -5.99 -3.91 -38.46
N GLU D 1009 -5.07 -3.20 -39.10
CA GLU D 1009 -4.26 -3.85 -40.12
C GLU D 1009 -3.28 -4.85 -39.51
N VAL D 1010 -2.68 -4.51 -38.36
CA VAL D 1010 -1.82 -5.49 -37.70
C VAL D 1010 -2.62 -6.67 -37.20
N GLU D 1011 -3.88 -6.46 -36.82
CA GLU D 1011 -4.76 -7.56 -36.45
C GLU D 1011 -5.10 -8.42 -37.67
N LYS D 1012 -5.29 -7.78 -38.84
CA LYS D 1012 -5.51 -8.53 -40.09
C LYS D 1012 -4.34 -9.44 -40.42
N ILE D 1013 -3.12 -8.99 -40.13
CA ILE D 1013 -1.96 -9.83 -40.40
C ILE D 1013 -1.85 -10.96 -39.39
N THR D 1014 -1.87 -10.63 -38.09
CA THR D 1014 -1.65 -11.66 -37.09
C THR D 1014 -2.84 -12.60 -36.91
N THR D 1015 -4.03 -12.27 -37.42
CA THR D 1015 -5.07 -13.28 -37.48
C THR D 1015 -4.91 -14.19 -38.69
N SER D 1016 -4.13 -13.78 -39.67
CA SER D 1016 -3.74 -14.72 -40.70
C SER D 1016 -2.63 -15.63 -40.22
N LYS D 1017 -1.84 -15.17 -39.25
CA LYS D 1017 -0.83 -16.06 -38.66
C LYS D 1017 -1.45 -17.18 -37.83
N LYS D 1018 -2.54 -16.89 -37.10
CA LYS D 1018 -3.17 -17.86 -36.23
C LYS D 1018 -4.62 -17.41 -36.06
N PRO D 1019 -5.60 -18.31 -35.94
CA PRO D 1019 -7.00 -17.88 -35.80
C PRO D 1019 -7.28 -17.03 -34.59
N ASN D 1020 -6.46 -17.15 -33.55
CA ASN D 1020 -6.39 -16.25 -32.40
C ASN D 1020 -5.71 -14.96 -32.82
N LEU D 1021 -5.12 -14.27 -31.84
CA LEU D 1021 -4.27 -13.11 -32.08
C LEU D 1021 -5.11 -11.94 -32.61
N ILE D 1022 -6.35 -11.91 -32.16
CA ILE D 1022 -7.29 -10.81 -32.36
C ILE D 1022 -6.83 -9.66 -31.47
N LEU D 1023 -7.37 -8.46 -31.70
CA LEU D 1023 -7.07 -7.35 -30.79
C LEU D 1023 -7.68 -7.62 -29.42
N ASN D 1024 -6.86 -7.43 -28.39
CA ASN D 1024 -7.35 -7.45 -27.03
C ASN D 1024 -8.26 -6.27 -26.76
N VAL D 1025 -8.91 -6.30 -25.60
CA VAL D 1025 -9.49 -5.06 -25.13
C VAL D 1025 -8.39 -4.18 -24.55
N ASP D 1026 -7.31 -4.79 -24.05
CA ASP D 1026 -6.21 -4.03 -23.48
C ASP D 1026 -5.36 -3.36 -24.55
N GLY D 1027 -5.50 -3.76 -25.81
CA GLY D 1027 -4.76 -3.10 -26.86
C GLY D 1027 -5.67 -2.15 -27.60
N LEU D 1028 -6.95 -2.47 -27.64
CA LEU D 1028 -7.88 -1.57 -28.31
C LEU D 1028 -8.15 -0.32 -27.48
N ILE D 1029 -8.21 -0.43 -26.16
CA ILE D 1029 -8.33 0.79 -25.36
C ILE D 1029 -7.06 1.61 -25.44
N GLY D 1030 -5.91 0.96 -25.59
CA GLY D 1030 -4.67 1.71 -25.75
C GLY D 1030 -4.62 2.48 -27.05
N VAL D 1031 -4.89 1.82 -28.18
CA VAL D 1031 -4.80 2.52 -29.45
C VAL D 1031 -5.99 3.44 -29.67
N ALA D 1032 -7.18 3.12 -29.15
CA ALA D 1032 -8.29 4.05 -29.25
C ALA D 1032 -8.18 5.20 -28.28
N PHE D 1033 -7.38 5.07 -27.22
CA PHE D 1033 -7.19 6.19 -26.32
C PHE D 1033 -6.13 7.14 -26.84
N VAL D 1034 -5.07 6.62 -27.45
CA VAL D 1034 -4.15 7.52 -28.15
C VAL D 1034 -4.84 8.13 -29.36
N ASP D 1035 -5.75 7.39 -29.99
CA ASP D 1035 -6.55 7.93 -31.07
C ASP D 1035 -7.56 8.94 -30.56
N MET D 1036 -7.96 8.83 -29.30
CA MET D 1036 -8.84 9.83 -28.71
C MET D 1036 -8.08 11.10 -28.38
N LEU D 1037 -6.85 10.97 -27.91
CA LEU D 1037 -6.13 12.15 -27.44
C LEU D 1037 -5.67 13.02 -28.62
N ARG D 1038 -4.90 12.44 -29.52
CA ARG D 1038 -4.28 13.25 -30.56
C ARG D 1038 -5.22 13.63 -31.69
N ASN D 1039 -6.43 13.08 -31.74
CA ASN D 1039 -7.30 13.30 -32.88
C ASN D 1039 -8.68 13.86 -32.53
N CYS D 1040 -8.95 14.17 -31.27
CA CYS D 1040 -10.03 15.11 -30.99
C CYS D 1040 -9.39 16.49 -30.84
N GLY D 1041 -10.17 17.46 -30.42
CA GLY D 1041 -9.64 18.78 -30.20
C GLY D 1041 -8.83 18.88 -28.93
N SER D 1042 -8.30 20.07 -28.70
CA SER D 1042 -7.70 20.56 -27.45
C SER D 1042 -6.40 19.89 -27.02
N PHE D 1043 -5.96 18.85 -27.70
CA PHE D 1043 -4.66 18.24 -27.44
C PHE D 1043 -3.80 18.41 -28.67
N THR D 1044 -2.61 18.95 -28.50
CA THR D 1044 -1.91 19.30 -29.73
C THR D 1044 -1.15 18.13 -30.34
N ARG D 1045 0.08 17.89 -29.89
CA ARG D 1045 0.76 16.64 -30.19
C ARG D 1045 1.75 16.35 -29.07
N GLU D 1046 2.12 17.40 -28.34
CA GLU D 1046 3.08 17.28 -27.27
C GLU D 1046 2.40 17.23 -25.92
N GLU D 1047 1.08 17.29 -25.89
CA GLU D 1047 0.29 16.86 -24.75
C GLU D 1047 -0.17 15.43 -24.94
N ALA D 1048 -0.68 15.10 -26.12
CA ALA D 1048 -1.19 13.77 -26.39
C ALA D 1048 -0.09 12.72 -26.51
N ASP D 1049 1.16 13.13 -26.65
CA ASP D 1049 2.29 12.23 -26.46
C ASP D 1049 2.98 12.46 -25.13
N GLU D 1050 2.49 13.40 -24.32
CA GLU D 1050 2.96 13.50 -22.95
C GLU D 1050 2.12 12.65 -22.01
N TYR D 1051 0.79 12.69 -22.15
CA TYR D 1051 -0.08 11.95 -21.25
C TYR D 1051 0.02 10.45 -21.45
N ILE D 1052 0.52 9.98 -22.59
CA ILE D 1052 0.74 8.56 -22.75
C ILE D 1052 2.05 8.15 -22.06
N ASP D 1053 3.02 9.04 -22.03
CA ASP D 1053 4.29 8.71 -21.37
C ASP D 1053 4.21 8.86 -19.86
N ILE D 1054 3.45 9.84 -19.39
CA ILE D 1054 3.26 10.04 -17.95
C ILE D 1054 2.49 8.86 -17.35
N GLY D 1055 1.53 8.33 -18.09
CA GLY D 1055 0.82 7.18 -17.60
C GLY D 1055 -0.66 7.39 -17.42
N ALA D 1056 -1.30 8.18 -18.27
CA ALA D 1056 -2.74 8.38 -18.15
C ALA D 1056 -3.56 7.24 -18.70
N LEU D 1057 -2.94 6.12 -19.07
CA LEU D 1057 -3.66 4.90 -19.39
C LEU D 1057 -3.56 3.86 -18.29
N ASN D 1058 -2.44 3.84 -17.58
CA ASN D 1058 -2.38 3.13 -16.31
C ASN D 1058 -3.41 3.68 -15.34
N GLY D 1059 -3.66 4.98 -15.38
CA GLY D 1059 -4.73 5.55 -14.57
C GLY D 1059 -6.10 5.07 -14.98
N ILE D 1060 -6.31 4.89 -16.28
CA ILE D 1060 -7.58 4.37 -16.78
C ILE D 1060 -7.81 2.96 -16.30
N PHE D 1061 -6.80 2.10 -16.38
CA PHE D 1061 -6.98 0.73 -15.92
C PHE D 1061 -7.12 0.65 -14.41
N VAL D 1062 -6.38 1.46 -13.65
CA VAL D 1062 -6.45 1.38 -12.20
C VAL D 1062 -7.79 1.92 -11.69
N LEU D 1063 -8.25 3.04 -12.25
CA LEU D 1063 -9.55 3.56 -11.86
C LEU D 1063 -10.69 2.68 -12.35
N GLY D 1064 -10.49 1.95 -13.44
CA GLY D 1064 -11.54 1.06 -13.87
C GLY D 1064 -11.62 -0.16 -13.01
N ARG D 1065 -10.47 -0.75 -12.70
CA ARG D 1065 -10.41 -1.99 -11.94
C ARG D 1065 -10.62 -1.78 -10.45
N SER D 1066 -10.56 -0.55 -9.95
CA SER D 1066 -10.91 -0.30 -8.57
C SER D 1066 -12.36 -0.64 -8.27
N MET D 1067 -13.27 -0.48 -9.23
CA MET D 1067 -14.65 -0.89 -9.00
C MET D 1067 -14.76 -2.38 -8.85
N GLY D 1068 -13.99 -3.13 -9.63
CA GLY D 1068 -14.01 -4.58 -9.50
C GLY D 1068 -13.37 -5.06 -8.21
N PHE D 1069 -12.33 -4.37 -7.76
CA PHE D 1069 -11.66 -4.81 -6.54
C PHE D 1069 -12.48 -4.47 -5.30
N ILE D 1070 -13.16 -3.33 -5.30
CA ILE D 1070 -14.07 -3.06 -4.19
C ILE D 1070 -15.29 -3.98 -4.26
N GLY D 1071 -15.69 -4.39 -5.47
CA GLY D 1071 -16.74 -5.39 -5.57
C GLY D 1071 -16.34 -6.73 -4.99
N HIS D 1072 -15.09 -7.13 -5.20
CA HIS D 1072 -14.60 -8.37 -4.60
C HIS D 1072 -14.43 -8.26 -3.11
N TYR D 1073 -14.05 -7.08 -2.61
CA TYR D 1073 -13.97 -6.90 -1.17
C TYR D 1073 -15.34 -7.02 -0.52
N LEU D 1074 -16.34 -6.30 -1.04
CA LEU D 1074 -17.68 -6.36 -0.47
C LEU D 1074 -18.28 -7.75 -0.61
N ASP D 1075 -17.92 -8.46 -1.67
CA ASP D 1075 -18.40 -9.82 -1.85
C ASP D 1075 -17.80 -10.77 -0.85
N GLN D 1076 -16.49 -10.71 -0.60
CA GLN D 1076 -15.90 -11.60 0.37
C GLN D 1076 -16.28 -11.24 1.80
N LYS D 1077 -16.63 -9.98 2.06
CA LYS D 1077 -17.18 -9.66 3.37
C LYS D 1077 -18.62 -10.14 3.52
N ARG D 1078 -19.40 -10.13 2.45
CA ARG D 1078 -20.79 -10.52 2.56
C ARG D 1078 -20.98 -12.04 2.57
N LEU D 1079 -20.03 -12.79 2.03
CA LEU D 1079 -20.08 -14.24 2.11
C LEU D 1079 -19.51 -14.78 3.41
N LYS D 1080 -18.90 -13.92 4.23
CA LYS D 1080 -18.33 -14.26 5.54
C LYS D 1080 -17.26 -15.34 5.43
N GLN D 1081 -16.31 -15.12 4.54
CA GLN D 1081 -15.23 -16.06 4.30
C GLN D 1081 -14.14 -15.91 5.34
N GLY D 1082 -13.47 -17.02 5.65
CA GLY D 1082 -12.42 -17.03 6.64
C GLY D 1082 -11.04 -16.97 6.02
N LEU D 1083 -10.03 -17.00 6.90
CA LEU D 1083 -8.64 -16.77 6.51
C LEU D 1083 -8.12 -17.84 5.57
N TYR D 1084 -7.37 -17.42 4.57
CA TYR D 1084 -6.83 -18.33 3.57
C TYR D 1084 -5.46 -18.86 3.99
N ARG D 1085 -5.18 -20.11 3.62
CA ARG D 1085 -3.98 -20.77 4.09
C ARG D 1085 -3.19 -21.48 2.99
N HIS D 1086 -3.76 -21.72 1.80
CA HIS D 1086 -3.05 -22.18 0.60
C HIS D 1086 -2.24 -23.46 0.75
N PRO D 1087 -2.84 -24.63 0.56
CA PRO D 1087 -2.29 -25.88 1.12
C PRO D 1087 -0.93 -26.28 0.57
N TRP D 1088 -0.23 -27.09 1.35
CA TRP D 1088 1.16 -27.43 1.11
C TRP D 1088 1.37 -28.33 -0.11
N ASP D 1089 0.32 -28.90 -0.67
CA ASP D 1089 0.44 -29.73 -1.86
C ASP D 1089 0.41 -28.92 -3.13
N ASP D 1090 0.49 -27.60 -3.02
CA ASP D 1090 0.53 -26.67 -4.13
C ASP D 1090 1.77 -25.81 -4.04
N ILE D 1091 2.84 -26.31 -3.41
CA ILE D 1091 3.92 -25.41 -3.02
C ILE D 1091 5.29 -25.90 -3.51
N SER D 1092 5.66 -27.14 -3.23
CA SER D 1092 6.90 -27.78 -3.72
C SER D 1092 8.16 -27.02 -3.28
N TYR D 1093 8.42 -27.10 -1.98
CA TYR D 1093 9.61 -26.49 -1.39
C TYR D 1093 10.87 -27.13 -1.94
N VAL D 1094 11.84 -26.29 -2.31
CA VAL D 1094 13.01 -26.74 -3.06
C VAL D 1094 14.29 -26.30 -2.34
N LEU D 1095 14.22 -26.30 -1.01
CA LEU D 1095 15.26 -25.79 -0.12
C LEU D 1095 16.63 -26.45 -0.33
N PRO D 1096 17.73 -25.75 0.00
CA PRO D 1096 19.06 -26.35 -0.11
C PRO D 1096 19.36 -27.47 0.88
N GLU D 1097 20.58 -27.99 0.81
CA GLU D 1097 20.98 -29.17 1.59
C GLU D 1097 21.11 -28.84 3.06
N HIS D 1098 22.07 -27.98 3.40
CA HIS D 1098 22.24 -27.51 4.77
C HIS D 1098 23.04 -26.22 4.70
N MET D 1099 22.39 -25.09 4.96
CA MET D 1099 23.05 -23.80 4.83
C MET D 1099 23.85 -23.44 6.06
N1A ACO E . -8.14 -21.60 23.58
C2A ACO E . -8.75 -22.02 24.69
N3A ACO E . -9.48 -23.14 24.65
C4A ACO E . -9.58 -23.83 23.52
C5A ACO E . -8.97 -23.41 22.42
C6A ACO E . -8.24 -22.28 22.46
N6A ACO E . -7.46 -21.52 21.53
N7A ACO E . -9.24 -24.29 21.42
C8A ACO E . -10.01 -25.23 21.91
N9A ACO E . -10.23 -24.96 23.21
C1B ACO E . -11.03 -25.81 24.04
C2B ACO E . -12.25 -25.81 23.60
O2B ACO E . -12.96 -24.63 24.08
C3B ACO E . -12.81 -27.06 24.29
O3B ACO E . -13.23 -26.71 25.51
P3B ACO E . -14.45 -27.58 26.25
O7A ACO E . -14.05 -29.03 26.29
O8A ACO E . -14.63 -27.08 27.66
O9A ACO E . -15.73 -27.43 25.48
C4B ACO E . -11.55 -28.01 24.42
O4B ACO E . -10.57 -27.37 23.87
C5B ACO E . -11.81 -29.35 23.71
O5B ACO E . -11.79 -29.15 22.31
P1A ACO E . -13.11 -29.62 21.40
O1A ACO E . -12.75 -29.51 19.92
O2A ACO E . -14.31 -28.73 21.70
O3A ACO E . -13.49 -31.21 21.77
P2A ACO E . -12.50 -32.48 21.43
O4A ACO E . -11.99 -32.34 20.05
O5A ACO E . -11.34 -32.47 22.40
O6A ACO E . -13.35 -33.90 21.60
CBP ACO E . -14.80 -35.74 20.88
CCP ACO E . -14.17 -34.35 20.54
CDP ACO E . -16.31 -35.60 20.85
CEP ACO E . -14.39 -36.16 22.33
CAP ACO E . -14.40 -36.80 19.83
OAP ACO E . -13.27 -36.35 19.13
C9P ACO E . -14.07 -38.19 20.42
O9P ACO E . -12.93 -38.53 20.58
N8P ACO E . -15.16 -39.15 20.76
C7P ACO E . -14.82 -40.49 21.32
C6P ACO E . -15.82 -41.52 20.79
C5P ACO E . -15.45 -42.95 21.28
O5P ACO E . -15.02 -43.11 22.35
N4P ACO E . -15.61 -44.09 20.39
C3P ACO E . -15.25 -45.49 20.86
C2P ACO E . -13.77 -45.77 20.59
S1P ACO E . -13.48 -45.96 18.82
C ACO E . -11.73 -46.25 18.52
O ACO E . -11.13 -45.53 17.83
CH3 ACO E . -11.05 -47.43 19.16
N1A ACO F . 28.20 13.86 -7.70
N1A ACO F . 28.21 13.53 -7.70
C2A ACO F . 29.42 14.04 -8.23
C2A ACO F . 29.46 13.74 -8.14
N3A ACO F . 29.93 15.24 -8.54
N3A ACO F . 29.95 14.95 -8.46
C4A ACO F . 29.21 16.38 -8.35
C4A ACO F . 29.18 16.06 -8.37
C5A ACO F . 27.86 16.27 -7.77
C5A ACO F . 27.80 15.91 -7.90
C6A ACO F . 27.38 14.90 -7.45
C6A ACO F . 27.33 14.55 -7.56
N6A ACO F . 26.15 14.71 -6.92
N6A ACO F . 26.07 14.33 -7.12
N7A ACO F . 27.38 17.52 -7.69
N7A ACO F . 27.26 17.15 -7.90
C8A ACO F . 28.33 18.36 -8.17
C8A ACO F . 28.22 18.01 -8.33
N9A ACO F . 29.43 17.67 -8.56
N9A ACO F . 29.36 17.36 -8.61
C1B ACO F . 30.66 18.27 -9.13
C1B ACO F . 30.62 17.97 -9.10
C2B ACO F . 30.38 18.85 -10.50
C2B ACO F . 30.43 18.49 -10.52
O2B ACO F . 30.75 17.91 -11.52
O2B ACO F . 31.04 17.59 -11.45
C3B ACO F . 31.19 20.14 -10.56
C3B ACO F . 31.07 19.87 -10.54
O3B ACO F . 32.34 20.01 -11.41
O3B ACO F . 32.32 19.88 -11.23
P3B ACO F . 32.71 21.14 -12.49
P3B ACO F . 32.60 20.94 -12.41
O7A ACO F . 31.36 21.57 -13.04
O7A ACO F . 33.45 20.17 -13.39
O8A ACO F . 33.41 22.20 -11.67
O8A ACO F . 31.22 21.31 -12.91
O9A ACO F . 33.59 20.43 -13.47
O9A ACO F . 33.33 22.07 -11.71
C4B ACO F . 31.65 20.40 -9.14
C4B ACO F . 31.31 20.24 -9.08
O4B ACO F . 31.14 19.34 -8.32
O4B ACO F . 30.97 19.10 -8.29
C5B ACO F . 31.17 21.75 -8.63
C5B ACO F . 30.46 21.44 -8.66
O5B ACO F . 29.78 21.90 -8.88
O5B ACO F . 29.13 20.99 -8.35
P1A ACO F . 29.18 23.29 -9.46
P1A ACO F . 28.39 21.52 -7.03
O1A ACO F . 28.04 23.72 -8.56
O1A ACO F . 27.76 22.86 -7.34
O2A ACO F . 28.95 23.11 -10.93
O2A ACO F . 29.33 21.39 -5.86
O3A ACO F . 30.40 24.33 -9.27
O3A ACO F . 27.20 20.44 -6.85
P2A ACO F . 30.72 25.03 -7.86
P2A ACO F . 25.88 20.81 -6.00
O4A ACO F . 29.41 25.34 -7.16
O4A ACO F . 24.79 21.22 -6.98
O5A ACO F . 31.78 24.23 -7.14
O5A ACO F . 26.27 21.74 -4.89
O6A ACO F . 31.37 26.43 -8.31
O6A ACO F . 25.47 19.40 -5.37
CBP ACO F . 31.89 28.79 -8.18
CBP ACO F . 23.64 18.10 -4.49
CCP ACO F . 31.21 27.60 -7.52
CCP ACO F . 24.52 19.33 -4.29
CDP ACO F . 31.39 28.94 -9.61
CDP ACO F . 22.59 18.37 -5.56
CEP ACO F . 33.40 28.58 -8.19
CEP ACO F . 22.96 17.76 -3.17
CAP ACO F . 31.57 30.07 -7.41
CAP ACO F . 24.51 16.93 -4.92
OAP ACO F . 30.26 29.97 -6.85
OAP ACO F . 25.49 16.66 -3.92
C9P ACO F . 32.58 30.27 -6.33
C9P ACO F . 23.63 15.71 -5.12
O9P ACO F . 32.54 29.59 -5.31
O9P ACO F . 22.95 15.62 -6.13
N8P ACO F . 33.51 31.21 -6.53
N8P ACO F . 23.66 14.78 -4.17
C7P ACO F . 33.17 32.61 -6.54
C7P ACO F . 22.88 13.56 -4.29
C6P ACO F . 34.38 33.50 -6.28
C6P ACO F . 23.76 12.32 -4.19
C5P ACO F . 34.16 34.85 -6.89
C5P ACO F . 23.01 11.13 -4.74
O5P ACO F . 33.71 34.96 -8.02
O5P ACO F . 22.73 11.08 -5.93
N4P ACO F . 34.47 35.91 -6.14
N4P ACO F . 22.69 10.18 -3.87
C3P ACO F . 35.54 35.86 -5.17
C3P ACO F . 22.98 10.31 -2.45
C2P ACO F . 35.23 36.69 -3.93
C2P ACO F . 21.70 10.35 -1.62
S1P ACO F . 33.97 37.86 -4.31
S1P ACO F . 22.12 10.34 0.09
C ACO F . 34.12 38.90 -3.02
C ACO F . 22.17 11.97 0.39
O ACO F . 34.85 39.87 -3.13
O ACO F . 22.12 12.36 1.54
CH3 ACO F . 33.37 38.59 -1.75
CH3 ACO F . 22.29 12.92 -0.77
O1 OAA G . -13.96 -41.78 15.43
O2 OAA G . -14.27 -43.47 14.10
O4 OAA G . -9.84 -45.25 13.93
O5 OAA G . -8.87 -43.31 13.92
O3 OAA G . -11.67 -42.76 12.99
C1 OAA G . -13.54 -42.83 14.89
C2 OAA G . -12.13 -43.35 15.21
C3 OAA G . -11.27 -43.31 13.95
C4 OAA G . -9.92 -44.00 13.94
O1 OAA H . 18.30 7.61 1.48
O2 OAA H . 18.36 8.58 -0.46
O4 OAA H . 18.33 12.45 3.09
O5 OAA H . 20.06 11.14 3.31
O3 OAA H . 17.68 9.33 3.66
C1 OAA H . 18.08 8.61 0.77
C2 OAA H . 17.46 9.86 1.37
C3 OAA H . 17.95 10.08 2.80
C4 OAA H . 18.83 11.29 3.09
N1A ACO I . 1.81 -11.41 -30.77
C2A ACO I . 2.30 -11.47 -32.01
N3A ACO I . 2.55 -12.67 -32.57
C4A ACO I . 2.30 -13.79 -31.89
C5A ACO I . 1.80 -13.73 -30.66
C6A ACO I . 1.56 -12.52 -30.10
N6A ACO I . 1.05 -12.03 -28.85
N7A ACO I . 1.64 -14.99 -30.20
C8A ACO I . 2.03 -15.82 -31.14
N9A ACO I . 2.44 -15.08 -32.20
C1B ACO I . 2.93 -15.69 -33.40
C2B ACO I . 4.07 -16.29 -33.17
O2B ACO I . 5.14 -15.30 -33.27
C3B ACO I . 4.17 -17.23 -34.37
O3B ACO I . 4.68 -16.53 -35.39
P3B ACO I . 5.61 -17.29 -36.54
O7A ACO I . 4.88 -18.53 -37.01
O8A ACO I . 5.84 -16.37 -37.71
O9A ACO I . 6.93 -17.68 -35.95
C4B ACO I . 2.67 -17.59 -34.71
O4B ACO I . 1.96 -16.92 -33.86
C5B ACO I . 2.44 -19.09 -34.51
O5B ACO I . 2.49 -19.37 -33.11
P1A ACO I . 3.21 -20.77 -32.60
O1A ACO I . 2.65 -21.13 -31.22
O2A ACO I . 4.73 -20.57 -32.49
O3A ACO I . 2.91 -22.01 -33.69
P2A ACO I . 1.39 -22.56 -34.05
O4A ACO I . 0.47 -22.12 -32.97
O5A ACO I . 0.94 -21.98 -35.38
O6A ACO I . 1.39 -24.22 -34.13
CBP ACO I . 2.27 -26.37 -34.79
CCP ACO I . 2.60 -24.95 -34.25
CDP ACO I . 1.90 -27.28 -33.64
CEP ACO I . 3.52 -26.94 -35.51
CAP ACO I . 1.09 -26.25 -35.77
OAP ACO I . 1.27 -25.09 -36.51
C9P ACO I . 0.94 -27.42 -36.77
O9P ACO I . 1.25 -27.23 -37.91
N8P ACO I . 0.41 -28.73 -36.35
C7P ACO I . 0.28 -29.83 -37.36
C6P ACO I . 0.90 -31.12 -36.82
C5P ACO I . 0.53 -32.32 -37.76
O5P ACO I . 0.39 -32.14 -38.90
N4P ACO I . 0.37 -33.65 -37.22
C3P ACO I . 0.00 -34.81 -38.12
C2P ACO I . -1.52 -34.89 -38.30
S1P ACO I . -2.18 -36.19 -37.22
C ACO I . -3.85 -36.64 -37.73
O ACO I . -4.09 -36.83 -38.86
CH3 ACO I . -4.94 -36.77 -36.70
O1 OAA J . -1.00 -33.95 -31.37
O2 OAA J . -1.46 -33.38 -33.42
O4 OAA J . -6.44 -33.25 -31.50
O5 OAA J . -6.01 -35.35 -31.88
O3 OAA J . -3.74 -33.07 -30.73
C1 OAA J . -1.79 -33.98 -32.35
C2 OAA J . -3.11 -34.73 -32.26
C3 OAA J . -4.12 -33.91 -31.47
C4 OAA J . -5.61 -34.18 -31.62
O1 OAA K . -13.63 14.01 5.62
O2 OAA K . -14.64 13.50 3.77
O4 OAA K . -12.15 18.13 4.22
O5 OAA K . -11.46 17.64 2.21
O3 OAA K . -14.26 16.35 2.82
C1 OAA K . -13.70 14.07 4.35
C2 OAA K . -12.63 14.82 3.57
C3 OAA K . -13.14 16.20 3.16
C4 OAA K . -12.20 17.39 3.21
O1 OAA L . -1.11 -15.92 12.43
O2 OAA L . 0.61 -15.00 13.37
O4 OAA L . -0.01 -19.65 11.77
O5 OAA L . 1.24 -19.33 10.03
O3 OAA L . 2.29 -17.85 12.65
C1 OAA L . 0.13 -15.72 12.47
C2 OAA L . 1.02 -16.34 11.40
C3 OAA L . 1.47 -17.73 11.81
C4 OAA L . 0.86 -18.98 11.17
O1 OAA M . 28.63 37.67 -2.20
O2 OAA M . 29.50 35.76 -2.79
O4 OAA M . 29.86 36.67 2.39
O5 OAA M . 31.90 37.29 1.91
O3 OAA M . 31.52 36.26 -0.61
C1 OAA M . 29.10 36.54 -1.88
C2 OAA M . 29.17 36.12 -0.42
C3 OAA M . 30.58 36.39 0.11
C4 OAA M . 30.79 36.80 1.55
N1A ACO N . -22.11 18.88 15.66
C2A ACO N . -23.05 19.20 16.55
N3A ACO N . -22.88 20.27 17.33
C4A ACO N . -21.78 21.01 17.23
C5A ACO N . -20.84 20.69 16.34
C6A ACO N . -21.02 19.60 15.56
N6A ACO N . -20.27 18.94 14.52
N7A ACO N . -19.83 21.59 16.45
C8A ACO N . -20.16 22.46 17.38
N9A ACO N . -21.36 22.10 17.88
C1B ACO N . -22.02 22.83 18.91
C2B ACO N . -21.30 22.82 20.02
O2B ACO N . -21.49 21.54 20.71
C3B ACO N . -22.00 23.92 20.81
O3B ACO N . -23.12 23.41 21.33
P3B ACO N . -23.85 24.13 22.65
O7A ACO N . -24.99 23.27 23.12
O8A ACO N . -22.83 24.29 23.75
O9A ACO N . -24.38 25.48 22.25
C4B ACO N . -22.38 24.99 19.69
O4B ACO N . -22.07 24.44 18.57
C5B ACO N . -21.60 26.29 19.91
O5B ACO N . -20.22 26.06 19.70
P1A ACO N . -19.13 27.02 20.50
O1A ACO N . -17.99 27.38 19.55
O2A ACO N . -18.57 26.25 21.70
O3A ACO N . -19.91 28.39 21.07
P2A ACO N . -20.17 29.79 20.23
O4A ACO N . -19.11 29.99 19.21
O5A ACO N . -21.52 29.72 19.56
O6A ACO N . -20.15 31.07 21.29
CBP ACO N . -19.04 32.94 22.46
CCP ACO N . -18.88 31.59 21.69
CDP ACO N . -18.28 32.81 23.76
CEP ACO N . -20.56 33.16 22.78
CAP ACO N . -18.45 34.08 21.63
OAP ACO N . -18.52 33.77 20.28
C9P ACO N . -19.16 35.44 21.84
O9P ACO N . -19.95 35.85 21.02
N8P ACO N . -18.85 36.30 23.03
C7P ACO N . -19.54 37.61 23.22
C6P ACO N . -18.54 38.63 23.76
C5P ACO N . -19.24 39.99 24.02
O5P ACO N . -20.25 40.01 24.59
N4P ACO N . -18.65 41.23 23.55
C3P ACO N . -19.34 42.55 23.80
C2P ACO N . -19.34 43.42 22.53
S1P ACO N . -18.06 42.86 21.39
C ACO N . -16.88 44.18 21.07
O ACO N . -15.94 44.31 21.77
CH3 ACO N . -17.08 45.12 19.92
O1 OAA O . -6.27 -6.71 -17.59
O2 OAA O . -4.37 -7.30 -18.44
O4 OAA O . -7.39 -11.92 -17.17
O5 OAA O . -6.04 -11.83 -18.87
O3 OAA O . -7.62 -9.13 -18.40
C1 OAA O . -5.40 -7.59 -17.78
C2 OAA O . -5.59 -8.99 -17.21
C3 OAA O . -6.73 -9.73 -17.91
C4 OAA O . -6.72 -11.25 -17.99
O1 OAA P . -15.83 40.38 20.84
O2 OAA P . -14.38 38.89 21.45
O4 OAA P . -14.35 42.51 17.71
O5 OAA P . -13.10 41.30 16.41
O3 OAA P . -13.84 39.21 18.19
C1 OAA P . -14.66 39.93 20.82
C2 OAA P . -13.59 40.65 20.01
C3 OAA P . -13.72 40.33 18.53
C4 OAA P . -13.72 41.45 17.49
#